data_7D5Z
#
_entry.id   7D5Z
#
_cell.length_a   212.865
_cell.length_b   212.865
_cell.length_c   598.128
_cell.angle_alpha   90.000
_cell.angle_beta   90.000
_cell.angle_gamma   90.000
#
_symmetry.space_group_name_H-M   'P 41 21 2'
#
loop_
_entity.id
_entity.type
_entity.pdbx_description
1 polymer 'Envelope glycoprotein H'
2 polymer 'Envelope glycoprotein L'
3 polymer 'light chain of 1D8'
4 polymer 'heavy chain of 1D8'
#
loop_
_entity_poly.entity_id
_entity_poly.type
_entity_poly.pdbx_seq_one_letter_code
_entity_poly.pdbx_strand_id
1 'polypeptide(L)'
;LSEVKLHLDIEGHASHYTIPWTELMAKVPGLSPEALWREANVTEDLASMLNRYKLIYKTSGTLGIALAEPVDIPAVSEGS
MQVDASKVHPGVISGLNSPACMLSAPLEKQLFYYIGTMLPNTRPHSYVFYQLRCHLSYVALSINGDKFQYTGAMTSKFLM
GTYKRVTEKGDEHVLSLIFGKTKDLPDLRGPFSYPSLTSAQSGDYSLVIVTTFVHYANFHNYFVPNLKDMFSRAVTMTAA
SYARYVLQKLVLLEMKGGCREPELDTETLTTMFEVSVAFFKVGHAVGETGNGCVDLRWLAKSFFELTVLKDIIGICYGAT
VKGMQSYGLERLAAMLMATVKMEELGHLTTEKQEYALRLATVGYPKAGVYSGLIGGATSVLLSAYNRHPLFQPLHTVMRE
TLFIGSHVVLRELRLNVTTQGPNLALYQLLSTALCSALEIGEVLRGLALGTESGLFSPCYLSLRFDLTRDKLLSMAPQEA
MLDQAAVSNAVDGFLGRLSLEREDRDAWHLPAYKCVDRLDKVLMIIPLINVTFIISSDREVRGSALYEASTTYLSSSLFL
SPVIMNKCSQGAVAGEPRQIPKIQNFTRTQKSCIFCGFALLSYDEKEGLETTTYITSQEVQNSILSSNYFDFDNLHVHYL
LLTTNGTVMEIAGLYEERAHHHHHH
;
M,A,E,I
2 'polypeptide(L)'
;WAYPCCHVTQLRAQHLLALENISDIYLVSNQTCDGFSLASLNSPKNGSNQLVISRCANGLNVVSFFISILKRSSSALTSH
LRELLTTLESLYGSFSVEDLFGANLNRYAWHR
;
N,B,F,J
3 'polypeptide(L)'
;MGWSCIILFLVATATGVHSDIVMTQTPPSLSASVGDRVTLTCRASQAIRNNLAWYQHKPGKAPKRLIYAASTLEDGVPSS
FSGSGFGTDFTLTINSLQPEDFATYYCLQHSTYPWTFGQGTKVEIKRTVAAPSVFIFPPSDEQLKSGTASVVCLLNNFYP
REAKVQWKVDNALQSGNSQESVTEQDSKDSTYSLSSTLTLSKADYEKHKVYACEVTHQGLSSPVTKSFNRGEC
;
O,C,G,K
4 'polypeptide(L)'
;MGWSCIILFLVATATGVHSEVQLVESGGRVVQPGGSLRLSCVTSGFTFSYYPIHWVRQGPGKGLEWVTMMSFDGTSDHCI
SSVKGRFVMSRDNSRNTLYLEMNKMRLEDTGVYYCARGGWKWPGGAFDVFGPGTVVTVSSASTKGPSVFPLAPSSKSTSG
GTAALGCLVKDYFPEPVTVSWNSGALTSGVHTFPAVLQSSGLYSLSSVVTVPSSSLGTQTYICNVNHKPSNTKVDKRVEP
KSCDKTHTCPPCPAPELLGGPSVFLFPPKPKDTLMISRTPEVTCVVVDVSHEDPEVKFNWYVDGVEVHNAKTKPREEQYN
STYRVVSVLTVLHQDWLNGKEYKCKVSNKALPAPIEKTISKAKGQPREPQVYTLPPSREEMTKNQVSLTCLVKGFYPSDI
AVEWESNGQPENNYKTTPPVLDSDGSFFLYSKLTVDKSRWQQGNVFSCSVMHEALHNHYTQKSLSLSPGK
;
P,D,H,L
#
# COMPACT_ATOMS: atom_id res chain seq x y z
N LEU A 1 -47.04 36.19 -39.43
CA LEU A 1 -47.59 37.35 -40.13
C LEU A 1 -49.07 37.11 -40.41
N SER A 2 -49.81 36.76 -39.36
CA SER A 2 -51.22 36.45 -39.45
C SER A 2 -51.81 36.52 -38.05
N GLU A 3 -53.03 36.01 -37.88
CA GLU A 3 -53.66 35.82 -36.59
C GLU A 3 -54.25 34.42 -36.56
N VAL A 4 -54.32 33.83 -35.37
CA VAL A 4 -54.71 32.42 -35.25
C VAL A 4 -55.55 32.20 -34.00
N LYS A 5 -56.63 31.44 -34.16
CA LYS A 5 -57.49 31.03 -33.06
C LYS A 5 -57.14 29.60 -32.64
N LEU A 6 -57.36 29.30 -31.36
CA LEU A 6 -56.94 28.03 -30.77
C LEU A 6 -58.11 27.42 -30.01
N HIS A 7 -58.71 26.37 -30.56
CA HIS A 7 -59.87 25.72 -29.98
C HIS A 7 -59.47 24.36 -29.41
N LEU A 8 -60.14 23.96 -28.34
CA LEU A 8 -59.75 22.76 -27.63
C LEU A 8 -60.86 22.33 -26.69
N ASP A 9 -60.76 21.09 -26.21
CA ASP A 9 -61.75 20.50 -25.30
C ASP A 9 -61.21 20.54 -23.88
N ILE A 10 -61.86 21.31 -23.01
CA ILE A 10 -61.53 21.30 -21.59
C ILE A 10 -62.59 20.53 -20.80
N GLU A 11 -62.41 19.21 -20.68
CA GLU A 11 -63.29 18.33 -19.91
C GLU A 11 -64.77 18.58 -20.20
N GLY A 12 -65.10 18.91 -21.44
CA GLY A 12 -66.48 19.18 -21.82
C GLY A 12 -66.77 20.62 -22.17
N HIS A 13 -65.79 21.53 -22.10
CA HIS A 13 -65.98 22.92 -22.50
C HIS A 13 -65.33 23.16 -23.85
N ALA A 14 -66.11 23.70 -24.79
CA ALA A 14 -65.61 24.01 -26.13
C ALA A 14 -65.00 25.41 -26.14
N SER A 15 -63.89 25.53 -25.41
CA SER A 15 -63.20 26.81 -25.28
C SER A 15 -62.35 27.06 -26.52
N HIS A 16 -62.29 28.33 -26.92
CA HIS A 16 -61.37 28.76 -27.96
C HIS A 16 -60.76 30.09 -27.57
N TYR A 17 -59.50 30.28 -27.97
CA TYR A 17 -58.76 31.50 -27.69
C TYR A 17 -58.07 31.95 -28.97
N THR A 18 -57.83 33.25 -29.06
CA THR A 18 -57.32 33.88 -30.27
C THR A 18 -55.99 34.54 -29.96
N ILE A 19 -54.91 33.99 -30.49
CA ILE A 19 -53.57 34.50 -30.26
C ILE A 19 -53.21 35.42 -31.42
N PRO A 20 -52.93 36.71 -31.17
CA PRO A 20 -52.56 37.61 -32.26
C PRO A 20 -51.06 37.70 -32.50
N TRP A 21 -50.63 37.43 -33.72
CA TRP A 21 -49.23 37.65 -34.08
C TRP A 21 -49.01 39.04 -34.64
N THR A 22 -50.03 39.63 -35.28
CA THR A 22 -49.95 41.02 -35.66
C THR A 22 -49.63 41.90 -34.46
N GLU A 23 -50.18 41.56 -33.29
CA GLU A 23 -49.81 42.26 -32.05
C GLU A 23 -48.44 41.82 -31.56
N LEU A 24 -48.31 40.54 -31.22
CA LEU A 24 -47.18 40.09 -30.41
C LEU A 24 -45.86 40.15 -31.16
N MET A 25 -45.86 39.81 -32.44
CA MET A 25 -44.61 39.80 -33.21
C MET A 25 -43.97 41.19 -33.21
N ALA A 26 -44.79 42.24 -33.36
CA ALA A 26 -44.28 43.60 -33.21
C ALA A 26 -44.07 43.95 -31.74
N LYS A 27 -44.95 43.49 -30.85
CA LYS A 27 -44.91 43.93 -29.46
C LYS A 27 -43.63 43.49 -28.75
N VAL A 28 -43.22 42.24 -28.91
CA VAL A 28 -42.03 41.70 -28.28
C VAL A 28 -41.00 41.43 -29.37
N PRO A 29 -39.89 42.19 -29.39
CA PRO A 29 -38.97 42.12 -30.54
C PRO A 29 -38.30 40.76 -30.74
N GLY A 30 -38.02 40.02 -29.67
CA GLY A 30 -37.34 38.75 -29.83
C GLY A 30 -38.19 37.62 -30.37
N LEU A 31 -39.51 37.79 -30.40
CA LEU A 31 -40.40 36.70 -30.80
C LEU A 31 -40.50 36.61 -32.31
N SER A 32 -40.31 35.40 -32.83
CA SER A 32 -40.57 35.11 -34.24
C SER A 32 -41.14 33.70 -34.32
N PRO A 33 -42.46 33.54 -34.10
CA PRO A 33 -43.04 32.19 -33.95
C PRO A 33 -42.87 31.29 -35.17
N GLU A 34 -42.28 31.81 -36.24
CA GLU A 34 -41.93 30.98 -37.38
C GLU A 34 -40.80 30.01 -37.03
N ALA A 35 -39.73 30.52 -36.41
CA ALA A 35 -38.63 29.65 -36.04
C ALA A 35 -39.01 28.70 -34.90
N LEU A 36 -39.90 29.13 -34.01
CA LEU A 36 -40.40 28.24 -32.96
C LEU A 36 -41.21 27.10 -33.56
N TRP A 37 -42.07 27.41 -34.54
CA TRP A 37 -42.84 26.36 -35.20
C TRP A 37 -41.93 25.39 -35.94
N ARG A 38 -40.86 25.90 -36.54
CA ARG A 38 -39.88 25.01 -37.15
C ARG A 38 -39.14 24.18 -36.10
N GLU A 39 -38.87 24.76 -34.93
CA GLU A 39 -38.03 24.08 -33.95
C GLU A 39 -38.73 22.88 -33.33
N ALA A 40 -40.05 22.89 -33.25
CA ALA A 40 -40.80 21.68 -32.95
C ALA A 40 -41.15 21.01 -34.26
N ASN A 41 -40.67 19.78 -34.45
CA ASN A 41 -41.06 19.01 -35.64
C ASN A 41 -42.52 18.68 -35.44
N VAL A 42 -43.38 19.67 -35.69
CA VAL A 42 -44.81 19.50 -35.44
C VAL A 42 -45.43 18.43 -36.32
N THR A 43 -44.73 17.99 -37.35
CA THR A 43 -45.12 16.81 -38.10
C THR A 43 -44.42 15.54 -37.61
N GLU A 44 -43.56 15.65 -36.60
CA GLU A 44 -42.83 14.49 -36.10
C GLU A 44 -43.81 13.45 -35.59
N ASP A 45 -43.80 12.28 -36.22
CA ASP A 45 -44.61 11.15 -35.76
C ASP A 45 -44.31 10.86 -34.30
N LEU A 46 -45.31 10.33 -33.60
CA LEU A 46 -45.10 9.96 -32.20
C LEU A 46 -44.00 8.93 -32.05
N ALA A 47 -43.68 8.21 -33.13
CA ALA A 47 -42.55 7.27 -33.10
C ALA A 47 -41.24 8.01 -32.87
N SER A 48 -40.86 8.89 -33.81
CA SER A 48 -39.59 9.60 -33.69
C SER A 48 -39.58 10.55 -32.49
N MET A 49 -40.74 11.10 -32.12
CA MET A 49 -40.81 11.90 -30.90
C MET A 49 -40.48 11.05 -29.69
N LEU A 50 -41.07 9.86 -29.60
CA LEU A 50 -40.71 8.91 -28.55
C LEU A 50 -39.25 8.52 -28.61
N ASN A 51 -38.67 8.51 -29.82
CA ASN A 51 -37.26 8.20 -29.99
C ASN A 51 -36.37 9.30 -29.42
N ARG A 52 -36.80 10.57 -29.53
CA ARG A 52 -35.96 11.66 -29.04
C ARG A 52 -36.00 11.73 -27.51
N TYR A 53 -37.17 11.51 -26.91
CA TYR A 53 -37.32 11.63 -25.46
C TYR A 53 -36.51 10.56 -24.73
N LYS A 54 -36.50 9.33 -25.23
CA LYS A 54 -35.83 8.23 -24.54
C LYS A 54 -34.32 8.47 -24.40
N LEU A 55 -33.73 9.21 -25.34
CA LEU A 55 -32.27 9.34 -25.38
C LEU A 55 -31.71 10.17 -24.25
N ILE A 56 -32.52 11.02 -23.63
CA ILE A 56 -32.05 11.96 -22.63
C ILE A 56 -32.02 11.30 -21.26
N TYR A 57 -30.93 11.45 -20.54
CA TYR A 57 -30.84 10.93 -19.19
C TYR A 57 -31.88 11.58 -18.30
N LYS A 58 -32.57 10.76 -17.51
CA LYS A 58 -33.62 11.19 -16.61
C LYS A 58 -33.17 10.97 -15.17
N THR A 59 -33.70 11.78 -14.25
CA THR A 59 -33.26 11.77 -12.86
C THR A 59 -33.95 10.65 -12.09
N SER A 60 -33.15 9.68 -11.65
CA SER A 60 -33.63 8.74 -10.65
C SER A 60 -33.57 9.35 -9.25
N GLY A 61 -32.38 9.83 -8.85
CA GLY A 61 -32.16 10.37 -7.53
C GLY A 61 -32.69 11.79 -7.41
N THR A 62 -33.97 11.97 -7.76
CA THR A 62 -34.54 13.29 -7.95
C THR A 62 -35.34 13.72 -6.73
N LEU A 63 -34.68 14.45 -5.84
CA LEU A 63 -35.31 15.12 -4.72
C LEU A 63 -34.28 16.10 -4.18
N GLY A 64 -34.49 16.56 -2.97
CA GLY A 64 -33.78 17.64 -2.34
C GLY A 64 -34.87 18.33 -1.57
N ILE A 65 -34.68 18.42 -0.28
CA ILE A 65 -35.70 18.94 0.61
C ILE A 65 -35.35 20.40 0.86
N ALA A 66 -36.36 21.19 1.19
CA ALA A 66 -36.28 22.64 1.11
C ALA A 66 -35.05 23.20 1.81
N LEU A 67 -34.51 24.26 1.24
CA LEU A 67 -33.45 25.06 1.83
C LEU A 67 -33.92 26.50 1.86
N ALA A 68 -33.31 27.30 2.71
CA ALA A 68 -33.68 28.71 2.86
C ALA A 68 -32.68 29.59 2.13
N GLU A 69 -33.20 30.56 1.37
CA GLU A 69 -32.34 31.54 0.73
C GLU A 69 -31.66 32.39 1.80
N PRO A 70 -30.34 32.51 1.79
CA PRO A 70 -29.70 33.52 2.63
C PRO A 70 -30.06 34.90 2.14
N VAL A 71 -30.30 35.81 3.07
CA VAL A 71 -30.54 37.21 2.70
C VAL A 71 -29.17 37.84 2.48
N ASP A 72 -28.86 38.12 1.22
CA ASP A 72 -27.50 38.43 0.78
C ASP A 72 -27.26 39.91 0.59
N ILE A 73 -28.07 40.58 -0.22
CA ILE A 73 -27.91 42.01 -0.45
C ILE A 73 -28.70 42.74 0.62
N PRO A 74 -28.10 43.74 1.28
CA PRO A 74 -28.77 44.38 2.41
C PRO A 74 -29.60 45.58 1.98
N ALA A 75 -30.68 45.80 2.76
CA ALA A 75 -31.55 46.95 2.58
C ALA A 75 -30.74 48.24 2.51
N VAL A 76 -31.19 49.17 1.66
CA VAL A 76 -30.48 50.42 1.48
C VAL A 76 -30.33 51.10 2.83
N SER A 77 -29.12 51.58 3.12
CA SER A 77 -28.96 52.45 4.27
C SER A 77 -29.73 53.74 4.02
N GLU A 78 -30.41 54.24 5.06
CA GLU A 78 -31.31 55.36 4.92
C GLU A 78 -30.63 56.55 4.25
N GLY A 79 -31.18 56.96 3.11
CA GLY A 79 -30.66 58.08 2.37
C GLY A 79 -29.29 57.89 1.73
N SER A 80 -29.03 56.72 1.16
CA SER A 80 -27.87 56.58 0.30
C SER A 80 -28.11 57.30 -1.02
N MET A 81 -27.01 57.59 -1.72
CA MET A 81 -27.08 58.16 -3.07
C MET A 81 -27.26 57.00 -4.03
N GLN A 82 -28.51 56.71 -4.39
CA GLN A 82 -28.79 55.63 -5.34
C GLN A 82 -28.29 56.07 -6.71
N VAL A 83 -27.24 55.40 -7.21
CA VAL A 83 -26.33 55.96 -8.20
C VAL A 83 -26.25 55.06 -9.43
N ASP A 84 -26.07 55.71 -10.59
CA ASP A 84 -26.20 55.08 -11.89
C ASP A 84 -24.87 54.48 -12.32
N ALA A 85 -24.92 53.23 -12.81
CA ALA A 85 -23.71 52.56 -13.30
C ALA A 85 -23.16 53.25 -14.55
N SER A 86 -24.04 53.55 -15.51
CA SER A 86 -23.58 54.18 -16.75
C SER A 86 -23.10 55.61 -16.50
N LYS A 87 -23.85 56.37 -15.71
CA LYS A 87 -23.54 57.78 -15.45
C LYS A 87 -22.90 57.90 -14.08
N VAL A 88 -21.58 57.72 -14.02
CA VAL A 88 -20.82 57.87 -12.78
C VAL A 88 -20.32 59.32 -12.74
N HIS A 89 -21.04 60.17 -12.01
CA HIS A 89 -20.85 61.61 -11.98
C HIS A 89 -19.88 62.00 -10.85
N PRO A 90 -19.02 62.99 -11.11
CA PRO A 90 -18.00 63.34 -10.12
C PRO A 90 -18.58 63.83 -8.80
N GLY A 91 -17.88 63.51 -7.72
CA GLY A 91 -18.19 63.99 -6.39
C GLY A 91 -19.59 63.66 -5.90
N VAL A 92 -20.23 62.68 -6.53
CA VAL A 92 -21.55 62.26 -6.08
C VAL A 92 -21.47 61.56 -4.73
N ILE A 93 -20.46 60.71 -4.57
CA ILE A 93 -20.12 60.17 -3.25
C ILE A 93 -19.03 61.03 -2.66
N SER A 94 -19.16 61.38 -1.39
CA SER A 94 -18.26 62.33 -0.73
C SER A 94 -17.10 61.64 -0.01
N GLY A 95 -17.39 60.61 0.78
CA GLY A 95 -16.35 59.92 1.53
C GLY A 95 -16.68 58.46 1.70
N LEU A 96 -15.79 57.74 2.40
CA LEU A 96 -16.11 56.37 2.75
C LEU A 96 -17.22 56.31 3.79
N ASN A 97 -17.37 57.37 4.58
CA ASN A 97 -18.45 57.41 5.56
C ASN A 97 -19.81 57.60 4.88
N SER A 98 -19.83 58.19 3.69
CA SER A 98 -21.09 58.46 3.01
C SER A 98 -21.78 57.15 2.64
N PRO A 99 -23.05 56.97 3.01
CA PRO A 99 -23.80 55.85 2.46
C PRO A 99 -23.94 55.97 0.94
N ALA A 100 -23.77 54.85 0.26
CA ALA A 100 -23.76 54.84 -1.20
C ALA A 100 -24.22 53.49 -1.71
N CYS A 101 -24.72 53.47 -2.94
CA CYS A 101 -25.15 52.24 -3.60
C CYS A 101 -25.38 52.52 -5.07
N MET A 102 -25.15 51.51 -5.90
CA MET A 102 -25.47 51.56 -7.33
C MET A 102 -26.83 50.90 -7.54
N LEU A 103 -27.72 51.58 -8.25
CA LEU A 103 -29.05 51.01 -8.45
C LEU A 103 -28.96 49.86 -9.45
N SER A 104 -29.76 48.82 -9.17
CA SER A 104 -29.59 47.53 -9.84
C SER A 104 -30.01 47.55 -11.30
N ALA A 105 -30.86 48.50 -11.73
CA ALA A 105 -31.36 48.45 -13.10
C ALA A 105 -30.26 48.53 -14.15
N PRO A 106 -29.37 49.53 -14.15
CA PRO A 106 -28.32 49.56 -15.18
C PRO A 106 -27.09 48.76 -14.79
N LEU A 107 -26.91 48.42 -13.51
CA LEU A 107 -25.82 47.53 -13.15
C LEU A 107 -26.02 46.15 -13.76
N GLU A 108 -27.26 45.67 -13.79
CA GLU A 108 -27.56 44.44 -14.52
C GLU A 108 -27.23 44.58 -16.00
N LYS A 109 -27.48 45.75 -16.57
CA LYS A 109 -27.14 45.98 -17.98
C LYS A 109 -25.64 45.86 -18.21
N GLN A 110 -24.83 46.28 -17.24
CA GLN A 110 -23.39 46.31 -17.45
C GLN A 110 -22.71 44.97 -17.13
N LEU A 111 -23.29 44.17 -16.24
CA LEU A 111 -22.77 42.82 -16.05
C LEU A 111 -23.08 41.96 -17.25
N PHE A 112 -24.36 41.69 -17.49
CA PHE A 112 -24.79 40.91 -18.64
C PHE A 112 -24.98 41.80 -19.86
N TYR A 113 -23.90 42.51 -20.24
CA TYR A 113 -23.92 43.16 -21.54
C TYR A 113 -23.79 42.14 -22.66
N TYR A 114 -22.84 41.21 -22.54
CA TYR A 114 -22.53 40.29 -23.63
C TYR A 114 -23.75 39.51 -24.05
N ILE A 115 -23.90 39.33 -25.36
CA ILE A 115 -25.04 38.60 -25.88
C ILE A 115 -24.49 37.43 -26.68
N GLY A 116 -25.30 36.37 -26.73
CA GLY A 116 -24.93 35.16 -27.43
C GLY A 116 -26.02 34.13 -27.30
N THR A 117 -25.73 32.93 -27.77
CA THR A 117 -26.70 31.84 -27.75
C THR A 117 -26.50 31.02 -26.48
N MET A 118 -27.51 31.05 -25.61
CA MET A 118 -27.45 30.29 -24.36
C MET A 118 -27.62 28.80 -24.60
N LEU A 119 -28.77 28.40 -25.14
CA LEU A 119 -29.00 27.01 -25.50
C LEU A 119 -28.60 26.82 -26.95
N PRO A 120 -27.51 26.09 -27.24
CA PRO A 120 -27.11 25.92 -28.63
C PRO A 120 -28.09 25.06 -29.39
N ASN A 121 -27.82 24.85 -30.68
CA ASN A 121 -28.42 23.75 -31.42
C ASN A 121 -27.47 22.56 -31.53
N THR A 122 -26.43 22.53 -30.70
CA THR A 122 -25.58 21.37 -30.60
C THR A 122 -26.40 20.15 -30.18
N ARG A 123 -25.87 18.95 -30.47
CA ARG A 123 -26.68 17.74 -30.48
C ARG A 123 -27.49 17.50 -29.22
N PRO A 124 -26.93 17.54 -28.01
CA PRO A 124 -27.76 17.17 -26.83
C PRO A 124 -28.83 18.19 -26.49
N HIS A 125 -28.61 19.47 -26.78
CA HIS A 125 -29.49 20.52 -26.27
C HIS A 125 -30.66 20.83 -27.19
N SER A 126 -30.44 20.84 -28.51
CA SER A 126 -31.53 21.14 -29.44
C SER A 126 -32.64 20.09 -29.39
N TYR A 127 -32.35 18.89 -28.91
CA TYR A 127 -33.38 17.88 -28.74
C TYR A 127 -34.34 18.22 -27.61
N VAL A 128 -33.91 19.04 -26.64
CA VAL A 128 -34.65 19.20 -25.40
C VAL A 128 -35.16 20.63 -25.23
N PHE A 129 -34.43 21.60 -25.77
CA PHE A 129 -34.68 23.02 -25.50
C PHE A 129 -35.13 23.75 -26.75
N TYR A 130 -36.19 24.54 -26.60
CA TYR A 130 -36.48 25.58 -27.59
C TYR A 130 -35.32 26.57 -27.54
N GLN A 131 -34.55 26.65 -28.62
CA GLN A 131 -33.28 27.37 -28.58
C GLN A 131 -33.49 28.83 -28.20
N LEU A 132 -32.59 29.33 -27.36
CA LEU A 132 -32.75 30.64 -26.73
C LEU A 132 -31.50 31.48 -26.95
N ARG A 133 -31.70 32.78 -27.09
CA ARG A 133 -30.62 33.76 -27.17
C ARG A 133 -30.92 34.85 -26.15
N CYS A 134 -30.06 34.96 -25.13
CA CYS A 134 -30.28 35.88 -24.02
C CYS A 134 -29.01 36.69 -23.76
N HIS A 135 -29.20 37.84 -23.13
CA HIS A 135 -28.07 38.55 -22.54
C HIS A 135 -27.42 37.64 -21.50
N LEU A 136 -26.11 37.47 -21.60
CA LEU A 136 -25.48 36.40 -20.82
C LEU A 136 -24.06 36.78 -20.43
N SER A 137 -23.54 36.03 -19.46
CA SER A 137 -22.13 35.99 -19.11
C SER A 137 -21.70 34.54 -19.05
N TYR A 138 -20.44 34.28 -19.38
CA TYR A 138 -19.95 32.91 -19.33
C TYR A 138 -18.57 32.86 -18.71
N VAL A 139 -18.30 31.76 -18.02
CA VAL A 139 -16.97 31.37 -17.60
C VAL A 139 -16.59 30.15 -18.43
N ALA A 140 -15.43 30.20 -19.08
CA ALA A 140 -15.05 29.17 -20.04
C ALA A 140 -13.60 28.77 -19.85
N LEU A 141 -13.33 27.47 -20.02
CA LEU A 141 -11.98 26.93 -19.94
C LEU A 141 -11.83 25.84 -20.98
N SER A 142 -10.58 25.57 -21.35
CA SER A 142 -10.27 24.48 -22.27
C SER A 142 -8.92 23.90 -21.89
N ILE A 143 -8.86 22.58 -21.71
CA ILE A 143 -7.67 21.90 -21.23
C ILE A 143 -7.49 20.60 -22.01
N ASN A 144 -6.41 19.88 -21.69
CA ASN A 144 -6.05 18.64 -22.37
C ASN A 144 -5.93 18.82 -23.88
N GLY A 145 -5.38 19.96 -24.28
CA GLY A 145 -5.30 20.31 -25.68
C GLY A 145 -6.65 20.51 -26.35
N ASP A 146 -7.56 21.23 -25.69
CA ASP A 146 -8.90 21.54 -26.19
C ASP A 146 -9.73 20.29 -26.47
N LYS A 147 -9.41 19.16 -25.83
CA LYS A 147 -10.23 17.97 -25.92
C LYS A 147 -11.05 17.72 -24.65
N PHE A 148 -10.97 18.62 -23.67
CA PHE A 148 -11.94 18.68 -22.58
C PHE A 148 -12.24 20.15 -22.32
N GLN A 149 -13.51 20.53 -22.47
CA GLN A 149 -13.92 21.92 -22.31
C GLN A 149 -15.06 22.03 -21.30
N TYR A 150 -15.05 23.13 -20.55
CA TYR A 150 -16.19 23.49 -19.71
C TYR A 150 -16.59 24.92 -20.03
N THR A 151 -17.89 25.20 -19.96
CA THR A 151 -18.43 26.51 -20.31
C THR A 151 -19.59 26.82 -19.36
N GLY A 152 -19.40 27.80 -18.48
CA GLY A 152 -20.43 28.24 -17.55
C GLY A 152 -21.27 29.42 -18.00
N ALA A 153 -22.16 29.22 -18.97
CA ALA A 153 -23.03 30.30 -19.44
C ALA A 153 -24.16 30.57 -18.45
N MET A 154 -24.48 31.85 -18.26
CA MET A 154 -25.45 32.25 -17.25
C MET A 154 -26.15 33.54 -17.68
N THR A 155 -27.38 33.71 -17.21
CA THR A 155 -28.12 34.96 -17.30
C THR A 155 -28.30 35.52 -15.89
N SER A 156 -29.07 36.60 -15.78
CA SER A 156 -29.52 37.05 -14.47
C SER A 156 -30.56 36.12 -13.86
N LYS A 157 -30.94 35.05 -14.57
CA LYS A 157 -32.00 34.14 -14.15
C LYS A 157 -31.56 32.72 -13.89
N PHE A 158 -30.74 32.13 -14.76
CA PHE A 158 -30.29 30.76 -14.56
C PHE A 158 -28.92 30.55 -15.20
N LEU A 159 -28.23 29.52 -14.73
CA LEU A 159 -26.89 29.16 -15.17
C LEU A 159 -26.90 27.76 -15.77
N MET A 160 -26.24 27.59 -16.91
CA MET A 160 -25.99 26.27 -17.48
C MET A 160 -24.50 26.09 -17.71
N GLY A 161 -23.86 25.29 -16.86
CA GLY A 161 -22.52 24.80 -17.13
C GLY A 161 -22.61 23.51 -17.93
N THR A 162 -21.78 23.41 -18.96
CA THR A 162 -21.81 22.24 -19.83
C THR A 162 -20.40 21.70 -20.02
N TYR A 163 -20.23 20.42 -19.76
CA TYR A 163 -18.96 19.75 -19.97
C TYR A 163 -18.93 19.08 -21.34
N LYS A 164 -17.74 19.09 -21.96
CA LYS A 164 -17.55 18.40 -23.23
C LYS A 164 -16.21 17.68 -23.23
N ARG A 165 -16.24 16.40 -23.61
CA ARG A 165 -15.04 15.56 -23.69
C ARG A 165 -14.88 15.06 -25.12
N VAL A 166 -13.63 14.82 -25.51
CA VAL A 166 -13.29 14.24 -26.80
C VAL A 166 -12.46 12.98 -26.56
N THR A 167 -12.84 11.88 -27.21
CA THR A 167 -12.37 10.53 -26.87
C THR A 167 -11.09 10.12 -27.60
N GLU A 168 -10.38 11.07 -28.20
CA GLU A 168 -9.26 10.92 -29.14
C GLU A 168 -9.76 10.60 -30.54
N LYS A 169 -11.06 10.45 -30.73
CA LYS A 169 -11.69 10.34 -32.03
C LYS A 169 -12.67 11.50 -32.19
N GLY A 170 -13.47 11.45 -33.25
CA GLY A 170 -14.46 12.50 -33.47
C GLY A 170 -15.60 12.50 -32.48
N ASP A 171 -15.69 11.50 -31.60
CA ASP A 171 -16.81 11.41 -30.68
C ASP A 171 -16.74 12.52 -29.64
N GLU A 172 -17.89 13.17 -29.40
CA GLU A 172 -18.02 14.19 -28.37
C GLU A 172 -19.07 13.75 -27.36
N HIS A 173 -18.69 13.73 -26.09
CA HIS A 173 -19.61 13.46 -24.99
C HIS A 173 -19.89 14.76 -24.25
N VAL A 174 -21.17 15.05 -24.03
CA VAL A 174 -21.62 16.37 -23.55
C VAL A 174 -22.56 16.16 -22.38
N LEU A 175 -22.34 16.93 -21.30
CA LEU A 175 -23.18 16.91 -20.11
C LEU A 175 -23.32 18.34 -19.60
N SER A 176 -24.54 18.74 -19.28
CA SER A 176 -24.81 20.11 -18.88
C SER A 176 -25.60 20.15 -17.58
N LEU A 177 -25.26 21.12 -16.73
CA LEU A 177 -25.93 21.35 -15.46
C LEU A 177 -26.65 22.69 -15.52
N ILE A 178 -27.95 22.68 -15.26
CA ILE A 178 -28.78 23.88 -15.32
C ILE A 178 -29.26 24.20 -13.90
N PHE A 179 -28.93 25.40 -13.42
CA PHE A 179 -29.25 25.80 -12.06
C PHE A 179 -29.88 27.18 -12.04
N GLY A 180 -30.96 27.31 -11.27
CA GLY A 180 -31.62 28.60 -11.11
C GLY A 180 -32.91 28.43 -10.35
N LYS A 181 -33.67 29.54 -10.24
CA LYS A 181 -35.01 29.47 -9.69
C LYS A 181 -35.89 28.59 -10.57
N THR A 182 -36.72 27.74 -9.94
CA THR A 182 -37.54 26.80 -10.69
C THR A 182 -38.41 27.51 -11.73
N LYS A 183 -38.98 28.66 -11.35
CA LYS A 183 -39.89 29.37 -12.25
C LYS A 183 -39.17 29.94 -13.45
N ASP A 184 -37.90 30.33 -13.30
CA ASP A 184 -37.15 30.98 -14.37
C ASP A 184 -36.47 30.00 -15.32
N LEU A 185 -36.73 28.70 -15.16
CA LEU A 185 -36.10 27.71 -16.03
C LEU A 185 -36.55 27.89 -17.49
N PRO A 186 -35.65 27.65 -18.45
CA PRO A 186 -36.00 27.88 -19.86
C PRO A 186 -37.08 26.97 -20.39
N ASP A 187 -37.49 27.18 -21.64
CA ASP A 187 -38.68 26.54 -22.20
C ASP A 187 -38.32 25.16 -22.75
N LEU A 188 -39.03 24.12 -22.28
CA LEU A 188 -38.80 22.77 -22.76
C LEU A 188 -39.50 22.54 -24.09
N ARG A 189 -38.83 21.78 -24.96
CA ARG A 189 -39.18 21.72 -26.38
C ARG A 189 -40.12 20.59 -26.74
N GLY A 190 -39.70 19.35 -26.53
CA GLY A 190 -40.46 18.20 -26.96
C GLY A 190 -41.48 17.76 -25.93
N PRO A 191 -41.70 16.46 -25.84
CA PRO A 191 -42.59 15.92 -24.79
C PRO A 191 -41.94 15.96 -23.41
N PHE A 192 -40.82 16.67 -23.32
CA PHE A 192 -39.99 16.64 -22.12
C PHE A 192 -40.69 17.29 -20.93
N SER A 193 -40.37 16.77 -19.76
CA SER A 193 -40.96 17.18 -18.49
C SER A 193 -39.83 17.47 -17.52
N TYR A 194 -39.90 18.63 -16.84
CA TYR A 194 -38.79 19.08 -16.01
C TYR A 194 -38.45 18.17 -14.84
N PRO A 195 -39.40 17.62 -14.06
CA PRO A 195 -39.01 16.72 -12.98
C PRO A 195 -38.12 15.59 -13.46
N SER A 196 -38.42 15.01 -14.63
CA SER A 196 -37.58 13.95 -15.18
C SER A 196 -36.10 14.31 -15.16
N LEU A 197 -35.79 15.61 -15.26
CA LEU A 197 -34.41 16.07 -15.36
C LEU A 197 -33.96 16.87 -14.14
N THR A 198 -34.81 17.02 -13.12
CA THR A 198 -34.49 17.82 -11.95
C THR A 198 -33.86 16.92 -10.88
N SER A 199 -32.60 17.16 -10.57
CA SER A 199 -31.90 16.39 -9.54
C SER A 199 -32.06 16.97 -8.14
N ALA A 200 -32.51 18.22 -8.02
CA ALA A 200 -32.63 18.86 -6.72
C ALA A 200 -33.58 20.05 -6.84
N GLN A 201 -34.56 20.12 -5.95
CA GLN A 201 -35.56 21.18 -6.02
C GLN A 201 -35.95 21.57 -4.60
N SER A 202 -35.63 22.80 -4.21
CA SER A 202 -35.87 23.26 -2.85
C SER A 202 -36.50 24.64 -2.91
N GLY A 203 -37.71 24.77 -2.36
CA GLY A 203 -38.40 26.04 -2.39
C GLY A 203 -38.51 26.60 -3.79
N ASP A 204 -37.78 27.68 -4.05
CA ASP A 204 -37.84 28.36 -5.33
C ASP A 204 -36.81 27.87 -6.34
N TYR A 205 -35.80 27.10 -5.91
CA TYR A 205 -34.66 26.80 -6.75
C TYR A 205 -34.66 25.35 -7.21
N SER A 206 -33.89 25.10 -8.29
CA SER A 206 -33.81 23.81 -8.93
C SER A 206 -32.42 23.60 -9.51
N LEU A 207 -32.09 22.33 -9.75
CA LEU A 207 -30.84 21.94 -10.42
C LEU A 207 -31.17 20.80 -11.38
N VAL A 208 -30.99 21.04 -12.68
CA VAL A 208 -31.42 20.15 -13.75
C VAL A 208 -30.19 19.58 -14.46
N ILE A 209 -30.24 18.30 -14.78
CA ILE A 209 -29.14 17.61 -15.47
C ILE A 209 -29.63 17.19 -16.85
N VAL A 210 -28.85 17.52 -17.87
CA VAL A 210 -29.25 17.33 -19.26
C VAL A 210 -28.14 16.60 -19.98
N THR A 211 -28.41 15.37 -20.43
CA THR A 211 -27.41 14.63 -21.18
C THR A 211 -28.04 13.37 -21.76
N THR A 212 -27.34 12.79 -22.73
CA THR A 212 -27.75 11.51 -23.31
C THR A 212 -27.55 10.39 -22.30
N PHE A 213 -28.34 9.32 -22.43
CA PHE A 213 -28.05 8.11 -21.67
C PHE A 213 -26.70 7.56 -22.04
N VAL A 214 -26.30 7.73 -23.30
CA VAL A 214 -24.94 7.38 -23.72
C VAL A 214 -23.94 8.18 -22.90
N HIS A 215 -24.15 9.49 -22.83
CA HIS A 215 -23.13 10.40 -22.32
C HIS A 215 -23.03 10.34 -20.79
N TYR A 216 -24.17 10.20 -20.10
CA TYR A 216 -24.12 10.13 -18.64
C TYR A 216 -23.28 8.94 -18.20
N ALA A 217 -23.36 7.83 -18.93
CA ALA A 217 -22.48 6.70 -18.66
C ALA A 217 -21.03 7.04 -18.91
N ASN A 218 -20.74 7.78 -19.99
CA ASN A 218 -19.36 8.11 -20.33
C ASN A 218 -18.74 9.08 -19.36
N PHE A 219 -19.54 9.89 -18.67
CA PHE A 219 -19.04 10.77 -17.62
C PHE A 219 -19.03 10.10 -16.26
N HIS A 220 -19.89 9.09 -16.06
CA HIS A 220 -19.96 8.38 -14.79
C HIS A 220 -18.68 7.65 -14.45
N ASN A 221 -17.77 7.48 -15.42
CA ASN A 221 -16.47 6.86 -15.14
C ASN A 221 -15.64 7.70 -14.19
N TYR A 222 -15.60 9.02 -14.40
CA TYR A 222 -14.69 9.89 -13.66
C TYR A 222 -15.39 11.06 -12.98
N PHE A 223 -16.72 11.17 -13.08
CA PHE A 223 -17.44 12.35 -12.61
C PHE A 223 -18.77 11.91 -12.00
N VAL A 224 -18.78 11.73 -10.69
CA VAL A 224 -20.02 11.49 -9.96
C VAL A 224 -20.15 12.56 -8.90
N PRO A 225 -20.76 13.70 -9.23
CA PRO A 225 -20.86 14.78 -8.24
C PRO A 225 -21.74 14.37 -7.08
N ASN A 226 -21.49 14.98 -5.92
CA ASN A 226 -22.46 14.96 -4.83
C ASN A 226 -23.46 16.07 -5.14
N LEU A 227 -24.37 15.77 -6.06
CA LEU A 227 -25.37 16.73 -6.51
C LEU A 227 -26.14 17.33 -5.35
N LYS A 228 -26.37 16.55 -4.29
CA LYS A 228 -27.04 17.06 -3.10
C LYS A 228 -26.25 18.19 -2.47
N ASP A 229 -24.95 17.97 -2.23
CA ASP A 229 -24.14 18.94 -1.51
C ASP A 229 -23.89 20.20 -2.34
N MET A 230 -23.66 20.04 -3.65
CA MET A 230 -23.47 21.21 -4.50
C MET A 230 -24.69 22.12 -4.46
N PHE A 231 -25.89 21.53 -4.52
CA PHE A 231 -27.12 22.31 -4.58
C PHE A 231 -27.32 23.10 -3.29
N SER A 232 -27.05 22.49 -2.14
CA SER A 232 -27.19 23.20 -0.88
C SER A 232 -26.20 24.36 -0.79
N ARG A 233 -24.95 24.14 -1.21
CA ARG A 233 -23.96 25.21 -1.18
C ARG A 233 -24.33 26.34 -2.13
N ALA A 234 -24.86 26.01 -3.31
CA ALA A 234 -25.27 27.05 -4.25
C ALA A 234 -26.46 27.85 -3.72
N VAL A 235 -27.33 27.21 -2.94
CA VAL A 235 -28.54 27.86 -2.45
C VAL A 235 -28.24 28.60 -1.16
N THR A 236 -27.82 27.88 -0.13
CA THR A 236 -27.77 28.44 1.23
C THR A 236 -26.61 29.40 1.45
N MET A 237 -25.61 29.45 0.57
CA MET A 237 -24.45 30.29 0.79
C MET A 237 -24.65 31.68 0.21
N THR A 238 -24.21 32.69 0.96
CA THR A 238 -24.19 34.05 0.45
C THR A 238 -23.24 34.15 -0.72
N ALA A 239 -23.57 35.00 -1.70
CA ALA A 239 -22.81 35.04 -2.94
C ALA A 239 -21.35 35.40 -2.70
N ALA A 240 -21.07 36.24 -1.71
CA ALA A 240 -19.67 36.56 -1.42
C ALA A 240 -18.96 35.38 -0.76
N SER A 241 -19.61 34.72 0.21
CA SER A 241 -18.98 33.58 0.87
C SER A 241 -18.82 32.40 -0.08
N TYR A 242 -19.77 32.22 -1.01
CA TYR A 242 -19.65 31.16 -2.00
C TYR A 242 -18.40 31.36 -2.86
N ALA A 243 -18.14 32.60 -3.28
CA ALA A 243 -16.97 32.89 -4.09
C ALA A 243 -15.68 32.65 -3.32
N ARG A 244 -15.70 32.82 -2.00
CA ARG A 244 -14.54 32.49 -1.18
C ARG A 244 -14.39 30.98 -1.04
N TYR A 245 -15.51 30.27 -0.87
CA TYR A 245 -15.49 28.82 -0.79
C TYR A 245 -14.79 28.20 -1.99
N VAL A 246 -15.14 28.67 -3.20
CA VAL A 246 -14.47 28.21 -4.41
C VAL A 246 -13.03 28.71 -4.43
N LEU A 247 -12.81 29.96 -4.01
CA LEU A 247 -11.46 30.52 -3.96
C LEU A 247 -10.57 29.70 -3.04
N GLN A 248 -11.12 29.16 -1.95
CA GLN A 248 -10.36 28.26 -1.09
C GLN A 248 -9.92 27.01 -1.85
N LYS A 249 -10.85 26.38 -2.56
CA LYS A 249 -10.54 25.12 -3.23
C LYS A 249 -9.46 25.31 -4.29
N LEU A 250 -9.48 26.42 -5.02
CA LEU A 250 -8.51 26.64 -6.08
C LEU A 250 -7.11 26.86 -5.53
N VAL A 251 -6.96 27.77 -4.55
CA VAL A 251 -5.63 28.11 -4.04
C VAL A 251 -5.04 26.94 -3.26
N LEU A 252 -5.87 26.23 -2.50
CA LEU A 252 -5.41 25.03 -1.82
C LEU A 252 -5.24 23.85 -2.77
N LEU A 253 -5.61 24.01 -4.05
CA LEU A 253 -5.27 23.06 -5.09
C LEU A 253 -4.11 23.53 -5.95
N GLU A 254 -3.93 24.84 -6.09
CA GLU A 254 -2.97 25.38 -7.05
C GLU A 254 -1.53 25.13 -6.62
N MET A 255 -1.17 25.57 -5.41
CA MET A 255 0.19 25.33 -4.93
C MET A 255 0.46 23.84 -4.77
N LYS A 256 -0.57 23.04 -4.56
CA LYS A 256 -0.43 21.59 -4.59
C LYS A 256 -0.32 21.11 -6.03
N GLY A 257 -0.04 19.83 -6.20
CA GLY A 257 0.20 19.27 -7.52
C GLY A 257 -1.05 19.04 -8.33
N GLY A 258 -2.06 19.90 -8.13
CA GLY A 258 -3.37 19.69 -8.70
C GLY A 258 -3.60 20.22 -10.11
N CYS A 259 -3.32 21.52 -10.33
CA CYS A 259 -3.73 22.16 -11.59
C CYS A 259 -2.55 22.57 -12.47
N ARG A 260 -1.37 21.96 -12.29
CA ARG A 260 -0.33 22.12 -13.30
C ARG A 260 -0.59 21.17 -14.47
N GLU A 261 -0.80 19.89 -14.16
CA GLU A 261 -1.41 18.94 -15.09
C GLU A 261 -2.71 18.50 -14.44
N PRO A 262 -3.84 19.09 -14.83
CA PRO A 262 -5.09 18.84 -14.10
C PRO A 262 -5.52 17.39 -14.19
N GLU A 263 -6.19 16.95 -13.13
CA GLU A 263 -6.75 15.60 -13.06
C GLU A 263 -8.24 15.68 -13.34
N LEU A 264 -8.71 14.88 -14.30
CA LEU A 264 -10.11 14.91 -14.73
C LEU A 264 -10.99 14.12 -13.78
N ASP A 265 -10.93 14.42 -12.49
CA ASP A 265 -11.62 13.66 -11.48
C ASP A 265 -12.94 14.32 -11.11
N THR A 266 -13.66 13.67 -10.20
CA THR A 266 -14.93 14.20 -9.71
C THR A 266 -14.76 15.59 -9.11
N GLU A 267 -13.71 15.77 -8.30
CA GLU A 267 -13.58 16.98 -7.52
C GLU A 267 -13.30 18.19 -8.41
N THR A 268 -12.37 18.07 -9.34
CA THR A 268 -12.03 19.21 -10.20
C THR A 268 -13.21 19.60 -11.09
N LEU A 269 -13.90 18.62 -11.67
CA LEU A 269 -15.06 18.94 -12.49
C LEU A 269 -16.20 19.50 -11.65
N THR A 270 -16.34 19.04 -10.41
CA THR A 270 -17.30 19.65 -9.49
C THR A 270 -16.99 21.13 -9.29
N THR A 271 -15.72 21.44 -9.09
CA THR A 271 -15.32 22.83 -8.85
C THR A 271 -15.59 23.70 -10.08
N MET A 272 -15.34 23.17 -11.28
CA MET A 272 -15.55 23.94 -12.50
C MET A 272 -16.96 24.50 -12.55
N PHE A 273 -17.95 23.67 -12.26
CA PHE A 273 -19.32 24.17 -12.18
C PHE A 273 -19.49 25.15 -11.03
N GLU A 274 -18.83 24.89 -9.89
CA GLU A 274 -18.98 25.76 -8.73
C GLU A 274 -18.35 27.13 -8.97
N VAL A 275 -17.35 27.21 -9.85
CA VAL A 275 -16.86 28.52 -10.28
C VAL A 275 -17.97 29.30 -10.98
N SER A 276 -18.67 28.64 -11.90
CA SER A 276 -19.76 29.29 -12.62
C SER A 276 -20.86 29.75 -11.68
N VAL A 277 -21.18 28.94 -10.67
CA VAL A 277 -22.19 29.33 -9.70
C VAL A 277 -21.74 30.56 -8.92
N ALA A 278 -20.45 30.67 -8.61
CA ALA A 278 -19.95 31.79 -7.82
C ALA A 278 -20.20 33.12 -8.52
N PHE A 279 -19.85 33.21 -9.80
CA PHE A 279 -20.17 34.41 -10.57
C PHE A 279 -21.67 34.57 -10.74
N PHE A 280 -22.39 33.47 -11.00
CA PHE A 280 -23.82 33.54 -11.25
C PHE A 280 -24.59 34.00 -10.02
N LYS A 281 -24.22 33.51 -8.84
CA LYS A 281 -24.92 33.91 -7.62
C LYS A 281 -24.83 35.43 -7.42
N VAL A 282 -23.73 36.05 -7.83
CA VAL A 282 -23.61 37.50 -7.74
C VAL A 282 -24.52 38.17 -8.76
N GLY A 283 -24.45 37.72 -10.01
CA GLY A 283 -25.32 38.27 -11.04
C GLY A 283 -26.79 38.00 -10.76
N HIS A 284 -27.10 36.79 -10.31
CA HIS A 284 -28.47 36.45 -9.96
C HIS A 284 -29.00 37.32 -8.82
N ALA A 285 -28.16 37.54 -7.80
CA ALA A 285 -28.60 38.34 -6.65
C ALA A 285 -28.91 39.77 -7.06
N VAL A 286 -28.09 40.35 -7.92
CA VAL A 286 -28.35 41.71 -8.40
C VAL A 286 -29.61 41.75 -9.25
N GLY A 287 -29.75 40.79 -10.16
CA GLY A 287 -30.87 40.83 -11.10
C GLY A 287 -32.22 40.58 -10.43
N GLU A 288 -32.27 39.62 -9.50
CA GLU A 288 -33.53 39.22 -8.89
C GLU A 288 -34.06 40.21 -7.86
N THR A 289 -33.24 41.17 -7.41
CA THR A 289 -33.72 42.10 -6.40
C THR A 289 -34.72 43.12 -6.94
N GLY A 290 -34.89 43.20 -8.25
CA GLY A 290 -35.80 44.16 -8.82
C GLY A 290 -35.22 45.55 -8.88
N ASN A 291 -36.10 46.51 -9.14
CA ASN A 291 -35.69 47.87 -9.51
C ASN A 291 -35.17 48.65 -8.31
N GLY A 292 -34.12 48.14 -7.67
CA GLY A 292 -33.63 48.76 -6.45
C GLY A 292 -32.21 49.27 -6.50
N CYS A 293 -31.49 49.12 -5.39
CA CYS A 293 -30.13 49.64 -5.27
C CYS A 293 -29.32 48.69 -4.40
N VAL A 294 -28.11 48.37 -4.85
CA VAL A 294 -27.24 47.41 -4.18
C VAL A 294 -26.22 48.18 -3.36
N ASP A 295 -26.23 47.98 -2.03
CA ASP A 295 -25.32 48.68 -1.14
C ASP A 295 -23.87 48.50 -1.60
N LEU A 296 -23.14 49.61 -1.68
CA LEU A 296 -21.78 49.58 -2.21
C LEU A 296 -20.86 48.72 -1.34
N ARG A 297 -21.07 48.72 -0.02
CA ARG A 297 -20.26 47.89 0.85
C ARG A 297 -20.45 46.42 0.53
N TRP A 298 -21.66 46.02 0.14
CA TRP A 298 -21.89 44.68 -0.38
C TRP A 298 -21.15 44.48 -1.70
N LEU A 299 -21.26 45.45 -2.61
CA LEU A 299 -20.63 45.33 -3.92
C LEU A 299 -19.11 45.24 -3.81
N ALA A 300 -18.51 46.06 -2.95
CA ALA A 300 -17.07 45.99 -2.74
C ALA A 300 -16.67 44.62 -2.19
N LYS A 301 -17.46 44.09 -1.27
CA LYS A 301 -17.17 42.77 -0.71
C LYS A 301 -17.29 41.68 -1.78
N SER A 302 -18.41 41.65 -2.50
CA SER A 302 -18.69 40.55 -3.42
C SER A 302 -17.85 40.61 -4.69
N PHE A 303 -17.55 41.81 -5.19
CA PHE A 303 -16.75 41.94 -6.40
C PHE A 303 -15.25 41.90 -6.14
N PHE A 304 -14.84 42.05 -4.88
CA PHE A 304 -13.46 41.71 -4.53
C PHE A 304 -13.21 40.22 -4.69
N GLU A 305 -14.11 39.40 -4.17
CA GLU A 305 -13.94 37.95 -4.23
C GLU A 305 -13.90 37.46 -5.68
N LEU A 306 -14.82 37.95 -6.51
CA LEU A 306 -14.83 37.56 -7.92
C LEU A 306 -13.55 37.97 -8.62
N THR A 307 -13.00 39.14 -8.25
CA THR A 307 -11.78 39.61 -8.90
C THR A 307 -10.57 38.75 -8.51
N VAL A 308 -10.51 38.28 -7.27
CA VAL A 308 -9.46 37.32 -6.90
C VAL A 308 -9.73 35.98 -7.57
N LEU A 309 -10.99 35.54 -7.57
CA LEU A 309 -11.35 34.31 -8.24
C LEU A 309 -11.09 34.39 -9.74
N LYS A 310 -11.24 35.57 -10.32
CA LYS A 310 -10.93 35.74 -11.74
C LYS A 310 -9.44 35.55 -12.00
N ASP A 311 -8.59 36.02 -11.07
CA ASP A 311 -7.15 35.85 -11.23
C ASP A 311 -6.75 34.39 -11.13
N ILE A 312 -7.20 33.70 -10.07
CA ILE A 312 -6.73 32.34 -9.80
C ILE A 312 -7.26 31.37 -10.85
N ILE A 313 -8.39 31.69 -11.47
CA ILE A 313 -8.90 30.90 -12.59
C ILE A 313 -8.07 31.14 -13.84
N GLY A 314 -7.53 32.35 -14.02
CA GLY A 314 -6.64 32.61 -15.14
C GLY A 314 -5.36 31.80 -15.05
N ILE A 315 -4.87 31.56 -13.84
CA ILE A 315 -3.58 30.91 -13.68
C ILE A 315 -3.67 29.39 -13.62
N CYS A 316 -4.75 28.83 -13.07
CA CYS A 316 -4.89 27.38 -13.07
C CYS A 316 -5.22 26.88 -14.47
N TYR A 317 -6.29 27.39 -15.07
CA TYR A 317 -6.75 26.96 -16.37
C TYR A 317 -6.67 28.13 -17.37
N GLY A 318 -6.61 27.79 -18.65
CA GLY A 318 -6.61 28.82 -19.68
C GLY A 318 -8.01 29.40 -19.84
N ALA A 319 -8.51 30.04 -18.80
CA ALA A 319 -9.93 30.31 -18.67
C ALA A 319 -10.24 31.80 -18.75
N THR A 320 -11.45 32.10 -19.23
CA THR A 320 -11.91 33.46 -19.49
C THR A 320 -13.21 33.71 -18.75
N VAL A 321 -13.36 34.92 -18.21
CA VAL A 321 -14.65 35.41 -17.73
C VAL A 321 -15.08 36.53 -18.66
N LYS A 322 -16.27 36.40 -19.22
CA LYS A 322 -16.77 37.33 -20.23
C LYS A 322 -18.16 37.78 -19.81
N GLY A 323 -18.24 38.95 -19.17
CA GLY A 323 -19.53 39.56 -18.88
C GLY A 323 -19.96 39.58 -17.42
N MET A 324 -19.04 39.80 -16.49
CA MET A 324 -19.44 40.00 -15.11
C MET A 324 -18.66 41.13 -14.47
N GLN A 325 -18.41 42.20 -15.21
CA GLN A 325 -17.78 43.37 -14.64
C GLN A 325 -18.40 44.61 -15.24
N SER A 326 -18.73 45.57 -14.38
CA SER A 326 -19.30 46.85 -14.80
C SER A 326 -18.27 47.93 -14.57
N TYR A 327 -17.89 48.63 -15.63
CA TYR A 327 -16.98 49.76 -15.49
C TYR A 327 -17.55 50.82 -14.57
N GLY A 328 -18.87 50.90 -14.43
CA GLY A 328 -19.47 51.88 -13.54
C GLY A 328 -19.08 51.67 -12.09
N LEU A 329 -19.13 50.43 -11.62
CA LEU A 329 -18.66 50.13 -10.27
C LEU A 329 -17.18 50.41 -10.12
N GLU A 330 -16.41 50.20 -11.20
CA GLU A 330 -14.97 50.39 -11.12
C GLU A 330 -14.60 51.86 -11.06
N ARG A 331 -15.32 52.71 -11.79
CA ARG A 331 -15.10 54.15 -11.66
C ARG A 331 -15.60 54.65 -10.31
N LEU A 332 -16.76 54.13 -9.86
CA LEU A 332 -17.27 54.52 -8.56
C LEU A 332 -16.29 54.18 -7.46
N ALA A 333 -15.75 52.97 -7.47
CA ALA A 333 -14.75 52.60 -6.49
C ALA A 333 -13.49 53.45 -6.63
N ALA A 334 -13.04 53.69 -7.87
CA ALA A 334 -11.82 54.45 -8.07
C ALA A 334 -11.98 55.89 -7.60
N MET A 335 -13.14 56.50 -7.85
CA MET A 335 -13.35 57.87 -7.40
C MET A 335 -13.38 57.98 -5.88
N LEU A 336 -13.92 56.96 -5.20
CA LEU A 336 -13.90 56.95 -3.74
C LEU A 336 -12.50 56.75 -3.18
N MET A 337 -11.55 56.28 -3.99
CA MET A 337 -10.17 56.12 -3.55
C MET A 337 -9.34 57.37 -3.73
N ALA A 338 -9.91 58.43 -4.31
CA ALA A 338 -9.34 59.76 -4.19
C ALA A 338 -9.82 60.46 -2.92
N THR A 339 -10.82 59.90 -2.24
CA THR A 339 -11.36 60.51 -1.03
C THR A 339 -10.36 60.45 0.12
N VAL A 340 -9.78 59.28 0.37
CA VAL A 340 -9.24 58.96 1.67
C VAL A 340 -7.72 59.03 1.66
N LYS A 341 -7.16 59.33 2.83
CA LYS A 341 -5.72 59.39 3.05
C LYS A 341 -5.13 57.99 2.98
N MET A 342 -4.51 57.66 1.84
CA MET A 342 -3.88 56.35 1.71
C MET A 342 -2.76 56.17 2.71
N GLU A 343 -2.12 57.27 3.13
CA GLU A 343 -1.05 57.15 4.13
C GLU A 343 -1.60 56.80 5.51
N GLU A 344 -2.82 57.25 5.83
CA GLU A 344 -3.42 57.01 7.14
C GLU A 344 -4.57 56.00 7.08
N LEU A 345 -4.58 55.13 6.08
CA LEU A 345 -5.67 54.16 5.95
C LEU A 345 -5.70 53.20 7.13
N GLY A 346 -4.53 52.77 7.60
CA GLY A 346 -4.45 51.82 8.70
C GLY A 346 -4.96 52.34 10.02
N HIS A 347 -5.13 53.66 10.16
CA HIS A 347 -5.64 54.25 11.39
C HIS A 347 -7.12 54.00 11.60
N LEU A 348 -7.85 53.53 10.59
CA LEU A 348 -9.30 53.50 10.63
C LEU A 348 -9.81 52.17 11.20
N THR A 349 -11.10 51.93 11.04
CA THR A 349 -11.77 50.79 11.63
C THR A 349 -11.38 49.49 10.91
N THR A 350 -11.54 48.38 11.63
CA THR A 350 -11.57 47.06 11.01
C THR A 350 -12.50 47.05 9.80
N GLU A 351 -13.74 47.47 10.01
CA GLU A 351 -14.74 47.46 8.94
C GLU A 351 -14.34 48.41 7.81
N LYS A 352 -13.84 49.61 8.15
CA LYS A 352 -13.52 50.59 7.12
C LYS A 352 -12.30 50.18 6.30
N GLN A 353 -11.31 49.56 6.94
CA GLN A 353 -10.12 49.13 6.20
C GLN A 353 -10.49 48.11 5.14
N GLU A 354 -11.29 47.11 5.50
CA GLU A 354 -11.71 46.09 4.54
C GLU A 354 -12.46 46.72 3.38
N TYR A 355 -13.44 47.59 3.70
CA TYR A 355 -14.25 48.20 2.68
C TYR A 355 -13.41 49.09 1.76
N ALA A 356 -12.42 49.79 2.31
CA ALA A 356 -11.54 50.60 1.49
C ALA A 356 -10.68 49.75 0.56
N LEU A 357 -10.02 48.74 1.12
CA LEU A 357 -9.12 47.91 0.32
C LEU A 357 -9.88 47.14 -0.75
N ARG A 358 -11.14 46.78 -0.47
CA ARG A 358 -11.98 46.16 -1.48
C ARG A 358 -12.20 47.11 -2.66
N LEU A 359 -12.58 48.34 -2.35
CA LEU A 359 -12.77 49.35 -3.41
C LEU A 359 -11.47 49.61 -4.16
N ALA A 360 -10.33 49.56 -3.46
CA ALA A 360 -9.05 49.83 -4.09
C ALA A 360 -8.73 48.81 -5.17
N THR A 361 -8.95 47.52 -4.90
CA THR A 361 -8.77 46.51 -5.92
C THR A 361 -9.77 46.69 -7.05
N VAL A 362 -11.04 46.87 -6.70
CA VAL A 362 -12.09 46.96 -7.70
C VAL A 362 -11.98 48.23 -8.53
N GLY A 363 -11.42 49.30 -7.95
CA GLY A 363 -11.46 50.60 -8.60
C GLY A 363 -10.66 50.68 -9.89
N TYR A 364 -9.32 50.64 -9.79
CA TYR A 364 -8.53 50.31 -10.96
C TYR A 364 -8.15 48.86 -10.83
N PRO A 365 -8.79 47.94 -11.56
CA PRO A 365 -8.13 46.65 -11.80
C PRO A 365 -6.93 46.91 -12.71
N LYS A 366 -6.23 45.88 -13.14
CA LYS A 366 -5.01 46.04 -13.92
C LYS A 366 -4.07 47.05 -13.25
N ALA A 367 -3.74 46.75 -11.99
CA ALA A 367 -3.10 47.70 -11.08
C ALA A 367 -1.94 48.42 -11.75
N GLY A 368 -1.71 49.67 -11.32
CA GLY A 368 -0.69 50.51 -11.92
C GLY A 368 -1.19 51.69 -12.74
N VAL A 369 -2.25 52.36 -12.30
CA VAL A 369 -2.67 53.64 -12.89
C VAL A 369 -2.27 54.80 -12.00
N TYR A 370 -2.79 54.84 -10.77
CA TYR A 370 -2.34 55.74 -9.72
C TYR A 370 -1.79 54.87 -8.60
N SER A 371 -0.46 54.82 -8.48
CA SER A 371 0.22 53.84 -7.64
C SER A 371 0.28 54.24 -6.18
N GLY A 372 -0.55 55.20 -5.75
CA GLY A 372 -0.68 55.47 -4.33
C GLY A 372 -1.54 54.49 -3.57
N LEU A 373 -2.24 53.59 -4.28
CA LEU A 373 -3.03 52.58 -3.61
C LEU A 373 -2.16 51.59 -2.84
N ILE A 374 -0.91 51.40 -3.28
CA ILE A 374 0.02 50.53 -2.56
C ILE A 374 0.25 51.06 -1.16
N GLY A 375 0.49 52.37 -1.03
CA GLY A 375 0.74 52.96 0.27
C GLY A 375 -0.41 52.78 1.24
N GLY A 376 -1.65 52.72 0.71
CA GLY A 376 -2.78 52.40 1.57
C GLY A 376 -2.70 51.00 2.13
N ALA A 377 -2.40 50.03 1.27
CA ALA A 377 -2.24 48.66 1.74
C ALA A 377 -1.05 48.54 2.69
N THR A 378 0.02 49.30 2.41
CA THR A 378 1.16 49.33 3.32
C THR A 378 0.77 49.89 4.67
N SER A 379 -0.08 50.93 4.67
CA SER A 379 -0.50 51.55 5.92
C SER A 379 -1.28 50.57 6.80
N VAL A 380 -2.14 49.76 6.18
CA VAL A 380 -2.85 48.73 6.94
C VAL A 380 -1.87 47.75 7.55
N LEU A 381 -0.86 47.34 6.77
CA LEU A 381 0.13 46.38 7.26
C LEU A 381 0.92 46.96 8.42
N LEU A 382 1.36 48.22 8.30
CA LEU A 382 2.13 48.85 9.37
C LEU A 382 1.30 49.00 10.63
N SER A 383 0.11 49.60 10.51
CA SER A 383 -0.75 49.77 11.68
C SER A 383 -1.17 48.44 12.25
N ALA A 384 -1.26 47.40 11.41
CA ALA A 384 -1.49 46.06 11.96
C ALA A 384 -0.24 45.54 12.66
N TYR A 385 0.94 45.78 12.10
CA TYR A 385 2.16 45.17 12.63
C TYR A 385 2.44 45.64 14.05
N ASN A 386 2.30 46.93 14.30
CA ASN A 386 2.65 47.47 15.63
C ASN A 386 1.68 46.99 16.70
N ARG A 387 0.38 47.05 16.42
CA ARG A 387 -0.60 46.56 17.38
C ARG A 387 -0.61 45.05 17.47
N HIS A 388 -0.14 44.35 16.43
CA HIS A 388 -0.05 42.90 16.45
C HIS A 388 1.19 42.48 17.24
N PRO A 389 1.04 41.61 18.24
CA PRO A 389 2.22 41.06 18.92
C PRO A 389 3.12 40.38 17.89
N LEU A 390 4.31 40.93 17.72
CA LEU A 390 5.22 40.48 16.66
C LEU A 390 5.55 39.00 16.83
N PHE A 391 5.87 38.36 15.71
CA PHE A 391 6.18 36.93 15.58
C PHE A 391 4.97 36.04 15.83
N GLN A 392 3.86 36.62 16.23
CA GLN A 392 2.79 35.69 16.56
C GLN A 392 2.00 35.30 15.32
N PRO A 393 1.35 34.14 15.33
CA PRO A 393 0.40 33.82 14.26
C PRO A 393 -0.76 34.78 14.30
N LEU A 394 -0.96 35.51 13.21
CA LEU A 394 -2.04 36.49 13.15
C LEU A 394 -3.39 35.79 13.22
N HIS A 395 -4.25 36.27 14.12
CA HIS A 395 -5.57 35.67 14.23
C HIS A 395 -6.40 36.01 13.01
N THR A 396 -7.51 35.28 12.86
CA THR A 396 -8.27 35.32 11.61
C THR A 396 -8.84 36.71 11.33
N VAL A 397 -8.99 37.55 12.35
CA VAL A 397 -9.43 38.92 12.12
C VAL A 397 -8.40 39.67 11.29
N MET A 398 -7.17 39.75 11.79
CA MET A 398 -6.14 40.51 11.11
C MET A 398 -5.72 39.85 9.80
N ARG A 399 -5.68 38.51 9.78
CA ARG A 399 -5.25 37.80 8.58
C ARG A 399 -6.20 38.07 7.41
N GLU A 400 -7.51 38.01 7.67
CA GLU A 400 -8.48 38.33 6.62
C GLU A 400 -8.33 39.78 6.17
N THR A 401 -8.13 40.70 7.13
CA THR A 401 -7.92 42.10 6.78
C THR A 401 -6.72 42.26 5.87
N LEU A 402 -5.62 41.59 6.20
CA LEU A 402 -4.38 41.76 5.44
C LEU A 402 -4.43 41.06 4.08
N PHE A 403 -5.19 39.95 3.98
CA PHE A 403 -5.31 39.29 2.69
C PHE A 403 -5.95 40.20 1.67
N ILE A 404 -6.97 40.96 2.09
CA ILE A 404 -7.63 41.90 1.17
C ILE A 404 -6.64 42.96 0.70
N GLY A 405 -5.83 43.49 1.61
CA GLY A 405 -4.83 44.47 1.23
C GLY A 405 -3.66 43.89 0.46
N SER A 406 -3.45 42.58 0.56
CA SER A 406 -2.33 41.96 -0.14
C SER A 406 -2.53 41.95 -1.65
N HIS A 407 -3.80 41.90 -2.11
CA HIS A 407 -4.06 41.73 -3.53
C HIS A 407 -3.63 42.96 -4.34
N VAL A 408 -3.83 44.17 -3.77
CA VAL A 408 -3.38 45.37 -4.46
C VAL A 408 -1.87 45.30 -4.70
N VAL A 409 -1.13 44.91 -3.65
CA VAL A 409 0.32 44.80 -3.77
C VAL A 409 0.70 43.71 -4.76
N LEU A 410 -0.04 42.60 -4.76
CA LEU A 410 0.33 41.45 -5.57
C LEU A 410 0.32 41.75 -7.06
N ARG A 411 -0.61 42.60 -7.51
CA ARG A 411 -0.70 42.92 -8.93
C ARG A 411 0.33 43.95 -9.37
N GLU A 412 0.91 44.70 -8.44
CA GLU A 412 2.03 45.56 -8.80
C GLU A 412 3.29 44.74 -9.07
N LEU A 413 3.47 43.67 -8.30
CA LEU A 413 4.60 42.77 -8.50
C LEU A 413 4.52 42.04 -9.84
N ARG A 414 3.32 41.93 -10.41
CA ARG A 414 3.19 41.35 -11.75
C ARG A 414 3.89 42.22 -12.79
N LEU A 415 3.84 43.54 -12.61
CA LEU A 415 4.31 44.47 -13.63
C LEU A 415 5.83 44.43 -13.76
N ASN A 416 6.31 44.79 -14.96
CA ASN A 416 7.72 45.08 -15.15
C ASN A 416 8.08 46.48 -14.66
N VAL A 417 7.11 47.40 -14.64
CA VAL A 417 7.35 48.76 -14.19
C VAL A 417 7.30 48.81 -12.66
N THR A 418 8.18 49.62 -12.08
CA THR A 418 8.33 49.64 -10.63
C THR A 418 7.10 50.24 -9.95
N THR A 419 6.59 51.34 -10.48
CA THR A 419 5.45 52.07 -9.90
C THR A 419 5.74 52.45 -8.45
N GLN A 420 6.76 53.28 -8.24
CA GLN A 420 7.09 53.76 -6.91
C GLN A 420 7.45 52.67 -5.91
N GLY A 421 8.59 52.02 -6.11
CA GLY A 421 9.14 51.05 -5.19
C GLY A 421 9.00 51.30 -3.69
N PRO A 422 9.27 52.55 -3.19
CA PRO A 422 9.28 52.79 -1.73
C PRO A 422 8.17 52.12 -0.93
N ASN A 423 6.89 52.36 -1.26
CA ASN A 423 5.82 51.69 -0.54
C ASN A 423 5.90 50.18 -0.71
N LEU A 424 6.22 49.73 -1.94
CA LEU A 424 6.25 48.30 -2.23
C LEU A 424 7.31 47.59 -1.39
N ALA A 425 8.51 48.18 -1.28
CA ALA A 425 9.58 47.54 -0.51
C ALA A 425 9.24 47.50 0.98
N LEU A 426 8.58 48.53 1.49
CA LEU A 426 8.22 48.55 2.91
C LEU A 426 7.22 47.45 3.22
N TYR A 427 6.31 47.15 2.29
CA TYR A 427 5.36 46.07 2.49
C TYR A 427 6.09 44.73 2.61
N GLN A 428 7.02 44.45 1.69
CA GLN A 428 7.75 43.19 1.72
C GLN A 428 8.59 43.07 2.99
N LEU A 429 9.19 44.18 3.42
CA LEU A 429 9.97 44.16 4.66
C LEU A 429 9.07 43.82 5.85
N LEU A 430 7.91 44.47 5.94
CA LEU A 430 6.98 44.17 7.03
C LEU A 430 6.45 42.75 6.93
N SER A 431 6.24 42.25 5.70
CA SER A 431 5.87 40.85 5.53
C SER A 431 6.99 39.94 6.02
N THR A 432 8.25 40.28 5.70
CA THR A 432 9.38 39.47 6.12
C THR A 432 9.47 39.38 7.64
N ALA A 433 9.30 40.51 8.32
CA ALA A 433 9.30 40.47 9.77
C ALA A 433 8.16 39.61 10.31
N LEU A 434 7.01 39.63 9.62
CA LEU A 434 5.87 38.85 10.09
C LEU A 434 6.03 37.37 9.78
N CYS A 435 6.88 37.00 8.83
CA CYS A 435 7.15 35.59 8.60
C CYS A 435 8.11 35.10 9.67
N SER A 436 7.55 34.66 10.78
CA SER A 436 8.30 34.17 11.92
C SER A 436 8.17 32.66 12.01
N ALA A 437 8.74 32.08 13.06
CA ALA A 437 8.75 30.63 13.21
C ALA A 437 7.34 30.08 13.38
N LEU A 438 6.54 30.69 14.25
CA LEU A 438 5.20 30.18 14.50
C LEU A 438 4.17 30.69 13.51
N GLU A 439 4.47 31.78 12.80
CA GLU A 439 3.65 32.11 11.63
C GLU A 439 3.65 30.94 10.65
N ILE A 440 4.84 30.46 10.30
CA ILE A 440 4.95 29.23 9.53
C ILE A 440 4.32 28.06 10.30
N GLY A 441 4.53 28.03 11.62
CA GLY A 441 4.04 26.91 12.41
C GLY A 441 2.52 26.76 12.35
N GLU A 442 1.80 27.86 12.49
CA GLU A 442 0.34 27.82 12.41
C GLU A 442 -0.14 27.60 10.98
N VAL A 443 0.57 28.15 9.98
CA VAL A 443 0.14 27.97 8.59
C VAL A 443 0.24 26.50 8.20
N LEU A 444 1.32 25.83 8.58
CA LEU A 444 1.48 24.42 8.22
C LEU A 444 0.44 23.56 8.92
N ARG A 445 0.15 23.84 10.19
CA ARG A 445 -0.99 23.21 10.83
C ARG A 445 -2.28 23.54 10.09
N GLY A 446 -2.38 24.76 9.56
CA GLY A 446 -3.55 25.15 8.80
C GLY A 446 -3.65 24.43 7.46
N LEU A 447 -2.52 24.08 6.86
CA LEU A 447 -2.52 23.30 5.63
C LEU A 447 -2.64 21.80 5.90
N ALA A 448 -2.25 21.34 7.08
CA ALA A 448 -2.48 19.94 7.44
C ALA A 448 -3.96 19.66 7.68
N LEU A 449 -4.70 20.68 8.12
CA LEU A 449 -6.12 20.55 8.40
C LEU A 449 -7.00 21.27 7.38
N GLY A 450 -6.41 21.84 6.33
CA GLY A 450 -7.16 22.55 5.33
C GLY A 450 -7.89 23.78 5.82
N THR A 451 -7.50 24.33 6.97
CA THR A 451 -8.25 25.39 7.63
C THR A 451 -7.97 26.76 6.97
N GLU A 452 -8.48 27.83 7.59
CA GLU A 452 -8.48 29.15 6.96
C GLU A 452 -7.07 29.68 6.74
N SER A 453 -6.12 29.29 7.59
CA SER A 453 -4.75 29.77 7.46
C SER A 453 -4.05 29.21 6.23
N GLY A 454 -4.69 28.30 5.51
CA GLY A 454 -4.07 27.74 4.31
C GLY A 454 -4.03 28.68 3.14
N LEU A 455 -4.97 29.63 3.07
CA LEU A 455 -5.05 30.52 1.92
C LEU A 455 -3.89 31.51 1.89
N PHE A 456 -3.64 32.18 3.00
CA PHE A 456 -2.76 33.34 2.95
C PHE A 456 -1.96 33.46 4.23
N SER A 457 -0.75 34.03 4.07
CA SER A 457 0.18 34.43 5.10
C SER A 457 0.96 35.56 4.46
N PRO A 458 1.36 36.58 5.23
CA PRO A 458 2.20 37.64 4.66
C PRO A 458 3.52 37.10 4.16
N CYS A 459 3.94 35.93 4.64
CA CYS A 459 5.20 35.34 4.23
C CYS A 459 5.25 35.09 2.73
N TYR A 460 4.09 34.87 2.08
CA TYR A 460 4.08 34.61 0.65
C TYR A 460 4.83 35.69 -0.11
N LEU A 461 4.63 36.94 0.26
CA LEU A 461 5.22 38.08 -0.43
C LEU A 461 6.50 38.58 0.21
N SER A 462 6.99 37.89 1.25
CA SER A 462 8.14 38.38 2.00
C SER A 462 9.41 38.28 1.17
N LEU A 463 10.50 38.79 1.75
CA LEU A 463 11.83 38.70 1.15
C LEU A 463 12.62 37.52 1.69
N ARG A 464 11.93 36.43 2.01
CA ARG A 464 12.53 35.28 2.67
C ARG A 464 12.66 34.15 1.66
N PHE A 465 13.89 33.77 1.35
CA PHE A 465 14.15 32.71 0.39
C PHE A 465 14.95 31.55 0.96
N ASP A 466 15.22 31.56 2.26
CA ASP A 466 15.84 30.41 2.92
C ASP A 466 14.89 29.23 3.08
N LEU A 467 13.69 29.36 2.52
CA LEU A 467 12.62 28.39 2.73
C LEU A 467 12.74 27.26 1.73
N THR A 468 13.05 26.05 2.21
CA THR A 468 12.88 24.84 1.42
C THR A 468 12.20 23.75 2.24
N ARG A 469 12.16 22.56 1.67
CA ARG A 469 11.45 21.44 2.26
C ARG A 469 11.97 21.11 3.66
N ASP A 470 13.29 20.97 3.80
CA ASP A 470 13.89 20.56 5.06
C ASP A 470 13.63 21.59 6.16
N LYS A 471 13.76 22.87 5.84
CA LYS A 471 13.61 23.92 6.85
C LYS A 471 12.20 23.94 7.41
N LEU A 472 11.19 23.74 6.56
CA LEU A 472 9.80 23.75 7.03
C LEU A 472 9.52 22.60 8.00
N LEU A 473 10.07 21.42 7.72
CA LEU A 473 9.75 20.24 8.52
C LEU A 473 10.14 20.43 9.98
N SER A 474 11.19 21.21 10.25
CA SER A 474 11.62 21.43 11.62
C SER A 474 10.65 22.32 12.40
N MET A 475 9.96 23.22 11.70
CA MET A 475 9.10 24.20 12.34
C MET A 475 7.64 23.75 12.43
N ALA A 476 7.35 22.52 12.03
CA ALA A 476 5.98 22.06 11.94
C ALA A 476 5.38 21.82 13.33
N PRO A 477 4.05 21.78 13.42
CA PRO A 477 3.42 21.26 14.65
C PRO A 477 3.90 19.85 14.96
N GLN A 478 4.29 19.64 16.21
CA GLN A 478 5.00 18.44 16.63
C GLN A 478 4.08 17.27 16.94
N GLU A 479 2.77 17.44 16.80
CA GLU A 479 1.81 16.50 17.38
C GLU A 479 1.74 15.21 16.60
N ALA A 480 1.73 14.09 17.32
CA ALA A 480 1.49 12.79 16.70
C ALA A 480 0.03 12.61 16.31
N MET A 481 -0.87 13.45 16.86
CA MET A 481 -2.28 13.37 16.48
C MET A 481 -2.49 13.78 15.03
N LEU A 482 -1.62 14.62 14.49
CA LEU A 482 -1.76 15.08 13.11
C LEU A 482 -1.17 14.07 12.14
N ASP A 483 -1.88 13.86 11.04
CA ASP A 483 -1.37 13.06 9.93
C ASP A 483 -0.08 13.69 9.41
N GLN A 484 1.06 13.03 9.60
CA GLN A 484 2.33 13.56 9.16
C GLN A 484 2.63 13.24 7.70
N ALA A 485 1.62 12.80 6.95
CA ALA A 485 1.63 12.89 5.50
C ALA A 485 0.96 14.17 5.03
N ALA A 486 -0.13 14.55 5.69
CA ALA A 486 -0.71 15.88 5.48
C ALA A 486 0.25 16.97 5.94
N VAL A 487 1.07 16.69 6.95
CA VAL A 487 2.17 17.58 7.28
C VAL A 487 3.16 17.65 6.12
N SER A 488 3.54 16.49 5.58
CA SER A 488 4.39 16.47 4.40
C SER A 488 3.70 17.08 3.19
N ASN A 489 2.38 16.90 3.08
CA ASN A 489 1.61 17.59 2.06
C ASN A 489 1.67 19.10 2.25
N ALA A 490 1.54 19.55 3.49
CA ALA A 490 1.57 20.99 3.77
C ALA A 490 2.92 21.60 3.40
N VAL A 491 4.02 20.91 3.72
CA VAL A 491 5.34 21.40 3.37
C VAL A 491 5.48 21.54 1.85
N ASP A 492 5.01 20.53 1.11
CA ASP A 492 5.07 20.60 -0.34
C ASP A 492 4.25 21.77 -0.88
N GLY A 493 3.02 21.92 -0.40
CA GLY A 493 2.16 22.97 -0.90
C GLY A 493 2.65 24.36 -0.56
N PHE A 494 3.11 24.56 0.67
CA PHE A 494 3.63 25.86 1.09
C PHE A 494 4.80 26.29 0.21
N LEU A 495 5.76 25.38 0.00
CA LEU A 495 6.91 25.68 -0.85
C LEU A 495 6.51 25.88 -2.30
N GLY A 496 5.37 25.31 -2.72
CA GLY A 496 4.87 25.57 -4.06
C GLY A 496 4.32 26.96 -4.23
N ARG A 497 3.92 27.61 -3.13
CA ARG A 497 3.39 28.97 -3.20
C ARG A 497 4.50 30.01 -3.36
N LEU A 498 5.67 29.78 -2.75
CA LEU A 498 6.76 30.73 -2.82
C LEU A 498 8.02 30.11 -3.43
N SER A 499 7.86 29.39 -4.53
CA SER A 499 9.01 29.09 -5.37
C SER A 499 9.51 30.38 -5.99
N LEU A 500 10.77 30.72 -5.74
CA LEU A 500 11.26 32.04 -6.13
C LEU A 500 11.26 32.24 -7.65
N GLU A 501 11.42 31.17 -8.42
CA GLU A 501 11.41 31.23 -9.87
C GLU A 501 10.19 30.51 -10.42
N ARG A 502 9.67 31.03 -11.54
CA ARG A 502 8.39 30.63 -12.13
C ARG A 502 7.20 30.94 -11.23
N GLU A 503 7.33 31.93 -10.36
CA GLU A 503 6.24 32.49 -9.59
C GLU A 503 6.01 33.96 -9.89
N ASP A 504 7.10 34.72 -10.06
CA ASP A 504 7.11 36.13 -10.44
C ASP A 504 6.51 37.01 -9.35
N ARG A 505 5.96 36.40 -8.30
CA ARG A 505 5.43 37.15 -7.16
C ARG A 505 6.31 36.96 -5.92
N ASP A 506 7.63 36.92 -6.15
CA ASP A 506 8.61 37.01 -5.08
C ASP A 506 9.68 38.07 -5.32
N ALA A 507 10.06 38.34 -6.56
CA ALA A 507 11.31 39.06 -6.80
C ALA A 507 11.30 39.75 -8.17
N TRP A 508 12.47 40.33 -8.52
CA TRP A 508 12.76 41.07 -9.76
C TRP A 508 12.21 42.49 -9.77
N HIS A 509 11.89 43.08 -8.62
CA HIS A 509 11.41 44.45 -8.55
C HIS A 509 12.30 45.39 -7.75
N LEU A 510 13.19 44.88 -6.90
CA LEU A 510 13.96 45.76 -6.03
C LEU A 510 15.04 46.51 -6.79
N PRO A 511 15.42 47.70 -6.31
CA PRO A 511 16.60 48.36 -6.89
C PRO A 511 17.89 47.65 -6.53
N ALA A 512 17.97 47.12 -5.30
CA ALA A 512 19.17 46.50 -4.79
C ALA A 512 19.32 45.05 -5.24
N TYR A 513 18.41 44.54 -6.05
CA TYR A 513 18.51 43.16 -6.52
C TYR A 513 19.65 43.01 -7.53
N LYS A 514 19.99 44.09 -8.24
CA LYS A 514 21.02 44.01 -9.28
C LYS A 514 22.39 43.66 -8.71
N CYS A 515 22.60 43.83 -7.40
CA CYS A 515 23.93 43.69 -6.81
C CYS A 515 24.22 42.26 -6.35
N VAL A 516 23.59 41.26 -6.96
CA VAL A 516 23.80 39.86 -6.59
C VAL A 516 24.32 39.11 -7.82
N ASP A 517 25.37 38.32 -7.62
CA ASP A 517 25.90 37.47 -8.68
C ASP A 517 25.06 36.21 -8.83
N ARG A 518 24.94 35.44 -7.76
CA ARG A 518 24.13 34.21 -7.75
C ARG A 518 22.89 34.45 -6.89
N LEU A 519 21.72 34.44 -7.55
CA LEU A 519 20.47 34.80 -6.91
C LEU A 519 19.85 33.65 -6.13
N ASP A 520 20.17 32.41 -6.49
CA ASP A 520 19.62 31.27 -5.78
C ASP A 520 20.24 31.09 -4.40
N LYS A 521 21.42 31.66 -4.16
CA LYS A 521 22.08 31.52 -2.87
C LYS A 521 21.72 32.63 -1.90
N VAL A 522 20.84 33.55 -2.29
CA VAL A 522 20.40 34.61 -1.39
C VAL A 522 19.30 34.08 -0.47
N LEU A 523 19.49 34.24 0.83
CA LEU A 523 18.54 33.76 1.81
C LEU A 523 17.46 34.78 2.16
N MET A 524 17.82 36.06 2.17
CA MET A 524 16.90 37.09 2.64
C MET A 524 17.49 38.44 2.29
N ILE A 525 16.61 39.41 2.06
CA ILE A 525 17.01 40.80 1.84
C ILE A 525 16.26 41.68 2.83
N ILE A 526 16.98 42.55 3.53
CA ILE A 526 16.35 43.53 4.40
C ILE A 526 16.51 44.89 3.73
N PRO A 527 15.48 45.39 3.07
CA PRO A 527 15.53 46.77 2.59
C PRO A 527 15.16 47.76 3.68
N LEU A 528 16.15 48.40 4.27
CA LEU A 528 15.86 49.49 5.19
C LEU A 528 15.75 50.78 4.38
N ILE A 529 15.67 51.92 5.06
CA ILE A 529 15.76 53.22 4.40
C ILE A 529 17.19 53.72 4.56
N ASN A 530 17.78 54.17 3.47
CA ASN A 530 19.18 54.57 3.26
C ASN A 530 20.10 53.35 3.08
N VAL A 531 19.60 52.12 3.20
CA VAL A 531 20.43 50.92 3.02
C VAL A 531 19.54 49.70 2.87
N THR A 532 20.00 48.72 2.09
CA THR A 532 19.39 47.40 2.05
C THR A 532 20.47 46.34 2.21
N PHE A 533 20.15 45.28 2.95
CA PHE A 533 21.09 44.21 3.26
C PHE A 533 20.77 42.96 2.46
N ILE A 534 21.82 42.30 1.98
CA ILE A 534 21.69 41.06 1.23
C ILE A 534 22.21 39.94 2.13
N ILE A 535 21.30 39.15 2.68
CA ILE A 535 21.67 37.98 3.48
C ILE A 535 21.72 36.77 2.55
N SER A 536 22.91 36.20 2.38
CA SER A 536 23.10 35.11 1.44
C SER A 536 24.28 34.25 1.90
N SER A 537 24.30 33.02 1.41
CA SER A 537 25.49 32.19 1.47
C SER A 537 26.41 32.42 0.28
N ASP A 538 26.16 33.49 -0.48
CA ASP A 538 26.96 33.84 -1.64
C ASP A 538 28.07 34.79 -1.21
N ARG A 539 29.32 34.40 -1.47
CA ARG A 539 30.45 35.24 -1.12
C ARG A 539 30.54 36.44 -2.06
N GLU A 540 30.22 36.24 -3.34
CA GLU A 540 30.39 37.28 -4.36
C GLU A 540 29.09 38.08 -4.51
N VAL A 541 28.81 38.90 -3.49
CA VAL A 541 27.73 39.88 -3.54
C VAL A 541 28.38 41.26 -3.61
N ARG A 542 28.02 42.03 -4.63
CA ARG A 542 28.64 43.32 -4.89
C ARG A 542 27.98 44.39 -4.02
N GLY A 543 28.27 44.32 -2.72
CA GLY A 543 27.78 45.27 -1.75
C GLY A 543 28.89 46.18 -1.23
N SER A 544 28.51 47.03 -0.27
CA SER A 544 29.43 48.02 0.26
C SER A 544 30.49 47.41 1.17
N ALA A 545 30.15 46.35 1.88
CA ALA A 545 31.11 45.61 2.68
C ALA A 545 30.64 44.15 2.72
N LEU A 546 31.25 43.36 3.60
CA LEU A 546 30.87 41.96 3.73
C LEU A 546 31.10 41.54 5.17
N TYR A 547 30.03 41.10 5.84
CA TYR A 547 30.12 40.46 7.14
C TYR A 547 29.93 38.96 6.98
N GLU A 548 30.64 38.18 7.79
CA GLU A 548 30.41 36.75 7.89
C GLU A 548 30.28 36.39 9.36
N ALA A 549 29.06 36.05 9.77
CA ALA A 549 28.83 35.60 11.14
C ALA A 549 29.66 34.35 11.40
N SER A 550 29.87 34.06 12.67
CA SER A 550 30.48 32.78 13.01
C SER A 550 29.41 31.71 12.80
N THR A 551 29.31 31.19 11.58
CA THR A 551 28.10 30.45 11.27
C THR A 551 28.16 29.07 11.90
N THR A 552 28.94 28.18 11.29
CA THR A 552 29.36 26.88 11.80
C THR A 552 30.09 26.18 10.67
N TYR A 553 30.71 25.04 10.95
CA TYR A 553 31.08 24.13 9.87
C TYR A 553 29.91 23.16 9.60
N LEU A 554 28.70 23.74 9.54
CA LEU A 554 27.54 23.00 9.07
C LEU A 554 26.88 23.65 7.87
N SER A 555 26.39 24.87 8.07
CA SER A 555 25.71 25.60 7.02
C SER A 555 26.75 26.23 6.10
N SER A 556 26.42 26.27 4.79
CA SER A 556 27.39 26.65 3.78
C SER A 556 28.20 27.89 4.20
N SER A 557 27.50 28.99 4.41
CA SER A 557 28.09 30.20 5.00
C SER A 557 26.94 31.14 5.34
N LEU A 558 27.30 32.29 5.92
CA LEU A 558 26.30 33.29 6.28
C LEU A 558 26.93 34.67 6.08
N PHE A 559 26.58 35.32 4.98
CA PHE A 559 27.13 36.62 4.63
C PHE A 559 26.04 37.68 4.68
N LEU A 560 26.42 38.89 5.12
CA LEU A 560 25.57 40.06 5.08
C LEU A 560 26.29 41.15 4.29
N SER A 561 25.75 41.48 3.13
CA SER A 561 26.31 42.55 2.31
C SER A 561 25.37 43.77 2.37
N PRO A 562 25.75 44.84 3.06
CA PRO A 562 24.93 46.05 3.01
C PRO A 562 25.12 46.78 1.70
N VAL A 563 24.02 47.25 1.12
CA VAL A 563 24.04 48.04 -0.09
C VAL A 563 23.59 49.44 0.26
N ILE A 564 24.48 50.41 0.10
CA ILE A 564 24.22 51.78 0.52
C ILE A 564 23.46 52.51 -0.57
N MET A 565 22.26 52.99 -0.24
CA MET A 565 21.38 53.74 -1.14
C MET A 565 21.11 52.99 -2.43
N ASN A 566 21.12 51.66 -2.36
CA ASN A 566 20.77 50.80 -3.49
C ASN A 566 21.60 51.13 -4.74
N LYS A 567 22.89 51.39 -4.55
CA LYS A 567 23.84 51.54 -5.65
C LYS A 567 25.01 50.60 -5.39
N CYS A 568 25.22 49.67 -6.32
CA CYS A 568 26.06 48.51 -6.07
C CYS A 568 27.54 48.90 -6.07
N SER A 569 28.39 47.89 -6.00
CA SER A 569 29.83 48.03 -6.09
C SER A 569 30.33 47.47 -7.41
N GLN A 570 31.49 47.95 -7.84
CA GLN A 570 32.06 47.53 -9.11
C GLN A 570 32.34 46.04 -9.12
N GLY A 571 33.02 45.55 -8.09
CA GLY A 571 33.18 44.13 -7.89
C GLY A 571 33.10 43.83 -6.41
N ALA A 572 32.81 42.56 -6.10
CA ALA A 572 32.72 42.14 -4.71
C ALA A 572 34.01 42.46 -3.99
N VAL A 573 33.91 43.14 -2.85
CA VAL A 573 35.09 43.50 -2.08
C VAL A 573 35.84 42.23 -1.69
N ALA A 574 37.15 42.26 -1.86
CA ALA A 574 37.99 41.09 -1.68
C ALA A 574 38.66 41.12 -0.30
N GLY A 575 39.21 39.98 0.07
CA GLY A 575 39.80 39.83 1.39
C GLY A 575 38.83 39.28 2.40
N GLU A 576 39.29 39.26 3.66
CA GLU A 576 38.48 38.71 4.73
C GLU A 576 37.26 39.59 4.98
N PRO A 577 36.07 39.01 5.17
CA PRO A 577 34.91 39.80 5.55
C PRO A 577 35.02 40.28 6.98
N ARG A 578 34.21 41.30 7.30
CA ARG A 578 34.25 41.89 8.64
C ARG A 578 33.66 40.96 9.68
N GLN A 579 34.30 40.90 10.84
CA GLN A 579 33.72 40.20 11.98
C GLN A 579 32.55 41.01 12.53
N ILE A 580 31.63 40.31 13.19
CA ILE A 580 30.42 40.93 13.73
C ILE A 580 30.73 41.37 15.15
N PRO A 581 30.75 42.68 15.43
CA PRO A 581 31.07 43.13 16.80
C PRO A 581 30.02 42.70 17.80
N LYS A 582 30.48 42.22 18.96
CA LYS A 582 29.63 41.80 20.06
C LYS A 582 29.40 42.97 21.00
N ILE A 583 28.22 42.99 21.61
CA ILE A 583 27.76 44.16 22.37
C ILE A 583 27.10 43.72 23.67
N GLN A 584 27.65 44.17 24.80
CA GLN A 584 26.99 44.07 26.09
C GLN A 584 26.73 45.42 26.74
N ASN A 585 27.50 46.46 26.39
CA ASN A 585 27.31 47.79 26.97
C ASN A 585 26.08 48.44 26.31
N PHE A 586 24.92 47.90 26.66
CA PHE A 586 23.64 48.40 26.16
C PHE A 586 22.56 47.98 27.15
N THR A 587 21.84 48.96 27.69
CA THR A 587 20.89 48.73 28.76
C THR A 587 19.54 48.29 28.20
N ARG A 588 18.82 47.47 28.99
CA ARG A 588 17.71 46.70 28.43
C ARG A 588 16.50 47.57 28.12
N THR A 589 16.16 48.52 29.00
CA THR A 589 15.03 49.39 28.78
C THR A 589 15.49 50.68 28.13
N GLN A 590 14.77 51.10 27.08
CA GLN A 590 15.06 52.35 26.40
C GLN A 590 13.78 53.16 26.29
N LYS A 591 13.86 54.44 26.63
CA LYS A 591 12.73 55.35 26.55
C LYS A 591 12.81 56.25 25.32
N SER A 592 13.73 55.97 24.40
CA SER A 592 13.72 56.53 23.06
C SER A 592 13.87 55.38 22.07
N CYS A 593 13.72 55.70 20.78
CA CYS A 593 13.60 54.67 19.74
C CYS A 593 14.94 54.31 19.11
N ILE A 594 15.99 54.19 19.92
CA ILE A 594 17.38 54.02 19.49
C ILE A 594 17.53 52.98 18.39
N PHE A 595 16.54 52.08 18.26
CA PHE A 595 16.58 51.08 17.20
C PHE A 595 15.61 51.38 16.05
N CYS A 596 14.99 52.55 16.02
CA CYS A 596 14.08 52.90 14.93
C CYS A 596 14.79 52.79 13.59
N GLY A 597 14.08 52.21 12.60
CA GLY A 597 14.64 52.04 11.28
C GLY A 597 15.63 50.89 11.15
N PHE A 598 15.91 50.17 12.22
CA PHE A 598 16.85 49.06 12.21
C PHE A 598 16.13 47.74 12.07
N ALA A 599 16.90 46.70 11.73
CA ALA A 599 16.40 45.34 11.62
C ALA A 599 17.03 44.48 12.70
N LEU A 600 16.31 43.43 13.10
CA LEU A 600 16.74 42.55 14.18
C LEU A 600 16.62 41.11 13.70
N LEU A 601 17.76 40.47 13.44
CA LEU A 601 17.80 39.13 12.87
C LEU A 601 18.10 38.10 13.96
N SER A 602 17.29 37.04 13.99
CA SER A 602 17.48 35.92 14.90
C SER A 602 17.83 34.69 14.07
N TYR A 603 19.00 34.11 14.32
CA TYR A 603 19.43 32.95 13.53
C TYR A 603 20.00 31.86 14.42
N ASP A 604 19.60 30.62 14.12
CA ASP A 604 20.18 29.43 14.73
C ASP A 604 21.30 28.93 13.82
N GLU A 605 22.42 28.56 14.43
CA GLU A 605 23.63 28.27 13.66
C GLU A 605 23.42 27.12 12.69
N LYS A 606 22.75 26.06 13.13
CA LYS A 606 22.52 24.90 12.27
C LYS A 606 21.29 25.09 11.38
N GLU A 607 20.17 25.52 11.96
CA GLU A 607 18.93 25.62 11.21
C GLU A 607 19.00 26.68 10.11
N GLY A 608 19.43 27.88 10.48
CA GLY A 608 19.32 29.03 9.60
C GLY A 608 18.63 30.17 10.30
N LEU A 609 18.00 31.06 9.54
CA LEU A 609 17.34 32.22 10.10
C LEU A 609 16.01 31.81 10.73
N GLU A 610 15.68 32.46 11.85
CA GLU A 610 14.47 32.15 12.60
C GLU A 610 13.41 33.22 12.49
N THR A 611 13.73 34.47 12.87
CA THR A 611 12.80 35.57 12.80
C THR A 611 13.54 36.82 12.32
N THR A 612 12.78 37.74 11.74
CA THR A 612 13.24 39.08 11.47
C THR A 612 12.28 40.05 12.14
N THR A 613 12.82 41.16 12.64
CA THR A 613 12.01 42.21 13.24
C THR A 613 12.44 43.55 12.69
N TYR A 614 11.46 44.40 12.38
CA TYR A 614 11.70 45.76 11.94
C TYR A 614 11.26 46.67 13.07
N ILE A 615 12.21 47.38 13.67
CA ILE A 615 11.89 48.32 14.75
C ILE A 615 11.30 49.57 14.10
N THR A 616 9.98 49.66 14.10
CA THR A 616 9.28 50.73 13.40
C THR A 616 8.82 51.85 14.31
N SER A 617 8.54 51.55 15.58
CA SER A 617 8.03 52.54 16.50
C SER A 617 8.56 52.23 17.89
N GLN A 618 8.21 53.09 18.85
CA GLN A 618 8.63 52.88 20.22
C GLN A 618 7.96 51.66 20.83
N GLU A 619 6.67 51.47 20.56
CA GLU A 619 5.94 50.33 21.09
C GLU A 619 6.45 49.01 20.54
N VAL A 620 7.07 49.03 19.36
CA VAL A 620 7.71 47.85 18.82
C VAL A 620 8.96 47.52 19.62
N GLN A 621 9.84 48.51 19.80
CA GLN A 621 11.09 48.27 20.50
C GLN A 621 10.86 47.89 21.95
N ASN A 622 9.94 48.57 22.63
CA ASN A 622 9.62 48.23 24.01
C ASN A 622 8.96 46.85 24.09
N SER A 623 8.25 46.43 23.04
CA SER A 623 7.72 45.08 23.00
C SER A 623 8.81 44.03 22.85
N ILE A 624 9.97 44.41 22.31
CA ILE A 624 11.09 43.47 22.15
C ILE A 624 11.83 43.30 23.45
N LEU A 625 12.31 44.41 24.02
CA LEU A 625 13.17 44.36 25.21
C LEU A 625 12.41 43.82 26.42
N SER A 626 11.17 44.27 26.63
CA SER A 626 10.43 43.87 27.82
C SER A 626 10.03 42.40 27.78
N SER A 627 9.81 41.86 26.57
CA SER A 627 9.38 40.47 26.44
C SER A 627 10.57 39.53 26.66
N ASN A 628 10.32 38.24 26.50
CA ASN A 628 11.33 37.19 26.65
C ASN A 628 12.14 36.99 25.37
N TYR A 629 12.16 37.98 24.49
CA TYR A 629 12.74 37.80 23.16
C TYR A 629 14.22 37.46 23.24
N PHE A 630 14.97 38.19 24.06
CA PHE A 630 16.42 38.01 24.13
C PHE A 630 16.76 36.87 25.08
N ASP A 631 17.18 35.74 24.51
CA ASP A 631 17.59 34.55 25.27
C ASP A 631 19.03 34.23 24.86
N PHE A 632 19.99 34.84 25.56
CA PHE A 632 21.40 34.55 25.29
C PHE A 632 21.84 33.24 25.91
N ASP A 633 21.10 32.70 26.88
CA ASP A 633 21.48 31.43 27.49
C ASP A 633 21.46 30.29 26.49
N ASN A 634 20.78 30.47 25.36
CA ASN A 634 20.96 29.60 24.20
C ASN A 634 22.11 30.17 23.38
N LEU A 635 23.26 29.50 23.43
CA LEU A 635 24.40 29.91 22.61
C LEU A 635 24.22 29.54 21.16
N HIS A 636 23.39 28.53 20.86
CA HIS A 636 23.07 28.16 19.48
C HIS A 636 22.31 29.24 18.75
N VAL A 637 21.89 30.30 19.44
CA VAL A 637 21.09 31.38 18.87
C VAL A 637 21.81 32.71 19.11
N HIS A 638 21.94 33.50 18.05
CA HIS A 638 22.53 34.83 18.12
C HIS A 638 21.52 35.85 17.64
N TYR A 639 21.83 37.12 17.88
CA TYR A 639 20.93 38.22 17.56
C TYR A 639 21.70 39.28 16.79
N LEU A 640 21.34 39.47 15.52
CA LEU A 640 21.97 40.45 14.67
C LEU A 640 21.16 41.74 14.61
N LEU A 641 21.85 42.86 14.72
CA LEU A 641 21.25 44.18 14.55
C LEU A 641 21.76 44.77 13.26
N LEU A 642 20.86 44.99 12.30
CA LEU A 642 21.20 45.57 11.02
C LEU A 642 20.80 47.03 11.04
N THR A 643 21.80 47.91 11.03
CA THR A 643 21.58 49.34 11.20
C THR A 643 21.47 50.05 9.86
N THR A 644 20.78 51.19 9.86
CA THR A 644 20.84 52.10 8.73
C THR A 644 22.25 52.63 8.52
N ASN A 645 23.07 52.61 9.57
CA ASN A 645 24.49 52.93 9.44
C ASN A 645 25.16 52.10 8.35
N GLY A 646 24.61 50.93 8.03
CA GLY A 646 25.27 49.97 7.19
C GLY A 646 26.08 48.94 7.94
N THR A 647 25.92 48.85 9.25
CA THR A 647 26.71 47.98 10.11
C THR A 647 25.90 46.76 10.52
N VAL A 648 26.59 45.66 10.79
CA VAL A 648 26.01 44.45 11.36
C VAL A 648 26.58 44.26 12.75
N MET A 649 25.71 44.02 13.72
CA MET A 649 26.13 43.92 15.11
C MET A 649 25.40 42.78 15.80
N GLU A 650 26.11 42.06 16.67
CA GLU A 650 25.52 40.99 17.46
C GLU A 650 25.25 41.49 18.88
N ILE A 651 24.15 41.02 19.45
CA ILE A 651 23.74 41.37 20.80
C ILE A 651 24.03 40.17 21.68
N ALA A 652 24.87 40.37 22.70
CA ALA A 652 25.33 39.29 23.55
C ALA A 652 24.87 39.39 25.01
N GLY A 653 24.49 40.58 25.46
CA GLY A 653 24.04 40.73 26.84
C GLY A 653 23.49 42.11 27.15
N LEU A 654 22.58 42.17 28.11
CA LEU A 654 21.91 43.41 28.50
C LEU A 654 21.90 43.51 30.02
N TYR A 655 21.76 44.74 30.51
CA TYR A 655 21.62 44.96 31.94
C TYR A 655 20.15 44.92 32.32
N ALA B 2 -63.16 10.21 -41.13
CA ALA B 2 -63.43 10.13 -39.70
C ALA B 2 -62.18 10.44 -38.89
N TYR B 3 -62.03 9.78 -37.74
CA TYR B 3 -60.85 9.86 -36.90
C TYR B 3 -60.55 11.28 -36.42
N PRO B 4 -61.30 11.83 -35.46
CA PRO B 4 -60.82 13.05 -34.79
C PRO B 4 -59.43 12.86 -34.18
N CYS B 5 -59.10 11.63 -33.78
CA CYS B 5 -57.73 11.24 -33.43
C CYS B 5 -57.05 10.76 -34.70
N CYS B 6 -56.23 11.62 -35.30
CA CYS B 6 -55.56 11.31 -36.55
C CYS B 6 -54.18 10.72 -36.26
N HIS B 7 -53.35 10.58 -37.29
CA HIS B 7 -52.02 9.99 -37.16
C HIS B 7 -51.00 10.89 -37.85
N VAL B 8 -49.86 11.12 -37.21
CA VAL B 8 -48.88 12.10 -37.65
C VAL B 8 -47.74 11.41 -38.39
N THR B 9 -47.25 12.07 -39.44
CA THR B 9 -46.06 11.64 -40.18
C THR B 9 -45.34 12.90 -40.69
N GLN B 10 -44.01 12.91 -40.55
CA GLN B 10 -43.23 14.08 -40.98
C GLN B 10 -42.62 13.87 -42.36
N LEU B 17 -46.18 22.52 -45.75
CA LEU B 17 -47.03 23.57 -45.22
C LEU B 17 -46.46 24.13 -43.91
N ALA B 18 -46.50 25.47 -43.77
CA ALA B 18 -45.94 26.14 -42.60
C ALA B 18 -46.98 27.03 -41.91
N LEU B 19 -46.53 27.88 -40.97
CA LEU B 19 -47.43 28.51 -40.01
C LEU B 19 -48.28 29.63 -40.60
N GLU B 20 -47.76 30.39 -41.57
CA GLU B 20 -48.48 31.57 -42.02
C GLU B 20 -49.82 31.22 -42.67
N ASN B 21 -49.87 30.12 -43.42
CA ASN B 21 -51.10 29.65 -44.05
C ASN B 21 -52.02 28.90 -43.11
N ILE B 22 -51.76 28.95 -41.81
CA ILE B 22 -52.55 28.24 -40.81
C ILE B 22 -53.39 29.25 -40.04
N SER B 23 -54.63 28.88 -39.74
CA SER B 23 -55.58 29.75 -39.05
C SER B 23 -56.06 29.19 -37.71
N ASP B 24 -56.47 27.92 -37.67
CA ASP B 24 -57.05 27.33 -36.48
C ASP B 24 -56.34 26.04 -36.14
N ILE B 25 -56.30 25.72 -34.84
CA ILE B 25 -55.65 24.51 -34.34
C ILE B 25 -56.53 23.92 -33.24
N TYR B 26 -56.81 22.61 -33.33
CA TYR B 26 -57.65 21.91 -32.39
C TYR B 26 -56.84 20.88 -31.62
N LEU B 27 -57.07 20.81 -30.32
CA LEU B 27 -56.34 19.91 -29.42
C LEU B 27 -57.32 18.92 -28.79
N VAL B 28 -56.86 17.70 -28.61
CA VAL B 28 -57.68 16.64 -28.03
C VAL B 28 -57.55 16.69 -26.52
N SER B 29 -58.51 16.08 -25.83
CA SER B 29 -58.45 15.95 -24.38
C SER B 29 -57.48 14.82 -24.01
N ASN B 30 -57.21 14.65 -22.71
CA ASN B 30 -56.25 13.63 -22.30
C ASN B 30 -56.85 12.23 -22.29
N GLN B 31 -58.18 12.11 -22.43
CA GLN B 31 -58.85 10.82 -22.58
C GLN B 31 -59.42 10.60 -23.98
N THR B 32 -59.35 11.60 -24.86
CA THR B 32 -59.97 11.49 -26.17
C THR B 32 -59.29 10.43 -27.04
N CYS B 33 -57.96 10.36 -27.00
CA CYS B 33 -57.20 9.49 -27.88
C CYS B 33 -56.31 8.54 -27.08
N ASP B 34 -56.81 8.07 -25.94
CA ASP B 34 -56.16 7.01 -25.16
C ASP B 34 -54.73 7.38 -24.75
N GLY B 35 -54.48 8.65 -24.48
CA GLY B 35 -53.19 9.13 -24.03
C GLY B 35 -52.43 9.92 -25.07
N PHE B 36 -52.70 9.68 -26.35
CA PHE B 36 -52.00 10.42 -27.40
C PHE B 36 -52.36 11.90 -27.31
N SER B 37 -51.37 12.76 -27.51
CA SER B 37 -51.61 14.18 -27.70
C SER B 37 -51.53 14.45 -29.19
N LEU B 38 -52.68 14.69 -29.81
CA LEU B 38 -52.78 14.89 -31.24
C LEU B 38 -53.55 16.17 -31.53
N ALA B 39 -53.22 16.79 -32.66
CA ALA B 39 -53.80 18.07 -33.03
C ALA B 39 -54.17 18.07 -34.50
N SER B 40 -54.95 19.08 -34.89
CA SER B 40 -55.34 19.28 -36.29
C SER B 40 -55.03 20.72 -36.67
N LEU B 41 -54.18 20.90 -37.68
CA LEU B 41 -53.88 22.20 -38.26
C LEU B 41 -54.65 22.33 -39.57
N ASN B 42 -55.19 23.52 -39.81
CA ASN B 42 -56.09 23.70 -40.94
C ASN B 42 -56.04 25.13 -41.45
N SER B 43 -56.54 25.32 -42.66
CA SER B 43 -56.62 26.59 -43.36
C SER B 43 -58.08 26.98 -43.59
N PRO B 44 -58.42 28.27 -43.49
CA PRO B 44 -59.82 28.71 -43.54
C PRO B 44 -60.36 28.78 -44.97
N ILE B 53 -59.84 21.04 -44.80
CA ILE B 53 -58.43 20.92 -45.14
C ILE B 53 -57.60 20.78 -43.86
N SER B 54 -57.59 19.58 -43.28
CA SER B 54 -56.99 19.33 -41.99
C SER B 54 -55.79 18.41 -42.13
N ARG B 55 -54.65 18.86 -41.61
CA ARG B 55 -53.45 18.05 -41.47
C ARG B 55 -53.26 17.69 -39.99
N CYS B 56 -52.55 16.60 -39.75
CA CYS B 56 -52.34 16.07 -38.41
C CYS B 56 -50.99 16.51 -37.86
N ALA B 57 -50.97 16.88 -36.58
CA ALA B 57 -49.78 17.42 -35.94
C ALA B 57 -49.51 16.72 -34.61
N ASN B 58 -48.23 16.71 -34.24
CA ASN B 58 -47.81 16.22 -32.93
C ASN B 58 -48.34 17.18 -31.87
N GLY B 59 -49.31 16.72 -31.07
CA GLY B 59 -49.88 17.57 -30.06
C GLY B 59 -48.84 18.13 -29.09
N LEU B 60 -48.01 17.26 -28.53
CA LEU B 60 -47.06 17.68 -27.50
C LEU B 60 -46.09 18.73 -28.04
N ASN B 61 -45.55 18.50 -29.23
CA ASN B 61 -44.72 19.53 -29.86
C ASN B 61 -45.50 20.82 -30.05
N VAL B 62 -46.76 20.71 -30.48
CA VAL B 62 -47.57 21.89 -30.76
C VAL B 62 -47.89 22.64 -29.48
N VAL B 63 -48.30 21.92 -28.43
CA VAL B 63 -48.69 22.58 -27.19
C VAL B 63 -47.52 23.36 -26.62
N SER B 64 -46.34 22.75 -26.60
CA SER B 64 -45.16 23.41 -26.04
C SER B 64 -44.80 24.66 -26.82
N PHE B 65 -44.97 24.63 -28.14
CA PHE B 65 -44.71 25.81 -28.97
C PHE B 65 -45.50 27.01 -28.45
N PHE B 66 -46.82 26.87 -28.36
CA PHE B 66 -47.64 27.96 -27.85
C PHE B 66 -47.24 28.34 -26.44
N ILE B 67 -46.97 27.33 -25.60
CA ILE B 67 -46.54 27.61 -24.23
C ILE B 67 -45.26 28.42 -24.24
N SER B 68 -44.31 28.07 -25.12
CA SER B 68 -43.09 28.86 -25.22
C SER B 68 -43.35 30.22 -25.86
N ILE B 69 -44.33 30.30 -26.77
CA ILE B 69 -44.69 31.59 -27.36
C ILE B 69 -45.25 32.51 -26.28
N LEU B 70 -46.15 32.00 -25.45
CA LEU B 70 -46.71 32.81 -24.38
C LEU B 70 -45.68 33.10 -23.30
N LYS B 71 -44.81 32.12 -22.98
CA LYS B 71 -43.75 32.36 -22.01
C LYS B 71 -42.77 33.42 -22.50
N ARG B 72 -42.39 33.36 -23.78
CA ARG B 72 -41.55 34.41 -24.35
C ARG B 72 -42.24 35.77 -24.31
N SER B 73 -43.57 35.79 -24.37
CA SER B 73 -44.34 37.02 -24.28
C SER B 73 -44.82 37.23 -22.85
N SER B 74 -43.86 37.57 -21.98
CA SER B 74 -44.21 37.99 -20.63
C SER B 74 -45.05 39.26 -20.65
N SER B 75 -45.00 40.02 -21.74
CA SER B 75 -45.77 41.25 -21.90
C SER B 75 -47.13 41.01 -22.56
N ALA B 76 -47.59 39.77 -22.60
CA ALA B 76 -48.95 39.47 -23.04
C ALA B 76 -49.87 39.44 -21.81
N LEU B 77 -50.06 40.61 -21.23
CA LEU B 77 -50.71 40.75 -19.93
C LEU B 77 -52.23 40.77 -20.01
N THR B 78 -52.81 40.18 -21.05
CA THR B 78 -54.26 40.02 -21.14
C THR B 78 -54.74 38.94 -20.19
N SER B 79 -55.84 39.21 -19.48
CA SER B 79 -56.47 38.17 -18.68
C SER B 79 -57.00 37.02 -19.51
N HIS B 80 -57.25 37.27 -20.81
CA HIS B 80 -57.67 36.22 -21.73
C HIS B 80 -56.48 35.37 -22.18
N LEU B 81 -55.37 36.02 -22.58
CA LEU B 81 -54.22 35.28 -23.07
C LEU B 81 -53.47 34.59 -21.93
N ARG B 82 -53.25 35.28 -20.83
CA ARG B 82 -52.51 34.70 -19.71
C ARG B 82 -53.28 33.55 -19.06
N GLU B 83 -54.60 33.49 -19.24
CA GLU B 83 -55.35 32.32 -18.80
C GLU B 83 -55.19 31.16 -19.76
N LEU B 84 -55.01 31.45 -21.06
CA LEU B 84 -54.75 30.38 -22.02
C LEU B 84 -53.44 29.67 -21.71
N LEU B 85 -52.40 30.43 -21.36
CA LEU B 85 -51.10 29.82 -21.07
C LEU B 85 -51.19 28.87 -19.88
N THR B 86 -51.82 29.32 -18.79
CA THR B 86 -51.90 28.48 -17.60
C THR B 86 -52.84 27.30 -17.81
N THR B 87 -53.81 27.43 -18.73
CA THR B 87 -54.65 26.30 -19.09
C THR B 87 -53.90 25.34 -20.01
N LEU B 88 -53.07 25.86 -20.91
CA LEU B 88 -52.25 24.99 -21.75
C LEU B 88 -51.26 24.18 -20.91
N GLU B 89 -50.69 24.79 -19.88
CA GLU B 89 -49.68 24.12 -19.08
C GLU B 89 -50.27 22.94 -18.31
N SER B 90 -51.44 23.12 -17.70
CA SER B 90 -52.09 22.00 -17.03
C SER B 90 -52.52 20.93 -18.03
N LEU B 91 -52.91 21.34 -19.23
CA LEU B 91 -53.22 20.39 -20.30
C LEU B 91 -51.99 19.56 -20.67
N TYR B 92 -50.84 20.23 -20.82
CA TYR B 92 -49.64 19.56 -21.28
C TYR B 92 -49.16 18.52 -20.28
N GLY B 93 -49.32 18.80 -18.98
CA GLY B 93 -48.93 17.84 -17.96
C GLY B 93 -49.89 16.67 -17.78
N SER B 94 -51.13 16.82 -18.22
CA SER B 94 -52.10 15.72 -18.08
C SER B 94 -51.77 14.56 -18.99
N PHE B 95 -51.16 14.83 -20.14
CA PHE B 95 -50.74 13.76 -21.04
C PHE B 95 -49.50 13.06 -20.51
N SER B 96 -49.48 11.74 -20.67
CA SER B 96 -48.35 10.93 -20.23
C SER B 96 -47.64 10.39 -21.47
N VAL B 97 -46.50 11.00 -21.81
CA VAL B 97 -45.58 10.37 -22.75
C VAL B 97 -44.92 9.16 -22.10
N GLU B 98 -44.80 9.16 -20.77
CA GLU B 98 -44.25 8.00 -20.08
C GLU B 98 -45.14 6.77 -20.28
N ASP B 99 -46.46 6.97 -20.36
CA ASP B 99 -47.35 5.87 -20.68
C ASP B 99 -47.31 5.47 -22.15
N LEU B 100 -46.54 6.18 -22.99
CA LEU B 100 -46.27 5.72 -24.33
C LEU B 100 -45.30 4.54 -24.23
N PHE B 101 -45.86 3.40 -23.80
CA PHE B 101 -45.13 2.17 -23.63
C PHE B 101 -44.90 1.52 -24.98
N GLY B 102 -44.81 0.20 -24.92
CA GLY B 102 -45.22 -0.55 -26.08
C GLY B 102 -46.70 -0.41 -26.34
N ALA B 103 -47.17 0.84 -26.37
CA ALA B 103 -48.53 1.14 -26.77
C ALA B 103 -48.59 1.23 -28.29
N ASN B 104 -49.65 0.66 -28.85
CA ASN B 104 -49.84 0.57 -30.29
C ASN B 104 -49.83 1.95 -30.92
N LEU B 105 -48.79 2.25 -31.70
CA LEU B 105 -48.56 3.60 -32.19
C LEU B 105 -49.37 3.96 -33.43
N ASN B 106 -49.91 2.97 -34.14
CA ASN B 106 -50.56 3.22 -35.41
C ASN B 106 -52.04 2.88 -35.34
N ARG B 107 -52.71 3.32 -34.26
CA ARG B 107 -54.13 3.03 -34.07
C ARG B 107 -55.04 3.71 -35.08
N TYR B 108 -54.55 4.69 -35.83
CA TYR B 108 -55.43 5.50 -36.68
C TYR B 108 -54.80 5.67 -38.05
N ALA B 109 -55.63 6.14 -38.99
CA ALA B 109 -55.20 6.48 -40.35
C ALA B 109 -54.41 5.37 -41.02
N ASP C 20 -41.82 70.40 4.15
CA ASP C 20 -42.45 70.18 2.85
C ASP C 20 -41.66 70.85 1.74
N ILE C 21 -41.03 70.04 0.90
CA ILE C 21 -40.32 70.53 -0.28
C ILE C 21 -41.34 70.84 -1.37
N VAL C 22 -41.13 71.96 -2.06
CA VAL C 22 -42.03 72.41 -3.12
C VAL C 22 -41.38 72.17 -4.46
N MET C 23 -42.05 71.41 -5.33
CA MET C 23 -41.56 71.12 -6.67
C MET C 23 -42.32 72.01 -7.66
N THR C 24 -41.57 72.79 -8.43
CA THR C 24 -42.12 73.82 -9.29
C THR C 24 -41.71 73.55 -10.74
N GLN C 25 -42.59 72.87 -11.48
CA GLN C 25 -42.39 72.68 -12.91
C GLN C 25 -42.73 73.95 -13.68
N THR C 26 -41.91 74.28 -14.66
CA THR C 26 -42.27 75.24 -15.69
C THR C 26 -42.08 74.58 -17.05
N PRO C 27 -43.05 74.69 -17.97
CA PRO C 27 -44.32 75.41 -17.87
C PRO C 27 -45.44 74.56 -17.27
N PRO C 28 -46.64 75.14 -17.03
CA PRO C 28 -47.78 74.30 -16.66
C PRO C 28 -48.40 73.60 -17.86
N SER C 29 -48.38 74.28 -19.02
CA SER C 29 -48.84 73.68 -20.25
C SER C 29 -47.98 74.22 -21.38
N LEU C 30 -48.01 73.50 -22.51
CA LEU C 30 -47.04 73.71 -23.57
C LEU C 30 -47.56 73.01 -24.82
N SER C 31 -47.31 73.61 -25.98
CA SER C 31 -47.76 73.03 -27.25
C SER C 31 -46.61 72.98 -28.25
N ALA C 32 -46.54 71.86 -28.98
CA ALA C 32 -45.51 71.67 -30.01
C ALA C 32 -45.99 70.61 -31.00
N SER C 33 -45.49 70.71 -32.22
CA SER C 33 -45.88 69.77 -33.27
C SER C 33 -45.13 68.45 -33.12
N VAL C 34 -45.49 67.49 -33.97
CA VAL C 34 -44.83 66.20 -33.96
C VAL C 34 -43.39 66.36 -34.40
N GLY C 35 -42.46 65.87 -33.58
CA GLY C 35 -41.06 65.93 -33.91
C GLY C 35 -40.31 67.16 -33.42
N ASP C 36 -40.93 67.99 -32.59
CA ASP C 36 -40.20 69.10 -32.01
C ASP C 36 -39.30 68.61 -30.87
N ARG C 37 -38.39 69.48 -30.45
CA ARG C 37 -37.64 69.26 -29.22
C ARG C 37 -38.39 69.93 -28.08
N VAL C 38 -38.91 69.13 -27.16
CA VAL C 38 -39.68 69.63 -26.02
C VAL C 38 -38.82 69.51 -24.77
N THR C 39 -38.79 70.58 -23.98
CA THR C 39 -37.97 70.62 -22.77
C THR C 39 -38.86 70.99 -21.60
N LEU C 40 -38.87 70.16 -20.56
CA LEU C 40 -39.59 70.40 -19.33
C LEU C 40 -38.62 70.68 -18.20
N THR C 41 -38.95 71.68 -17.39
CA THR C 41 -38.15 72.08 -16.25
C THR C 41 -38.92 71.81 -14.96
N CYS C 42 -38.17 71.61 -13.88
CA CYS C 42 -38.75 71.32 -12.58
C CYS C 42 -37.69 71.63 -11.53
N ARG C 43 -37.99 72.56 -10.63
CA ARG C 43 -37.05 73.02 -9.64
C ARG C 43 -37.51 72.66 -8.24
N ALA C 44 -36.55 72.42 -7.36
CA ALA C 44 -36.81 72.08 -5.97
C ALA C 44 -36.52 73.28 -5.06
N SER C 45 -37.24 73.31 -3.93
CA SER C 45 -37.03 74.38 -2.95
C SER C 45 -35.73 74.21 -2.19
N GLN C 46 -35.31 72.98 -1.91
CA GLN C 46 -34.01 72.67 -1.33
C GLN C 46 -33.22 71.79 -2.32
N ALA C 47 -32.08 71.25 -1.84
CA ALA C 47 -31.33 70.22 -2.55
C ALA C 47 -31.94 68.84 -2.30
N ILE C 48 -32.19 68.11 -3.39
CA ILE C 48 -32.89 66.80 -3.41
C ILE C 48 -32.05 65.72 -4.06
N ARG C 49 -30.82 65.67 -3.59
CA ARG C 49 -29.61 65.78 -4.41
C ARG C 49 -29.74 65.11 -5.79
N ASN C 50 -30.01 63.81 -5.87
CA ASN C 50 -30.22 63.16 -7.17
C ASN C 50 -31.37 62.17 -7.11
N ASN C 51 -32.46 62.59 -6.51
CA ASN C 51 -33.56 61.73 -6.13
C ASN C 51 -34.86 62.31 -6.68
N LEU C 52 -34.87 62.61 -7.98
CA LEU C 52 -36.06 63.10 -8.67
C LEU C 52 -36.42 62.15 -9.81
N ALA C 53 -37.72 62.02 -10.07
CA ALA C 53 -38.21 61.11 -11.10
C ALA C 53 -39.29 61.79 -11.93
N TRP C 54 -39.56 61.22 -13.10
CA TRP C 54 -40.53 61.74 -14.06
C TRP C 54 -41.52 60.65 -14.43
N TYR C 55 -42.78 61.04 -14.61
CA TYR C 55 -43.88 60.11 -14.87
C TYR C 55 -44.84 60.69 -15.90
N GLN C 56 -45.14 59.89 -16.93
CA GLN C 56 -46.09 60.28 -17.98
C GLN C 56 -47.45 59.67 -17.65
N HIS C 57 -48.47 60.52 -17.57
CA HIS C 57 -49.83 60.10 -17.21
C HIS C 57 -50.80 60.48 -18.32
N LYS C 58 -51.15 59.51 -19.16
CA LYS C 58 -52.29 59.70 -20.05
C LYS C 58 -53.59 59.56 -19.25
N PRO C 59 -54.57 60.42 -19.50
CA PRO C 59 -55.82 60.34 -18.72
C PRO C 59 -56.58 59.06 -19.03
N GLY C 60 -57.21 58.50 -17.99
CA GLY C 60 -57.92 57.24 -18.09
C GLY C 60 -57.07 56.02 -17.76
N LYS C 61 -55.78 56.09 -18.02
CA LYS C 61 -54.85 54.99 -17.83
C LYS C 61 -53.91 55.30 -16.67
N ALA C 62 -52.94 54.39 -16.45
CA ALA C 62 -51.99 54.45 -15.36
C ALA C 62 -50.79 55.32 -15.71
N PRO C 63 -50.17 55.96 -14.72
CA PRO C 63 -48.90 56.64 -14.96
C PRO C 63 -47.78 55.64 -15.21
N LYS C 64 -46.83 56.05 -16.04
CA LYS C 64 -45.62 55.28 -16.32
C LYS C 64 -44.43 56.13 -15.95
N ARG C 65 -43.51 55.57 -15.17
CA ARG C 65 -42.26 56.26 -14.92
C ARG C 65 -41.44 56.34 -16.21
N LEU C 66 -40.81 57.50 -16.43
CA LEU C 66 -39.93 57.68 -17.57
C LEU C 66 -38.46 57.75 -17.18
N ILE C 67 -38.13 58.49 -16.13
CA ILE C 67 -36.74 58.67 -15.70
C ILE C 67 -36.70 58.61 -14.17
N TYR C 68 -35.58 58.09 -13.64
CA TYR C 68 -35.53 57.62 -12.26
C TYR C 68 -34.59 58.42 -11.35
N ALA C 69 -33.30 58.50 -11.67
CA ALA C 69 -32.31 59.16 -10.82
C ALA C 69 -32.04 60.59 -11.25
N ALA C 70 -33.03 61.21 -11.88
CA ALA C 70 -32.94 62.46 -12.62
C ALA C 70 -32.17 62.22 -13.90
N SER C 71 -31.62 61.03 -14.05
CA SER C 71 -30.72 60.73 -15.16
C SER C 71 -31.04 59.43 -15.88
N THR C 72 -31.48 58.39 -15.16
CA THR C 72 -31.57 57.06 -15.75
C THR C 72 -32.88 56.92 -16.52
N LEU C 73 -32.79 56.92 -17.85
CA LEU C 73 -33.90 56.46 -18.69
C LEU C 73 -34.14 54.99 -18.38
N GLU C 74 -35.37 54.66 -18.00
CA GLU C 74 -35.65 53.31 -17.52
C GLU C 74 -36.36 52.48 -18.59
N ASP C 75 -36.26 51.16 -18.41
CA ASP C 75 -36.45 50.20 -19.49
C ASP C 75 -37.83 50.33 -20.13
N GLY C 76 -37.89 50.01 -21.42
CA GLY C 76 -39.14 50.05 -22.16
C GLY C 76 -39.62 51.43 -22.54
N VAL C 77 -38.79 52.44 -22.37
CA VAL C 77 -39.14 53.83 -22.69
C VAL C 77 -38.26 54.26 -23.85
N PRO C 78 -38.84 54.78 -24.94
CA PRO C 78 -38.02 55.17 -26.09
C PRO C 78 -36.98 56.23 -25.71
N SER C 79 -35.81 56.14 -26.33
CA SER C 79 -34.62 56.88 -25.93
C SER C 79 -34.69 58.37 -26.24
N SER C 80 -35.71 58.84 -26.94
CA SER C 80 -35.86 60.27 -27.17
C SER C 80 -35.93 61.04 -25.86
N PHE C 81 -36.40 60.38 -24.79
CA PHE C 81 -36.46 61.01 -23.48
C PHE C 81 -35.09 61.03 -22.81
N SER C 82 -34.76 62.16 -22.19
CA SER C 82 -33.52 62.30 -21.44
C SER C 82 -33.76 63.19 -20.24
N GLY C 83 -32.98 62.97 -19.19
CA GLY C 83 -33.12 63.75 -17.96
C GLY C 83 -31.77 64.14 -17.42
N SER C 84 -31.73 65.30 -16.76
CA SER C 84 -30.48 65.85 -16.28
C SER C 84 -30.73 66.74 -15.08
N GLY C 85 -29.64 67.01 -14.34
CA GLY C 85 -29.69 67.96 -13.25
C GLY C 85 -29.18 67.44 -11.93
N PHE C 86 -28.74 68.35 -11.07
CA PHE C 86 -28.26 68.03 -9.73
C PHE C 86 -28.81 69.04 -8.74
N GLY C 87 -29.30 68.53 -7.60
CA GLY C 87 -29.59 69.37 -6.47
C GLY C 87 -30.83 70.24 -6.56
N THR C 88 -30.80 71.23 -7.46
CA THR C 88 -31.82 72.26 -7.53
C THR C 88 -32.64 72.22 -8.81
N ASP C 89 -32.00 72.09 -9.97
CA ASP C 89 -32.66 72.24 -11.26
C ASP C 89 -32.61 70.93 -12.02
N PHE C 90 -33.76 70.45 -12.46
CA PHE C 90 -33.85 69.16 -13.15
C PHE C 90 -34.64 69.34 -14.44
N THR C 91 -34.40 68.42 -15.37
CA THR C 91 -34.90 68.59 -16.72
C THR C 91 -35.33 67.26 -17.30
N LEU C 92 -36.53 67.22 -17.88
CA LEU C 92 -36.94 66.16 -18.78
C LEU C 92 -37.02 66.73 -20.18
N THR C 93 -36.29 66.13 -21.11
CA THR C 93 -36.31 66.56 -22.50
C THR C 93 -36.65 65.37 -23.38
N ILE C 94 -37.78 65.46 -24.08
CA ILE C 94 -38.14 64.51 -25.13
C ILE C 94 -37.55 65.05 -26.43
N ASN C 95 -36.54 64.36 -26.96
CA ASN C 95 -35.75 64.88 -28.07
C ASN C 95 -36.59 65.06 -29.32
N SER C 96 -37.47 64.10 -29.60
CA SER C 96 -38.33 64.15 -30.79
C SER C 96 -39.74 63.73 -30.40
N LEU C 97 -40.66 64.68 -30.41
CA LEU C 97 -42.04 64.41 -30.04
C LEU C 97 -42.66 63.40 -31.00
N GLN C 98 -43.35 62.42 -30.44
CA GLN C 98 -44.10 61.44 -31.20
C GLN C 98 -45.58 61.53 -30.81
N PRO C 99 -46.50 61.09 -31.67
CA PRO C 99 -47.92 61.31 -31.37
C PRO C 99 -48.37 60.73 -30.02
N GLU C 100 -47.85 59.58 -29.63
CA GLU C 100 -48.20 58.95 -28.36
C GLU C 100 -47.56 59.66 -27.16
N ASP C 101 -46.83 60.75 -27.39
CA ASP C 101 -46.24 61.54 -26.32
C ASP C 101 -47.08 62.76 -25.96
N PHE C 102 -48.19 63.00 -26.67
CA PHE C 102 -49.23 63.85 -26.11
C PHE C 102 -49.66 63.27 -24.76
N ALA C 103 -49.41 64.04 -23.70
CA ALA C 103 -49.68 63.57 -22.35
C ALA C 103 -49.44 64.75 -21.40
N THR C 104 -49.67 64.50 -20.12
CA THR C 104 -49.30 65.40 -19.04
C THR C 104 -48.22 64.74 -18.21
N TYR C 105 -47.15 65.48 -17.92
CA TYR C 105 -45.94 64.92 -17.31
C TYR C 105 -45.70 65.57 -15.96
N TYR C 106 -45.37 64.75 -14.95
CA TYR C 106 -45.11 65.22 -13.60
C TYR C 106 -43.70 64.81 -13.17
N CYS C 107 -42.98 65.74 -12.55
CA CYS C 107 -41.75 65.40 -11.86
C CYS C 107 -42.07 65.04 -10.41
N LEU C 108 -41.12 64.34 -9.77
CA LEU C 108 -41.36 63.83 -8.43
C LEU C 108 -40.05 63.80 -7.66
N GLN C 109 -40.02 64.47 -6.51
CA GLN C 109 -38.91 64.36 -5.59
C GLN C 109 -39.25 63.28 -4.56
N HIS C 110 -38.28 62.40 -4.28
CA HIS C 110 -38.39 61.43 -3.21
C HIS C 110 -37.29 61.58 -2.17
N SER C 111 -36.61 62.73 -2.14
CA SER C 111 -35.48 62.94 -1.25
C SER C 111 -35.90 62.90 0.21
N THR C 112 -36.80 63.80 0.63
CA THR C 112 -37.24 63.93 2.01
C THR C 112 -38.76 63.80 2.05
N TYR C 113 -39.28 62.69 2.61
CA TYR C 113 -40.73 62.68 2.59
C TYR C 113 -41.30 63.47 3.75
N PRO C 114 -42.52 64.03 3.61
CA PRO C 114 -43.54 63.79 2.57
C PRO C 114 -43.11 64.14 1.14
N TRP C 115 -43.29 63.20 0.21
CA TRP C 115 -42.90 63.39 -1.18
C TRP C 115 -43.93 64.24 -1.91
N THR C 116 -43.45 64.99 -2.88
CA THR C 116 -44.27 65.97 -3.57
C THR C 116 -44.01 65.92 -5.07
N PHE C 117 -45.07 66.01 -5.85
CA PHE C 117 -44.98 66.17 -7.29
C PHE C 117 -44.84 67.64 -7.65
N GLY C 118 -44.56 67.89 -8.92
CA GLY C 118 -44.83 69.19 -9.47
C GLY C 118 -46.30 69.32 -9.82
N GLN C 119 -46.70 70.54 -10.20
CA GLN C 119 -48.07 70.70 -10.68
C GLN C 119 -48.30 69.96 -11.98
N GLY C 120 -47.23 69.55 -12.65
CA GLY C 120 -47.34 68.84 -13.92
C GLY C 120 -47.31 69.78 -15.10
N THR C 121 -46.78 69.27 -16.21
CA THR C 121 -46.83 69.97 -17.48
C THR C 121 -47.63 69.13 -18.46
N LYS C 122 -48.74 69.67 -18.94
CA LYS C 122 -49.49 69.04 -20.02
C LYS C 122 -48.89 69.45 -21.35
N VAL C 123 -48.68 68.47 -22.22
CA VAL C 123 -48.14 68.76 -23.55
C VAL C 123 -49.27 68.60 -24.55
N GLU C 124 -49.95 69.71 -24.85
CA GLU C 124 -50.84 69.76 -25.99
C GLU C 124 -50.03 69.67 -27.27
N ILE C 125 -50.70 69.32 -28.37
CA ILE C 125 -50.03 69.16 -29.65
C ILE C 125 -50.62 70.18 -30.62
N LYS C 126 -49.73 70.90 -31.29
CA LYS C 126 -49.93 72.27 -31.77
C LYS C 126 -50.95 72.35 -32.91
N ARG C 127 -51.51 73.55 -33.08
CA ARG C 127 -52.35 73.88 -34.22
C ARG C 127 -52.25 75.37 -34.51
N THR C 128 -52.67 75.75 -35.72
CA THR C 128 -52.78 77.15 -36.08
C THR C 128 -53.93 77.82 -35.34
N VAL C 129 -53.79 79.13 -35.13
CA VAL C 129 -54.80 79.88 -34.39
C VAL C 129 -56.12 79.86 -35.15
N ALA C 130 -57.20 79.56 -34.43
CA ALA C 130 -58.53 79.56 -35.00
C ALA C 130 -59.52 80.06 -33.95
N ALA C 131 -60.42 80.94 -34.38
CA ALA C 131 -61.40 81.61 -33.56
C ALA C 131 -62.54 80.66 -33.19
N PRO C 132 -63.18 80.86 -32.04
CA PRO C 132 -64.32 80.01 -31.66
C PRO C 132 -65.60 80.47 -32.34
N SER C 133 -66.34 79.52 -32.89
CA SER C 133 -67.69 79.78 -33.38
C SER C 133 -68.61 79.79 -32.17
N VAL C 134 -69.09 80.96 -31.79
CA VAL C 134 -69.78 81.15 -30.51
C VAL C 134 -71.28 81.19 -30.76
N PHE C 135 -72.01 80.35 -30.03
CA PHE C 135 -73.47 80.32 -30.03
C PHE C 135 -73.95 80.49 -28.59
N ILE C 136 -75.23 80.82 -28.44
CA ILE C 136 -75.85 80.97 -27.12
C ILE C 136 -77.23 80.33 -27.14
N PHE C 137 -77.59 79.70 -26.03
CA PHE C 137 -78.85 78.99 -25.90
C PHE C 137 -79.61 79.49 -24.68
N PRO C 138 -80.83 79.98 -24.84
CA PRO C 138 -81.62 80.41 -23.68
C PRO C 138 -82.04 79.21 -22.86
N PRO C 139 -82.60 79.43 -21.67
CA PRO C 139 -83.23 78.32 -20.95
C PRO C 139 -84.33 77.70 -21.80
N SER C 140 -84.41 76.38 -21.75
CA SER C 140 -85.41 75.66 -22.53
C SER C 140 -86.79 75.82 -21.88
N ASP C 141 -87.82 75.79 -22.73
CA ASP C 141 -89.19 75.80 -22.23
C ASP C 141 -89.43 74.65 -21.27
N GLU C 142 -88.94 73.46 -21.62
CA GLU C 142 -89.09 72.29 -20.77
C GLU C 142 -88.48 72.51 -19.39
N GLN C 143 -87.31 73.12 -19.34
CA GLN C 143 -86.65 73.38 -18.06
C GLN C 143 -87.36 74.46 -17.26
N LEU C 144 -87.83 75.52 -17.94
CA LEU C 144 -88.48 76.63 -17.26
C LEU C 144 -89.72 76.17 -16.50
N LYS C 145 -90.41 75.15 -17.00
CA LYS C 145 -91.59 74.62 -16.32
C LYS C 145 -91.27 74.10 -14.93
N SER C 146 -90.01 73.74 -14.67
CA SER C 146 -89.61 73.18 -13.38
C SER C 146 -88.99 74.20 -12.44
N GLY C 147 -88.90 75.46 -12.84
CA GLY C 147 -88.44 76.50 -11.93
C GLY C 147 -86.94 76.70 -11.84
N THR C 148 -86.19 76.27 -12.85
CA THR C 148 -84.76 76.59 -12.93
C THR C 148 -84.43 77.00 -14.35
N ALA C 149 -83.46 77.89 -14.51
CA ALA C 149 -83.10 78.45 -15.80
C ALA C 149 -81.60 78.31 -16.01
N SER C 150 -81.21 77.71 -17.14
CA SER C 150 -79.81 77.53 -17.49
C SER C 150 -79.54 78.14 -18.85
N VAL C 151 -78.57 79.06 -18.91
CA VAL C 151 -78.15 79.69 -20.15
C VAL C 151 -76.82 79.06 -20.55
N VAL C 152 -76.73 78.62 -21.80
CA VAL C 152 -75.59 77.85 -22.27
C VAL C 152 -74.91 78.64 -23.39
N CYS C 153 -73.62 78.91 -23.22
CA CYS C 153 -72.80 79.55 -24.24
C CYS C 153 -71.80 78.53 -24.76
N LEU C 154 -71.73 78.39 -26.09
CA LEU C 154 -70.87 77.43 -26.75
C LEU C 154 -69.71 78.13 -27.44
N LEU C 155 -68.50 77.63 -27.22
CA LEU C 155 -67.32 78.03 -27.98
C LEU C 155 -66.83 76.80 -28.72
N ASN C 156 -67.02 76.78 -30.03
CA ASN C 156 -66.80 75.57 -30.81
C ASN C 156 -65.50 75.67 -31.58
N ASN C 157 -64.59 74.72 -31.32
CA ASN C 157 -63.49 74.40 -32.22
C ASN C 157 -62.55 75.61 -32.44
N PHE C 158 -61.85 75.97 -31.36
CA PHE C 158 -60.90 77.08 -31.35
C PHE C 158 -59.54 76.60 -30.86
N TYR C 159 -58.52 77.44 -31.08
CA TYR C 159 -57.16 77.23 -30.57
C TYR C 159 -56.52 78.59 -30.38
N PRO C 160 -55.74 78.79 -29.29
CA PRO C 160 -55.43 77.78 -28.27
C PRO C 160 -56.53 77.53 -27.25
N ARG C 161 -56.19 76.76 -26.22
CA ARG C 161 -57.14 76.43 -25.17
C ARG C 161 -57.61 77.69 -24.43
N GLU C 162 -56.67 78.60 -24.12
CA GLU C 162 -56.98 79.71 -23.24
C GLU C 162 -58.05 80.62 -23.85
N ALA C 163 -59.11 80.87 -23.07
CA ALA C 163 -60.19 81.73 -23.50
C ALA C 163 -60.89 82.27 -22.26
N LYS C 164 -61.60 83.39 -22.44
CA LYS C 164 -62.28 84.07 -21.34
C LYS C 164 -63.74 84.26 -21.72
N VAL C 165 -64.64 83.77 -20.87
CA VAL C 165 -66.08 83.90 -21.08
C VAL C 165 -66.68 84.52 -19.83
N GLN C 166 -67.07 85.79 -19.90
CA GLN C 166 -67.83 86.45 -18.87
C GLN C 166 -69.27 86.65 -19.35
N TRP C 167 -70.21 86.58 -18.41
CA TRP C 167 -71.62 86.72 -18.72
C TRP C 167 -72.11 88.11 -18.36
N LYS C 168 -72.95 88.69 -19.21
CA LYS C 168 -73.58 89.97 -18.97
C LYS C 168 -75.09 89.82 -19.03
N VAL C 169 -75.74 89.94 -17.86
CA VAL C 169 -77.19 89.94 -17.73
C VAL C 169 -77.63 91.38 -17.48
N ASP C 170 -78.38 91.95 -18.43
CA ASP C 170 -78.77 93.36 -18.39
C ASP C 170 -77.54 94.25 -18.15
N ASN C 171 -76.47 93.94 -18.88
CA ASN C 171 -75.18 94.64 -18.82
C ASN C 171 -74.52 94.54 -17.46
N ALA C 172 -75.03 93.71 -16.57
CA ALA C 172 -74.41 93.47 -15.27
C ALA C 172 -73.51 92.24 -15.40
N LEU C 173 -72.22 92.43 -15.14
CA LEU C 173 -71.25 91.35 -15.28
C LEU C 173 -71.48 90.34 -14.16
N GLN C 174 -72.06 89.19 -14.51
CA GLN C 174 -72.47 88.21 -13.51
C GLN C 174 -71.27 87.43 -12.99
N SER C 175 -71.29 87.16 -11.69
CA SER C 175 -70.14 86.60 -10.99
C SER C 175 -70.56 85.31 -10.30
N GLY C 176 -69.86 84.23 -10.62
CA GLY C 176 -69.96 83.01 -9.84
C GLY C 176 -71.24 82.21 -9.99
N ASN C 177 -71.93 82.33 -11.13
CA ASN C 177 -73.00 81.41 -11.47
C ASN C 177 -72.81 80.84 -12.87
N SER C 178 -71.55 80.77 -13.32
CA SER C 178 -71.18 80.19 -14.60
C SER C 178 -70.10 79.15 -14.36
N GLN C 179 -70.16 78.06 -15.12
CA GLN C 179 -69.15 77.01 -15.03
C GLN C 179 -68.75 76.57 -16.43
N GLU C 180 -67.44 76.55 -16.68
CA GLU C 180 -66.92 76.20 -17.99
C GLU C 180 -66.43 74.76 -18.00
N SER C 181 -66.62 74.10 -19.13
CA SER C 181 -66.14 72.73 -19.33
C SER C 181 -65.50 72.67 -20.72
N VAL C 182 -64.32 72.07 -20.80
CA VAL C 182 -63.50 72.11 -22.01
C VAL C 182 -63.28 70.70 -22.52
N THR C 183 -63.57 70.47 -23.80
CA THR C 183 -63.24 69.20 -24.42
C THR C 183 -61.72 69.04 -24.49
N GLU C 184 -61.29 67.80 -24.63
CA GLU C 184 -59.90 67.59 -25.01
C GLU C 184 -59.73 67.88 -26.49
N GLN C 185 -58.50 68.23 -26.87
CA GLN C 185 -58.18 68.48 -28.28
C GLN C 185 -58.76 67.40 -29.17
N ASP C 186 -59.66 67.80 -30.06
CA ASP C 186 -60.34 66.83 -30.92
C ASP C 186 -59.33 66.09 -31.79
N SER C 187 -59.59 64.80 -31.99
CA SER C 187 -58.61 63.92 -32.62
C SER C 187 -58.37 64.23 -34.09
N LYS C 188 -59.35 64.83 -34.78
CA LYS C 188 -59.17 65.12 -36.20
C LYS C 188 -58.62 66.53 -36.45
N ASP C 189 -59.16 67.54 -35.77
CA ASP C 189 -58.82 68.92 -36.07
C ASP C 189 -58.04 69.63 -34.99
N SER C 190 -57.67 68.96 -33.89
CA SER C 190 -56.82 69.51 -32.83
C SER C 190 -57.41 70.76 -32.17
N THR C 191 -58.72 70.95 -32.19
CA THR C 191 -59.37 72.13 -31.63
C THR C 191 -59.99 71.85 -30.27
N TYR C 192 -60.18 72.92 -29.51
CA TYR C 192 -60.87 72.86 -28.23
C TYR C 192 -62.31 73.35 -28.39
N SER C 193 -63.17 72.92 -27.46
CA SER C 193 -64.53 73.41 -27.37
C SER C 193 -64.87 73.67 -25.91
N LEU C 194 -65.82 74.57 -25.68
CA LEU C 194 -66.08 75.06 -24.33
C LEU C 194 -67.57 75.24 -24.11
N SER C 195 -68.05 74.77 -22.96
CA SER C 195 -69.43 74.97 -22.52
C SER C 195 -69.42 75.82 -21.27
N SER C 196 -69.90 77.06 -21.38
CA SER C 196 -70.14 77.92 -20.25
C SER C 196 -71.64 77.93 -19.98
N THR C 197 -72.03 77.33 -18.86
CA THR C 197 -73.44 77.20 -18.50
C THR C 197 -73.75 78.20 -17.40
N LEU C 198 -74.72 79.07 -17.65
CA LEU C 198 -75.13 80.10 -16.70
C LEU C 198 -76.42 79.65 -16.03
N THR C 199 -76.42 79.62 -14.70
CA THR C 199 -77.53 79.04 -13.94
C THR C 199 -78.26 80.13 -13.17
N LEU C 200 -79.59 80.09 -13.23
CA LEU C 200 -80.43 81.04 -12.52
C LEU C 200 -81.72 80.34 -12.07
N SER C 201 -82.23 80.75 -10.93
CA SER C 201 -83.61 80.42 -10.59
C SER C 201 -84.52 81.07 -11.62
N LYS C 202 -85.64 80.41 -11.94
CA LYS C 202 -86.58 80.99 -12.88
C LYS C 202 -87.06 82.36 -12.42
N ALA C 203 -87.09 82.59 -11.10
CA ALA C 203 -87.49 83.90 -10.58
C ALA C 203 -86.57 85.00 -11.08
N ASP C 204 -85.25 84.80 -10.95
CA ASP C 204 -84.30 85.83 -11.37
C ASP C 204 -84.20 85.95 -12.89
N TYR C 205 -84.58 84.90 -13.63
CA TYR C 205 -84.50 84.94 -15.09
C TYR C 205 -85.63 85.78 -15.68
N GLU C 206 -86.80 85.78 -15.07
CA GLU C 206 -87.91 86.60 -15.56
C GLU C 206 -87.75 88.07 -15.17
N LYS C 207 -86.95 88.38 -14.17
CA LYS C 207 -86.70 89.75 -13.76
C LYS C 207 -85.75 90.50 -14.68
N HIS C 208 -85.07 89.79 -15.59
CA HIS C 208 -84.10 90.41 -16.47
C HIS C 208 -84.44 90.05 -17.92
N LYS C 209 -83.90 90.85 -18.84
CA LYS C 209 -84.39 90.84 -20.21
C LYS C 209 -83.27 90.67 -21.23
N VAL C 210 -82.05 91.05 -20.86
CA VAL C 210 -80.88 90.90 -21.72
C VAL C 210 -79.96 89.84 -21.14
N TYR C 211 -79.58 88.87 -21.98
CA TYR C 211 -78.64 87.83 -21.58
C TYR C 211 -77.54 87.75 -22.61
N ALA C 212 -76.30 88.01 -22.19
CA ALA C 212 -75.18 88.14 -23.10
C ALA C 212 -74.04 87.23 -22.66
N CYS C 213 -73.32 86.72 -23.66
CA CYS C 213 -72.11 85.95 -23.45
C CYS C 213 -70.99 86.62 -24.23
N GLU C 214 -69.92 87.02 -23.53
CA GLU C 214 -68.82 87.78 -24.11
C GLU C 214 -67.56 86.93 -24.06
N VAL C 215 -67.09 86.52 -25.23
CA VAL C 215 -65.93 85.64 -25.37
C VAL C 215 -64.72 86.50 -25.71
N THR C 216 -63.65 86.31 -24.95
CA THR C 216 -62.36 86.92 -25.24
C THR C 216 -61.42 85.81 -25.66
N HIS C 217 -60.87 85.91 -26.88
CA HIS C 217 -59.98 84.87 -27.39
C HIS C 217 -58.83 85.51 -28.14
N GLN C 218 -57.68 84.82 -28.13
CA GLN C 218 -56.52 85.27 -28.88
C GLN C 218 -56.80 85.25 -30.38
N GLY C 219 -57.67 84.36 -30.83
CA GLY C 219 -58.04 84.29 -32.23
C GLY C 219 -59.08 85.28 -32.69
N LEU C 220 -59.63 86.07 -31.79
CA LEU C 220 -60.62 87.08 -32.14
C LEU C 220 -59.95 88.43 -32.34
N SER C 221 -60.42 89.17 -33.35
CA SER C 221 -59.92 90.53 -33.56
C SER C 221 -60.26 91.43 -32.39
N SER C 222 -61.39 91.19 -31.73
CA SER C 222 -61.81 91.84 -30.50
C SER C 222 -62.95 91.02 -29.92
N PRO C 223 -63.03 90.88 -28.59
CA PRO C 223 -64.10 90.08 -27.98
C PRO C 223 -65.49 90.34 -28.55
N VAL C 224 -66.14 89.26 -29.02
CA VAL C 224 -67.44 89.33 -29.65
C VAL C 224 -68.48 88.82 -28.66
N THR C 225 -69.62 89.50 -28.61
CA THR C 225 -70.66 89.24 -27.63
C THR C 225 -71.89 88.68 -28.33
N LYS C 226 -72.33 87.50 -27.93
CA LYS C 226 -73.55 86.88 -28.41
C LYS C 226 -74.64 87.04 -27.37
N SER C 227 -75.86 87.34 -27.83
CA SER C 227 -76.86 87.91 -26.95
C SER C 227 -78.25 87.54 -27.44
N PHE C 228 -79.19 87.47 -26.49
CA PHE C 228 -80.60 87.33 -26.81
C PHE C 228 -81.44 88.12 -25.82
N ASN C 229 -82.52 88.72 -26.31
CA ASN C 229 -83.54 89.31 -25.46
C ASN C 229 -84.62 88.27 -25.22
N ARG C 230 -85.07 88.18 -23.97
CA ARG C 230 -85.84 87.05 -23.46
C ARG C 230 -87.00 86.64 -24.37
N GLY C 231 -86.91 85.42 -24.91
CA GLY C 231 -87.98 84.87 -25.74
C GLY C 231 -88.08 85.37 -27.16
N GLU C 232 -87.07 85.11 -27.99
CA GLU C 232 -87.12 85.47 -29.41
C GLU C 232 -86.54 84.38 -30.30
N GLU D 20 -46.10 40.44 -16.91
CA GLU D 20 -44.99 41.04 -16.17
C GLU D 20 -45.41 41.43 -14.75
N VAL D 21 -45.03 42.63 -14.32
CA VAL D 21 -45.28 43.09 -12.95
C VAL D 21 -46.61 43.83 -12.92
N GLN D 22 -47.61 43.23 -12.29
CA GLN D 22 -48.96 43.77 -12.22
C GLN D 22 -49.25 44.25 -10.81
N LEU D 23 -49.73 45.48 -10.68
CA LEU D 23 -50.36 45.97 -9.46
C LEU D 23 -51.81 46.24 -9.79
N VAL D 24 -52.73 45.65 -9.04
CA VAL D 24 -54.15 45.81 -9.27
C VAL D 24 -54.80 46.29 -7.99
N GLU D 25 -55.50 47.42 -8.05
CA GLU D 25 -56.13 48.05 -6.91
C GLU D 25 -57.64 48.04 -7.12
N SER D 26 -58.39 47.62 -6.10
CA SER D 26 -59.78 47.22 -6.30
C SER D 26 -60.79 47.96 -5.44
N GLY D 27 -60.40 48.61 -4.35
CA GLY D 27 -61.37 49.08 -3.38
C GLY D 27 -62.13 50.35 -3.69
N GLY D 28 -62.40 50.65 -4.97
CA GLY D 28 -63.09 51.89 -5.32
C GLY D 28 -64.58 51.83 -5.02
N ARG D 29 -65.13 52.97 -4.60
CA ARG D 29 -66.51 53.03 -4.13
C ARG D 29 -66.99 54.48 -4.09
N VAL D 30 -68.15 54.68 -3.49
CA VAL D 30 -68.66 56.00 -3.11
C VAL D 30 -68.85 56.00 -1.59
N VAL D 31 -68.38 57.06 -0.92
CA VAL D 31 -68.45 57.15 0.53
C VAL D 31 -69.11 58.45 0.95
N GLN D 32 -69.86 58.41 2.05
CA GLN D 32 -70.34 59.63 2.66
C GLN D 32 -69.17 60.40 3.27
N PRO D 33 -69.24 61.73 3.29
CA PRO D 33 -68.16 62.49 3.94
C PRO D 33 -67.97 62.06 5.38
N GLY D 34 -66.70 61.94 5.78
CA GLY D 34 -66.34 61.50 7.12
C GLY D 34 -66.36 60.00 7.33
N GLY D 35 -66.94 59.24 6.40
CA GLY D 35 -67.05 57.80 6.56
C GLY D 35 -65.73 57.09 6.35
N SER D 36 -65.81 55.79 6.12
CA SER D 36 -64.62 54.96 5.96
C SER D 36 -64.73 54.11 4.71
N LEU D 37 -63.59 53.94 4.04
CA LEU D 37 -63.45 53.00 2.94
C LEU D 37 -62.13 52.26 3.10
N ARG D 38 -62.09 51.02 2.59
CA ARG D 38 -60.90 50.19 2.68
C ARG D 38 -60.43 49.86 1.27
N LEU D 39 -59.22 50.27 0.93
CA LEU D 39 -58.65 49.99 -0.38
C LEU D 39 -57.83 48.71 -0.35
N SER D 40 -57.83 48.00 -1.47
CA SER D 40 -57.03 46.80 -1.66
C SER D 40 -56.16 46.95 -2.89
N CYS D 41 -54.91 46.56 -2.77
CA CYS D 41 -53.89 46.71 -3.83
C CYS D 41 -53.27 45.33 -4.03
N VAL D 42 -53.71 44.63 -5.06
CA VAL D 42 -53.35 43.23 -5.29
C VAL D 42 -52.19 43.20 -6.29
N THR D 43 -51.02 42.78 -5.81
CA THR D 43 -49.77 42.85 -6.56
C THR D 43 -49.32 41.44 -6.94
N SER D 44 -49.07 41.22 -8.23
CA SER D 44 -48.67 39.92 -8.73
C SER D 44 -47.51 40.08 -9.71
N GLY D 45 -46.72 39.02 -9.84
CA GLY D 45 -45.61 38.99 -10.77
C GLY D 45 -44.25 39.31 -10.18
N PHE D 46 -44.12 39.38 -8.87
CA PHE D 46 -42.85 39.70 -8.23
C PHE D 46 -42.91 39.33 -6.75
N THR D 47 -41.74 39.38 -6.11
CA THR D 47 -41.61 39.06 -4.69
C THR D 47 -42.22 40.18 -3.87
N PHE D 48 -43.37 39.93 -3.24
CA PHE D 48 -44.14 41.01 -2.63
C PHE D 48 -43.45 41.57 -1.39
N SER D 49 -43.01 40.69 -0.48
CA SER D 49 -42.53 41.18 0.81
C SER D 49 -41.25 41.97 0.67
N TYR D 50 -40.45 41.70 -0.36
CA TYR D 50 -39.19 42.42 -0.56
C TYR D 50 -39.41 43.85 -1.06
N TYR D 51 -40.66 44.27 -1.22
CA TYR D 51 -41.00 45.60 -1.68
C TYR D 51 -41.91 46.31 -0.69
N PRO D 52 -41.68 47.58 -0.44
CA PRO D 52 -42.71 48.40 0.22
C PRO D 52 -43.65 48.97 -0.83
N ILE D 53 -44.63 49.77 -0.41
CA ILE D 53 -45.63 50.32 -1.33
C ILE D 53 -45.84 51.80 -1.08
N HIS D 54 -46.34 52.48 -2.10
CA HIS D 54 -46.72 53.88 -2.03
C HIS D 54 -48.13 54.05 -2.54
N TRP D 55 -48.78 55.13 -2.10
CA TRP D 55 -50.09 55.53 -2.59
C TRP D 55 -50.00 56.93 -3.17
N VAL D 56 -50.60 57.12 -4.34
CA VAL D 56 -50.67 58.41 -5.02
C VAL D 56 -52.09 58.62 -5.51
N ARG D 57 -52.63 59.83 -5.28
CA ARG D 57 -53.99 60.17 -5.66
C ARG D 57 -53.98 61.34 -6.61
N GLN D 58 -54.93 61.33 -7.55
CA GLN D 58 -55.15 62.42 -8.49
C GLN D 58 -56.59 62.88 -8.34
N GLY D 59 -56.77 64.08 -7.79
CA GLY D 59 -58.09 64.67 -7.69
C GLY D 59 -58.58 65.14 -9.04
N PRO D 60 -59.89 65.34 -9.17
CA PRO D 60 -60.46 65.83 -10.43
C PRO D 60 -59.93 67.21 -10.77
N GLY D 61 -59.31 67.32 -11.95
CA GLY D 61 -58.69 68.57 -12.35
C GLY D 61 -57.56 69.00 -11.43
N LYS D 62 -56.77 68.05 -10.93
CA LYS D 62 -55.65 68.36 -10.05
C LYS D 62 -54.49 67.43 -10.38
N GLY D 63 -53.29 67.87 -10.01
CA GLY D 63 -52.10 67.09 -10.23
C GLY D 63 -52.01 65.89 -9.30
N LEU D 64 -51.07 65.00 -9.63
CA LEU D 64 -50.82 63.85 -8.78
C LEU D 64 -50.25 64.30 -7.43
N GLU D 65 -50.64 63.58 -6.37
CA GLU D 65 -50.18 63.89 -5.03
C GLU D 65 -49.80 62.60 -4.32
N TRP D 66 -48.60 62.57 -3.76
CA TRP D 66 -48.18 61.45 -2.92
C TRP D 66 -48.94 61.51 -1.60
N VAL D 67 -49.55 60.39 -1.21
CA VAL D 67 -50.41 60.35 -0.04
C VAL D 67 -49.68 59.69 1.12
N THR D 68 -49.29 58.44 0.94
CA THR D 68 -48.72 57.68 2.04
C THR D 68 -47.81 56.58 1.49
N MET D 69 -46.91 56.11 2.34
CA MET D 69 -46.02 55.00 2.05
C MET D 69 -46.20 53.91 3.08
N MET D 70 -46.30 52.67 2.62
CA MET D 70 -46.28 51.51 3.51
C MET D 70 -44.85 51.00 3.59
N SER D 71 -44.35 50.84 4.80
CA SER D 71 -42.98 50.38 4.98
C SER D 71 -42.87 48.89 4.66
N PHE D 72 -41.64 48.46 4.46
CA PHE D 72 -41.32 47.06 4.16
C PHE D 72 -41.87 46.13 5.22
N ASP D 73 -41.51 46.39 6.48
CA ASP D 73 -42.03 45.62 7.59
C ASP D 73 -43.53 45.82 7.72
N GLY D 74 -44.02 47.02 7.41
CA GLY D 74 -45.39 47.39 7.62
C GLY D 74 -45.67 48.04 8.96
N THR D 75 -44.73 47.95 9.90
CA THR D 75 -44.91 48.54 11.23
C THR D 75 -44.99 50.05 11.16
N SER D 76 -44.18 50.69 10.31
CA SER D 76 -44.11 52.14 10.21
C SER D 76 -44.99 52.62 9.06
N ASP D 77 -45.90 53.53 9.36
CA ASP D 77 -46.78 54.14 8.37
C ASP D 77 -46.57 55.64 8.40
N HIS D 78 -46.13 56.20 7.28
CA HIS D 78 -45.80 57.63 7.17
C HIS D 78 -46.69 58.27 6.11
N CYS D 79 -47.41 59.31 6.51
CA CYS D 79 -48.41 59.94 5.67
C CYS D 79 -48.06 61.41 5.47
N ILE D 80 -48.68 62.00 4.44
CA ILE D 80 -48.59 63.44 4.20
C ILE D 80 -49.46 64.16 5.21
N SER D 81 -49.27 65.48 5.34
CA SER D 81 -49.90 66.21 6.44
C SER D 81 -51.43 66.18 6.35
N SER D 82 -51.98 66.19 5.14
CA SER D 82 -53.43 66.30 4.99
C SER D 82 -54.14 65.06 5.51
N VAL D 83 -53.53 63.88 5.34
CA VAL D 83 -54.18 62.62 5.68
C VAL D 83 -53.55 61.97 6.90
N LYS D 84 -52.67 62.68 7.62
CA LYS D 84 -51.97 62.09 8.74
C LYS D 84 -52.94 61.76 9.88
N GLY D 85 -52.77 60.58 10.46
CA GLY D 85 -53.63 60.12 11.54
C GLY D 85 -54.99 59.62 11.09
N ARG D 86 -55.33 59.78 9.81
CA ARG D 86 -56.59 59.31 9.27
C ARG D 86 -56.44 58.05 8.43
N PHE D 87 -55.23 57.76 7.95
CA PHE D 87 -54.97 56.62 7.07
C PHE D 87 -54.13 55.59 7.81
N VAL D 88 -54.52 54.32 7.68
CA VAL D 88 -53.81 53.19 8.28
C VAL D 88 -53.60 52.14 7.21
N MET D 89 -52.34 51.72 7.02
CA MET D 89 -51.97 50.76 5.99
C MET D 89 -51.56 49.44 6.64
N SER D 90 -52.18 48.35 6.18
CA SER D 90 -51.85 47.01 6.65
C SER D 90 -51.59 46.13 5.43
N ARG D 91 -50.46 45.43 5.45
CA ARG D 91 -50.06 44.55 4.35
C ARG D 91 -49.89 43.14 4.89
N ASP D 92 -50.46 42.17 4.17
CA ASP D 92 -50.26 40.75 4.45
C ASP D 92 -49.37 40.19 3.35
N ASN D 93 -48.17 39.76 3.72
CA ASN D 93 -47.21 39.26 2.74
C ASN D 93 -47.73 37.99 2.06
N SER D 94 -48.36 37.10 2.84
CA SER D 94 -48.88 35.86 2.25
C SER D 94 -49.98 36.16 1.24
N ARG D 95 -50.86 37.11 1.55
CA ARG D 95 -51.92 37.50 0.63
C ARG D 95 -51.40 38.26 -0.59
N ASN D 96 -50.21 38.83 -0.50
CA ASN D 96 -49.63 39.70 -1.52
C ASN D 96 -50.43 40.98 -1.73
N THR D 97 -51.26 41.37 -0.76
CA THR D 97 -52.16 42.50 -0.90
C THR D 97 -51.91 43.52 0.21
N LEU D 98 -51.94 44.79 -0.15
CA LEU D 98 -51.82 45.90 0.79
C LEU D 98 -53.19 46.53 0.99
N TYR D 99 -53.62 46.58 2.24
CA TYR D 99 -54.92 47.16 2.59
C TYR D 99 -54.72 48.57 3.13
N LEU D 100 -55.52 49.51 2.64
CA LEU D 100 -55.49 50.89 3.10
C LEU D 100 -56.83 51.22 3.73
N GLU D 101 -56.81 51.67 4.98
CA GLU D 101 -58.01 52.05 5.71
C GLU D 101 -58.06 53.57 5.81
N MET D 102 -59.13 54.17 5.31
CA MET D 102 -59.28 55.61 5.26
C MET D 102 -60.42 56.03 6.17
N ASN D 103 -60.16 57.00 7.05
CA ASN D 103 -61.11 57.46 8.04
C ASN D 103 -61.26 58.97 7.96
N LYS D 104 -62.47 59.45 8.27
CA LYS D 104 -62.81 60.87 8.17
C LYS D 104 -62.56 61.39 6.75
N MET D 105 -63.12 60.68 5.78
CA MET D 105 -62.97 61.07 4.38
C MET D 105 -63.46 62.49 4.16
N ARG D 106 -62.66 63.27 3.43
CA ARG D 106 -63.00 64.65 3.14
C ARG D 106 -63.32 64.80 1.65
N LEU D 107 -63.97 65.93 1.33
CA LEU D 107 -64.29 66.23 -0.07
C LEU D 107 -63.03 66.42 -0.89
N GLU D 108 -61.95 66.92 -0.28
CA GLU D 108 -60.68 67.08 -0.98
C GLU D 108 -60.04 65.73 -1.30
N ASP D 109 -60.29 64.72 -0.47
CA ASP D 109 -59.73 63.39 -0.68
C ASP D 109 -60.30 62.70 -1.90
N THR D 110 -61.41 63.20 -2.45
CA THR D 110 -62.03 62.59 -3.61
C THR D 110 -61.07 62.59 -4.80
N GLY D 111 -61.01 61.45 -5.47
CA GLY D 111 -60.16 61.31 -6.65
C GLY D 111 -59.96 59.85 -7.00
N VAL D 112 -58.90 59.61 -7.76
CA VAL D 112 -58.49 58.27 -8.17
C VAL D 112 -57.17 57.94 -7.47
N TYR D 113 -57.15 56.83 -6.75
CA TYR D 113 -56.00 56.44 -5.96
C TYR D 113 -55.21 55.35 -6.68
N TYR D 114 -53.88 55.46 -6.64
CA TYR D 114 -52.98 54.49 -7.26
C TYR D 114 -51.99 53.96 -6.22
N CYS D 115 -51.60 52.69 -6.37
CA CYS D 115 -50.56 52.10 -5.54
C CYS D 115 -49.39 51.68 -6.42
N ALA D 116 -48.18 52.01 -6.00
CA ALA D 116 -46.97 51.60 -6.70
C ALA D 116 -45.97 51.06 -5.70
N ARG D 117 -45.13 50.15 -6.16
CA ARG D 117 -44.13 49.50 -5.32
C ARG D 117 -42.86 50.33 -5.30
N GLY D 118 -42.39 50.65 -4.09
CA GLY D 118 -41.25 51.53 -3.92
C GLY D 118 -40.39 51.15 -2.72
N GLY D 119 -39.12 50.86 -3.00
CA GLY D 119 -38.15 50.54 -1.97
C GLY D 119 -37.21 49.38 -2.25
N TRP D 120 -37.72 48.30 -2.85
CA TRP D 120 -36.93 47.31 -3.59
C TRP D 120 -35.68 46.86 -2.81
N LYS D 121 -35.90 46.04 -1.77
CA LYS D 121 -34.87 45.88 -0.76
C LYS D 121 -34.67 47.26 -0.14
N TRP D 122 -35.56 47.55 0.79
CA TRP D 122 -36.63 48.53 0.95
C TRP D 122 -36.47 50.03 1.23
N PRO D 123 -35.60 50.50 2.15
CA PRO D 123 -35.77 51.88 2.66
C PRO D 123 -35.88 52.95 1.58
N GLY D 124 -34.85 53.14 0.74
CA GLY D 124 -34.90 54.14 -0.29
C GLY D 124 -36.00 53.83 -1.28
N GLY D 125 -36.92 54.77 -1.49
CA GLY D 125 -38.07 54.54 -2.33
C GLY D 125 -38.14 55.34 -3.62
N ALA D 126 -38.98 54.86 -4.54
CA ALA D 126 -39.37 55.55 -5.78
C ALA D 126 -40.39 54.67 -6.48
N PHE D 127 -41.31 55.26 -7.25
CA PHE D 127 -42.36 54.48 -7.89
C PHE D 127 -41.94 54.06 -9.30
N ASP D 128 -42.21 52.81 -9.62
CA ASP D 128 -42.28 52.31 -10.99
C ASP D 128 -43.74 52.41 -11.42
N VAL D 129 -44.11 51.75 -12.51
CA VAL D 129 -45.47 51.83 -13.00
C VAL D 129 -46.45 51.46 -11.89
N PHE D 130 -47.57 52.19 -11.86
CA PHE D 130 -48.60 52.04 -10.85
C PHE D 130 -49.59 50.95 -11.29
N GLY D 131 -50.67 50.80 -10.53
CA GLY D 131 -51.80 50.02 -10.95
C GLY D 131 -52.75 50.85 -11.78
N PRO D 132 -53.94 50.30 -12.07
CA PRO D 132 -54.92 51.04 -12.86
C PRO D 132 -55.61 52.16 -12.10
N GLY D 133 -55.56 52.13 -10.77
CA GLY D 133 -56.27 53.09 -9.96
C GLY D 133 -57.69 52.64 -9.64
N THR D 134 -58.25 53.25 -8.60
CA THR D 134 -59.65 53.01 -8.24
C THR D 134 -60.31 54.33 -7.89
N VAL D 135 -61.59 54.45 -8.25
CA VAL D 135 -62.33 55.71 -8.10
C VAL D 135 -62.81 55.85 -6.66
N VAL D 136 -62.58 57.02 -6.08
CA VAL D 136 -63.05 57.36 -4.72
C VAL D 136 -63.85 58.65 -4.82
N THR D 137 -65.11 58.59 -4.41
CA THR D 137 -66.05 59.71 -4.51
C THR D 137 -66.60 60.02 -3.13
N VAL D 138 -66.11 61.10 -2.53
CA VAL D 138 -66.58 61.55 -1.21
C VAL D 138 -67.61 62.64 -1.46
N SER D 139 -68.86 62.22 -1.68
CA SER D 139 -69.96 63.15 -1.89
C SER D 139 -71.24 62.42 -1.52
N SER D 140 -71.90 62.89 -0.47
CA SER D 140 -72.97 62.13 0.17
C SER D 140 -74.20 61.97 -0.72
N ALA D 141 -74.38 62.85 -1.71
CA ALA D 141 -75.70 63.41 -1.96
C ALA D 141 -76.82 62.39 -2.20
N SER D 142 -76.87 61.74 -3.38
CA SER D 142 -78.03 60.93 -3.73
C SER D 142 -77.91 60.24 -5.09
N THR D 143 -78.50 59.06 -5.22
CA THR D 143 -78.68 58.46 -6.53
C THR D 143 -79.76 59.21 -7.29
N LYS D 144 -79.46 59.62 -8.52
CA LYS D 144 -80.41 60.47 -9.24
C LYS D 144 -80.10 60.43 -10.73
N GLY D 145 -81.15 60.25 -11.53
CA GLY D 145 -81.06 60.36 -12.97
C GLY D 145 -81.12 61.81 -13.41
N PRO D 146 -80.54 62.10 -14.56
CA PRO D 146 -80.48 63.47 -15.05
C PRO D 146 -81.78 63.94 -15.67
N SER D 147 -81.90 65.27 -15.76
CA SER D 147 -82.95 65.91 -16.52
C SER D 147 -82.38 66.31 -17.88
N VAL D 148 -83.15 66.08 -18.94
CA VAL D 148 -82.68 66.28 -20.30
C VAL D 148 -83.50 67.38 -20.95
N PHE D 149 -82.83 68.47 -21.33
CA PHE D 149 -83.47 69.63 -21.94
C PHE D 149 -82.90 69.87 -23.32
N PRO D 150 -83.73 70.10 -24.33
CA PRO D 150 -83.20 70.45 -25.65
C PRO D 150 -82.57 71.83 -25.65
N LEU D 151 -81.59 72.00 -26.55
CA LEU D 151 -80.95 73.28 -26.81
C LEU D 151 -81.17 73.61 -28.28
N ALA D 152 -82.08 74.56 -28.56
CA ALA D 152 -82.64 74.84 -29.88
C ALA D 152 -81.79 75.86 -30.65
N PRO D 153 -81.68 75.67 -31.97
CA PRO D 153 -80.68 76.41 -32.74
C PRO D 153 -81.11 77.82 -33.13
N SER D 154 -80.09 78.64 -33.38
CA SER D 154 -80.22 79.89 -34.13
C SER D 154 -78.83 80.49 -34.37
N GLY D 161 -74.20 79.69 -43.10
CA GLY D 161 -75.10 78.64 -43.53
C GLY D 161 -75.07 77.43 -42.62
N THR D 162 -74.74 77.67 -41.35
CA THR D 162 -74.67 76.59 -40.38
C THR D 162 -75.20 77.06 -39.04
N ALA D 163 -75.69 76.09 -38.27
CA ALA D 163 -76.16 76.33 -36.90
C ALA D 163 -75.96 75.06 -36.10
N ALA D 164 -76.14 75.18 -34.78
CA ALA D 164 -75.83 74.09 -33.85
C ALA D 164 -76.92 73.93 -32.80
N LEU D 165 -77.06 72.70 -32.32
CA LEU D 165 -78.09 72.31 -31.36
C LEU D 165 -77.48 71.29 -30.42
N GLY D 166 -78.18 71.02 -29.32
CA GLY D 166 -77.62 70.13 -28.33
C GLY D 166 -78.61 69.67 -27.30
N CYS D 167 -78.05 69.16 -26.20
CA CYS D 167 -78.80 68.47 -25.16
C CYS D 167 -78.16 68.80 -23.82
N LEU D 168 -78.92 69.44 -22.94
CA LEU D 168 -78.45 69.75 -21.60
C LEU D 168 -78.79 68.61 -20.65
N VAL D 169 -77.76 67.94 -20.13
CA VAL D 169 -77.92 66.83 -19.21
C VAL D 169 -77.55 67.31 -17.81
N LYS D 170 -78.54 67.76 -17.05
CA LYS D 170 -78.32 68.51 -15.82
C LYS D 170 -78.78 67.70 -14.61
N ASP D 171 -78.01 67.81 -13.53
CA ASP D 171 -78.42 67.34 -12.20
C ASP D 171 -78.59 65.82 -12.15
N TYR D 172 -77.48 65.12 -12.37
CA TYR D 172 -77.42 63.68 -12.13
C TYR D 172 -76.27 63.36 -11.17
N PHE D 173 -76.29 62.15 -10.62
CA PHE D 173 -75.25 61.68 -9.72
C PHE D 173 -75.29 60.17 -9.64
N PRO D 174 -74.14 59.49 -9.65
CA PRO D 174 -72.85 60.11 -9.98
C PRO D 174 -72.53 59.93 -11.46
N GLU D 175 -71.33 60.30 -11.89
CA GLU D 175 -70.93 60.05 -13.27
C GLU D 175 -70.81 58.54 -13.49
N PRO D 176 -70.92 58.07 -14.75
CA PRO D 176 -71.03 58.83 -16.00
C PRO D 176 -72.42 58.82 -16.61
N VAL D 177 -72.56 59.54 -17.73
CA VAL D 177 -73.77 59.52 -18.55
C VAL D 177 -73.36 59.26 -19.99
N THR D 178 -74.01 58.29 -20.62
CA THR D 178 -73.77 57.96 -22.01
C THR D 178 -74.64 58.84 -22.90
N VAL D 179 -74.02 59.47 -23.91
CA VAL D 179 -74.74 60.33 -24.85
C VAL D 179 -74.38 59.91 -26.27
N SER D 180 -75.42 59.76 -27.10
CA SER D 180 -75.27 59.54 -28.53
C SER D 180 -76.38 60.29 -29.25
N TRP D 181 -76.16 60.55 -30.54
CA TRP D 181 -77.11 61.31 -31.35
C TRP D 181 -77.62 60.44 -32.49
N ASN D 182 -78.94 60.41 -32.64
CA ASN D 182 -79.61 59.51 -33.59
C ASN D 182 -79.18 58.06 -33.38
N SER D 183 -79.05 57.68 -32.10
CA SER D 183 -78.65 56.34 -31.69
C SER D 183 -77.29 55.95 -32.27
N GLY D 184 -76.39 56.91 -32.41
CA GLY D 184 -75.09 56.66 -33.00
C GLY D 184 -75.02 56.83 -34.50
N ALA D 185 -76.15 57.11 -35.16
CA ALA D 185 -76.13 57.35 -36.60
C ALA D 185 -75.60 58.74 -36.94
N LEU D 186 -75.61 59.66 -35.98
CA LEU D 186 -75.03 60.99 -36.14
C LEU D 186 -73.72 61.03 -35.36
N THR D 187 -72.60 61.06 -36.09
CA THR D 187 -71.28 61.05 -35.47
C THR D 187 -70.51 62.34 -35.64
N SER D 188 -70.74 63.07 -36.73
CA SER D 188 -69.88 64.17 -37.10
C SER D 188 -70.21 65.42 -36.29
N GLY D 189 -69.17 66.09 -35.81
CA GLY D 189 -69.33 67.36 -35.12
C GLY D 189 -69.99 67.29 -33.77
N VAL D 190 -70.14 66.10 -33.20
CA VAL D 190 -70.71 65.97 -31.87
C VAL D 190 -69.63 66.28 -30.83
N HIS D 191 -70.01 67.05 -29.82
CA HIS D 191 -69.11 67.36 -28.71
C HIS D 191 -69.88 67.21 -27.41
N THR D 192 -69.64 66.09 -26.71
CA THR D 192 -70.22 65.83 -25.39
C THR D 192 -69.19 66.24 -24.34
N PHE D 193 -69.49 67.30 -23.60
CA PHE D 193 -68.52 67.91 -22.72
C PHE D 193 -68.28 67.06 -21.46
N PRO D 194 -67.16 67.28 -20.79
CA PRO D 194 -67.00 66.74 -19.44
C PRO D 194 -68.03 67.35 -18.51
N ALA D 195 -68.54 66.53 -17.58
CA ALA D 195 -69.47 67.05 -16.60
C ALA D 195 -68.75 67.90 -15.58
N VAL D 196 -69.47 68.88 -15.03
CA VAL D 196 -68.98 69.70 -13.93
C VAL D 196 -69.75 69.32 -12.69
N LEU D 197 -69.07 69.29 -11.55
CA LEU D 197 -69.73 69.02 -10.27
C LEU D 197 -70.23 70.35 -9.72
N GLN D 198 -71.54 70.57 -9.80
CA GLN D 198 -72.13 71.79 -9.30
C GLN D 198 -72.03 71.84 -7.78
N SER D 199 -72.17 73.05 -7.23
CA SER D 199 -72.18 73.24 -5.79
C SER D 199 -73.32 72.46 -5.12
N SER D 200 -74.37 72.13 -5.86
CA SER D 200 -75.45 71.32 -5.31
C SER D 200 -75.03 69.89 -5.04
N GLY D 201 -73.92 69.44 -5.62
CA GLY D 201 -73.50 68.05 -5.54
C GLY D 201 -73.86 67.22 -6.73
N LEU D 202 -74.53 67.79 -7.73
CA LEU D 202 -74.96 67.08 -8.92
C LEU D 202 -74.08 67.42 -10.11
N TYR D 203 -73.81 66.42 -10.95
CA TYR D 203 -73.02 66.63 -12.15
C TYR D 203 -73.89 67.20 -13.26
N SER D 204 -73.34 68.17 -14.00
CA SER D 204 -74.04 68.81 -15.11
C SER D 204 -73.16 68.76 -16.34
N LEU D 205 -73.76 68.35 -17.45
CA LEU D 205 -73.02 68.09 -18.69
C LEU D 205 -73.87 68.55 -19.85
N SER D 206 -73.20 68.93 -20.94
CA SER D 206 -73.88 69.34 -22.15
C SER D 206 -73.29 68.60 -23.34
N SER D 207 -74.16 68.23 -24.28
CA SER D 207 -73.76 67.59 -25.52
C SER D 207 -74.38 68.35 -26.68
N VAL D 208 -73.56 68.73 -27.66
CA VAL D 208 -73.98 69.55 -28.79
C VAL D 208 -73.46 68.93 -30.09
N VAL D 209 -74.03 69.38 -31.20
CA VAL D 209 -73.63 68.96 -32.53
C VAL D 209 -73.94 70.07 -33.52
N THR D 210 -73.03 70.27 -34.47
CA THR D 210 -73.23 71.25 -35.54
C THR D 210 -73.82 70.54 -36.76
N VAL D 211 -74.83 71.16 -37.35
CA VAL D 211 -75.48 70.59 -38.53
C VAL D 211 -75.48 71.63 -39.65
N PRO D 212 -75.38 71.22 -40.91
CA PRO D 212 -75.67 72.16 -41.99
C PRO D 212 -77.10 72.67 -41.87
N SER D 213 -77.26 73.99 -41.98
CA SER D 213 -78.55 74.62 -41.73
C SER D 213 -79.64 74.15 -42.69
N SER D 214 -79.27 73.64 -43.87
CA SER D 214 -80.25 73.20 -44.84
C SER D 214 -80.92 71.88 -44.45
N SER D 215 -80.41 71.19 -43.44
CA SER D 215 -80.98 69.93 -42.97
C SER D 215 -81.98 70.13 -41.83
N LEU D 216 -82.22 71.37 -41.42
CA LEU D 216 -82.87 71.63 -40.14
C LEU D 216 -84.30 71.10 -40.07
N GLY D 217 -85.05 71.15 -41.17
CA GLY D 217 -86.43 70.72 -41.13
C GLY D 217 -86.66 69.27 -41.49
N THR D 218 -85.75 68.70 -42.29
CA THR D 218 -85.94 67.38 -42.88
C THR D 218 -85.30 66.26 -42.07
N GLN D 219 -84.02 66.38 -41.74
CA GLN D 219 -83.39 65.40 -40.87
C GLN D 219 -83.90 65.57 -39.45
N THR D 220 -84.24 64.46 -38.79
CA THR D 220 -84.71 64.50 -37.42
C THR D 220 -83.53 64.30 -36.48
N TYR D 221 -83.44 65.14 -35.45
CA TYR D 221 -82.31 65.15 -34.53
C TYR D 221 -82.77 64.68 -33.16
N ILE D 222 -82.22 63.55 -32.72
CA ILE D 222 -82.69 62.84 -31.54
C ILE D 222 -81.51 62.64 -30.59
N CYS D 223 -81.71 62.93 -29.31
CA CYS D 223 -80.67 62.88 -28.29
C CYS D 223 -80.89 61.66 -27.41
N ASN D 224 -79.86 60.82 -27.28
CA ASN D 224 -79.93 59.56 -26.55
C ASN D 224 -79.08 59.68 -25.30
N VAL D 225 -79.74 59.70 -24.14
CA VAL D 225 -79.08 59.84 -22.84
C VAL D 225 -79.31 58.57 -22.04
N ASN D 226 -78.22 58.00 -21.53
CA ASN D 226 -78.29 56.82 -20.67
C ASN D 226 -77.48 57.08 -19.40
N HIS D 227 -78.13 56.98 -18.25
CA HIS D 227 -77.47 57.07 -16.95
C HIS D 227 -77.57 55.69 -16.31
N LYS D 228 -76.52 54.89 -16.46
CA LYS D 228 -76.51 53.56 -15.86
C LYS D 228 -76.69 53.56 -14.34
N PRO D 229 -76.03 54.45 -13.55
CA PRO D 229 -76.19 54.36 -12.08
C PRO D 229 -77.56 54.75 -11.56
N SER D 230 -78.51 55.06 -12.44
CA SER D 230 -79.91 55.18 -12.06
C SER D 230 -80.82 54.32 -12.92
N ASN D 231 -80.28 53.64 -13.94
CA ASN D 231 -81.05 52.82 -14.87
C ASN D 231 -82.17 53.62 -15.55
N THR D 232 -81.87 54.87 -15.88
CA THR D 232 -82.79 55.73 -16.61
C THR D 232 -82.22 55.97 -18.01
N LYS D 233 -83.02 55.66 -19.03
CA LYS D 233 -82.68 55.92 -20.41
C LYS D 233 -83.79 56.76 -21.03
N VAL D 234 -83.41 57.90 -21.61
CA VAL D 234 -84.36 58.85 -22.16
C VAL D 234 -83.91 59.28 -23.55
N ASP D 235 -84.88 59.45 -24.44
CA ASP D 235 -84.64 60.03 -25.76
C ASP D 235 -85.21 61.44 -25.79
N LYS D 236 -84.64 62.27 -26.66
CA LYS D 236 -85.07 63.66 -26.73
C LYS D 236 -84.99 64.17 -28.16
N ARG D 237 -86.13 64.60 -28.70
CA ARG D 237 -86.18 65.26 -29.99
C ARG D 237 -85.87 66.74 -29.83
N VAL D 238 -85.07 67.27 -30.75
CA VAL D 238 -84.64 68.66 -30.69
C VAL D 238 -85.12 69.38 -31.96
N GLU D 239 -85.80 70.51 -31.76
CA GLU D 239 -86.30 71.32 -32.88
C GLU D 239 -86.22 72.81 -32.56
N LEU E 1 18.32 20.54 36.27
CA LEU E 1 17.73 21.55 37.14
C LEU E 1 17.46 20.93 38.51
N SER E 2 18.51 20.41 39.12
CA SER E 2 18.42 19.74 40.41
C SER E 2 19.82 19.67 41.02
N GLU E 3 19.96 18.86 42.06
CA GLU E 3 21.23 18.47 42.62
C GLU E 3 21.22 16.97 42.81
N VAL E 4 22.38 16.33 42.67
CA VAL E 4 22.46 14.87 42.69
C VAL E 4 23.67 14.41 43.49
N LYS E 5 23.47 13.44 44.37
CA LYS E 5 24.53 12.78 45.12
C LYS E 5 24.93 11.49 44.41
N LEU E 6 26.17 11.09 44.60
CA LEU E 6 26.76 9.97 43.87
C LEU E 6 27.50 9.07 44.85
N HIS E 7 26.90 7.91 45.15
CA HIS E 7 27.44 6.96 46.12
C HIS E 7 27.98 5.74 45.40
N LEU E 8 29.08 5.17 45.93
CA LEU E 8 29.78 4.11 45.23
C LEU E 8 30.70 3.40 46.20
N ASP E 9 31.22 2.25 45.76
CA ASP E 9 32.07 1.37 46.58
C ASP E 9 33.51 1.47 46.07
N ILE E 10 34.38 2.07 46.88
CA ILE E 10 35.82 2.12 46.58
C ILE E 10 36.48 1.05 47.44
N GLU E 11 36.55 -0.17 46.92
CA GLU E 11 37.29 -1.28 47.52
C GLU E 11 37.04 -1.41 49.03
N GLY E 12 35.78 -1.19 49.42
CA GLY E 12 35.39 -1.27 50.82
C GLY E 12 35.07 0.05 51.49
N HIS E 13 35.17 1.17 50.77
CA HIS E 13 34.80 2.47 51.31
C HIS E 13 33.45 2.90 50.72
N ALA E 14 32.48 3.19 51.59
CA ALA E 14 31.15 3.63 51.17
C ALA E 14 31.15 5.14 50.95
N SER E 15 31.89 5.54 49.92
CA SER E 15 32.05 6.95 49.60
C SER E 15 30.85 7.49 48.82
N HIS E 16 30.51 8.74 49.10
CA HIS E 16 29.49 9.44 48.33
C HIS E 16 29.92 10.88 48.12
N TYR E 17 29.59 11.41 46.94
CA TYR E 17 29.86 12.79 46.58
C TYR E 17 28.59 13.41 46.04
N THR E 18 28.52 14.74 46.10
CA THR E 18 27.31 15.48 45.76
C THR E 18 27.64 16.48 44.67
N ILE E 19 27.13 16.26 43.46
CA ILE E 19 27.42 17.10 42.32
C ILE E 19 26.29 18.12 42.18
N PRO E 20 26.59 19.41 42.23
CA PRO E 20 25.51 20.41 42.11
C PRO E 20 25.31 20.89 40.69
N TRP E 21 24.06 20.83 40.21
CA TRP E 21 23.74 21.41 38.92
C TRP E 21 23.20 22.82 39.05
N THR E 22 22.53 23.13 40.16
CA THR E 22 22.17 24.51 40.45
C THR E 22 23.40 25.41 40.41
N GLU E 23 24.54 24.90 40.87
CA GLU E 23 25.81 25.60 40.76
C GLU E 23 26.38 25.55 39.35
N LEU E 24 26.68 24.34 38.88
CA LEU E 24 27.54 24.20 37.70
C LEU E 24 26.82 24.66 36.44
N MET E 25 25.54 24.34 36.29
CA MET E 25 24.82 24.69 35.07
C MET E 25 24.84 26.20 34.84
N ALA E 26 24.65 26.99 35.90
CA ALA E 26 24.82 28.43 35.78
C ALA E 26 26.29 28.82 35.71
N LYS E 27 27.14 28.12 36.47
CA LYS E 27 28.55 28.52 36.56
C LYS E 27 29.26 28.42 35.21
N VAL E 28 29.05 27.33 34.48
CA VAL E 28 29.68 27.15 33.18
C VAL E 28 28.61 27.19 32.09
N PRO E 29 28.64 28.20 31.22
CA PRO E 29 27.51 28.41 30.30
C PRO E 29 27.27 27.29 29.31
N GLY E 30 28.32 26.65 28.81
CA GLY E 30 28.14 25.63 27.78
C GLY E 30 27.58 24.32 28.28
N LEU E 31 27.61 24.09 29.59
CA LEU E 31 27.20 22.80 30.15
C LEU E 31 25.68 22.72 30.19
N SER E 32 25.15 21.59 29.71
CA SER E 32 23.74 21.25 29.84
C SER E 32 23.64 19.75 30.01
N PRO E 33 23.81 19.24 31.25
CA PRO E 33 23.93 17.80 31.45
C PRO E 33 22.73 16.98 30.99
N GLU E 34 21.68 17.66 30.52
CA GLU E 34 20.53 16.93 29.98
C GLU E 34 20.86 16.28 28.64
N ALA E 35 21.47 17.05 27.72
CA ALA E 35 21.84 16.47 26.43
C ALA E 35 22.94 15.43 26.58
N LEU E 36 23.85 15.63 27.53
CA LEU E 36 24.87 14.62 27.81
C LEU E 36 24.24 13.32 28.31
N TRP E 37 23.26 13.43 29.20
CA TRP E 37 22.56 12.24 29.68
C TRP E 37 21.82 11.57 28.54
N ARG E 38 21.26 12.36 27.62
CA ARG E 38 20.67 11.78 26.42
C ARG E 38 21.73 11.13 25.54
N GLU E 39 22.90 11.76 25.42
CA GLU E 39 23.90 11.29 24.47
C GLU E 39 24.45 9.92 24.85
N ALA E 40 24.52 9.62 26.14
CA ALA E 40 24.78 8.26 26.59
C ALA E 40 23.45 7.55 26.67
N ASN E 41 23.28 6.48 25.89
CA ASN E 41 22.06 5.68 25.99
C ASN E 41 22.14 4.97 27.33
N VAL E 42 21.88 5.73 28.40
CA VAL E 42 22.06 5.21 29.74
C VAL E 42 21.20 4.00 30.02
N THR E 43 20.20 3.74 29.19
CA THR E 43 19.43 2.51 29.25
C THR E 43 19.94 1.46 28.26
N GLU E 44 20.98 1.76 27.50
CA GLU E 44 21.50 0.82 26.52
C GLU E 44 21.96 -0.45 27.23
N ASP E 45 21.31 -1.57 26.88
CA ASP E 45 21.74 -2.87 27.37
C ASP E 45 23.20 -3.11 27.02
N LEU E 46 23.88 -3.89 27.86
CA LEU E 46 25.27 -4.22 27.59
C LEU E 46 25.43 -4.94 26.25
N ALA E 47 24.37 -5.57 25.75
CA ALA E 47 24.41 -6.19 24.44
C ALA E 47 24.69 -5.15 23.35
N SER E 48 23.81 -4.17 23.21
CA SER E 48 23.97 -3.18 22.16
C SER E 48 25.17 -2.27 22.43
N MET E 49 25.50 -2.04 23.71
CA MET E 49 26.71 -1.29 24.01
C MET E 49 27.93 -2.02 23.48
N LEU E 50 27.99 -3.33 23.71
CA LEU E 50 29.04 -4.15 23.11
C LEU E 50 29.00 -4.09 21.59
N ASN E 51 27.80 -3.98 21.01
CA ASN E 51 27.65 -3.90 19.56
C ASN E 51 28.26 -2.62 19.00
N ARG E 52 28.17 -1.51 19.73
CA ARG E 52 28.71 -0.25 19.24
C ARG E 52 30.23 -0.23 19.34
N TYR E 53 30.79 -0.79 20.43
CA TYR E 53 32.23 -0.77 20.63
C TYR E 53 32.96 -1.60 19.58
N LYS E 54 32.41 -2.77 19.23
CA LYS E 54 33.08 -3.67 18.30
C LYS E 54 33.23 -3.06 16.91
N LEU E 55 32.38 -2.10 16.56
CA LEU E 55 32.37 -1.57 15.20
C LEU E 55 33.54 -0.65 14.90
N ILE E 56 34.16 -0.06 15.91
CA ILE E 56 35.18 0.95 15.70
C ILE E 56 36.53 0.29 15.54
N TYR E 57 37.28 0.70 14.52
CA TYR E 57 38.63 0.18 14.33
C TYR E 57 39.50 0.51 15.54
N LYS E 58 40.27 -0.47 15.99
CA LYS E 58 41.17 -0.32 17.10
C LYS E 58 42.61 -0.43 16.62
N THR E 59 43.53 0.11 17.41
CA THR E 59 44.93 0.22 17.02
C THR E 59 45.68 -1.06 17.41
N SER E 60 46.12 -1.81 16.39
CA SER E 60 47.11 -2.85 16.63
C SER E 60 48.51 -2.25 16.73
N GLY E 61 48.91 -1.45 15.75
CA GLY E 61 50.24 -0.87 15.70
C GLY E 61 50.36 0.33 16.61
N THR E 62 49.97 0.14 17.86
CA THR E 62 49.79 1.24 18.80
C THR E 62 51.04 1.40 19.67
N LEU E 63 51.95 2.24 19.21
CA LEU E 63 53.11 2.66 19.98
C LEU E 63 53.67 3.87 19.25
N GLY E 64 54.90 4.22 19.56
CA GLY E 64 55.51 5.48 19.21
C GLY E 64 56.26 5.86 20.46
N ILE E 65 57.56 6.01 20.31
CA ILE E 65 58.42 6.22 21.44
C ILE E 65 58.72 7.71 21.49
N ALA E 66 59.08 8.18 22.68
CA ALA E 66 59.04 9.60 23.00
C ALA E 66 59.77 10.45 21.97
N LEU E 67 59.21 11.64 21.73
CA LEU E 67 59.82 12.69 20.93
C LEU E 67 59.88 13.94 21.79
N ALA E 68 60.73 14.87 21.38
CA ALA E 68 60.92 16.12 22.13
C ALA E 68 60.22 17.28 21.42
N GLU E 69 59.54 18.10 22.20
CA GLU E 69 58.90 19.29 21.65
C GLU E 69 59.97 20.28 21.20
N PRO E 70 59.93 20.77 19.96
CA PRO E 70 60.78 21.91 19.61
C PRO E 70 60.26 23.16 20.31
N VAL E 71 61.18 23.94 20.87
CA VAL E 71 60.81 25.21 21.45
C VAL E 71 60.64 26.19 20.30
N ASP E 72 59.39 26.57 20.05
CA ASP E 72 58.99 27.23 18.81
C ASP E 72 58.83 28.74 18.95
N ILE E 73 58.04 29.19 19.91
CA ILE E 73 57.86 30.62 20.12
C ILE E 73 58.94 31.07 21.11
N PRO E 74 59.65 32.16 20.83
CA PRO E 74 60.77 32.55 21.67
C PRO E 74 60.37 33.47 22.80
N ALA E 75 61.14 33.36 23.89
CA ALA E 75 61.00 34.24 25.04
C ALA E 75 60.97 35.70 24.59
N VAL E 76 60.08 36.48 25.23
CA VAL E 76 59.90 37.88 24.83
C VAL E 76 61.23 38.60 24.88
N SER E 77 61.51 39.40 23.86
CA SER E 77 62.65 40.29 23.94
C SER E 77 62.41 41.30 25.04
N GLU E 78 63.45 41.55 25.85
CA GLU E 78 63.32 42.40 27.03
C GLU E 78 62.70 43.74 26.68
N GLY E 79 61.56 44.02 27.29
CA GLY E 79 60.87 45.27 27.06
C GLY E 79 60.27 45.41 25.68
N SER E 80 59.70 44.34 25.14
CA SER E 80 58.87 44.49 23.96
C SER E 80 57.56 45.18 24.34
N MET E 81 56.93 45.81 23.36
CA MET E 81 55.60 46.37 23.55
C MET E 81 54.62 45.22 23.42
N GLN E 82 54.22 44.64 24.54
CA GLN E 82 53.25 43.56 24.52
C GLN E 82 51.90 44.14 24.08
N VAL E 83 51.47 43.78 22.87
CA VAL E 83 50.51 44.57 22.10
C VAL E 83 49.25 43.76 21.80
N ASP E 84 48.12 44.47 21.74
CA ASP E 84 46.79 43.87 21.68
C ASP E 84 46.38 43.61 20.24
N ALA E 85 45.86 42.40 19.99
CA ALA E 85 45.34 42.06 18.67
C ALA E 85 44.13 42.91 18.31
N SER E 86 43.17 43.02 19.22
CA SER E 86 41.95 43.77 18.94
C SER E 86 42.25 45.27 18.83
N LYS E 87 42.98 45.81 19.81
CA LYS E 87 43.25 47.24 19.86
C LYS E 87 44.63 47.50 19.26
N VAL E 88 44.66 47.74 17.95
CA VAL E 88 45.89 48.06 17.24
C VAL E 88 45.95 49.57 17.12
N HIS E 89 46.65 50.21 18.07
CA HIS E 89 46.76 51.65 18.26
C HIS E 89 47.92 52.19 17.43
N PRO E 90 47.75 53.38 16.85
CA PRO E 90 48.78 53.94 15.96
C PRO E 90 50.10 54.17 16.69
N GLY E 91 51.18 54.04 15.93
CA GLY E 91 52.53 54.35 16.38
C GLY E 91 52.95 53.66 17.65
N VAL E 92 52.30 52.54 17.98
CA VAL E 92 52.68 51.79 19.17
C VAL E 92 54.03 51.12 18.97
N ILE E 93 54.24 50.55 17.80
CA ILE E 93 55.57 50.11 17.40
C ILE E 93 56.21 51.22 16.57
N SER E 94 57.47 51.52 16.85
CA SER E 94 58.15 52.65 16.23
C SER E 94 58.90 52.30 14.95
N GLY E 95 59.61 51.18 14.93
CA GLY E 95 60.37 50.80 13.75
C GLY E 95 60.48 49.29 13.65
N LEU E 96 61.18 48.85 12.62
CA LEU E 96 61.53 47.42 12.55
C LEU E 96 62.53 47.05 13.62
N ASN E 97 63.33 48.03 14.07
CA ASN E 97 64.28 47.77 15.14
C ASN E 97 63.59 47.60 16.49
N SER E 98 62.41 48.19 16.65
CA SER E 98 61.69 48.13 17.92
C SER E 98 61.28 46.70 18.23
N PRO E 99 61.65 46.17 19.40
CA PRO E 99 61.11 44.86 19.79
C PRO E 99 59.61 44.96 19.99
N ALA E 100 58.89 44.01 19.41
CA ALA E 100 57.43 44.05 19.43
C ALA E 100 56.90 42.63 19.57
N CYS E 101 55.66 42.52 20.05
CA CYS E 101 54.97 41.25 20.14
C CYS E 101 53.49 41.49 20.41
N MET E 102 52.66 40.59 19.89
CA MET E 102 51.23 40.61 20.18
C MET E 102 50.96 39.62 21.31
N LEU E 103 50.23 40.05 22.33
CA LEU E 103 50.00 39.16 23.45
C LEU E 103 48.99 38.09 23.06
N SER E 104 49.22 36.88 23.57
CA SER E 104 48.54 35.70 23.07
C SER E 104 47.07 35.65 23.47
N ALA E 105 46.65 36.37 24.51
CA ALA E 105 45.28 36.22 24.99
C ALA E 105 44.24 36.61 23.94
N PRO E 106 44.31 37.77 23.28
CA PRO E 106 43.31 38.09 22.25
C PRO E 106 43.69 37.65 20.85
N LEU E 107 44.96 37.36 20.60
CA LEU E 107 45.33 36.75 19.32
C LEU E 107 44.67 35.39 19.15
N GLU E 108 44.66 34.58 20.21
CA GLU E 108 43.93 33.31 20.17
C GLU E 108 42.45 33.54 19.91
N LYS E 109 41.90 34.65 20.44
CA LYS E 109 40.51 35.00 20.19
C LYS E 109 40.27 35.30 18.71
N GLN E 110 41.23 35.91 18.04
CA GLN E 110 41.03 36.32 16.65
C GLN E 110 41.32 35.21 15.66
N LEU E 111 42.28 34.33 15.95
CA LEU E 111 42.50 33.19 15.07
C LEU E 111 41.25 32.32 15.05
N PHE E 112 40.93 31.68 16.17
CA PHE E 112 39.72 30.89 16.26
C PHE E 112 38.51 31.77 16.54
N TYR E 113 38.32 32.80 15.71
CA TYR E 113 37.08 33.57 15.79
C TYR E 113 35.88 32.67 15.52
N TYR E 114 35.99 31.82 14.51
CA TYR E 114 34.86 31.01 14.09
C TYR E 114 34.50 29.98 15.15
N ILE E 115 33.24 29.56 15.12
CA ILE E 115 32.74 28.54 16.02
C ILE E 115 31.90 27.58 15.21
N GLY E 116 31.83 26.34 15.68
CA GLY E 116 31.07 25.31 14.99
C GLY E 116 31.13 24.03 15.79
N THR E 117 30.57 22.98 15.20
CA THR E 117 30.54 21.67 15.83
C THR E 117 31.78 20.88 15.40
N MET E 118 32.66 20.59 16.36
CA MET E 118 33.89 19.86 16.07
C MET E 118 33.60 18.39 15.82
N LEU E 119 33.07 17.70 16.82
CA LEU E 119 32.68 16.31 16.68
C LEU E 119 31.24 16.27 16.18
N PRO E 120 30.99 15.83 14.96
CA PRO E 120 29.60 15.81 14.47
C PRO E 120 28.77 14.77 15.19
N ASN E 121 27.49 14.67 14.81
CA ASN E 121 26.70 13.48 15.08
C ASN E 121 26.55 12.61 13.83
N THR E 122 27.41 12.82 12.84
CA THR E 122 27.48 11.91 11.70
C THR E 122 27.86 10.50 12.20
N ARG E 123 27.50 9.50 11.40
CA ARG E 123 27.43 8.12 11.88
C ARG E 123 28.66 7.64 12.64
N PRO E 124 29.89 7.78 12.13
CA PRO E 124 31.02 7.19 12.86
C PRO E 124 31.35 7.90 14.16
N HIS E 125 31.16 9.21 14.25
CA HIS E 125 31.72 9.93 15.39
C HIS E 125 30.79 9.94 16.59
N SER E 126 29.47 10.05 16.38
CA SER E 126 28.54 10.08 17.50
C SER E 126 28.54 8.76 18.28
N TYR E 127 29.02 7.67 17.68
CA TYR E 127 29.15 6.42 18.41
C TYR E 127 30.25 6.49 19.47
N VAL E 128 31.24 7.37 19.29
CA VAL E 128 32.47 7.33 20.07
C VAL E 128 32.63 8.57 20.94
N PHE E 129 32.09 9.69 20.48
CA PHE E 129 32.38 10.99 21.09
C PHE E 129 31.13 11.61 21.68
N TYR E 130 31.22 12.02 22.95
CA TYR E 130 30.25 12.97 23.50
C TYR E 130 30.35 14.24 22.66
N GLN E 131 29.30 14.56 21.91
CA GLN E 131 29.39 15.60 20.90
C GLN E 131 29.82 16.93 21.51
N LEU E 132 30.73 17.62 20.82
CA LEU E 132 31.39 18.82 21.33
C LEU E 132 31.20 19.96 20.35
N ARG E 133 31.19 21.18 20.89
CA ARG E 133 31.07 22.41 20.10
C ARG E 133 32.05 23.42 20.67
N CYS E 134 33.12 23.71 19.91
CA CYS E 134 34.19 24.59 20.37
C CYS E 134 34.46 25.66 19.32
N HIS E 135 35.04 26.77 19.77
CA HIS E 135 35.64 27.72 18.84
C HIS E 135 36.69 27.02 18.00
N LEU E 136 36.57 27.12 16.68
CA LEU E 136 37.38 26.25 15.83
C LEU E 136 37.80 26.95 14.55
N SER E 137 38.79 26.33 13.91
CA SER E 137 39.22 26.66 12.56
C SER E 137 39.31 25.36 11.77
N TYR E 138 39.07 25.44 10.46
CA TYR E 138 39.11 24.25 9.64
C TYR E 138 39.77 24.54 8.29
N VAL E 139 40.45 23.53 7.78
CA VAL E 139 40.91 23.49 6.40
C VAL E 139 40.08 22.43 5.68
N ALA E 140 39.36 22.82 4.64
CA ALA E 140 38.40 21.94 4.00
C ALA E 140 38.59 21.95 2.49
N LEU E 141 38.42 20.78 1.88
CA LEU E 141 38.51 20.63 0.43
C LEU E 141 37.46 19.64 -0.04
N SER E 142 37.10 19.75 -1.30
CA SER E 142 36.20 18.79 -1.94
C SER E 142 36.63 18.61 -3.39
N ILE E 143 36.82 17.35 -3.78
CA ILE E 143 37.30 17.00 -5.12
C ILE E 143 36.49 15.81 -5.63
N ASN E 144 36.80 15.41 -6.86
CA ASN E 144 36.09 14.31 -7.54
C ASN E 144 34.59 14.56 -7.58
N GLY E 145 34.21 15.81 -7.82
CA GLY E 145 32.81 16.18 -7.86
C GLY E 145 32.10 16.03 -6.54
N ASP E 146 32.75 16.47 -5.46
CA ASP E 146 32.23 16.41 -4.09
C ASP E 146 31.96 14.98 -3.63
N LYS E 147 32.59 13.99 -4.27
CA LYS E 147 32.49 12.60 -3.83
C LYS E 147 33.75 12.12 -3.11
N PHE E 148 34.70 13.03 -2.86
CA PHE E 148 35.77 12.81 -1.89
C PHE E 148 36.02 14.13 -1.18
N GLN E 149 35.87 14.15 0.14
CA GLN E 149 36.02 15.36 0.91
C GLN E 149 37.01 15.15 2.05
N TYR E 150 37.79 16.18 2.34
CA TYR E 150 38.64 16.21 3.52
C TYR E 150 38.38 17.49 4.30
N THR E 151 38.42 17.39 5.63
CA THR E 151 38.13 18.52 6.51
C THR E 151 39.04 18.45 7.72
N GLY E 152 39.97 19.40 7.82
CA GLY E 152 40.84 19.55 8.97
C GLY E 152 40.38 20.52 10.05
N ALA E 153 39.35 20.17 10.80
CA ALA E 153 38.87 21.02 11.88
C ALA E 153 39.81 20.96 13.08
N MET E 154 40.02 22.10 13.73
CA MET E 154 41.01 22.21 14.79
C MET E 154 40.55 23.22 15.84
N THR E 155 41.05 23.05 17.06
CA THR E 155 40.94 24.03 18.13
C THR E 155 42.33 24.51 18.50
N SER E 156 42.42 25.33 19.54
CA SER E 156 43.73 25.63 20.10
C SER E 156 44.32 24.43 20.85
N LYS E 157 43.60 23.32 20.92
CA LYS E 157 43.99 22.17 21.74
C LYS E 157 44.24 20.90 20.93
N PHE E 158 43.38 20.58 19.96
CA PHE E 158 43.57 19.36 19.17
C PHE E 158 42.97 19.53 17.79
N LEU E 159 43.47 18.70 16.86
CA LEU E 159 43.07 18.70 15.46
C LEU E 159 42.42 17.37 15.11
N MET E 160 41.32 17.42 14.36
CA MET E 160 40.71 16.23 13.77
C MET E 160 40.50 16.47 12.29
N GLY E 161 41.37 15.87 11.47
CA GLY E 161 41.09 15.77 10.05
C GLY E 161 40.27 14.52 9.77
N THR E 162 39.25 14.67 8.92
CA THR E 162 38.34 13.58 8.62
C THR E 162 38.20 13.45 7.11
N TYR E 163 38.41 12.24 6.61
CA TYR E 163 38.24 11.93 5.19
C TYR E 163 36.87 11.32 4.95
N LYS E 164 36.25 11.69 3.82
CA LYS E 164 34.96 11.10 3.43
C LYS E 164 34.99 10.76 1.95
N ARG E 165 34.63 9.52 1.63
CA ARG E 165 34.55 9.05 0.26
C ARG E 165 33.15 8.53 -0.04
N VAL E 166 32.74 8.68 -1.30
CA VAL E 166 31.46 8.19 -1.78
C VAL E 166 31.73 7.22 -2.93
N THR E 167 31.01 6.11 -2.96
CA THR E 167 31.35 4.91 -3.73
C THR E 167 30.67 4.85 -5.10
N GLU E 168 30.07 5.94 -5.56
CA GLU E 168 29.15 6.06 -6.71
C GLU E 168 27.74 5.66 -6.30
N LYS E 169 27.53 5.25 -5.06
CA LYS E 169 26.21 5.02 -4.50
C LYS E 169 26.09 5.83 -3.22
N GLY E 170 24.98 5.68 -2.51
CA GLY E 170 24.73 6.45 -1.31
C GLY E 170 25.67 6.14 -0.16
N ASP E 171 26.58 5.18 -0.36
CA ASP E 171 27.47 4.77 0.72
C ASP E 171 28.53 5.84 0.99
N GLU E 172 28.76 6.12 2.27
CA GLU E 172 29.79 7.06 2.70
C GLU E 172 30.77 6.32 3.61
N HIS E 173 32.04 6.29 3.22
CA HIS E 173 33.11 5.79 4.05
C HIS E 173 33.83 6.97 4.69
N VAL E 174 34.03 6.90 6.01
CA VAL E 174 34.53 8.04 6.78
C VAL E 174 35.70 7.58 7.62
N LEU E 175 36.79 8.34 7.61
CA LEU E 175 37.97 8.08 8.41
C LEU E 175 38.52 9.40 8.94
N SER E 176 38.77 9.46 10.24
CA SER E 176 39.23 10.68 10.88
C SER E 176 40.50 10.43 11.69
N LEU E 177 41.41 11.40 11.64
CA LEU E 177 42.63 11.40 12.43
C LEU E 177 42.56 12.53 13.45
N ILE E 178 42.81 12.20 14.72
CA ILE E 178 42.77 13.15 15.82
C ILE E 178 44.18 13.30 16.37
N PHE E 179 44.67 14.53 16.41
CA PHE E 179 46.04 14.79 16.88
C PHE E 179 46.05 15.97 17.84
N GLY E 180 46.78 15.81 18.94
CA GLY E 180 46.93 16.87 19.90
C GLY E 180 47.65 16.34 21.13
N LYS E 181 47.77 17.22 22.14
CA LYS E 181 48.29 16.79 23.42
C LYS E 181 47.38 15.72 24.01
N THR E 182 47.99 14.70 24.61
CA THR E 182 47.23 13.59 25.16
C THR E 182 46.16 14.07 26.15
N LYS E 183 46.53 15.01 27.01
CA LYS E 183 45.61 15.46 28.06
C LYS E 183 44.40 16.18 27.47
N ASP E 184 44.60 16.93 26.38
CA ASP E 184 43.56 17.78 25.82
C ASP E 184 42.61 17.03 24.88
N LEU E 185 42.76 15.71 24.74
CA LEU E 185 41.91 14.96 23.85
C LEU E 185 40.45 15.00 24.31
N PRO E 186 39.50 15.03 23.38
CA PRO E 186 38.08 15.19 23.75
C PRO E 186 37.55 13.99 24.52
N ASP E 187 36.32 14.16 25.03
CA ASP E 187 35.75 13.21 25.97
C ASP E 187 35.18 12.00 25.23
N LEU E 188 35.59 10.81 25.68
CA LEU E 188 35.09 9.58 25.09
C LEU E 188 33.75 9.19 25.69
N ARG E 189 32.87 8.62 24.85
CA ARG E 189 31.45 8.52 25.13
C ARG E 189 31.03 7.19 25.75
N GLY E 190 31.22 6.10 25.02
CA GLY E 190 30.75 4.80 25.45
C GLY E 190 31.76 4.08 26.31
N PRO E 191 31.86 2.76 26.15
CA PRO E 191 32.88 1.98 26.87
C PRO E 191 34.26 2.17 26.28
N PHE E 192 34.39 3.17 25.40
CA PHE E 192 35.60 3.35 24.61
C PHE E 192 36.79 3.77 25.48
N SER E 193 37.98 3.39 25.03
CA SER E 193 39.22 3.61 25.73
C SER E 193 40.24 4.15 24.75
N TYR E 194 40.92 5.23 25.12
CA TYR E 194 41.79 5.94 24.18
C TYR E 194 42.96 5.13 23.64
N PRO E 195 43.71 4.35 24.44
CA PRO E 195 44.81 3.56 23.84
C PRO E 195 44.35 2.68 22.69
N SER E 196 43.18 2.06 22.82
CA SER E 196 42.63 1.25 21.74
C SER E 196 42.62 2.01 20.41
N LEU E 197 42.51 3.33 20.47
CA LEU E 197 42.46 4.17 19.27
C LEU E 197 43.71 5.01 19.06
N THR E 198 44.72 4.85 19.92
CA THR E 198 45.93 5.67 19.86
C THR E 198 47.00 4.96 19.03
N SER E 199 47.33 5.54 17.87
CA SER E 199 48.35 4.97 17.00
C SER E 199 49.76 5.43 17.34
N ALA E 200 49.92 6.53 18.07
CA ALA E 200 51.24 7.07 18.36
C ALA E 200 51.13 7.98 19.57
N GLN E 201 51.94 7.74 20.59
CA GLN E 201 51.87 8.51 21.82
C GLN E 201 53.28 8.74 22.33
N SER E 202 53.67 10.01 22.45
CA SER E 202 55.02 10.37 22.83
C SER E 202 54.97 11.56 23.77
N GLY E 203 55.50 11.40 24.97
CA GLY E 203 55.47 12.46 25.96
C GLY E 203 54.08 12.98 26.20
N ASP E 204 53.82 14.20 25.77
CA ASP E 204 52.54 14.86 26.00
C ASP E 204 51.54 14.69 24.85
N TYR E 205 51.99 14.26 23.68
CA TYR E 205 51.14 14.27 22.48
C TYR E 205 50.68 12.88 22.11
N SER E 206 49.64 12.85 21.27
CA SER E 206 49.01 11.62 20.80
C SER E 206 48.47 11.81 19.39
N LEU E 207 48.31 10.68 18.70
CA LEU E 207 47.67 10.63 17.39
C LEU E 207 46.70 9.46 17.39
N VAL E 208 45.41 9.76 17.21
CA VAL E 208 44.33 8.80 17.38
C VAL E 208 43.61 8.62 16.04
N ILE E 209 43.21 7.40 15.75
CA ILE E 209 42.52 7.06 14.51
C ILE E 209 41.12 6.57 14.86
N VAL E 210 40.12 7.11 14.18
CA VAL E 210 38.72 6.82 14.47
C VAL E 210 38.02 6.43 13.19
N THR E 211 37.52 5.19 13.12
CA THR E 211 36.79 4.75 11.94
C THR E 211 36.18 3.39 12.19
N THR E 212 35.25 3.01 11.31
CA THR E 212 34.65 1.70 11.34
C THR E 212 35.65 0.63 10.91
N PHE E 213 35.48 -0.59 11.45
CA PHE E 213 36.22 -1.72 10.89
C PHE E 213 35.87 -1.88 9.41
N VAL E 214 34.60 -1.63 9.07
CA VAL E 214 34.20 -1.59 7.66
C VAL E 214 35.04 -0.56 6.92
N HIS E 215 35.09 0.67 7.45
CA HIS E 215 35.65 1.79 6.70
C HIS E 215 37.17 1.73 6.63
N TYR E 216 37.81 1.25 7.70
CA TYR E 216 39.28 1.15 7.67
C TYR E 216 39.73 0.24 6.54
N ALA E 217 38.95 -0.79 6.22
CA ALA E 217 39.28 -1.64 5.08
C ALA E 217 39.07 -0.90 3.77
N ASN E 218 38.02 -0.08 3.69
CA ASN E 218 37.71 0.58 2.43
C ASN E 218 38.74 1.66 2.09
N PHE E 219 39.38 2.25 3.11
CA PHE E 219 40.46 3.19 2.89
C PHE E 219 41.81 2.50 2.74
N HIS E 220 41.95 1.31 3.32
CA HIS E 220 43.23 0.59 3.27
C HIS E 220 43.62 0.21 1.84
N ASN E 221 42.67 0.25 0.90
CA ASN E 221 42.99 -0.02 -0.50
C ASN E 221 43.97 1.00 -1.06
N TYR E 222 43.74 2.28 -0.78
CA TYR E 222 44.48 3.36 -1.40
C TYR E 222 45.17 4.30 -0.41
N PHE E 223 45.04 4.05 0.90
CA PHE E 223 45.51 5.00 1.92
C PHE E 223 46.10 4.20 3.08
N VAL E 224 47.43 4.04 3.04
CA VAL E 224 48.14 3.42 4.16
C VAL E 224 49.22 4.41 4.60
N PRO E 225 48.89 5.34 5.49
CA PRO E 225 49.88 6.33 5.92
C PRO E 225 51.00 5.68 6.71
N ASN E 226 52.17 6.33 6.69
CA ASN E 226 53.21 6.04 7.66
C ASN E 226 52.87 6.85 8.89
N LEU E 227 51.96 6.31 9.71
CA LEU E 227 51.54 7.02 10.92
C LEU E 227 52.73 7.34 11.81
N LYS E 228 53.76 6.50 11.78
CA LYS E 228 54.96 6.76 12.58
C LYS E 228 55.63 8.05 12.15
N ASP E 229 55.92 8.19 10.86
CA ASP E 229 56.65 9.36 10.38
C ASP E 229 55.80 10.63 10.45
N MET E 230 54.51 10.54 10.12
CA MET E 230 53.64 11.71 10.22
C MET E 230 53.66 12.26 11.64
N PHE E 231 53.53 11.38 12.63
CA PHE E 231 53.46 11.81 14.02
C PHE E 231 54.73 12.54 14.44
N SER E 232 55.90 12.01 14.07
CA SER E 232 57.15 12.65 14.42
C SER E 232 57.28 14.02 13.76
N ARG E 233 56.91 14.12 12.48
CA ARG E 233 56.99 15.40 11.79
C ARG E 233 56.04 16.43 12.40
N ALA E 234 54.85 15.99 12.82
CA ALA E 234 53.93 16.91 13.46
C ALA E 234 54.45 17.36 14.83
N VAL E 235 55.20 16.50 15.51
CA VAL E 235 55.67 16.81 16.87
C VAL E 235 56.98 17.58 16.83
N THR E 236 58.03 16.97 16.28
CA THR E 236 59.38 17.51 16.42
C THR E 236 59.63 18.76 15.59
N MET E 237 58.79 19.05 14.60
CA MET E 237 59.02 20.18 13.72
C MET E 237 58.46 21.47 14.30
N THR E 238 59.22 22.55 14.13
CA THR E 238 58.72 23.88 14.45
C THR E 238 57.57 24.25 13.51
N ALA E 239 56.62 25.02 14.04
CA ALA E 239 55.39 25.29 13.31
C ALA E 239 55.64 26.01 11.98
N ALA E 240 56.66 26.87 11.93
CA ALA E 240 56.95 27.56 10.67
C ALA E 240 57.62 26.63 9.67
N SER E 241 58.53 25.77 10.13
CA SER E 241 59.20 24.83 9.23
C SER E 241 58.26 23.73 8.76
N TYR E 242 57.32 23.32 9.61
CA TYR E 242 56.31 22.35 9.18
C TYR E 242 55.47 22.90 8.04
N ALA E 243 55.08 24.18 8.14
CA ALA E 243 54.29 24.79 7.07
C ALA E 243 55.07 24.86 5.77
N ARG E 244 56.39 25.01 5.85
CA ARG E 244 57.22 24.99 4.66
C ARG E 244 57.37 23.57 4.12
N TYR E 245 57.54 22.59 5.01
CA TYR E 245 57.65 21.20 4.60
C TYR E 245 56.44 20.79 3.75
N VAL E 246 55.24 21.11 4.23
CA VAL E 246 54.04 20.86 3.44
C VAL E 246 54.04 21.72 2.18
N LEU E 247 54.45 22.99 2.31
CA LEU E 247 54.53 23.88 1.16
C LEU E 247 55.48 23.33 0.10
N GLN E 248 56.53 22.63 0.53
CA GLN E 248 57.41 21.95 -0.42
C GLN E 248 56.65 20.90 -1.22
N LYS E 249 55.92 20.02 -0.54
CA LYS E 249 55.26 18.92 -1.23
C LYS E 249 54.22 19.44 -2.22
N LEU E 250 53.51 20.51 -1.87
CA LEU E 250 52.47 21.02 -2.76
C LEU E 250 53.06 21.62 -4.03
N VAL E 251 54.01 22.55 -3.88
CA VAL E 251 54.56 23.21 -5.07
C VAL E 251 55.35 22.22 -5.92
N LEU E 252 56.02 21.26 -5.29
CA LEU E 252 56.72 20.21 -6.03
C LEU E 252 55.77 19.12 -6.53
N LEU E 253 54.48 19.21 -6.20
CA LEU E 253 53.44 18.40 -6.83
C LEU E 253 52.64 19.17 -7.86
N GLU E 254 52.53 20.50 -7.70
CA GLU E 254 51.59 21.29 -8.49
C GLU E 254 52.04 21.43 -9.93
N MET E 255 53.27 21.91 -10.16
CA MET E 255 53.76 22.02 -11.53
C MET E 255 53.88 20.64 -12.18
N LYS E 256 54.06 19.59 -11.38
CA LYS E 256 54.00 18.24 -11.91
C LYS E 256 52.55 17.85 -12.17
N GLY E 257 52.37 16.69 -12.81
CA GLY E 257 51.03 16.28 -13.20
C GLY E 257 50.19 15.75 -12.04
N GLY E 258 50.40 16.29 -10.84
CA GLY E 258 49.78 15.76 -9.66
C GLY E 258 48.37 16.26 -9.34
N CYS E 259 48.19 17.57 -9.24
CA CYS E 259 46.94 18.12 -8.71
C CYS E 259 46.11 18.87 -9.75
N ARG E 260 46.33 18.62 -11.05
CA ARG E 260 45.34 19.07 -12.03
C ARG E 260 44.16 18.09 -12.03
N GLU E 261 44.43 16.80 -12.18
CA GLU E 261 43.50 15.74 -11.83
C GLU E 261 44.12 14.99 -10.67
N PRO E 262 43.68 15.21 -9.44
CA PRO E 262 44.37 14.63 -8.28
C PRO E 262 44.29 13.11 -8.28
N GLU E 263 45.33 12.49 -7.72
CA GLU E 263 45.40 11.05 -7.54
C GLU E 263 45.10 10.71 -6.09
N LEU E 264 44.14 9.81 -5.87
CA LEU E 264 43.67 9.48 -4.53
C LEU E 264 44.56 8.43 -3.87
N ASP E 265 45.84 8.75 -3.82
CA ASP E 265 46.86 7.82 -3.34
C ASP E 265 47.23 8.12 -1.90
N THR E 266 48.11 7.29 -1.36
CA THR E 266 48.57 7.44 0.02
C THR E 266 49.22 8.81 0.24
N GLU E 267 50.05 9.24 -0.71
CA GLU E 267 50.84 10.44 -0.52
C GLU E 267 49.98 11.69 -0.45
N THR E 268 49.08 11.87 -1.41
CA THR E 268 48.26 13.08 -1.43
C THR E 268 47.34 13.15 -0.23
N LEU E 269 46.72 12.02 0.16
CA LEU E 269 45.84 12.02 1.31
C LEU E 269 46.62 12.22 2.61
N THR E 270 47.86 11.72 2.66
CA THR E 270 48.75 12.02 3.77
C THR E 270 48.99 13.53 3.88
N THR E 271 49.21 14.17 2.73
CA THR E 271 49.48 15.61 2.72
C THR E 271 48.28 16.40 3.20
N MET E 272 47.07 16.00 2.77
CA MET E 272 45.85 16.72 3.16
C MET E 272 45.79 16.89 4.67
N PHE E 273 46.07 15.82 5.41
CA PHE E 273 46.12 15.92 6.86
C PHE E 273 47.26 16.83 7.29
N GLU E 274 48.44 16.68 6.67
CA GLU E 274 49.59 17.47 7.06
C GLU E 274 49.39 18.96 6.80
N VAL E 275 48.52 19.32 5.86
CA VAL E 275 48.12 20.71 5.72
C VAL E 275 47.40 21.19 6.97
N SER E 276 46.45 20.38 7.46
CA SER E 276 45.71 20.75 8.66
C SER E 276 46.64 20.91 9.85
N VAL E 277 47.64 20.03 9.95
CA VAL E 277 48.62 20.12 11.03
C VAL E 277 49.39 21.43 10.96
N ALA E 278 49.79 21.84 9.75
CA ALA E 278 50.60 23.05 9.61
C ALA E 278 49.87 24.27 10.15
N PHE E 279 48.58 24.41 9.82
CA PHE E 279 47.79 25.48 10.43
C PHE E 279 47.57 25.23 11.92
N PHE E 280 47.30 23.98 12.29
CA PHE E 280 47.02 23.67 13.69
C PHE E 280 48.24 23.91 14.57
N LYS E 281 49.43 23.52 14.11
CA LYS E 281 50.64 23.68 14.91
C LYS E 281 50.88 25.14 15.27
N VAL E 282 50.48 26.06 14.40
CA VAL E 282 50.62 27.48 14.68
C VAL E 282 49.59 27.92 15.73
N GLY E 283 48.32 27.58 15.49
CA GLY E 283 47.29 27.90 16.47
C GLY E 283 47.54 27.25 17.81
N HIS E 284 47.95 25.98 17.80
CA HIS E 284 48.30 25.28 19.04
C HIS E 284 49.45 25.96 19.76
N ALA E 285 50.47 26.39 19.00
CA ALA E 285 51.63 27.03 19.62
C ALA E 285 51.24 28.34 20.29
N VAL E 286 50.35 29.10 19.66
CA VAL E 286 49.89 30.35 20.27
C VAL E 286 49.01 30.06 21.48
N GLY E 287 48.08 29.11 21.36
CA GLY E 287 47.15 28.86 22.45
C GLY E 287 47.80 28.24 23.67
N GLU E 288 48.70 27.28 23.47
CA GLU E 288 49.26 26.51 24.59
C GLU E 288 50.28 27.32 25.40
N THR E 289 50.76 28.45 24.90
CA THR E 289 51.74 29.22 25.67
C THR E 289 51.13 29.92 26.88
N GLY E 290 49.80 30.00 26.95
CA GLY E 290 49.17 30.69 28.06
C GLY E 290 49.15 32.20 27.87
N ASN E 291 48.93 32.89 28.99
CA ASN E 291 48.64 34.32 28.97
C ASN E 291 49.86 35.18 28.72
N GLY E 292 50.52 34.99 27.58
CA GLY E 292 51.75 35.70 27.29
C GLY E 292 51.77 36.59 26.06
N CYS E 293 52.89 36.60 25.35
CA CYS E 293 53.07 37.44 24.18
C CYS E 293 53.94 36.72 23.17
N VAL E 294 53.56 36.81 21.90
CA VAL E 294 54.25 36.09 20.81
C VAL E 294 55.10 37.09 20.05
N ASP E 295 56.42 36.85 20.02
CA ASP E 295 57.36 37.76 19.37
C ASP E 295 56.98 38.00 17.92
N LEU E 296 56.96 39.28 17.51
CA LEU E 296 56.44 39.63 16.19
C LEU E 296 57.31 39.04 15.09
N ARG E 297 58.61 38.90 15.31
CA ARG E 297 59.46 38.28 14.30
C ARG E 297 59.08 36.82 14.08
N TRP E 298 58.68 36.13 15.15
CA TRP E 298 58.13 34.78 15.00
C TRP E 298 56.81 34.79 14.23
N LEU E 299 55.92 35.73 14.56
CA LEU E 299 54.63 35.80 13.88
C LEU E 299 54.79 36.11 12.40
N ALA E 300 55.70 37.03 12.07
CA ALA E 300 55.94 37.36 10.67
C ALA E 300 56.45 36.14 9.90
N LYS E 301 57.33 35.37 10.53
CA LYS E 301 57.86 34.16 9.90
C LYS E 301 56.77 33.11 9.70
N SER E 302 56.08 32.74 10.78
CA SER E 302 55.16 31.60 10.70
C SER E 302 53.92 31.93 9.86
N PHE E 303 53.41 33.15 9.97
CA PHE E 303 52.20 33.51 9.21
C PHE E 303 52.50 33.86 7.77
N PHE E 304 53.75 34.15 7.42
CA PHE E 304 54.14 34.17 6.02
C PHE E 304 53.96 32.79 5.39
N GLU E 305 54.43 31.76 6.08
CA GLU E 305 54.36 30.41 5.53
C GLU E 305 52.92 29.97 5.32
N LEU E 306 52.06 30.19 6.31
CA LEU E 306 50.67 29.78 6.17
C LEU E 306 49.98 30.53 5.05
N THR E 307 50.33 31.81 4.86
CA THR E 307 49.72 32.61 3.82
C THR E 307 50.11 32.10 2.43
N VAL E 308 51.36 31.69 2.24
CA VAL E 308 51.73 31.05 0.98
C VAL E 308 51.09 29.68 0.87
N LEU E 309 51.05 28.93 1.98
CA LEU E 309 50.35 27.67 2.00
C LEU E 309 48.86 27.87 1.73
N LYS E 310 48.29 28.99 2.19
CA LYS E 310 46.90 29.28 1.91
C LYS E 310 46.67 29.50 0.42
N ASP E 311 47.63 30.14 -0.27
CA ASP E 311 47.50 30.36 -1.71
C ASP E 311 47.61 29.06 -2.48
N ILE E 312 48.64 28.26 -2.18
CA ILE E 312 48.92 27.06 -2.97
C ILE E 312 47.81 26.02 -2.79
N ILE E 313 47.13 26.04 -1.66
CA ILE E 313 46.00 25.15 -1.43
C ILE E 313 44.77 25.64 -2.19
N GLY E 314 44.64 26.95 -2.36
CA GLY E 314 43.54 27.48 -3.16
C GLY E 314 43.63 27.07 -4.62
N ILE E 315 44.85 26.91 -5.14
CA ILE E 315 45.01 26.63 -6.56
C ILE E 315 45.02 25.12 -6.88
N CYS E 316 45.54 24.28 -5.99
CA CYS E 316 45.49 22.85 -6.23
C CYS E 316 44.07 22.33 -6.08
N TYR E 317 43.47 22.53 -4.91
CA TYR E 317 42.14 22.02 -4.60
C TYR E 317 41.18 23.19 -4.40
N GLY E 318 39.89 22.89 -4.53
CA GLY E 318 38.86 23.88 -4.24
C GLY E 318 38.69 24.06 -2.75
N ALA E 319 39.76 24.48 -2.08
CA ALA E 319 39.90 24.35 -0.64
C ALA E 319 39.89 25.72 0.04
N THR E 320 39.43 25.72 1.29
CA THR E 320 39.22 26.93 2.07
C THR E 320 39.89 26.79 3.44
N VAL E 321 40.47 27.89 3.91
CA VAL E 321 40.90 28.03 5.29
C VAL E 321 39.96 29.00 5.96
N LYS E 322 39.38 28.59 7.09
CA LYS E 322 38.39 29.41 7.78
C LYS E 322 38.76 29.45 9.26
N GLY E 323 39.41 30.55 9.68
CA GLY E 323 39.68 30.77 11.08
C GLY E 323 41.12 30.67 11.54
N MET E 324 42.08 31.08 10.72
CA MET E 324 43.47 31.17 11.19
C MET E 324 44.12 32.46 10.73
N GLN E 325 43.37 33.56 10.75
CA GLN E 325 43.97 34.85 10.46
C GLN E 325 43.35 35.90 11.38
N SER E 326 44.19 36.74 11.95
CA SER E 326 43.78 37.81 12.85
C SER E 326 44.03 39.14 12.17
N TYR E 327 42.97 39.95 12.00
CA TYR E 327 43.16 41.28 11.42
C TYR E 327 44.09 42.13 12.28
N GLY E 328 44.24 41.81 13.57
CA GLY E 328 45.14 42.57 14.41
C GLY E 328 46.59 42.45 13.99
N LEU E 329 47.05 41.23 13.73
CA LEU E 329 48.41 41.04 13.22
C LEU E 329 48.59 41.70 11.87
N GLU E 330 47.52 41.78 11.07
CA GLU E 330 47.62 42.34 9.73
C GLU E 330 47.74 43.86 9.77
N ARG E 331 46.96 44.51 10.65
CA ARG E 331 47.13 45.95 10.81
C ARG E 331 48.47 46.28 11.45
N LEU E 332 48.90 45.48 12.44
CA LEU E 332 50.20 45.72 13.06
C LEU E 332 51.32 45.63 12.03
N ALA E 333 51.30 44.61 11.17
CA ALA E 333 52.32 44.52 10.13
C ALA E 333 52.20 45.68 9.15
N ALA E 334 50.96 46.02 8.77
CA ALA E 334 50.76 47.09 7.78
C ALA E 334 51.27 48.43 8.30
N MET E 335 51.02 48.74 9.58
CA MET E 335 51.50 50.00 10.11
C MET E 335 53.02 50.01 10.23
N LEU E 336 53.64 48.86 10.51
CA LEU E 336 55.09 48.81 10.56
C LEU E 336 55.73 48.98 9.18
N MET E 337 54.95 48.80 8.11
CA MET E 337 55.46 49.01 6.75
C MET E 337 55.27 50.43 6.26
N ALA E 338 54.69 51.30 7.08
CA ALA E 338 54.83 52.74 6.91
C ALA E 338 56.10 53.27 7.55
N THR E 339 56.77 52.44 8.36
CA THR E 339 57.98 52.89 9.05
C THR E 339 59.14 53.06 8.09
N VAL E 340 59.40 52.05 7.26
CA VAL E 340 60.72 51.86 6.69
C VAL E 340 60.74 52.34 5.24
N LYS E 341 61.94 52.72 4.80
CA LYS E 341 62.20 53.16 3.43
C LYS E 341 62.09 51.97 2.49
N MET E 342 60.96 51.87 1.79
CA MET E 342 60.80 50.79 0.83
C MET E 342 61.82 50.87 -0.29
N GLU E 343 62.30 52.08 -0.60
CA GLU E 343 63.31 52.22 -1.65
C GLU E 343 64.67 51.70 -1.18
N GLU E 344 64.97 51.80 0.11
CA GLU E 344 66.26 51.39 0.65
C GLU E 344 66.19 50.11 1.47
N LEU E 345 65.17 49.28 1.24
CA LEU E 345 65.01 48.06 2.02
C LEU E 345 66.16 47.08 1.79
N GLY E 346 66.62 46.95 0.56
CA GLY E 346 67.68 46.00 0.25
C GLY E 346 69.02 46.35 0.87
N HIS E 347 69.19 47.60 1.33
CA HIS E 347 70.41 47.98 1.99
C HIS E 347 70.57 47.33 3.36
N LEU E 348 69.51 46.78 3.94
CA LEU E 348 69.53 46.38 5.34
C LEU E 348 70.12 44.98 5.48
N THR E 349 69.94 44.41 6.67
CA THR E 349 70.50 43.11 7.02
C THR E 349 69.73 41.99 6.32
N THR E 350 70.42 40.85 6.15
CA THR E 350 69.76 39.59 5.83
C THR E 350 68.55 39.38 6.72
N GLU E 351 68.75 39.46 8.03
CA GLU E 351 67.68 39.21 8.99
C GLU E 351 66.56 40.23 8.83
N LYS E 352 66.90 41.52 8.70
CA LYS E 352 65.87 42.54 8.66
C LYS E 352 65.06 42.48 7.37
N GLN E 353 65.71 42.15 6.25
CA GLN E 353 64.98 42.06 4.99
C GLN E 353 63.91 40.97 5.04
N GLU E 354 64.27 39.78 5.57
CA GLU E 354 63.28 38.71 5.70
C GLU E 354 62.12 39.14 6.56
N TYR E 355 62.43 39.65 7.76
CA TYR E 355 61.38 40.07 8.68
C TYR E 355 60.53 41.18 8.11
N ALA E 356 61.11 42.05 7.26
CA ALA E 356 60.34 43.12 6.64
C ALA E 356 59.42 42.60 5.56
N LEU E 357 59.96 41.81 4.62
CA LEU E 357 59.14 41.27 3.55
C LEU E 357 58.05 40.35 4.08
N ARG E 358 58.34 39.61 5.15
CA ARG E 358 57.31 38.80 5.79
C ARG E 358 56.15 39.68 6.26
N LEU E 359 56.46 40.74 7.01
CA LEU E 359 55.42 41.69 7.41
C LEU E 359 54.71 42.27 6.19
N ALA E 360 55.45 42.52 5.11
CA ALA E 360 54.86 43.14 3.92
C ALA E 360 53.78 42.27 3.32
N THR E 361 54.04 40.96 3.20
CA THR E 361 52.99 40.05 2.74
C THR E 361 51.84 40.00 3.72
N VAL E 362 52.16 39.89 5.02
CA VAL E 362 51.14 39.71 6.04
C VAL E 362 50.31 40.98 6.21
N GLY E 363 50.90 42.15 5.98
CA GLY E 363 50.26 43.40 6.38
C GLY E 363 48.97 43.72 5.64
N TYR E 364 49.05 44.07 4.36
CA TYR E 364 47.90 43.97 3.50
C TYR E 364 48.03 42.66 2.75
N PRO E 365 47.25 41.64 3.06
CA PRO E 365 47.02 40.58 2.07
C PRO E 365 46.15 41.16 0.97
N LYS E 366 45.71 40.35 0.01
CA LYS E 366 44.93 40.83 -1.14
C LYS E 366 45.63 42.05 -1.77
N ALA E 367 46.89 41.83 -2.16
CA ALA E 367 47.82 42.90 -2.50
C ALA E 367 47.19 43.94 -3.41
N GLY E 368 47.66 45.19 -3.27
CA GLY E 368 47.11 46.30 -4.01
C GLY E 368 46.31 47.33 -3.22
N VAL E 369 46.77 47.69 -2.02
CA VAL E 369 46.14 48.79 -1.28
C VAL E 369 47.05 50.01 -1.38
N TYR E 370 48.27 49.88 -0.85
CA TYR E 370 49.34 50.85 -1.04
C TYR E 370 50.45 50.10 -1.78
N SER E 371 50.59 50.39 -3.08
CA SER E 371 51.44 49.62 -3.97
C SER E 371 52.93 49.99 -3.88
N GLY E 372 53.35 50.68 -2.83
CA GLY E 372 54.77 50.91 -2.62
C GLY E 372 55.50 49.73 -2.01
N LEU E 373 54.78 48.70 -1.57
CA LEU E 373 55.44 47.50 -1.06
C LEU E 373 56.22 46.80 -2.16
N ILE E 374 55.78 46.94 -3.41
CA ILE E 374 56.49 46.33 -4.54
C ILE E 374 57.92 46.85 -4.61
N GLY E 375 58.09 48.16 -4.46
CA GLY E 375 59.42 48.75 -4.52
C GLY E 375 60.36 48.20 -3.46
N GLY E 376 59.81 47.83 -2.30
CA GLY E 376 60.64 47.20 -1.28
C GLY E 376 61.18 45.86 -1.72
N ALA E 377 60.32 45.02 -2.28
CA ALA E 377 60.79 43.74 -2.81
C ALA E 377 61.75 43.97 -3.97
N THR E 378 61.48 44.99 -4.79
CA THR E 378 62.39 45.33 -5.88
C THR E 378 63.75 45.75 -5.34
N SER E 379 63.76 46.54 -4.26
CA SER E 379 65.02 47.00 -3.67
C SER E 379 65.83 45.82 -3.16
N VAL E 380 65.17 44.83 -2.58
CA VAL E 380 65.87 43.62 -2.15
C VAL E 380 66.51 42.94 -3.35
N LEU E 381 65.76 42.81 -4.44
CA LEU E 381 66.27 42.15 -5.63
C LEU E 381 67.45 42.90 -6.23
N LEU E 382 67.36 44.22 -6.31
CA LEU E 382 68.46 45.01 -6.87
C LEU E 382 69.69 44.92 -5.99
N SER E 383 69.56 45.19 -4.68
CA SER E 383 70.70 45.11 -3.78
C SER E 383 71.24 43.69 -3.73
N ALA E 384 70.40 42.69 -3.98
CA ALA E 384 70.91 41.33 -4.10
C ALA E 384 71.63 41.13 -5.42
N TYR E 385 71.12 41.71 -6.51
CA TYR E 385 71.67 41.44 -7.83
C TYR E 385 73.12 41.90 -7.93
N ASN E 386 73.40 43.12 -7.47
CA ASN E 386 74.74 43.69 -7.64
C ASN E 386 75.78 42.93 -6.83
N ARG E 387 75.47 42.62 -5.56
CA ARG E 387 76.41 41.86 -4.75
C ARG E 387 76.47 40.40 -5.17
N HIS E 388 75.42 39.89 -5.80
CA HIS E 388 75.42 38.50 -6.29
C HIS E 388 76.24 38.42 -7.57
N PRO E 389 77.21 37.51 -7.64
CA PRO E 389 77.89 37.28 -8.92
C PRO E 389 76.88 36.89 -9.99
N LEU E 390 76.73 37.76 -10.99
CA LEU E 390 75.68 37.59 -11.97
C LEU E 390 75.82 36.25 -12.70
N PHE E 391 74.68 35.74 -13.19
CA PHE E 391 74.54 34.46 -13.89
C PHE E 391 74.74 33.25 -12.98
N GLN E 392 75.16 33.48 -11.74
CA GLN E 392 75.47 32.31 -10.92
C GLN E 392 74.20 31.74 -10.28
N PRO E 393 74.20 30.44 -9.98
CA PRO E 393 73.11 29.90 -9.16
C PRO E 393 73.15 30.51 -7.77
N LEU E 394 72.06 31.17 -7.40
CA LEU E 394 72.01 31.83 -6.10
C LEU E 394 72.05 30.80 -4.99
N HIS E 395 72.93 31.02 -4.01
CA HIS E 395 73.02 30.11 -2.89
C HIS E 395 71.78 30.23 -2.01
N THR E 396 71.57 29.22 -1.18
CA THR E 396 70.30 29.08 -0.47
C THR E 396 70.01 30.26 0.45
N VAL E 397 71.03 31.01 0.86
CA VAL E 397 70.80 32.21 1.64
C VAL E 397 69.98 33.20 0.83
N MET E 398 70.52 33.59 -0.33
CA MET E 398 69.88 34.63 -1.13
C MET E 398 68.55 34.15 -1.70
N ARG E 399 68.49 32.88 -2.12
CA ARG E 399 67.27 32.36 -2.74
C ARG E 399 66.10 32.40 -1.77
N GLU E 400 66.32 31.96 -0.53
CA GLU E 400 65.26 32.02 0.47
C GLU E 400 64.83 33.46 0.74
N THR E 401 65.80 34.37 0.82
CA THR E 401 65.50 35.79 0.97
C THR E 401 64.62 36.29 -0.17
N LEU E 402 64.98 35.93 -1.40
CA LEU E 402 64.26 36.44 -2.56
C LEU E 402 62.90 35.79 -2.73
N PHE E 403 62.74 34.53 -2.30
CA PHE E 403 61.43 33.90 -2.38
C PHE E 403 60.41 34.67 -1.54
N ILE E 404 60.81 35.12 -0.36
CA ILE E 404 59.89 35.84 0.52
C ILE E 404 59.46 37.14 -0.14
N GLY E 405 60.40 37.88 -0.72
CA GLY E 405 60.06 39.10 -1.44
C GLY E 405 59.29 38.87 -2.71
N SER E 406 59.41 37.68 -3.30
CA SER E 406 58.72 37.40 -4.56
C SER E 406 57.22 37.33 -4.38
N HIS E 407 56.74 36.90 -3.20
CA HIS E 407 55.31 36.69 -3.02
C HIS E 407 54.53 37.99 -3.13
N VAL E 408 55.07 39.09 -2.60
CA VAL E 408 54.40 40.38 -2.72
C VAL E 408 54.21 40.72 -4.19
N VAL E 409 55.26 40.54 -4.98
CA VAL E 409 55.19 40.79 -6.41
C VAL E 409 54.18 39.88 -7.07
N LEU E 410 54.16 38.60 -6.66
CA LEU E 410 53.33 37.61 -7.34
C LEU E 410 51.86 37.95 -7.27
N ARG E 411 51.41 38.57 -6.18
CA ARG E 411 50.00 38.89 -6.05
C ARG E 411 49.60 40.19 -6.76
N GLU E 412 50.56 41.06 -7.06
CA GLU E 412 50.26 42.19 -7.93
C GLU E 412 49.99 41.71 -9.35
N LEU E 413 50.77 40.74 -9.82
CA LEU E 413 50.55 40.17 -11.15
C LEU E 413 49.20 39.47 -11.28
N ARG E 414 48.61 39.07 -10.15
CA ARG E 414 47.27 38.49 -10.19
C ARG E 414 46.25 39.54 -10.62
N LEU E 415 46.47 40.79 -10.25
CA LEU E 415 45.47 41.84 -10.46
C LEU E 415 45.35 42.22 -11.93
N ASN E 416 44.16 42.72 -12.29
CA ASN E 416 43.98 43.38 -13.58
C ASN E 416 44.50 44.81 -13.56
N VAL E 417 44.51 45.44 -12.39
CA VAL E 417 45.00 46.81 -12.25
C VAL E 417 46.52 46.80 -12.20
N THR E 418 47.15 47.79 -12.85
CA THR E 418 48.60 47.81 -12.97
C THR E 418 49.26 48.05 -11.62
N THR E 419 48.69 48.94 -10.81
CA THR E 419 49.26 49.33 -9.53
C THR E 419 50.73 49.74 -9.67
N GLN E 420 50.95 50.80 -10.45
CA GLN E 420 52.31 51.34 -10.63
C GLN E 420 53.29 50.34 -11.24
N GLY E 421 53.10 50.02 -12.51
CA GLY E 421 54.03 49.22 -13.28
C GLY E 421 55.52 49.38 -13.03
N PRO E 422 56.06 50.65 -12.95
CA PRO E 422 57.52 50.84 -12.89
C PRO E 422 58.30 49.89 -11.99
N ASN E 423 57.97 49.81 -10.70
CA ASN E 423 58.67 48.87 -9.83
C ASN E 423 58.44 47.44 -10.28
N LEU E 424 57.22 47.12 -10.69
CA LEU E 424 56.90 45.76 -11.13
C LEU E 424 57.74 45.35 -12.33
N ALA E 425 57.89 46.25 -13.30
CA ALA E 425 58.67 45.94 -14.49
C ALA E 425 60.14 45.73 -14.14
N LEU E 426 60.69 46.56 -13.24
CA LEU E 426 62.09 46.43 -12.87
C LEU E 426 62.37 45.10 -12.18
N TYR E 427 61.39 44.59 -11.42
CA TYR E 427 61.55 43.27 -10.80
C TYR E 427 61.69 42.18 -11.86
N GLN E 428 60.77 42.17 -12.83
CA GLN E 428 60.81 41.14 -13.86
C GLN E 428 62.08 41.22 -14.68
N LEU E 429 62.54 42.44 -14.98
CA LEU E 429 63.79 42.60 -15.71
C LEU E 429 64.96 42.02 -14.92
N LEU E 430 65.04 42.33 -13.64
CA LEU E 430 66.12 41.78 -12.81
C LEU E 430 65.99 40.26 -12.70
N SER E 431 64.76 39.76 -12.62
CA SER E 431 64.56 38.31 -12.67
C SER E 431 65.08 37.75 -13.99
N THR E 432 64.78 38.43 -15.09
CA THR E 432 65.20 37.95 -16.40
C THR E 432 66.72 37.85 -16.49
N ALA E 433 67.42 38.88 -16.01
CA ALA E 433 68.88 38.81 -16.02
C ALA E 433 69.39 37.68 -15.13
N LEU E 434 68.66 37.37 -14.05
CA LEU E 434 69.07 36.28 -13.17
C LEU E 434 68.72 34.91 -13.73
N CYS E 435 67.79 34.82 -14.66
CA CYS E 435 67.51 33.55 -15.31
C CYS E 435 68.60 33.31 -16.34
N SER E 436 69.70 32.71 -15.88
CA SER E 436 70.85 32.43 -16.71
C SER E 436 70.90 30.93 -17.01
N ALA E 437 71.94 30.53 -17.74
CA ALA E 437 72.07 29.12 -18.10
C ALA E 437 72.20 28.24 -16.87
N LEU E 438 73.10 28.59 -15.94
CA LEU E 438 73.31 27.76 -14.77
C LEU E 438 72.29 28.01 -13.67
N GLU E 439 71.59 29.15 -13.70
CA GLU E 439 70.40 29.28 -12.86
C GLU E 439 69.40 28.17 -13.22
N ILE E 440 69.12 28.02 -14.52
CA ILE E 440 68.34 26.88 -14.98
C ILE E 440 69.04 25.58 -14.62
N GLY E 441 70.37 25.54 -14.78
CA GLY E 441 71.09 24.29 -14.57
C GLY E 441 70.98 23.76 -13.15
N GLU E 442 71.18 24.62 -12.16
CA GLU E 442 71.09 24.18 -10.78
C GLU E 442 69.65 23.87 -10.39
N VAL E 443 68.68 24.62 -10.94
CA VAL E 443 67.29 24.35 -10.59
C VAL E 443 66.86 22.97 -11.06
N LEU E 444 67.27 22.60 -12.29
CA LEU E 444 66.88 21.29 -12.80
C LEU E 444 67.54 20.17 -12.01
N ARG E 445 68.81 20.33 -11.63
CA ARG E 445 69.43 19.38 -10.72
C ARG E 445 68.67 19.33 -9.40
N GLY E 446 68.20 20.48 -8.92
CA GLY E 446 67.40 20.53 -7.71
C GLY E 446 66.05 19.88 -7.85
N LEU E 447 65.51 19.82 -9.08
CA LEU E 447 64.28 19.09 -9.33
C LEU E 447 64.51 17.62 -9.64
N ALA E 448 65.72 17.25 -10.08
CA ALA E 448 66.05 15.83 -10.20
C ALA E 448 66.21 15.18 -8.83
N LEU E 449 66.63 15.97 -7.84
CA LEU E 449 66.88 15.47 -6.49
C LEU E 449 65.87 15.96 -5.46
N GLY E 450 64.85 16.70 -5.88
CA GLY E 450 63.84 17.20 -4.95
C GLY E 450 64.34 18.18 -3.92
N THR E 451 65.52 18.78 -4.13
CA THR E 451 66.17 19.59 -3.12
C THR E 451 65.54 20.98 -3.03
N GLU E 452 66.18 21.88 -2.27
CA GLU E 452 65.57 23.16 -1.91
C GLU E 452 65.34 24.04 -3.13
N SER E 453 66.22 23.96 -4.13
CA SER E 453 66.09 24.79 -5.31
C SER E 453 64.88 24.42 -6.16
N GLY E 454 64.11 23.41 -5.75
CA GLY E 454 62.92 23.03 -6.50
C GLY E 454 61.76 24.00 -6.32
N LEU E 455 61.71 24.72 -5.20
CA LEU E 455 60.56 25.57 -4.93
C LEU E 455 60.59 26.83 -5.79
N PHE E 456 61.72 27.53 -5.82
CA PHE E 456 61.70 28.87 -6.37
C PHE E 456 63.00 29.16 -7.11
N SER E 457 62.85 29.93 -8.20
CA SER E 457 63.90 30.57 -8.95
C SER E 457 63.30 31.90 -9.37
N PRO E 458 64.08 32.98 -9.43
CA PRO E 458 63.53 34.24 -9.94
C PRO E 458 63.05 34.13 -11.36
N CYS E 459 63.53 33.12 -12.10
CA CYS E 459 63.12 32.93 -13.49
C CYS E 459 61.62 32.72 -13.62
N TYR E 460 60.96 32.24 -12.57
CA TYR E 460 59.52 31.99 -12.64
C TYR E 460 58.77 33.23 -13.10
N LEU E 461 59.13 34.39 -12.57
CA LEU E 461 58.44 35.63 -12.86
C LEU E 461 59.10 36.45 -13.95
N SER E 462 60.16 35.93 -14.57
CA SER E 462 60.95 36.71 -15.52
C SER E 462 60.16 36.94 -16.81
N LEU E 463 60.76 37.71 -17.72
CA LEU E 463 60.20 37.97 -19.04
C LEU E 463 60.76 37.03 -20.09
N ARG E 464 61.09 35.80 -19.69
CA ARG E 464 61.74 34.84 -20.57
C ARG E 464 60.71 33.79 -21.00
N PHE E 465 60.47 33.70 -22.30
CA PHE E 465 59.48 32.78 -22.83
C PHE E 465 60.03 31.88 -23.93
N ASP E 466 61.33 31.94 -24.19
CA ASP E 466 61.94 30.96 -25.10
C ASP E 466 62.06 29.59 -24.47
N LEU E 467 61.49 29.41 -23.28
CA LEU E 467 61.66 28.19 -22.51
C LEU E 467 60.64 27.15 -22.95
N THR E 468 61.11 26.07 -23.56
CA THR E 468 60.29 24.87 -23.73
C THR E 468 61.10 23.63 -23.38
N ARG E 469 60.50 22.47 -23.62
CA ARG E 469 61.08 21.20 -23.23
C ARG E 469 62.48 21.02 -23.80
N ASP E 470 62.63 21.24 -25.11
CA ASP E 470 63.91 20.99 -25.78
C ASP E 470 65.01 21.90 -25.23
N LYS E 471 64.69 23.18 -25.01
CA LYS E 471 65.70 24.13 -24.57
C LYS E 471 66.27 23.74 -23.21
N LEU E 472 65.41 23.29 -22.29
CA LEU E 472 65.88 22.93 -20.96
C LEU E 472 66.81 21.74 -21.00
N LEU E 473 66.51 20.75 -21.86
CA LEU E 473 67.28 19.51 -21.86
C LEU E 473 68.75 19.77 -22.15
N SER E 474 69.06 20.77 -22.99
CA SER E 474 70.44 21.09 -23.31
C SER E 474 71.18 21.66 -22.11
N MET E 475 70.49 22.41 -21.26
CA MET E 475 71.12 23.09 -20.14
C MET E 475 71.14 22.24 -18.88
N ALA E 476 70.75 20.98 -18.97
CA ALA E 476 70.63 20.13 -17.81
C ALA E 476 72.01 19.71 -17.28
N PRO E 477 72.08 19.31 -16.01
CA PRO E 477 73.29 18.63 -15.52
C PRO E 477 73.57 17.38 -16.34
N GLN E 478 74.82 17.22 -16.74
CA GLN E 478 75.22 16.21 -17.72
C GLN E 478 75.55 14.86 -17.11
N GLU E 479 75.39 14.70 -15.80
CA GLU E 479 75.92 13.54 -15.09
C GLU E 479 75.10 12.29 -15.37
N ALA E 480 75.80 11.19 -15.65
CA ALA E 480 75.15 9.89 -15.78
C ALA E 480 74.73 9.32 -14.43
N MET E 481 75.27 9.86 -13.33
CA MET E 481 74.87 9.40 -12.01
C MET E 481 73.42 9.76 -11.71
N LEU E 482 72.92 10.84 -12.32
CA LEU E 482 71.55 11.26 -12.10
C LEU E 482 70.58 10.46 -12.96
N ASP E 483 69.45 10.07 -12.37
CA ASP E 483 68.36 9.45 -13.10
C ASP E 483 67.87 10.41 -14.17
N GLN E 484 68.06 10.07 -15.44
CA GLN E 484 67.66 10.96 -16.53
C GLN E 484 66.21 10.77 -16.94
N ALA E 485 65.40 10.15 -16.08
CA ALA E 485 63.95 10.29 -16.08
C ALA E 485 63.49 11.34 -15.08
N ALA E 486 64.13 11.41 -13.92
CA ALA E 486 63.93 12.54 -13.01
C ALA E 486 64.45 13.83 -13.63
N VAL E 487 65.48 13.73 -14.48
CA VAL E 487 65.86 14.88 -15.30
C VAL E 487 64.75 15.24 -16.26
N SER E 488 64.21 14.25 -16.97
CA SER E 488 63.06 14.48 -17.83
C SER E 488 61.85 14.93 -17.02
N ASN E 489 61.70 14.41 -15.80
CA ASN E 489 60.66 14.89 -14.89
C ASN E 489 60.88 16.36 -14.57
N ALA E 490 62.13 16.74 -14.29
CA ALA E 490 62.44 18.12 -13.94
C ALA E 490 62.09 19.07 -15.08
N VAL E 491 62.44 18.69 -16.31
CA VAL E 491 62.14 19.53 -17.47
C VAL E 491 60.63 19.74 -17.56
N ASP E 492 59.86 18.66 -17.41
CA ASP E 492 58.40 18.77 -17.50
C ASP E 492 57.86 19.68 -16.40
N GLY E 493 58.33 19.48 -15.16
CA GLY E 493 57.80 20.27 -14.06
C GLY E 493 58.17 21.74 -14.15
N PHE E 494 59.42 22.03 -14.49
CA PHE E 494 59.85 23.41 -14.61
C PHE E 494 59.01 24.15 -15.64
N LEU E 495 58.85 23.55 -16.83
CA LEU E 495 58.02 24.16 -17.86
C LEU E 495 56.57 24.29 -17.44
N GLY E 496 56.11 23.44 -16.52
CA GLY E 496 54.76 23.56 -15.99
C GLY E 496 54.60 24.74 -15.05
N ARG E 497 55.70 25.22 -14.47
CA ARG E 497 55.63 26.40 -13.62
C ARG E 497 55.49 27.69 -14.44
N LEU E 498 56.14 27.75 -15.60
CA LEU E 498 56.08 28.97 -16.39
C LEU E 498 55.47 28.73 -17.78
N SER E 499 54.38 27.98 -17.83
CA SER E 499 53.53 28.00 -19.02
C SER E 499 52.94 29.40 -19.16
N LEU E 500 53.19 30.05 -20.31
CA LEU E 500 52.83 31.47 -20.42
C LEU E 500 51.32 31.69 -20.34
N GLU E 501 50.52 30.75 -20.83
CA GLU E 501 49.07 30.85 -20.80
C GLU E 501 48.49 29.82 -19.83
N ARG E 502 47.38 30.19 -19.19
CA ARG E 502 46.78 29.46 -18.08
C ARG E 502 47.67 29.44 -16.85
N GLU E 503 48.55 30.42 -16.71
CA GLU E 503 49.31 30.66 -15.49
C GLU E 503 49.02 32.01 -14.88
N ASP E 504 48.88 33.04 -15.71
CA ASP E 504 48.57 34.43 -15.36
C ASP E 504 49.65 35.08 -14.50
N ARG E 505 50.70 34.36 -14.13
CA ARG E 505 51.82 34.93 -13.39
C ARG E 505 53.06 35.00 -14.29
N ASP E 506 52.85 35.36 -15.56
CA ASP E 506 53.98 35.63 -16.45
C ASP E 506 53.76 36.93 -17.23
N ALA E 507 52.51 37.28 -17.54
CA ALA E 507 52.29 38.30 -18.57
C ALA E 507 50.94 38.98 -18.39
N TRP E 508 50.64 39.89 -19.34
CA TRP E 508 49.42 40.71 -19.46
C TRP E 508 49.41 41.94 -18.56
N HIS E 509 50.55 42.40 -18.06
CA HIS E 509 50.62 43.59 -17.22
C HIS E 509 51.42 44.74 -17.81
N LEU E 510 52.33 44.48 -18.74
CA LEU E 510 53.22 45.53 -19.22
C LEU E 510 52.46 46.55 -20.07
N PRO E 511 52.97 47.78 -20.14
CA PRO E 511 52.43 48.73 -21.13
C PRO E 511 52.80 48.37 -22.55
N ALA E 512 54.02 47.87 -22.76
CA ALA E 512 54.55 47.61 -24.09
C ALA E 512 54.11 46.25 -24.64
N TYR E 513 53.27 45.52 -23.92
CA TYR E 513 52.75 44.25 -24.41
C TYR E 513 51.74 44.44 -25.54
N LYS E 514 51.08 45.60 -25.61
CA LYS E 514 50.04 45.81 -26.62
C LYS E 514 50.60 45.84 -28.04
N CYS E 515 51.91 46.00 -28.21
CA CYS E 515 52.50 46.19 -29.53
C CYS E 515 52.94 44.88 -30.18
N VAL E 516 52.30 43.76 -29.84
CA VAL E 516 52.66 42.46 -30.40
C VAL E 516 51.45 41.87 -31.11
N ASP E 517 51.68 41.38 -32.33
CA ASP E 517 50.62 40.71 -33.07
C ASP E 517 50.44 39.27 -32.60
N ARG E 518 51.49 38.46 -32.70
CA ARG E 518 51.48 37.07 -32.26
C ARG E 518 52.30 36.97 -30.98
N LEU E 519 51.62 36.67 -29.88
CA LEU E 519 52.23 36.66 -28.56
C LEU E 519 53.01 35.37 -28.27
N ASP E 520 52.66 34.27 -28.93
CA ASP E 520 53.35 33.02 -28.69
C ASP E 520 54.74 32.98 -29.33
N LYS E 521 55.01 33.87 -30.29
CA LYS E 521 56.32 33.90 -30.94
C LYS E 521 57.29 34.88 -30.29
N VAL E 522 56.90 35.53 -29.19
CA VAL E 522 57.81 36.41 -28.47
C VAL E 522 58.70 35.57 -27.57
N LEU E 523 60.01 35.80 -27.67
CA LEU E 523 60.97 35.03 -26.89
C LEU E 523 61.30 35.68 -25.56
N MET E 524 61.31 37.00 -25.51
CA MET E 524 61.78 37.74 -24.34
C MET E 524 61.46 39.21 -24.55
N ILE E 525 61.27 39.90 -23.44
CA ILE E 525 61.05 41.34 -23.44
C ILE E 525 62.02 41.96 -22.45
N ILE E 526 62.77 42.97 -22.89
CA ILE E 526 63.64 43.75 -22.01
C ILE E 526 63.00 45.12 -21.83
N PRO E 527 62.33 45.36 -20.71
CA PRO E 527 61.85 46.71 -20.42
C PRO E 527 62.94 47.57 -19.78
N LEU E 528 63.55 48.44 -20.57
CA LEU E 528 64.48 49.39 -19.99
C LEU E 528 63.69 50.62 -19.54
N ILE E 529 64.39 51.65 -19.10
CA ILE E 529 63.78 52.94 -18.88
C ILE E 529 63.96 53.77 -20.16
N ASN E 530 62.89 54.44 -20.57
CA ASN E 530 62.68 55.17 -21.82
C ASN E 530 62.48 54.26 -23.03
N VAL E 531 62.55 52.93 -22.87
CA VAL E 531 62.41 52.01 -24.01
C VAL E 531 62.21 50.59 -23.49
N THR E 532 61.47 49.77 -24.22
CA THR E 532 61.41 48.34 -23.97
C THR E 532 61.59 47.60 -25.28
N PHE E 533 62.29 46.47 -25.24
CA PHE E 533 62.60 45.71 -26.43
C PHE E 533 61.75 44.45 -26.48
N ILE E 534 61.37 44.06 -27.70
CA ILE E 534 60.55 42.88 -27.95
C ILE E 534 61.40 41.91 -28.75
N ILE E 535 61.99 40.92 -28.08
CA ILE E 535 62.77 39.88 -28.74
C ILE E 535 61.82 38.75 -29.12
N SER E 536 61.68 38.51 -30.43
CA SER E 536 60.72 37.54 -30.92
C SER E 536 61.20 36.99 -32.26
N SER E 537 60.68 35.83 -32.62
CA SER E 537 60.76 35.31 -33.98
C SER E 537 59.58 35.78 -34.83
N ASP E 538 58.80 36.72 -34.32
CA ASP E 538 57.67 37.29 -35.04
C ASP E 538 58.16 38.49 -35.84
N ARG E 539 57.92 38.47 -37.15
CA ARG E 539 58.30 39.58 -38.01
C ARG E 539 57.40 40.78 -37.78
N GLU E 540 56.11 40.54 -37.54
CA GLU E 540 55.11 41.59 -37.44
C GLU E 540 54.96 42.02 -35.98
N VAL E 541 55.93 42.80 -35.51
CA VAL E 541 55.86 43.46 -34.21
C VAL E 541 55.81 44.96 -34.46
N ARG E 542 54.81 45.63 -33.87
CA ARG E 542 54.58 47.05 -34.13
C ARG E 542 55.46 47.89 -33.21
N GLY E 543 56.78 47.79 -33.44
CA GLY E 543 57.75 48.57 -32.71
C GLY E 543 58.24 49.77 -33.50
N SER E 544 59.25 50.43 -32.95
CA SER E 544 59.75 51.65 -33.58
C SER E 544 60.70 51.35 -34.73
N ALA E 545 61.37 50.21 -34.69
CA ALA E 545 62.21 49.74 -35.79
C ALA E 545 62.27 48.22 -35.72
N LEU E 546 63.12 47.62 -36.54
CA LEU E 546 63.23 46.16 -36.54
C LEU E 546 64.68 45.78 -36.85
N TYR E 547 65.31 45.06 -35.93
CA TYR E 547 66.59 44.44 -36.18
C TYR E 547 66.38 42.95 -36.42
N GLU E 548 67.25 42.36 -37.23
CA GLU E 548 67.29 40.90 -37.38
C GLU E 548 68.74 40.48 -37.30
N ALA E 549 69.12 39.83 -36.20
CA ALA E 549 70.47 39.31 -36.08
C ALA E 549 70.74 38.32 -37.20
N SER E 550 72.02 38.08 -37.48
CA SER E 550 72.35 37.02 -38.41
C SER E 550 72.07 35.71 -37.68
N THR E 551 70.84 35.20 -37.81
CA THR E 551 70.46 34.17 -36.85
C THR E 551 71.07 32.83 -37.22
N THR E 552 70.48 32.19 -38.22
CA THR E 552 70.98 31.02 -38.93
C THR E 552 69.84 30.58 -39.83
N TYR E 553 70.10 29.66 -40.75
CA TYR E 553 69.02 28.90 -41.37
C TYR E 553 68.72 27.65 -40.53
N LEU E 554 68.67 27.87 -39.22
CA LEU E 554 68.18 26.86 -38.28
C LEU E 554 67.02 27.40 -37.46
N SER E 555 67.24 28.45 -36.66
CA SER E 555 66.18 29.02 -35.84
C SER E 555 65.26 29.87 -36.71
N SER E 556 63.96 29.82 -36.39
CA SER E 556 62.94 30.44 -37.23
C SER E 556 63.37 31.81 -37.70
N SER E 557 63.62 32.70 -36.76
CA SER E 557 64.29 33.98 -36.99
C SER E 557 64.60 34.59 -35.64
N LEU E 558 65.16 35.80 -35.64
CA LEU E 558 65.46 36.51 -34.41
C LEU E 558 65.32 37.99 -34.69
N PHE E 559 64.24 38.58 -34.18
CA PHE E 559 63.94 40.00 -34.39
C PHE E 559 63.94 40.73 -33.05
N LEU E 560 64.50 41.93 -33.06
CA LEU E 560 64.42 42.85 -31.92
C LEU E 560 63.66 44.09 -32.36
N SER E 561 62.51 44.34 -31.73
CA SER E 561 61.70 45.51 -32.03
C SER E 561 61.69 46.43 -30.82
N PRO E 562 62.44 47.52 -30.83
CA PRO E 562 62.38 48.46 -29.71
C PRO E 562 61.09 49.26 -29.75
N VAL E 563 60.51 49.47 -28.57
CA VAL E 563 59.31 50.26 -28.42
C VAL E 563 59.67 51.49 -27.60
N ILE E 564 59.59 52.66 -28.21
CA ILE E 564 60.03 53.88 -27.58
C ILE E 564 58.93 54.40 -26.64
N MET E 565 59.28 54.54 -25.37
CA MET E 565 58.38 55.06 -24.34
C MET E 565 57.08 54.27 -24.25
N ASN E 566 57.14 52.99 -24.63
CA ASN E 566 55.99 52.09 -24.52
C ASN E 566 54.77 52.64 -25.24
N LYS E 567 54.99 53.21 -26.43
CA LYS E 567 53.89 53.66 -27.30
C LYS E 567 54.12 53.05 -28.67
N CYS E 568 53.15 52.27 -29.13
CA CYS E 568 53.36 51.34 -30.24
C CYS E 568 53.44 52.11 -31.57
N SER E 569 53.55 51.35 -32.66
CA SER E 569 53.50 51.89 -34.01
C SER E 569 52.20 51.50 -34.67
N GLN E 570 51.80 52.31 -35.65
CA GLN E 570 50.52 52.09 -36.34
C GLN E 570 50.52 50.73 -37.03
N GLY E 571 51.59 50.42 -37.76
CA GLY E 571 51.79 49.09 -38.31
C GLY E 571 53.27 48.76 -38.27
N ALA E 572 53.55 47.47 -38.30
CA ALA E 572 54.94 47.02 -38.29
C ALA E 572 55.69 47.63 -39.47
N VAL E 573 56.85 48.23 -39.18
CA VAL E 573 57.62 48.86 -40.24
C VAL E 573 57.96 47.83 -41.30
N ALA E 574 57.86 48.24 -42.56
CA ALA E 574 58.01 47.34 -43.70
C ALA E 574 59.39 47.50 -44.32
N GLY E 575 59.75 46.51 -45.15
CA GLY E 575 61.06 46.48 -45.76
C GLY E 575 62.05 45.66 -44.94
N GLU E 576 63.30 45.72 -45.37
CA GLU E 576 64.36 44.97 -44.70
C GLU E 576 64.57 45.51 -43.28
N PRO E 577 64.73 44.64 -42.29
CA PRO E 577 65.10 45.10 -40.95
C PRO E 577 66.54 45.59 -40.93
N ARG E 578 66.88 46.33 -39.88
CA ARG E 578 68.22 46.89 -39.74
C ARG E 578 69.22 45.79 -39.39
N GLN E 579 70.44 45.92 -39.93
CA GLN E 579 71.52 45.03 -39.56
C GLN E 579 72.10 45.46 -38.21
N ILE E 580 72.67 44.49 -37.49
CA ILE E 580 73.21 44.79 -36.17
C ILE E 580 74.65 45.26 -36.34
N PRO E 581 74.95 46.52 -36.00
CA PRO E 581 76.33 47.00 -36.18
C PRO E 581 77.30 46.29 -35.26
N LYS E 582 78.47 45.97 -35.79
CA LYS E 582 79.55 45.32 -35.06
C LYS E 582 80.50 46.38 -34.51
N ILE E 583 81.09 46.08 -33.35
CA ILE E 583 81.86 47.06 -32.60
C ILE E 583 83.14 46.42 -32.06
N GLN E 584 84.29 46.93 -32.49
CA GLN E 584 85.57 46.65 -31.86
C GLN E 584 86.23 47.89 -31.26
N ASN E 585 85.88 49.09 -31.71
CA ASN E 585 86.45 50.33 -31.16
C ASN E 585 85.78 50.62 -29.82
N PHE E 586 86.12 49.79 -28.84
CA PHE E 586 85.61 49.93 -27.48
C PHE E 586 86.58 49.22 -26.54
N THR E 587 87.11 49.95 -25.57
CA THR E 587 88.15 49.45 -24.68
C THR E 587 87.55 48.63 -23.54
N ARG E 588 88.32 47.64 -23.07
CA ARG E 588 87.74 46.62 -22.21
C ARG E 588 87.44 47.16 -20.81
N THR E 589 88.36 47.93 -20.23
CA THR E 589 88.14 48.47 -18.90
C THR E 589 87.53 49.86 -19.01
N GLN E 590 86.46 50.10 -18.27
CA GLN E 590 85.78 51.38 -18.25
C GLN E 590 85.65 51.87 -16.81
N LYS E 591 86.05 53.11 -16.57
CA LYS E 591 85.97 53.70 -15.24
C LYS E 591 84.74 54.60 -15.07
N SER E 592 83.83 54.57 -16.04
CA SER E 592 82.50 55.14 -15.89
C SER E 592 81.49 54.08 -16.31
N CYS E 593 80.22 54.37 -16.06
CA CYS E 593 79.14 53.37 -16.20
C CYS E 593 78.53 53.36 -17.60
N ILE E 594 79.36 53.51 -18.64
CA ILE E 594 78.93 53.76 -20.02
C ILE E 594 77.81 52.83 -20.46
N PHE E 595 77.63 51.70 -19.77
CA PHE E 595 76.55 50.78 -20.08
C PHE E 595 75.38 50.87 -19.09
N CYS E 596 75.39 51.84 -18.18
CA CYS E 596 74.29 51.98 -17.24
C CYS E 596 72.95 52.12 -17.97
N GLY E 597 71.95 51.40 -17.50
CA GLY E 597 70.64 51.41 -18.11
C GLY E 597 70.50 50.55 -19.34
N PHE E 598 71.57 49.88 -19.77
CA PHE E 598 71.56 49.06 -20.97
C PHE E 598 71.40 47.59 -20.60
N ALA E 599 71.06 46.78 -21.62
CA ALA E 599 70.90 45.35 -21.48
C ALA E 599 71.97 44.64 -22.31
N LEU E 600 72.33 43.42 -21.89
CA LEU E 600 73.36 42.64 -22.54
C LEU E 600 72.81 41.25 -22.81
N LEU E 601 72.58 40.93 -24.08
CA LEU E 601 72.02 39.64 -24.48
C LEU E 601 73.12 38.71 -24.99
N SER E 602 73.16 37.52 -24.44
CA SER E 602 74.03 36.45 -24.92
C SER E 602 73.15 35.44 -25.63
N TYR E 603 73.45 35.16 -26.91
CA TYR E 603 72.65 34.21 -27.67
C TYR E 603 73.53 33.30 -28.51
N ASP E 604 73.19 32.01 -28.52
CA ASP E 604 73.77 31.01 -29.39
C ASP E 604 72.86 30.83 -30.59
N GLU E 605 73.45 30.76 -31.78
CA GLU E 605 72.67 30.81 -33.01
C GLU E 605 71.72 29.63 -33.14
N LYS E 606 72.16 28.43 -32.75
CA LYS E 606 71.29 27.27 -32.85
C LYS E 606 70.39 27.12 -31.63
N GLU E 607 70.95 27.19 -30.43
CA GLU E 607 70.15 26.99 -29.22
C GLU E 607 69.10 28.09 -29.06
N GLY E 608 69.53 29.33 -29.15
CA GLY E 608 68.70 30.46 -28.79
C GLY E 608 69.40 31.36 -27.79
N LEU E 609 68.63 32.06 -26.97
CA LEU E 609 69.20 32.99 -26.01
C LEU E 609 69.77 32.23 -24.81
N GLU E 610 70.91 32.72 -24.31
CA GLU E 610 71.62 32.07 -23.21
C GLU E 610 71.50 32.85 -21.91
N THR E 611 71.93 34.11 -21.90
CA THR E 611 71.84 34.94 -20.71
C THR E 611 71.39 36.34 -21.12
N THR E 612 70.81 37.03 -20.16
CA THR E 612 70.60 38.47 -20.25
C THR E 612 71.24 39.12 -19.03
N THR E 613 71.78 40.32 -19.23
CA THR E 613 72.38 41.08 -18.15
C THR E 613 71.88 42.51 -18.19
N TYR E 614 71.60 43.07 -17.02
CA TYR E 614 71.17 44.46 -16.89
C TYR E 614 72.29 45.21 -16.19
N ILE E 615 72.90 46.15 -16.91
CA ILE E 615 73.97 46.96 -16.36
C ILE E 615 73.33 48.02 -15.46
N THR E 616 73.29 47.74 -14.16
CA THR E 616 72.62 48.59 -13.19
C THR E 616 73.57 49.50 -12.43
N SER E 617 74.81 49.08 -12.21
CA SER E 617 75.76 49.86 -11.44
C SER E 617 77.14 49.68 -12.03
N GLN E 618 78.09 50.44 -11.49
CA GLN E 618 79.48 50.32 -11.94
C GLN E 618 80.06 48.95 -11.58
N GLU E 619 79.75 48.45 -10.38
CA GLU E 619 80.24 47.14 -9.98
C GLU E 619 79.69 46.05 -10.89
N VAL E 620 78.51 46.25 -11.46
CA VAL E 620 77.96 45.28 -12.41
C VAL E 620 78.76 45.30 -13.69
N GLN E 621 78.98 46.47 -14.27
CA GLN E 621 79.67 46.57 -15.55
C GLN E 621 81.11 46.09 -15.45
N ASN E 622 81.81 46.50 -14.38
CA ASN E 622 83.17 46.04 -14.19
C ASN E 622 83.22 44.55 -13.91
N SER E 623 82.14 43.99 -13.35
CA SER E 623 82.07 42.53 -13.19
C SER E 623 81.88 41.82 -14.53
N ILE E 624 81.46 42.54 -15.56
CA ILE E 624 81.30 41.96 -16.89
C ILE E 624 82.63 41.96 -17.64
N LEU E 625 83.23 43.14 -17.76
CA LEU E 625 84.42 43.31 -18.59
C LEU E 625 85.60 42.55 -18.01
N SER E 626 85.80 42.64 -16.69
CA SER E 626 86.97 42.02 -16.06
C SER E 626 86.88 40.51 -16.06
N SER E 627 85.67 39.95 -15.98
CA SER E 627 85.51 38.51 -15.94
C SER E 627 85.72 37.91 -17.32
N ASN E 628 85.54 36.59 -17.40
CA ASN E 628 85.67 35.83 -18.63
C ASN E 628 84.40 35.86 -19.49
N TYR E 629 83.51 36.82 -19.23
CA TYR E 629 82.18 36.81 -19.84
C TYR E 629 82.25 36.90 -21.36
N PHE E 630 83.07 37.81 -21.87
CA PHE E 630 83.18 38.01 -23.31
C PHE E 630 84.11 36.97 -23.91
N ASP E 631 83.54 36.04 -24.67
CA ASP E 631 84.28 34.99 -25.37
C ASP E 631 83.91 35.07 -26.86
N PHE E 632 84.66 35.89 -27.60
CA PHE E 632 84.44 35.98 -29.04
C PHE E 632 85.07 34.83 -29.80
N ASP E 633 86.02 34.10 -29.20
CA ASP E 633 86.62 32.95 -29.88
C ASP E 633 85.61 31.85 -30.16
N ASN E 634 84.45 31.91 -29.51
CA ASN E 634 83.29 31.13 -29.94
C ASN E 634 82.50 31.99 -30.91
N LEU E 635 82.59 31.67 -32.21
CA LEU E 635 81.82 32.40 -33.20
C LEU E 635 80.34 32.03 -33.13
N HIS E 636 80.02 30.85 -32.62
CA HIS E 636 78.63 30.43 -32.45
C HIS E 636 77.88 31.31 -31.46
N VAL E 637 78.58 32.15 -30.72
CA VAL E 637 77.98 33.00 -29.70
C VAL E 637 78.25 34.46 -30.06
N HIS E 638 77.22 35.29 -29.92
CA HIS E 638 77.32 36.72 -30.12
C HIS E 638 76.82 37.44 -28.89
N TYR E 639 77.10 38.73 -28.82
CA TYR E 639 76.75 39.55 -27.67
C TYR E 639 76.01 40.79 -28.15
N LEU E 640 74.76 40.92 -27.74
CA LEU E 640 73.92 42.04 -28.13
C LEU E 640 73.84 43.07 -27.01
N LEU E 641 74.02 44.33 -27.37
CA LEU E 641 73.86 45.45 -26.45
C LEU E 641 72.58 46.19 -26.82
N LEU E 642 71.62 46.20 -25.91
CA LEU E 642 70.35 46.87 -26.11
C LEU E 642 70.37 48.18 -25.33
N THR E 643 70.37 49.29 -26.04
CA THR E 643 70.56 50.60 -25.45
C THR E 643 69.23 51.30 -25.18
N THR E 644 69.24 52.21 -24.20
CA THR E 644 68.11 53.11 -24.04
C THR E 644 67.98 54.03 -25.26
N ASN E 645 69.08 54.25 -25.99
CA ASN E 645 69.01 54.93 -27.27
C ASN E 645 67.95 54.32 -28.19
N GLY E 646 67.64 53.05 -28.00
CA GLY E 646 66.80 52.33 -28.92
C GLY E 646 67.56 51.55 -29.96
N THR E 647 68.87 51.36 -29.78
CA THR E 647 69.73 50.70 -30.75
C THR E 647 70.11 49.31 -30.27
N VAL E 648 70.32 48.41 -31.24
CA VAL E 648 70.84 47.07 -31.00
C VAL E 648 72.24 47.00 -31.59
N MET E 649 73.20 46.52 -30.81
CA MET E 649 74.59 46.49 -31.23
C MET E 649 75.21 45.15 -30.87
N GLU E 650 76.12 44.67 -31.72
CA GLU E 650 76.87 43.45 -31.45
C GLU E 650 78.29 43.81 -31.03
N ILE E 651 78.80 43.08 -30.05
CA ILE E 651 80.14 43.28 -29.53
C ILE E 651 81.03 42.20 -30.12
N ALA E 652 82.07 42.61 -30.84
CA ALA E 652 82.93 41.67 -31.56
C ALA E 652 84.37 41.65 -31.08
N GLY E 653 84.83 42.67 -30.36
CA GLY E 653 86.19 42.68 -29.90
C GLY E 653 86.52 43.83 -28.98
N LEU E 654 87.45 43.61 -28.06
CA LEU E 654 87.88 44.62 -27.10
C LEU E 654 89.40 44.66 -27.05
N TYR E 655 89.93 45.77 -26.57
CA TYR E 655 91.37 45.88 -26.39
C TYR E 655 91.74 45.46 -24.97
N ALA F 2 15.74 -8.44 44.80
CA ALA F 2 17.17 -8.58 45.09
C ALA F 2 18.00 -7.97 43.97
N TYR F 3 19.14 -8.60 43.68
CA TYR F 3 20.02 -8.23 42.56
C TYR F 3 20.53 -6.80 42.66
N PRO F 4 21.48 -6.49 43.54
CA PRO F 4 22.19 -5.21 43.41
C PRO F 4 22.85 -5.06 42.04
N CYS F 5 23.26 -6.17 41.44
CA CYS F 5 23.66 -6.21 40.02
C CYS F 5 22.39 -6.49 39.21
N CYS F 6 21.81 -5.43 38.65
CA CYS F 6 20.58 -5.54 37.87
C CYS F 6 20.91 -5.75 36.39
N HIS F 7 19.90 -5.65 35.52
CA HIS F 7 20.09 -5.85 34.09
C HIS F 7 19.42 -4.70 33.33
N VAL F 8 20.11 -4.21 32.31
CA VAL F 8 19.72 -2.98 31.62
C VAL F 8 18.99 -3.32 30.33
N THR F 9 17.97 -2.52 29.99
CA THR F 9 17.27 -2.60 28.73
C THR F 9 16.80 -1.20 28.34
N GLN F 10 16.98 -0.83 27.08
CA GLN F 10 16.59 0.49 26.59
C GLN F 10 15.21 0.47 25.92
N LEU F 17 11.89 7.85 31.55
CA LEU F 17 12.38 8.66 32.67
C LEU F 17 13.71 9.32 32.32
N ALA F 18 13.87 10.58 32.71
CA ALA F 18 15.05 11.36 32.36
C ALA F 18 15.68 11.93 33.63
N LEU F 19 16.63 12.86 33.47
CA LEU F 19 17.57 13.21 34.52
C LEU F 19 17.00 14.12 35.62
N GLU F 20 16.09 15.03 35.28
CA GLU F 20 15.66 16.01 36.28
C GLU F 20 14.96 15.34 37.45
N ASN F 21 14.16 14.31 37.19
CA ASN F 21 13.50 13.54 38.24
C ASN F 21 14.45 12.55 38.95
N ILE F 22 15.76 12.64 38.78
CA ILE F 22 16.71 11.71 39.37
C ILE F 22 17.50 12.42 40.45
N SER F 23 17.74 11.72 41.57
CA SER F 23 18.41 12.30 42.72
C SER F 23 19.72 11.61 43.08
N ASP F 24 19.74 10.28 43.13
CA ASP F 24 20.92 9.54 43.54
C ASP F 24 21.25 8.47 42.52
N ILE F 25 22.54 8.16 42.40
CA ILE F 25 23.03 7.15 41.47
C ILE F 25 24.09 6.32 42.17
N TYR F 26 23.95 4.99 42.11
CA TYR F 26 24.86 4.07 42.76
C TYR F 26 25.64 3.28 41.72
N LEU F 27 26.93 3.10 41.97
CA LEU F 27 27.81 2.39 41.05
C LEU F 27 28.41 1.17 41.74
N VAL F 28 28.60 0.12 40.96
CA VAL F 28 29.14 -1.12 41.47
C VAL F 28 30.66 -1.08 41.39
N SER F 29 31.31 -1.93 42.18
CA SER F 29 32.76 -2.05 42.10
C SER F 29 33.15 -2.94 40.93
N ASN F 30 34.45 -2.99 40.62
CA ASN F 30 34.90 -3.76 39.46
C ASN F 30 34.87 -5.26 39.70
N GLN F 31 34.67 -5.71 40.94
CA GLN F 31 34.47 -7.12 41.27
C GLN F 31 33.05 -7.44 41.71
N THR F 32 32.18 -6.43 41.86
CA THR F 32 30.84 -6.67 42.40
C THR F 32 29.99 -7.49 41.45
N CYS F 33 30.06 -7.20 40.15
CA CYS F 33 29.19 -7.81 39.16
C CYS F 33 29.99 -8.53 38.07
N ASP F 34 31.10 -9.15 38.46
CA ASP F 34 31.88 -10.03 37.58
C ASP F 34 32.33 -9.30 36.31
N GLY F 35 32.66 -8.02 36.43
CA GLY F 35 33.14 -7.22 35.32
C GLY F 35 32.12 -6.26 34.74
N PHE F 36 30.83 -6.52 34.97
CA PHE F 36 29.80 -5.62 34.46
C PHE F 36 29.88 -4.28 35.16
N SER F 37 29.77 -3.20 34.41
CA SER F 37 29.61 -1.87 34.98
C SER F 37 28.12 -1.56 34.94
N LEU F 38 27.49 -1.62 36.11
CA LEU F 38 26.06 -1.42 36.23
C LEU F 38 25.77 -0.37 37.28
N ALA F 39 24.64 0.30 37.14
CA ALA F 39 24.29 1.39 38.03
C ALA F 39 22.79 1.34 38.33
N SER F 40 22.40 2.10 39.36
CA SER F 40 20.99 2.22 39.74
C SER F 40 20.63 3.70 39.83
N LEU F 41 19.62 4.10 39.07
CA LEU F 41 19.07 5.45 39.11
C LEU F 41 17.76 5.41 39.88
N ASN F 42 17.51 6.45 40.68
CA ASN F 42 16.36 6.41 41.57
C ASN F 42 15.88 7.82 41.87
N SER F 43 14.65 7.89 42.41
CA SER F 43 13.98 9.11 42.80
C SER F 43 13.69 9.09 44.30
N PRO F 44 13.81 10.23 44.99
CA PRO F 44 13.70 10.29 46.45
C PRO F 44 12.26 10.21 46.95
N ILE F 53 12.44 2.98 44.39
CA ILE F 53 12.11 3.20 42.98
C ILE F 53 13.40 3.25 42.18
N SER F 54 13.93 2.09 41.80
CA SER F 54 15.25 1.96 41.19
C SER F 54 15.12 1.38 39.79
N ARG F 55 15.66 2.11 38.81
CA ARG F 55 15.85 1.61 37.46
C ARG F 55 17.31 1.27 37.23
N CYS F 56 17.57 0.39 36.26
CA CYS F 56 18.91 -0.10 35.98
C CYS F 56 19.53 0.66 34.82
N ALA F 57 20.81 0.98 34.95
CA ALA F 57 21.51 1.82 33.99
C ALA F 57 22.83 1.19 33.56
N ASN F 58 23.21 1.50 32.32
CA ASN F 58 24.52 1.12 31.80
C ASN F 58 25.59 1.90 32.57
N GLY F 59 26.36 1.20 33.39
CA GLY F 59 27.39 1.86 34.17
C GLY F 59 28.36 2.65 33.31
N LEU F 60 28.94 2.00 32.31
CA LEU F 60 30.00 2.62 31.52
C LEU F 60 29.52 3.91 30.86
N ASN F 61 28.32 3.88 30.27
CA ASN F 61 27.75 5.10 29.72
C ASN F 61 27.56 6.14 30.81
N VAL F 62 27.07 5.71 31.97
CA VAL F 62 26.77 6.64 33.05
C VAL F 62 28.05 7.28 33.58
N VAL F 63 29.09 6.48 33.78
CA VAL F 63 30.33 7.02 34.35
C VAL F 63 30.93 8.07 33.41
N SER F 64 30.98 7.76 32.11
CA SER F 64 31.58 8.68 31.15
C SER F 64 30.84 10.01 31.12
N PHE F 65 29.51 9.97 31.22
CA PHE F 65 28.71 11.18 31.32
C PHE F 65 29.25 12.10 32.40
N PHE F 66 29.30 11.61 33.64
CA PHE F 66 29.78 12.45 34.74
C PHE F 66 31.21 12.90 34.49
N ILE F 67 32.06 11.99 34.01
CA ILE F 67 33.44 12.36 33.73
C ILE F 67 33.48 13.50 32.73
N SER F 68 32.67 13.41 31.67
CA SER F 68 32.59 14.50 30.71
C SER F 68 31.96 15.74 31.32
N ILE F 69 31.00 15.57 32.24
CA ILE F 69 30.43 16.72 32.94
C ILE F 69 31.50 17.43 33.73
N LEU F 70 32.30 16.69 34.49
CA LEU F 70 33.36 17.29 35.28
C LEU F 70 34.47 17.82 34.39
N LYS F 71 34.80 17.08 33.32
CA LYS F 71 35.81 17.57 32.37
C LYS F 71 35.36 18.87 31.72
N ARG F 72 34.09 18.95 31.30
CA ARG F 72 33.56 20.19 30.75
C ARG F 72 33.59 21.31 31.78
N SER F 73 33.50 20.97 33.05
CA SER F 73 33.58 21.96 34.11
C SER F 73 35.00 22.03 34.67
N SER F 74 35.88 22.61 33.85
CA SER F 74 37.21 22.93 34.33
C SER F 74 37.17 23.94 35.48
N SER F 75 36.06 24.67 35.61
CA SER F 75 35.86 25.64 36.67
C SER F 75 35.14 25.06 37.89
N ALA F 76 35.11 23.74 38.01
CA ALA F 76 34.64 23.08 39.24
C ALA F 76 35.84 22.81 40.13
N LEU F 77 36.43 23.90 40.63
CA LEU F 77 37.71 23.87 41.31
C LEU F 77 37.60 23.44 42.76
N THR F 78 36.52 22.77 43.13
CA THR F 78 36.39 22.21 44.48
C THR F 78 37.34 21.03 44.66
N SER F 79 38.04 21.01 45.79
CA SER F 79 38.81 19.83 46.14
C SER F 79 37.95 18.60 46.32
N HIS F 80 36.66 18.79 46.62
CA HIS F 80 35.72 17.68 46.72
C HIS F 80 35.31 17.19 45.33
N LEU F 81 34.92 18.11 44.45
CA LEU F 81 34.44 17.72 43.12
C LEU F 81 35.58 17.22 42.26
N ARG F 82 36.70 17.94 42.22
CA ARG F 82 37.82 17.54 41.38
C ARG F 82 38.43 16.22 41.82
N GLU F 83 38.22 15.82 43.07
CA GLU F 83 38.62 14.48 43.52
C GLU F 83 37.63 13.42 43.06
N LEU F 84 36.35 13.77 42.95
CA LEU F 84 35.39 12.83 42.40
C LEU F 84 35.71 12.49 40.95
N LEU F 85 36.11 13.50 40.17
CA LEU F 85 36.42 13.27 38.75
C LEU F 85 37.57 12.30 38.59
N THR F 86 38.67 12.51 39.32
CA THR F 86 39.83 11.64 39.17
C THR F 86 39.56 10.25 39.76
N THR F 87 38.68 10.16 40.76
CA THR F 87 38.30 8.84 41.28
C THR F 87 37.42 8.10 40.27
N LEU F 88 36.51 8.82 39.60
CA LEU F 88 35.70 8.19 38.57
C LEU F 88 36.55 7.66 37.43
N GLU F 89 37.60 8.39 37.07
CA GLU F 89 38.42 8.01 35.92
C GLU F 89 39.15 6.69 36.18
N SER F 90 39.74 6.53 37.37
CA SER F 90 40.38 5.26 37.70
C SER F 90 39.34 4.14 37.81
N LEU F 91 38.14 4.48 38.29
CA LEU F 91 37.05 3.51 38.31
C LEU F 91 36.69 3.04 36.92
N TYR F 92 36.59 3.97 35.98
CA TYR F 92 36.12 3.65 34.63
C TYR F 92 37.11 2.74 33.91
N GLY F 93 38.41 2.95 34.12
CA GLY F 93 39.42 2.10 33.51
C GLY F 93 39.54 0.73 34.15
N SER F 94 39.12 0.60 35.42
CA SER F 94 39.22 -0.70 36.08
C SER F 94 38.28 -1.72 35.45
N PHE F 95 37.15 -1.28 34.92
CA PHE F 95 36.26 -2.18 34.21
C PHE F 95 36.84 -2.53 32.85
N SER F 96 36.68 -3.80 32.46
CA SER F 96 37.14 -4.27 31.16
C SER F 96 35.93 -4.60 30.31
N VAL F 97 35.62 -3.70 29.37
CA VAL F 97 34.69 -4.04 28.30
C VAL F 97 35.33 -5.07 27.37
N GLU F 98 36.65 -5.05 27.25
CA GLU F 98 37.34 -6.04 26.43
C GLU F 98 37.09 -7.45 26.94
N ASP F 99 36.96 -7.61 28.26
CA ASP F 99 36.59 -8.91 28.80
C ASP F 99 35.12 -9.23 28.64
N LEU F 100 34.32 -8.31 28.10
CA LEU F 100 32.97 -8.70 27.70
C LEU F 100 33.08 -9.61 26.48
N PHE F 101 33.45 -10.87 26.73
CA PHE F 101 33.63 -11.88 25.70
C PHE F 101 32.29 -12.38 25.23
N GLY F 102 32.32 -13.62 24.81
CA GLY F 102 31.13 -14.41 24.95
C GLY F 102 30.79 -14.66 26.41
N ALA F 103 30.77 -13.58 27.19
CA ALA F 103 30.33 -13.62 28.57
C ALA F 103 28.81 -13.55 28.63
N ASN F 104 28.23 -14.37 29.51
CA ASN F 104 26.78 -14.50 29.61
C ASN F 104 26.14 -13.17 29.97
N LEU F 105 25.44 -12.56 29.00
CA LEU F 105 24.99 -11.18 29.15
C LEU F 105 23.74 -11.01 30.00
N ASN F 106 23.00 -12.09 30.25
CA ASN F 106 21.71 -12.02 30.92
C ASN F 106 21.76 -12.76 32.26
N ARG F 107 22.83 -12.53 33.02
CA ARG F 107 22.99 -13.21 34.30
C ARG F 107 21.96 -12.78 35.34
N TYR F 108 21.27 -11.66 35.14
CA TYR F 108 20.42 -11.10 36.17
C TYR F 108 19.05 -10.73 35.59
N ALA F 109 18.13 -10.45 36.50
CA ALA F 109 16.79 -9.96 36.17
C ALA F 109 16.09 -10.81 35.11
N ASP G 20 62.74 53.81 40.98
CA ASP G 20 61.42 53.51 41.53
C ASP G 20 60.34 54.41 40.94
N ILE G 21 59.48 53.81 40.13
CA ILE G 21 58.36 54.53 39.55
C ILE G 21 57.24 54.64 40.58
N VAL G 22 56.58 55.80 40.63
CA VAL G 22 55.52 56.06 41.60
C VAL G 22 54.18 56.05 40.87
N MET G 23 53.27 55.18 41.32
CA MET G 23 51.92 55.09 40.77
C MET G 23 50.96 55.79 41.74
N THR G 24 50.26 56.79 41.23
CA THR G 24 49.46 57.70 42.06
C THR G 24 48.01 57.62 41.59
N GLN G 25 47.20 56.80 42.27
CA GLN G 25 45.78 56.73 41.97
C GLN G 25 45.03 57.90 42.59
N THR G 26 44.07 58.43 41.84
CA THR G 26 43.09 59.34 42.40
C THR G 26 41.71 58.86 41.96
N PRO G 27 40.74 58.77 42.88
CA PRO G 27 40.82 59.10 44.31
C PRO G 27 41.36 57.95 45.15
N PRO G 28 41.59 58.16 46.46
CA PRO G 28 41.92 57.02 47.33
C PRO G 28 40.67 56.24 47.71
N SER G 29 39.57 56.96 47.90
CA SER G 29 38.28 56.35 48.18
C SER G 29 37.20 57.11 47.43
N LEU G 30 36.06 56.46 47.27
CA LEU G 30 35.03 56.96 46.36
C LEU G 30 33.74 56.20 46.65
N SER G 31 32.61 56.90 46.59
CA SER G 31 31.32 56.28 46.85
C SER G 31 30.36 56.57 45.70
N ALA G 32 29.62 55.56 45.28
CA ALA G 32 28.61 55.69 44.24
C ALA G 32 27.56 54.61 44.42
N SER G 33 26.35 54.88 43.94
CA SER G 33 25.26 53.93 44.05
C SER G 33 25.33 52.89 42.94
N VAL G 34 24.40 51.94 42.96
CA VAL G 34 24.39 50.88 41.97
C VAL G 34 23.99 51.46 40.62
N GLY G 35 24.79 51.18 39.60
CA GLY G 35 24.50 51.64 38.25
C GLY G 35 25.10 52.98 37.86
N ASP G 36 25.95 53.57 38.71
CA ASP G 36 26.61 54.80 38.34
C ASP G 36 27.76 54.51 37.38
N ARG G 37 28.32 55.57 36.80
CA ARG G 37 29.55 55.50 36.03
C ARG G 37 30.70 55.90 36.95
N VAL G 38 31.56 54.93 37.27
CA VAL G 38 32.68 55.14 38.17
C VAL G 38 33.95 55.21 37.34
N THR G 39 34.77 56.24 37.59
CA THR G 39 36.00 56.45 36.84
C THR G 39 37.16 56.52 37.82
N LEU G 40 38.12 55.61 37.66
CA LEU G 40 39.33 55.62 38.47
C LEU G 40 40.50 56.09 37.63
N THR G 41 41.36 56.91 38.23
CA THR G 41 42.54 57.44 37.56
C THR G 41 43.78 56.92 38.25
N CYS G 42 44.87 56.88 37.49
CA CYS G 42 46.16 56.39 37.99
C CYS G 42 47.24 56.91 37.07
N ARG G 43 48.19 57.66 37.62
CA ARG G 43 49.24 58.30 36.84
C ARG G 43 50.59 57.75 37.23
N ALA G 44 51.49 57.70 36.25
CA ALA G 44 52.85 57.24 36.46
C ALA G 44 53.81 58.42 36.53
N SER G 45 54.91 58.23 37.25
CA SER G 45 55.92 59.28 37.36
C SER G 45 56.70 59.44 36.06
N GLN G 46 56.96 58.33 35.34
CA GLN G 46 57.58 58.37 34.03
C GLN G 46 56.60 57.82 32.98
N ALA G 47 57.09 57.61 31.76
CA ALA G 47 56.38 56.85 30.74
C ALA G 47 56.57 55.36 30.97
N ILE G 48 55.45 54.63 31.05
CA ILE G 48 55.36 53.19 31.38
C ILE G 48 54.71 52.41 30.25
N ARG G 49 55.22 52.69 29.06
CA ARG G 49 54.43 53.16 27.93
C ARG G 49 53.03 52.55 27.87
N ASN G 50 52.90 51.22 27.78
CA ASN G 50 51.57 50.58 27.80
C ASN G 50 51.58 49.31 28.63
N ASN G 51 52.16 49.40 29.81
CA ASN G 51 52.47 48.25 30.64
C ASN G 51 51.91 48.46 32.05
N LEU G 52 50.63 48.83 32.11
CA LEU G 52 49.91 49.00 33.37
C LEU G 52 48.74 48.04 33.44
N ALA G 53 48.40 47.59 34.65
CA ALA G 53 47.33 46.63 34.86
C ALA G 53 46.50 47.03 36.07
N TRP G 54 45.26 46.54 36.10
CA TRP G 54 44.29 46.84 37.16
C TRP G 54 43.84 45.55 37.83
N TYR G 55 43.67 45.60 39.16
CA TYR G 55 43.31 44.41 39.93
C TYR G 55 42.24 44.75 40.96
N GLN G 56 41.22 43.91 41.04
CA GLN G 56 40.16 44.06 42.03
C GLN G 56 40.41 43.09 43.17
N HIS G 57 40.43 43.63 44.40
CA HIS G 57 40.75 42.85 45.60
C HIS G 57 39.64 43.00 46.62
N LYS G 58 38.72 42.03 46.65
CA LYS G 58 37.79 41.93 47.76
C LYS G 58 38.54 41.42 48.99
N PRO G 59 38.25 41.96 50.19
CA PRO G 59 39.00 41.53 51.37
C PRO G 59 38.66 40.10 51.77
N GLY G 60 39.68 39.38 52.21
CA GLY G 60 39.55 37.98 52.59
C GLY G 60 39.82 37.00 51.46
N LYS G 61 39.70 37.44 50.22
CA LYS G 61 39.85 36.60 49.04
C LYS G 61 41.03 37.07 48.20
N ALA G 62 41.22 36.40 47.07
CA ALA G 62 42.38 36.66 46.22
C ALA G 62 42.11 37.82 45.27
N PRO G 63 43.15 38.59 44.91
CA PRO G 63 42.97 39.61 43.88
C PRO G 63 42.76 38.98 42.51
N LYS G 64 41.96 39.67 41.69
CA LYS G 64 41.71 39.26 40.32
C LYS G 64 42.14 40.40 39.39
N ARG G 65 42.86 40.05 38.32
CA ARG G 65 43.18 41.04 37.32
C ARG G 65 41.92 41.42 36.54
N LEU G 66 41.79 42.71 36.25
CA LEU G 66 40.69 43.20 35.43
C LEU G 66 41.15 43.59 34.03
N ILE G 67 42.20 44.40 33.93
CA ILE G 67 42.67 44.93 32.65
C ILE G 67 44.19 44.83 32.62
N TYR G 68 44.72 44.55 31.42
CA TYR G 68 46.09 44.05 31.27
C TYR G 68 47.06 45.00 30.59
N ALA G 69 46.79 45.43 29.35
CA ALA G 69 47.71 46.28 28.60
C ALA G 69 47.34 47.74 28.72
N ALA G 70 46.68 48.08 29.84
CA ALA G 70 45.97 49.34 30.09
C ALA G 70 44.70 49.35 29.27
N SER G 71 44.54 48.35 28.41
CA SER G 71 43.48 48.38 27.42
C SER G 71 42.68 47.09 27.35
N THR G 72 43.34 45.94 27.53
CA THR G 72 42.72 44.65 27.24
C THR G 72 41.94 44.17 28.46
N LEU G 73 40.61 44.27 28.38
CA LEU G 73 39.74 43.56 29.31
C LEU G 73 39.97 42.08 29.16
N GLU G 74 40.32 41.40 30.25
CA GLU G 74 40.76 40.03 30.18
C GLU G 74 39.66 39.07 30.65
N ASP G 75 39.74 37.84 30.14
CA ASP G 75 38.59 36.94 30.05
C ASP G 75 37.92 36.72 31.40
N GLY G 76 36.62 36.45 31.34
CA GLY G 76 35.82 36.18 32.53
C GLY G 76 35.43 37.41 33.32
N VAL G 77 35.69 38.59 32.80
CA VAL G 77 35.40 39.85 33.49
C VAL G 77 34.30 40.56 32.71
N PRO G 78 33.21 40.97 33.36
CA PRO G 78 32.11 41.63 32.62
C PRO G 78 32.58 42.91 31.92
N SER G 79 31.92 43.20 30.81
CA SER G 79 32.36 44.23 29.87
C SER G 79 31.97 45.66 30.30
N SER G 80 31.40 45.83 31.49
CA SER G 80 31.25 47.18 32.02
C SER G 80 32.61 47.80 32.29
N PHE G 81 33.64 46.97 32.51
CA PHE G 81 34.98 47.46 32.78
C PHE G 81 35.69 47.84 31.49
N SER G 82 36.40 48.97 31.52
CA SER G 82 37.18 49.44 30.39
C SER G 82 38.39 50.19 30.91
N GLY G 83 39.45 50.20 30.12
CA GLY G 83 40.69 50.86 30.49
C GLY G 83 41.30 51.56 29.30
N SER G 84 41.96 52.68 29.57
CA SER G 84 42.52 53.52 28.52
C SER G 84 43.76 54.23 29.02
N GLY G 85 44.54 54.75 28.08
CA GLY G 85 45.67 55.59 28.41
C GLY G 85 46.99 55.17 27.79
N PHE G 86 47.92 56.12 27.64
CA PHE G 86 49.25 55.85 27.13
C PHE G 86 50.29 56.60 27.95
N GLY G 87 51.35 55.90 28.33
CA GLY G 87 52.52 56.55 28.87
C GLY G 87 52.41 57.07 30.29
N THR G 88 51.59 58.09 30.50
CA THR G 88 51.54 58.82 31.77
C THR G 88 50.22 58.65 32.52
N ASP G 89 49.08 58.75 31.84
CA ASP G 89 47.77 58.77 32.50
C ASP G 89 46.99 57.55 32.06
N PHE G 90 46.47 56.80 33.03
CA PHE G 90 45.72 55.58 32.76
C PHE G 90 44.42 55.60 33.56
N THR G 91 43.45 54.84 33.08
CA THR G 91 42.10 54.96 33.60
C THR G 91 41.44 53.59 33.65
N LEU G 92 40.82 53.27 34.78
CA LEU G 92 39.86 52.18 34.89
C LEU G 92 38.48 52.79 35.08
N THR G 93 37.53 52.39 34.24
CA THR G 93 36.16 52.88 34.31
C THR G 93 35.21 51.70 34.24
N ILE G 94 34.45 51.49 35.32
CA ILE G 94 33.37 50.52 35.34
C ILE G 94 32.11 51.24 34.89
N ASN G 95 31.57 50.81 33.74
CA ASN G 95 30.52 51.57 33.07
C ASN G 95 29.23 51.59 33.88
N SER G 96 28.87 50.46 34.49
CA SER G 96 27.64 50.36 35.27
C SER G 96 27.96 49.57 36.53
N LEU G 97 28.08 50.27 37.66
CA LEU G 97 28.42 49.64 38.93
C LEU G 97 27.39 48.58 39.29
N GLN G 98 27.89 47.42 39.70
CA GLN G 98 27.07 46.31 40.15
C GLN G 98 27.40 46.02 41.62
N PRO G 99 26.48 45.40 42.37
CA PRO G 99 26.73 45.23 43.81
C PRO G 99 28.02 44.51 44.14
N GLU G 100 28.38 43.47 43.38
CA GLU G 100 29.63 42.74 43.63
C GLU G 100 30.86 43.54 43.25
N ASP G 101 30.68 44.76 42.74
CA ASP G 101 31.80 45.63 42.41
C ASP G 101 32.22 46.54 43.57
N PHE G 102 31.48 46.53 44.68
CA PHE G 102 32.05 47.06 45.91
C PHE G 102 33.36 46.32 46.18
N ALA G 103 34.46 47.08 46.15
CA ALA G 103 35.79 46.50 46.30
C ALA G 103 36.83 47.60 46.38
N THR G 104 38.10 47.23 46.55
CA THR G 104 39.21 48.16 46.46
C THR G 104 40.02 47.80 45.21
N TYR G 105 40.36 48.81 44.41
CA TYR G 105 40.98 48.61 43.10
C TYR G 105 42.37 49.22 43.08
N TYR G 106 43.36 48.44 42.62
CA TYR G 106 44.73 48.89 42.51
C TYR G 106 45.16 48.89 41.05
N CYS G 107 45.86 49.94 40.63
CA CYS G 107 46.56 49.90 39.36
C CYS G 107 47.99 49.42 39.59
N LEU G 108 48.65 49.02 38.51
CA LEU G 108 49.95 48.38 38.64
C LEU G 108 50.76 48.62 37.37
N GLN G 109 51.93 49.22 37.53
CA GLN G 109 52.88 49.33 36.44
C GLN G 109 53.85 48.16 36.51
N HIS G 110 54.12 47.56 35.35
CA HIS G 110 55.16 46.55 35.24
C HIS G 110 56.23 46.95 34.23
N SER G 111 56.32 48.23 33.89
CA SER G 111 57.27 48.70 32.88
C SER G 111 58.72 48.46 33.32
N THR G 112 59.14 49.08 34.42
CA THR G 112 60.52 49.03 34.90
C THR G 112 60.54 48.49 36.33
N TYR G 113 61.00 47.22 36.54
CA TYR G 113 60.91 46.82 37.94
C TYR G 113 62.09 47.38 38.74
N PRO G 114 61.92 47.60 40.06
CA PRO G 114 60.86 47.12 40.96
C PRO G 114 59.46 47.65 40.63
N TRP G 115 58.48 46.74 40.58
CA TRP G 115 57.12 47.10 40.20
C TRP G 115 56.38 47.70 41.40
N THR G 116 55.48 48.62 41.09
CA THR G 116 54.79 49.39 42.11
C THR G 116 53.31 49.48 41.79
N PHE G 117 52.48 49.28 42.81
CA PHE G 117 51.06 49.55 42.69
C PHE G 117 50.78 51.02 42.93
N GLY G 118 49.55 51.42 42.65
CA GLY G 118 49.02 52.63 43.24
C GLY G 118 48.62 52.36 44.68
N GLN G 119 48.26 53.43 45.39
CA GLN G 119 47.78 53.22 46.76
C GLN G 119 46.44 52.49 46.78
N GLY G 120 45.75 52.44 45.65
CA GLY G 120 44.48 51.77 45.55
C GLY G 120 43.33 52.74 45.72
N THR G 121 42.20 52.40 45.08
CA THR G 121 40.96 53.14 45.25
C THR G 121 39.89 52.19 45.76
N LYS G 122 39.44 52.43 46.99
CA LYS G 122 38.31 51.68 47.52
C LYS G 122 37.01 52.28 47.01
N VAL G 123 36.11 51.43 46.52
CA VAL G 123 34.82 51.90 46.07
C VAL G 123 33.76 51.54 47.10
N GLU G 124 33.50 52.46 48.02
CA GLU G 124 32.34 52.33 48.89
C GLU G 124 31.08 52.51 48.06
N ILE G 125 29.94 52.10 48.63
CA ILE G 125 28.68 52.16 47.92
C ILE G 125 27.71 53.03 48.72
N LYS G 126 27.05 53.95 48.02
CA LYS G 126 26.59 55.23 48.53
C LYS G 126 25.42 55.09 49.51
N ARG G 127 25.28 56.11 50.36
CA ARG G 127 24.16 56.24 51.28
C ARG G 127 23.91 57.73 51.59
N THR G 128 22.70 58.02 52.09
CA THR G 128 22.38 59.35 52.57
C THR G 128 23.11 59.66 53.88
N VAL G 129 23.35 60.95 54.10
CA VAL G 129 24.11 61.39 55.27
C VAL G 129 23.35 61.03 56.53
N ALA G 130 24.06 60.42 57.48
CA ALA G 130 23.49 60.09 58.78
C ALA G 130 24.52 60.31 59.88
N ALA G 131 24.08 60.93 60.96
CA ALA G 131 24.92 61.25 62.09
C ALA G 131 25.16 60.03 62.96
N PRO G 132 26.30 59.99 63.65
CA PRO G 132 26.57 58.86 64.56
C PRO G 132 25.86 59.00 65.89
N SER G 133 25.26 57.89 66.34
CA SER G 133 24.77 57.79 67.71
C SER G 133 25.96 57.49 68.61
N VAL G 134 26.37 58.48 69.39
CA VAL G 134 27.64 58.41 70.12
C VAL G 134 27.35 58.08 71.58
N PHE G 135 28.02 57.05 72.07
CA PHE G 135 27.98 56.64 73.47
C PHE G 135 29.40 56.63 74.01
N ILE G 136 29.52 56.57 75.34
CA ILE G 136 30.82 56.51 75.99
C ILE G 136 30.73 55.53 77.16
N PHE G 137 31.80 54.76 77.37
CA PHE G 137 31.86 53.73 78.40
C PHE G 137 33.06 53.97 79.31
N PRO G 138 32.88 54.08 80.61
CA PRO G 138 34.02 54.25 81.52
C PRO G 138 34.79 52.95 81.63
N PRO G 139 35.98 52.98 82.25
CA PRO G 139 36.65 51.72 82.58
C PRO G 139 35.76 50.88 83.47
N SER G 140 35.74 49.57 83.20
CA SER G 140 34.93 48.65 83.98
C SER G 140 35.56 48.41 85.34
N ASP G 141 34.68 48.18 86.34
CA ASP G 141 35.16 47.80 87.67
C ASP G 141 36.07 46.59 87.59
N GLU G 142 35.67 45.58 86.81
CA GLU G 142 36.46 44.37 86.66
C GLU G 142 37.87 44.69 86.15
N GLN G 143 37.97 45.59 85.17
CA GLN G 143 39.29 45.96 84.64
C GLN G 143 40.08 46.78 85.64
N LEU G 144 39.41 47.67 86.39
CA LEU G 144 40.11 48.54 87.33
C LEU G 144 40.82 47.73 88.41
N LYS G 145 40.28 46.58 88.78
CA LYS G 145 40.93 45.73 89.78
C LYS G 145 42.30 45.27 89.33
N SER G 146 42.58 45.26 88.02
CA SER G 146 43.84 44.78 87.49
C SER G 146 44.83 45.89 87.16
N GLY G 147 44.49 47.15 87.45
CA GLY G 147 45.44 48.23 87.28
C GLY G 147 45.60 48.74 85.87
N THR G 148 44.59 48.57 85.01
CA THR G 148 44.59 49.20 83.71
C THR G 148 43.19 49.77 83.47
N ALA G 149 43.13 50.90 82.76
CA ALA G 149 41.87 51.60 82.53
C ALA G 149 41.72 51.92 81.05
N SER G 150 40.61 51.49 80.45
CA SER G 150 40.31 51.74 79.05
C SER G 150 38.96 52.42 78.94
N VAL G 151 38.93 53.58 78.27
CA VAL G 151 37.70 54.33 78.02
C VAL G 151 37.29 54.08 76.59
N VAL G 152 36.01 53.78 76.38
CA VAL G 152 35.50 53.35 75.08
C VAL G 152 34.44 54.34 74.63
N CYS G 153 34.69 54.98 73.48
CA CYS G 153 33.72 55.84 72.83
C CYS G 153 33.21 55.14 71.58
N LEU G 154 31.89 55.07 71.44
CA LEU G 154 31.25 54.38 70.34
C LEU G 154 30.58 55.39 69.40
N LEU G 155 30.92 55.30 68.12
CA LEU G 155 30.20 56.01 67.07
C LEU G 155 29.44 54.97 66.27
N ASN G 156 28.11 55.01 66.34
CA ASN G 156 27.28 53.94 65.82
C ASN G 156 26.55 54.42 64.57
N ASN G 157 26.79 53.73 63.46
CA ASN G 157 25.92 53.76 62.28
C ASN G 157 25.77 55.17 61.70
N PHE G 158 26.87 55.67 61.14
CA PHE G 158 26.93 56.98 60.51
C PHE G 158 27.48 56.86 59.09
N TYR G 159 27.29 57.94 58.31
CA TYR G 159 27.82 58.06 56.94
C TYR G 159 28.11 59.53 56.68
N PRO G 160 29.22 59.86 56.00
CA PRO G 160 30.20 58.88 55.48
C PRO G 160 31.18 58.34 56.52
N ARG G 161 32.22 57.67 56.01
CA ARG G 161 33.21 57.06 56.88
C ARG G 161 34.00 58.11 57.66
N GLU G 162 34.36 59.21 57.01
CA GLU G 162 35.29 60.17 57.60
C GLU G 162 34.72 60.78 58.86
N ALA G 163 35.45 60.65 59.97
CA ALA G 163 35.03 61.18 61.25
C ALA G 163 36.26 61.50 62.09
N LYS G 164 36.11 62.44 63.02
CA LYS G 164 37.19 62.91 63.87
C LYS G 164 36.79 62.74 65.33
N VAL G 165 37.58 61.99 66.08
CA VAL G 165 37.30 61.71 67.48
C VAL G 165 38.55 62.06 68.28
N GLN G 166 38.48 63.14 69.05
CA GLN G 166 39.53 63.51 69.99
C GLN G 166 39.02 63.35 71.43
N TRP G 167 39.94 63.00 72.32
CA TRP G 167 39.61 62.78 73.72
C TRP G 167 40.05 63.97 74.55
N LYS G 168 39.17 64.38 75.48
CA LYS G 168 39.48 65.43 76.44
C LYS G 168 39.38 64.87 77.84
N VAL G 169 40.50 64.85 78.56
CA VAL G 169 40.56 64.43 79.95
C VAL G 169 40.88 65.66 80.79
N ASP G 170 39.92 66.06 81.62
CA ASP G 170 39.99 67.33 82.34
C ASP G 170 40.33 68.47 81.37
N ASN G 171 39.62 68.48 80.25
CA ASN G 171 39.73 69.45 79.18
C ASN G 171 41.11 69.51 78.56
N ALA G 172 41.96 68.53 78.86
CA ALA G 172 43.24 68.40 78.20
C ALA G 172 43.08 67.49 76.99
N LEU G 173 43.44 67.99 75.82
CA LEU G 173 43.26 67.22 74.59
C LEU G 173 44.30 66.11 74.56
N GLN G 174 43.87 64.88 74.82
CA GLN G 174 44.80 63.77 74.99
C GLN G 174 45.33 63.29 73.66
N SER G 175 46.63 63.01 73.62
CA SER G 175 47.36 62.76 72.38
C SER G 175 47.99 61.37 72.43
N GLY G 176 47.67 60.56 71.44
CA GLY G 176 48.38 59.32 71.20
C GLY G 176 48.19 58.23 72.24
N ASN G 177 47.05 58.19 72.93
CA ASN G 177 46.64 57.04 73.72
C ASN G 177 45.24 56.58 73.35
N SER G 178 44.82 56.86 72.10
CA SER G 178 43.54 56.47 71.56
C SER G 178 43.77 55.73 70.26
N GLN G 179 42.94 54.72 69.99
CA GLN G 179 43.03 53.96 68.74
C GLN G 179 41.63 53.71 68.21
N GLU G 180 41.42 54.02 66.94
CA GLU G 180 40.12 53.90 66.30
C GLU G 180 40.06 52.63 65.46
N SER G 181 38.89 51.99 65.47
CA SER G 181 38.65 50.80 64.64
C SER G 181 37.29 50.97 63.97
N VAL G 182 37.25 50.72 62.67
CA VAL G 182 36.07 51.02 61.85
C VAL G 182 35.52 49.73 61.29
N THR G 183 34.22 49.50 61.50
CA THR G 183 33.56 48.39 60.84
C THR G 183 33.53 48.63 59.34
N GLU G 184 33.32 47.55 58.59
CA GLU G 184 33.01 47.78 57.19
C GLU G 184 31.54 48.16 57.06
N GLN G 185 31.21 48.82 55.95
CA GLN G 185 29.84 49.22 55.64
C GLN G 185 28.88 48.08 55.89
N ASP G 186 27.94 48.28 56.82
CA ASP G 186 27.03 47.20 57.20
C ASP G 186 26.17 46.79 56.01
N SER G 187 25.92 45.47 55.91
CA SER G 187 25.30 44.91 54.72
C SER G 187 23.85 45.34 54.54
N LYS G 188 23.16 45.70 55.62
CA LYS G 188 21.76 46.07 55.48
C LYS G 188 21.56 47.58 55.35
N ASP G 189 22.29 48.38 56.12
CA ASP G 189 22.06 49.82 56.15
C ASP G 189 23.23 50.66 55.64
N SER G 190 24.31 50.04 55.15
CA SER G 190 25.43 50.74 54.53
C SER G 190 26.09 51.79 55.44
N THR G 191 25.97 51.67 56.76
CA THR G 191 26.56 52.61 57.69
C THR G 191 27.88 52.10 58.24
N TYR G 192 28.68 53.03 58.74
CA TYR G 192 29.92 52.71 59.42
C TYR G 192 29.74 52.82 60.92
N SER G 193 30.61 52.12 61.65
CA SER G 193 30.64 52.20 63.11
C SER G 193 32.09 52.28 63.55
N LEU G 194 32.33 52.95 64.68
CA LEU G 194 33.69 53.27 65.09
C LEU G 194 33.87 53.03 66.58
N SER G 195 34.99 52.41 66.94
CA SER G 195 35.42 52.24 68.33
C SER G 195 36.71 53.01 68.54
N SER G 196 36.67 54.03 69.37
CA SER G 196 37.86 54.71 69.84
C SER G 196 38.10 54.30 71.29
N THR G 197 39.20 53.59 71.53
CA THR G 197 39.51 53.08 72.85
C THR G 197 40.62 53.94 73.45
N LEU G 198 40.33 54.54 74.60
CA LEU G 198 41.27 55.38 75.31
C LEU G 198 41.88 54.57 76.45
N THR G 199 43.21 54.44 76.46
CA THR G 199 43.90 53.56 77.39
C THR G 199 44.72 54.39 78.37
N LEU G 200 44.56 54.09 79.66
CA LEU G 200 45.31 54.75 80.73
C LEU G 200 45.67 53.74 81.80
N SER G 201 46.81 53.97 82.46
CA SER G 201 47.08 53.28 83.70
C SER G 201 46.05 53.70 84.74
N LYS G 202 45.67 52.76 85.61
CA LYS G 202 44.70 53.09 86.65
C LYS G 202 45.18 54.27 87.48
N ALA G 203 46.49 54.41 87.66
CA ALA G 203 47.05 55.55 88.38
C ALA G 203 46.58 56.87 87.78
N ASP G 204 46.86 57.07 86.49
CA ASP G 204 46.48 58.33 85.83
C ASP G 204 44.97 58.50 85.75
N TYR G 205 44.21 57.42 85.74
CA TYR G 205 42.75 57.52 85.66
C TYR G 205 42.14 58.03 86.95
N GLU G 206 42.74 57.70 88.10
CA GLU G 206 42.26 58.24 89.38
C GLU G 206 42.68 59.68 89.59
N LYS G 207 43.73 60.14 88.90
CA LYS G 207 44.19 61.52 89.05
C LYS G 207 43.33 62.53 88.32
N HIS G 208 42.42 62.08 87.46
CA HIS G 208 41.59 62.98 86.68
C HIS G 208 40.12 62.62 86.87
N LYS G 209 39.25 63.57 86.52
CA LYS G 209 37.86 63.52 86.96
C LYS G 209 36.88 63.67 85.79
N VAL G 210 37.29 64.39 84.74
CA VAL G 210 36.46 64.59 83.56
C VAL G 210 37.05 63.76 82.43
N TYR G 211 36.23 62.90 81.83
CA TYR G 211 36.62 62.13 80.65
C TYR G 211 35.61 62.39 79.54
N ALA G 212 36.10 62.87 78.40
CA ALA G 212 35.22 63.35 77.36
C ALA G 212 35.63 62.79 76.02
N CYS G 213 34.64 62.59 75.15
CA CYS G 213 34.85 62.16 73.77
C CYS G 213 34.15 63.14 72.86
N GLU G 214 34.91 63.76 71.94
CA GLU G 214 34.42 64.83 71.08
C GLU G 214 34.43 64.37 69.64
N VAL G 215 33.24 64.12 69.09
CA VAL G 215 33.08 63.60 67.73
C VAL G 215 32.81 64.76 66.79
N THR G 216 33.59 64.84 65.72
CA THR G 216 33.36 65.78 64.64
C THR G 216 32.92 64.96 63.43
N HIS G 217 31.73 65.26 62.91
CA HIS G 217 31.22 64.51 61.77
C HIS G 217 30.51 65.46 60.82
N GLN G 218 30.54 65.09 59.53
CA GLN G 218 29.84 65.85 58.51
C GLN G 218 28.34 65.85 58.74
N GLY G 219 27.80 64.78 59.32
CA GLY G 219 26.39 64.67 59.59
C GLY G 219 25.91 65.38 60.84
N LEU G 220 26.82 65.97 61.60
CA LEU G 220 26.47 66.70 62.81
C LEU G 220 26.35 68.19 62.50
N SER G 221 25.38 68.85 63.13
CA SER G 221 25.25 70.29 63.00
C SER G 221 26.48 71.00 63.57
N SER G 222 27.08 70.43 64.62
CA SER G 222 28.32 70.87 65.23
C SER G 222 28.83 69.76 66.15
N PRO G 223 30.15 69.57 66.28
CA PRO G 223 30.69 68.50 67.12
C PRO G 223 30.04 68.39 68.49
N VAL G 224 29.48 67.23 68.79
CA VAL G 224 28.85 66.97 70.08
C VAL G 224 29.82 66.17 70.93
N THR G 225 29.78 66.38 72.23
CA THR G 225 30.75 65.81 73.15
C THR G 225 30.03 65.00 74.21
N LYS G 226 30.41 63.73 74.36
CA LYS G 226 29.88 62.86 75.39
C LYS G 226 30.91 62.71 76.51
N SER G 227 30.42 62.68 77.75
CA SER G 227 31.28 62.95 78.89
C SER G 227 30.74 62.27 80.14
N PHE G 228 31.66 61.84 81.01
CA PHE G 228 31.30 61.37 82.34
C PHE G 228 32.30 61.87 83.37
N ASN G 229 31.80 62.22 84.55
CA ASN G 229 32.64 62.49 85.70
C ASN G 229 32.79 61.20 86.48
N ARG G 230 34.02 60.93 86.92
CA ARG G 230 34.44 59.60 87.36
C ARG G 230 33.47 58.95 88.35
N GLY G 231 32.86 57.84 87.93
CA GLY G 231 31.99 57.06 88.79
C GLY G 231 30.58 57.59 88.99
N GLU G 232 29.78 57.65 87.93
CA GLU G 232 28.39 58.07 88.07
C GLU G 232 27.44 57.20 87.23
N GLU H 20 40.62 24.82 36.87
CA GLU H 20 41.37 25.64 35.93
C GLU H 20 42.81 25.85 36.40
N VAL H 21 43.26 27.09 36.47
CA VAL H 21 44.62 27.43 36.85
C VAL H 21 44.62 27.79 38.34
N GLN H 22 45.25 26.95 39.14
CA GLN H 22 45.29 27.10 40.60
C GLN H 22 46.70 27.41 41.05
N LEU H 23 46.85 28.48 41.83
CA LEU H 23 48.05 28.74 42.61
C LEU H 23 47.68 28.64 44.08
N VAL H 24 48.37 27.79 44.82
CA VAL H 24 48.08 27.59 46.23
C VAL H 24 49.35 27.85 47.02
N GLU H 25 49.25 28.71 48.02
CA GLU H 25 50.39 29.13 48.82
C GLU H 25 50.14 28.71 50.26
N SER H 26 51.16 28.12 50.89
CA SER H 26 50.95 27.38 52.13
C SER H 26 51.83 27.79 53.32
N GLY H 27 52.92 28.50 53.12
CA GLY H 27 53.87 28.67 54.20
C GLY H 27 53.58 29.72 55.27
N GLY H 28 52.31 29.98 55.56
CA GLY H 28 51.98 30.99 56.57
C GLY H 28 52.23 30.50 57.98
N ARG H 29 52.60 31.43 58.86
CA ARG H 29 53.07 31.08 60.20
C ARG H 29 53.13 32.34 61.04
N VAL H 30 53.74 32.20 62.22
CA VAL H 30 54.11 33.30 63.09
C VAL H 30 55.62 33.21 63.32
N VAL H 31 56.33 34.33 63.20
CA VAL H 31 57.78 34.35 63.31
C VAL H 31 58.22 35.40 64.32
N GLN H 32 59.29 35.11 65.06
CA GLN H 32 59.96 36.13 65.83
C GLN H 32 60.64 37.13 64.91
N PRO H 33 60.72 38.40 65.29
CA PRO H 33 61.43 39.39 64.47
C PRO H 33 62.88 38.98 64.23
N GLY H 34 63.33 39.17 62.99
CA GLY H 34 64.68 38.84 62.58
C GLY H 34 64.87 37.40 62.15
N GLY H 35 63.93 36.52 62.46
CA GLY H 35 64.07 35.10 62.14
C GLY H 35 63.87 34.79 60.68
N SER H 36 63.51 33.54 60.38
CA SER H 36 63.33 33.09 59.02
C SER H 36 62.06 32.27 58.90
N LEU H 37 61.39 32.43 57.77
CA LEU H 37 60.26 31.59 57.38
C LEU H 37 60.40 31.22 55.91
N ARG H 38 59.92 30.03 55.56
CA ARG H 38 59.99 29.54 54.19
C ARG H 38 58.58 29.40 53.64
N LEU H 39 58.28 30.18 52.60
CA LEU H 39 56.99 30.10 51.94
C LEU H 39 57.00 29.06 50.83
N SER H 40 55.83 28.45 50.61
CA SER H 40 55.64 27.50 49.52
C SER H 40 54.45 27.94 48.68
N CYS H 41 54.61 27.85 47.36
CA CYS H 41 53.62 28.29 46.38
C CYS H 41 53.42 27.15 45.40
N VAL H 42 52.37 26.36 45.59
CA VAL H 42 52.14 25.12 44.84
C VAL H 42 51.19 25.43 43.69
N THR H 43 51.68 25.27 42.46
CA THR H 43 50.96 25.67 41.26
C THR H 43 50.57 24.45 40.47
N SER H 44 49.29 24.36 40.11
CA SER H 44 48.77 23.25 39.34
C SER H 44 47.80 23.75 38.29
N GLY H 45 47.67 22.98 37.21
CA GLY H 45 46.75 23.31 36.14
C GLY H 45 47.36 23.99 34.93
N PHE H 46 48.68 23.99 34.80
CA PHE H 46 49.34 24.63 33.66
C PHE H 46 50.79 24.17 33.63
N THR H 47 51.50 24.59 32.58
CA THR H 47 52.91 24.25 32.41
C THR H 47 53.74 25.13 33.34
N PHE H 48 54.33 24.53 34.37
CA PHE H 48 54.97 25.35 35.41
C PHE H 48 56.26 25.99 34.92
N SER H 49 57.15 25.21 34.30
CA SER H 49 58.47 25.74 34.00
C SER H 49 58.42 26.86 32.97
N TYR H 50 57.40 26.84 32.11
CA TYR H 50 57.27 27.88 31.09
C TYR H 50 56.81 29.22 31.66
N TYR H 51 56.65 29.32 32.97
CA TYR H 51 56.21 30.53 33.62
C TYR H 51 57.19 30.95 34.71
N PRO H 52 57.44 32.24 34.85
CA PRO H 52 58.08 32.75 36.06
C PRO H 52 57.03 33.12 37.11
N ILE H 53 57.45 33.58 38.29
CA ILE H 53 56.52 33.89 39.37
C ILE H 53 56.85 35.24 39.99
N HIS H 54 55.86 35.81 40.64
CA HIS H 54 56.01 37.05 41.41
C HIS H 54 55.49 36.83 42.82
N TRP H 55 55.90 37.71 43.72
CA TRP H 55 55.34 37.79 45.06
C TRP H 55 54.79 39.18 45.31
N VAL H 56 53.58 39.25 45.88
CA VAL H 56 52.96 40.51 46.25
C VAL H 56 52.37 40.36 47.65
N ARG H 57 52.64 41.36 48.50
CA ARG H 57 52.21 41.34 49.89
C ARG H 57 51.30 42.53 50.19
N GLN H 58 50.35 42.30 51.10
CA GLN H 58 49.44 43.33 51.59
C GLN H 58 49.52 43.36 53.11
N GLY H 59 50.09 44.43 53.66
CA GLY H 59 50.14 44.60 55.09
C GLY H 59 48.80 45.00 55.66
N PRO H 60 48.63 44.86 56.97
CA PRO H 60 47.38 45.27 57.61
C PRO H 60 47.17 46.77 57.47
N GLY H 61 46.04 47.14 56.90
CA GLY H 61 45.75 48.54 56.61
C GLY H 61 46.71 49.19 55.64
N LYS H 62 47.17 48.45 54.63
CA LYS H 62 48.09 48.97 53.64
C LYS H 62 47.77 48.37 52.28
N GLY H 63 48.21 49.07 51.22
CA GLY H 63 47.96 48.62 49.87
C GLY H 63 48.86 47.47 49.45
N LEU H 64 48.53 46.90 48.29
CA LEU H 64 49.35 45.82 47.75
C LEU H 64 50.72 46.35 47.35
N GLU H 65 51.76 45.55 47.59
CA GLU H 65 53.12 45.92 47.28
C GLU H 65 53.82 44.76 46.60
N TRP H 66 54.37 45.01 45.41
CA TRP H 66 55.21 44.03 44.75
C TRP H 66 56.50 43.85 45.54
N VAL H 67 56.84 42.61 45.85
CA VAL H 67 58.00 42.29 46.68
C VAL H 67 59.16 41.75 45.84
N THR H 68 58.95 40.64 45.13
CA THR H 68 60.02 39.99 44.39
C THR H 68 59.47 39.23 43.20
N MET H 69 60.36 38.94 42.25
CA MET H 69 60.05 38.13 41.08
C MET H 69 61.04 36.98 41.01
N MET H 70 60.53 35.79 40.73
CA MET H 70 61.39 34.65 40.44
C MET H 70 61.48 34.48 38.93
N SER H 71 62.70 34.43 38.41
CA SER H 71 62.90 34.36 36.98
C SER H 71 62.53 32.96 36.46
N PHE H 72 62.41 32.87 35.13
CA PHE H 72 62.07 31.63 34.47
C PHE H 72 63.07 30.52 34.79
N ASP H 73 64.36 30.83 34.59
CA ASP H 73 65.42 29.89 34.93
C ASP H 73 65.53 29.69 36.43
N GLY H 74 65.23 30.72 37.22
CA GLY H 74 65.43 30.69 38.64
C GLY H 74 66.78 31.19 39.11
N THR H 75 67.73 31.34 38.18
CA THR H 75 69.08 31.79 38.55
C THR H 75 69.07 33.24 39.03
N SER H 76 68.25 34.09 38.42
CA SER H 76 68.21 35.51 38.73
C SER H 76 67.03 35.81 39.65
N ASP H 77 67.31 36.49 40.75
CA ASP H 77 66.28 36.88 41.72
C ASP H 77 66.39 38.39 41.91
N HIS H 78 65.29 39.11 41.62
CA HIS H 78 65.25 40.56 41.70
C HIS H 78 64.19 40.98 42.70
N CYS H 79 64.60 41.71 43.74
CA CYS H 79 63.74 42.07 44.84
C CYS H 79 63.56 43.58 44.88
N ILE H 80 62.52 44.00 45.61
CA ILE H 80 62.35 45.42 45.91
C ILE H 80 63.34 45.83 46.99
N SER H 81 63.53 47.14 47.11
CA SER H 81 64.63 47.67 47.93
C SER H 81 64.49 47.25 49.39
N SER H 82 63.26 47.19 49.91
CA SER H 82 63.06 46.89 51.32
C SER H 82 63.51 45.48 51.67
N VAL H 83 63.32 44.53 50.76
CA VAL H 83 63.61 43.11 51.03
C VAL H 83 64.83 42.61 50.29
N LYS H 84 65.58 43.49 49.62
CA LYS H 84 66.72 43.06 48.83
C LYS H 84 67.79 42.45 49.73
N GLY H 85 68.40 41.36 49.26
CA GLY H 85 69.40 40.66 50.02
C GLY H 85 68.89 39.86 51.19
N ARG H 86 67.59 39.96 51.51
CA ARG H 86 66.98 39.21 52.58
C ARG H 86 66.09 38.08 52.08
N PHE H 87 65.69 38.11 50.82
CA PHE H 87 64.78 37.14 50.25
C PHE H 87 65.49 36.30 49.19
N VAL H 88 65.29 35.00 49.24
CA VAL H 88 65.89 34.06 48.29
C VAL H 88 64.79 33.15 47.76
N MET H 89 64.66 33.08 46.43
CA MET H 89 63.62 32.30 45.79
C MET H 89 64.24 31.13 45.05
N SER H 90 63.77 29.92 45.36
CA SER H 90 64.20 28.70 44.68
C SER H 90 62.96 27.96 44.20
N ARG H 91 62.97 27.55 42.93
CA ARG H 91 61.85 26.85 42.33
C ARG H 91 62.32 25.52 41.77
N ASP H 92 61.52 24.48 42.00
CA ASP H 92 61.77 23.16 41.43
C ASP H 92 60.69 22.88 40.39
N ASN H 93 61.12 22.72 39.13
CA ASN H 93 60.17 22.51 38.05
C ASN H 93 59.41 21.20 38.21
N SER H 94 60.10 20.14 38.64
CA SER H 94 59.44 18.85 38.81
C SER H 94 58.38 18.91 39.91
N ARG H 95 58.68 19.59 41.01
CA ARG H 95 57.74 19.70 42.11
C ARG H 95 56.56 20.61 41.79
N ASN H 96 56.69 21.48 40.77
CA ASN H 96 55.73 22.52 40.44
C ASN H 96 55.55 23.53 41.57
N THR H 97 56.56 23.68 42.43
CA THR H 97 56.45 24.52 43.61
C THR H 97 57.62 25.49 43.68
N LEU H 98 57.32 26.75 44.03
CA LEU H 98 58.32 27.79 44.22
C LEU H 98 58.48 28.05 45.71
N TYR H 99 59.71 27.96 46.21
CA TYR H 99 60.00 28.18 47.61
C TYR H 99 60.60 29.57 47.80
N LEU H 100 60.10 30.28 48.81
CA LEU H 100 60.57 31.61 49.15
C LEU H 100 61.18 31.59 50.54
N GLU H 101 62.46 31.93 50.64
CA GLU H 101 63.17 32.00 51.91
C GLU H 101 63.30 33.45 52.34
N MET H 102 62.80 33.76 53.53
CA MET H 102 62.79 35.13 54.05
C MET H 102 63.65 35.20 55.29
N ASN H 103 64.61 36.12 55.30
CA ASN H 103 65.56 36.27 56.39
C ASN H 103 65.52 37.69 56.94
N LYS H 104 65.84 37.83 58.22
CA LYS H 104 65.80 39.11 58.91
C LYS H 104 64.42 39.74 58.80
N MET H 105 63.39 38.98 59.17
CA MET H 105 62.03 39.45 59.09
C MET H 105 61.84 40.71 59.92
N ARG H 106 61.12 41.68 59.36
CA ARG H 106 60.87 42.95 60.02
C ARG H 106 59.39 43.08 60.35
N LEU H 107 59.09 44.00 61.27
CA LEU H 107 57.70 44.26 61.63
C LEU H 107 56.92 44.80 60.43
N GLU H 108 57.58 45.57 59.57
CA GLU H 108 56.92 46.09 58.38
C GLU H 108 56.59 44.99 57.39
N ASP H 109 57.37 43.91 57.38
CA ASP H 109 57.13 42.77 56.49
C ASP H 109 55.87 42.00 56.84
N THR H 110 55.28 42.25 58.02
CA THR H 110 54.08 41.54 58.42
C THR H 110 52.93 41.82 57.46
N GLY H 111 52.21 40.76 57.10
CA GLY H 111 51.08 40.90 56.21
C GLY H 111 50.70 39.54 55.63
N VAL H 112 49.97 39.60 54.52
CA VAL H 112 49.55 38.42 53.77
C VAL H 112 50.29 38.42 52.45
N TYR H 113 50.92 37.30 52.12
CA TYR H 113 51.74 37.20 50.92
C TYR H 113 51.01 36.42 49.84
N TYR H 114 51.09 36.91 48.61
CA TYR H 114 50.48 36.26 47.45
C TYR H 114 51.53 35.97 46.39
N CYS H 115 51.36 34.84 45.68
CA CYS H 115 52.18 34.51 44.51
C CYS H 115 51.30 34.42 43.28
N ALA H 116 51.78 35.00 42.18
CA ALA H 116 51.11 34.94 40.89
C ALA H 116 52.13 34.61 39.82
N ARG H 117 51.64 34.06 38.71
CA ARG H 117 52.48 33.64 37.60
C ARG H 117 52.55 34.74 36.55
N GLY H 118 53.77 35.09 36.14
CA GLY H 118 53.99 36.21 35.24
C GLY H 118 55.23 36.05 34.39
N GLY H 119 55.05 36.14 33.08
CA GLY H 119 56.14 36.09 32.13
C GLY H 119 55.88 35.24 30.90
N TRP H 120 55.23 34.08 31.10
CA TRP H 120 54.48 33.35 30.08
C TRP H 120 55.27 33.21 28.78
N LYS H 121 56.27 32.32 28.79
CA LYS H 121 57.32 32.39 27.77
C LYS H 121 58.00 33.75 28.00
N TRP H 122 58.90 33.71 28.96
CA TRP H 122 59.06 34.34 30.27
C TRP H 122 59.42 35.81 30.55
N PRO H 123 60.34 36.49 29.82
CA PRO H 123 60.87 37.76 30.38
C PRO H 123 59.80 38.80 30.73
N GLY H 124 59.05 39.32 29.76
CA GLY H 124 58.06 40.34 30.05
C GLY H 124 56.98 39.80 30.97
N GLY H 125 56.71 40.50 32.07
CA GLY H 125 55.80 40.01 33.09
C GLY H 125 54.56 40.86 33.31
N ALA H 126 53.59 40.25 33.99
CA ALA H 126 52.36 40.81 34.53
C ALA H 126 51.67 39.69 35.29
N PHE H 127 50.83 40.06 36.26
CA PHE H 127 50.13 39.08 37.09
C PHE H 127 48.73 38.83 36.55
N ASP H 128 48.37 37.55 36.49
CA ASP H 128 46.99 37.09 36.43
C ASP H 128 46.52 36.83 37.86
N VAL H 129 45.40 36.10 38.02
CA VAL H 129 44.87 35.84 39.34
C VAL H 129 45.92 35.19 40.22
N PHE H 130 45.95 35.62 41.49
CA PHE H 130 46.91 35.13 42.47
C PHE H 130 46.37 33.87 43.15
N GLY H 131 47.08 33.41 44.18
CA GLY H 131 46.59 32.37 45.05
C GLY H 131 45.79 32.96 46.19
N PRO H 132 45.41 32.12 47.16
CA PRO H 132 44.62 32.61 48.29
C PRO H 132 45.41 33.40 49.30
N GLY H 133 46.74 33.32 49.26
CA GLY H 133 47.58 34.01 50.22
C GLY H 133 47.82 33.18 51.48
N THR H 134 48.85 33.59 52.23
CA THR H 134 49.13 33.00 53.53
C THR H 134 49.51 34.09 54.52
N VAL H 135 49.18 33.85 55.79
CA VAL H 135 49.33 34.86 56.83
C VAL H 135 50.76 34.87 57.35
N VAL H 136 51.35 36.07 57.39
CA VAL H 136 52.69 36.27 57.93
C VAL H 136 52.60 37.31 59.06
N THR H 137 53.00 36.90 60.25
CA THR H 137 52.91 37.73 61.45
C THR H 137 54.29 37.82 62.08
N VAL H 138 54.93 38.96 61.94
CA VAL H 138 56.26 39.20 62.52
C VAL H 138 56.02 39.99 63.81
N SER H 139 55.78 39.27 64.90
CA SER H 139 55.56 39.87 66.21
C SER H 139 55.90 38.82 67.25
N SER H 140 56.91 39.08 68.07
CA SER H 140 57.48 38.06 68.93
C SER H 140 56.52 37.58 70.02
N ALA H 141 55.57 38.41 70.43
CA ALA H 141 55.31 38.57 71.85
C ALA H 141 55.00 37.27 72.60
N SER H 142 53.82 36.69 72.42
CA SER H 142 53.40 35.61 73.32
C SER H 142 52.02 35.05 73.00
N THR H 143 51.83 33.75 73.23
CA THR H 143 50.49 33.19 73.24
C THR H 143 49.72 33.68 74.46
N LYS H 144 48.53 34.22 74.27
CA LYS H 144 47.81 34.83 75.38
C LYS H 144 46.33 34.93 75.06
N GLY H 145 45.50 34.55 76.02
CA GLY H 145 44.07 34.74 75.93
C GLY H 145 43.67 36.13 76.35
N PRO H 146 42.54 36.61 75.84
CA PRO H 146 42.11 37.98 76.13
C PRO H 146 41.45 38.10 77.50
N SER H 147 41.43 39.33 77.99
CA SER H 147 40.60 39.70 79.13
C SER H 147 39.28 40.24 78.60
N VAL H 148 38.20 39.93 79.30
CA VAL H 148 36.85 40.31 78.87
C VAL H 148 36.22 41.15 79.96
N PHE H 149 35.95 42.42 79.64
CA PHE H 149 35.35 43.39 80.54
C PHE H 149 34.01 43.87 80.00
N PRO H 150 32.99 43.96 80.85
CA PRO H 150 31.69 44.45 80.38
C PRO H 150 31.73 45.94 80.07
N LEU H 151 30.85 46.36 79.16
CA LEU H 151 30.64 47.76 78.82
C LEU H 151 29.16 48.04 79.09
N ALA H 152 28.86 48.63 80.25
CA ALA H 152 27.54 48.82 80.83
C ALA H 152 26.85 50.06 80.25
N PRO H 153 25.54 49.95 80.02
CA PRO H 153 24.85 50.98 79.23
C PRO H 153 24.49 52.23 80.01
N SER H 154 24.35 53.33 79.26
CA SER H 154 23.65 54.54 79.70
C SER H 154 23.53 55.51 78.53
N GLY H 161 14.79 56.38 73.55
CA GLY H 161 14.38 55.20 74.27
C GLY H 161 15.24 53.98 73.94
N THR H 162 16.53 54.21 73.73
CA THR H 162 17.45 53.14 73.39
C THR H 162 18.81 53.41 74.03
N ALA H 163 19.50 52.32 74.34
CA ALA H 163 20.85 52.38 74.90
C ALA H 163 21.61 51.15 74.43
N ALA H 164 22.94 51.20 74.60
CA ALA H 164 23.81 50.17 74.02
C ALA H 164 24.79 49.68 75.07
N LEU H 165 25.19 48.42 74.91
CA LEU H 165 26.11 47.73 75.82
C LEU H 165 27.03 46.83 74.99
N GLY H 166 28.16 46.47 75.57
CA GLY H 166 29.12 45.70 74.81
C GLY H 166 30.12 44.92 75.64
N CYS H 167 31.21 44.57 74.98
CA CYS H 167 32.21 43.64 75.54
C CYS H 167 33.58 44.07 75.04
N LEU H 168 34.46 44.45 75.96
CA LEU H 168 35.82 44.82 75.60
C LEU H 168 36.71 43.58 75.66
N VAL H 169 37.25 43.19 74.50
CA VAL H 169 38.13 42.04 74.40
C VAL H 169 39.55 42.54 74.23
N LYS H 170 40.29 42.66 75.33
CA LYS H 170 41.55 43.39 75.35
C LYS H 170 42.73 42.46 75.60
N ASP H 171 43.84 42.74 74.91
CA ASP H 171 45.13 42.13 75.19
C ASP H 171 45.13 40.61 74.98
N TYR H 172 44.89 40.21 73.74
CA TYR H 172 45.08 38.82 73.31
C TYR H 172 46.07 38.79 72.14
N PHE H 173 46.60 37.59 71.88
CA PHE H 173 47.52 37.35 70.78
C PHE H 173 47.52 35.88 70.43
N PRO H 174 47.52 35.52 69.13
CA PRO H 174 47.23 36.47 68.05
C PRO H 174 45.77 36.37 67.62
N GLU H 175 45.39 37.06 66.55
CA GLU H 175 44.02 36.97 66.05
C GLU H 175 43.76 35.56 65.54
N PRO H 176 42.49 35.14 65.45
CA PRO H 176 41.25 35.87 65.71
C PRO H 176 40.56 35.52 67.02
N VAL H 177 39.50 36.27 67.33
CA VAL H 177 38.64 36.01 68.47
C VAL H 177 37.20 35.92 67.97
N THR H 178 36.51 34.86 68.37
CA THR H 178 35.11 34.66 68.03
C THR H 178 34.23 35.31 69.09
N VAL H 179 33.31 36.15 68.66
CA VAL H 179 32.39 36.84 69.55
C VAL H 179 30.96 36.58 69.09
N SER H 180 30.10 36.22 70.05
CA SER H 180 28.68 36.08 69.81
C SER H 180 27.93 36.53 71.07
N TRP H 181 26.66 36.91 70.89
CA TRP H 181 25.85 37.42 71.98
C TRP H 181 24.64 36.52 72.20
N ASN H 182 24.40 36.14 73.46
CA ASN H 182 23.39 35.16 73.83
C ASN H 182 23.60 33.86 73.05
N SER H 183 24.86 33.50 72.87
CA SER H 183 25.27 32.29 72.13
C SER H 183 24.70 32.28 70.71
N GLY H 184 24.59 33.46 70.09
CA GLY H 184 24.04 33.58 68.76
C GLY H 184 22.55 33.81 68.69
N ALA H 185 21.84 33.75 69.83
CA ALA H 185 20.41 34.04 69.82
C ALA H 185 20.15 35.53 69.66
N LEU H 186 21.13 36.37 69.93
CA LEU H 186 21.03 37.82 69.70
C LEU H 186 21.91 38.17 68.51
N THR H 187 21.27 38.50 67.39
CA THR H 187 21.96 38.82 66.16
C THR H 187 21.83 40.28 65.75
N SER H 188 20.77 40.96 66.18
CA SER H 188 20.44 42.28 65.64
C SER H 188 21.26 43.37 66.32
N GLY H 189 21.79 44.28 65.50
CA GLY H 189 22.49 45.43 66.03
C GLY H 189 23.83 45.15 66.66
N VAL H 190 24.38 43.97 66.44
CA VAL H 190 25.69 43.65 66.98
C VAL H 190 26.77 44.21 66.06
N HIS H 191 27.81 44.80 66.63
CA HIS H 191 28.96 45.27 65.88
C HIS H 191 30.24 44.83 66.61
N THR H 192 30.91 43.83 66.05
CA THR H 192 32.19 43.36 66.59
C THR H 192 33.29 43.98 65.74
N PHE H 193 34.06 44.89 66.34
CA PHE H 193 35.00 45.70 65.59
C PHE H 193 36.21 44.89 65.15
N PRO H 194 36.92 45.35 64.12
CA PRO H 194 38.27 44.82 63.86
C PRO H 194 39.17 45.09 65.04
N ALA H 195 40.03 44.13 65.35
CA ALA H 195 40.99 44.35 66.42
C ALA H 195 42.07 45.32 65.97
N VAL H 196 42.65 46.01 66.96
CA VAL H 196 43.80 46.88 66.73
C VAL H 196 45.00 46.26 67.42
N LEU H 197 46.15 46.32 66.76
CA LEU H 197 47.39 45.84 67.36
C LEU H 197 47.95 46.96 68.21
N GLN H 198 47.83 46.82 69.53
CA GLN H 198 48.35 47.84 70.44
C GLN H 198 49.87 47.87 70.39
N SER H 199 50.44 49.00 70.82
CA SER H 199 51.89 49.10 70.90
C SER H 199 52.49 48.03 71.81
N SER H 200 51.70 47.51 72.76
CA SER H 200 52.18 46.43 73.61
C SER H 200 52.46 45.15 72.83
N GLY H 201 51.87 45.01 71.64
CA GLY H 201 51.97 43.79 70.87
C GLY H 201 50.74 42.90 70.94
N LEU H 202 49.73 43.30 71.71
CA LEU H 202 48.51 42.52 71.88
C LEU H 202 47.37 43.14 71.07
N TYR H 203 46.45 42.29 70.63
CA TYR H 203 45.29 42.74 69.87
C TYR H 203 44.17 43.11 70.83
N SER H 204 43.51 44.23 70.54
CA SER H 204 42.41 44.71 71.36
C SER H 204 41.20 44.96 70.47
N LEU H 205 40.06 44.43 70.88
CA LEU H 205 38.85 44.44 70.08
C LEU H 205 37.66 44.73 70.97
N SER H 206 36.65 45.37 70.41
CA SER H 206 35.42 45.64 71.14
C SER H 206 34.24 45.12 70.35
N SER H 207 33.26 44.58 71.07
CA SER H 207 32.00 44.13 70.49
C SER H 207 30.87 44.76 71.26
N VAL H 208 29.91 45.35 70.54
CA VAL H 208 28.79 46.07 71.15
C VAL H 208 27.50 45.66 70.47
N VAL H 209 26.39 45.97 71.13
CA VAL H 209 25.05 45.70 70.61
C VAL H 209 24.08 46.72 71.19
N THR H 210 23.21 47.25 70.33
CA THR H 210 22.15 48.15 70.76
C THR H 210 20.90 47.35 71.09
N VAL H 211 20.25 47.73 72.19
CA VAL H 211 19.03 47.04 72.62
C VAL H 211 17.94 48.08 72.87
N PRO H 212 16.68 47.76 72.63
CA PRO H 212 15.60 48.61 73.14
C PRO H 212 15.68 48.72 74.65
N SER H 213 15.65 49.95 75.16
CA SER H 213 15.90 50.18 76.57
C SER H 213 14.87 49.50 77.46
N SER H 214 13.67 49.22 76.93
CA SER H 214 12.65 48.55 77.73
C SER H 214 12.99 47.09 78.04
N SER H 215 14.00 46.52 77.38
CA SER H 215 14.41 45.14 77.61
C SER H 215 15.51 45.03 78.65
N LEU H 216 15.96 46.14 79.23
CA LEU H 216 17.23 46.15 79.94
C LEU H 216 17.20 45.24 81.16
N GLY H 217 16.08 45.21 81.89
CA GLY H 217 16.04 44.44 83.12
C GLY H 217 15.59 43.00 82.98
N THR H 218 14.85 42.71 81.91
CA THR H 218 14.21 41.41 81.75
C THR H 218 15.00 40.47 80.85
N GLN H 219 15.41 40.93 79.67
CA GLN H 219 16.26 40.11 78.81
C GLN H 219 17.68 40.08 79.37
N THR H 220 18.25 38.89 79.46
CA THR H 220 19.61 38.73 79.94
C THR H 220 20.57 38.84 78.78
N TYR H 221 21.65 39.61 78.97
CA TYR H 221 22.62 39.90 77.92
C TYR H 221 23.96 39.28 78.29
N ILE H 222 24.38 38.30 77.49
CA ILE H 222 25.54 37.48 77.78
C ILE H 222 26.49 37.55 76.60
N CYS H 223 27.78 37.69 76.88
CA CYS H 223 28.81 37.90 75.87
C CYS H 223 29.66 36.64 75.75
N ASN H 224 29.75 36.10 74.53
CA ASN H 224 30.43 34.83 74.28
C ASN H 224 31.71 35.10 73.49
N VAL H 225 32.85 34.87 74.13
CA VAL H 225 34.17 35.14 73.56
C VAL H 225 34.93 33.83 73.44
N ASN H 226 35.51 33.58 72.26
CA ASN H 226 36.32 32.40 72.01
C ASN H 226 37.62 32.83 71.34
N HIS H 227 38.75 32.46 71.94
CA HIS H 227 40.07 32.67 71.35
C HIS H 227 40.70 31.29 71.14
N LYS H 228 40.56 30.77 69.91
CA LYS H 228 41.12 29.45 69.60
C LYS H 228 42.62 29.36 69.82
N PRO H 229 43.46 30.35 69.43
CA PRO H 229 44.92 30.20 69.61
C PRO H 229 45.38 30.22 71.07
N SER H 230 44.45 30.25 72.02
CA SER H 230 44.78 29.98 73.41
C SER H 230 43.85 28.95 74.05
N ASN H 231 42.83 28.48 73.33
CA ASN H 231 41.85 27.52 73.85
C ASN H 231 41.21 28.02 75.14
N THR H 232 40.90 29.31 75.18
CA THR H 232 40.19 29.92 76.29
C THR H 232 38.82 30.38 75.79
N LYS H 233 37.76 29.88 76.43
CA LYS H 233 36.39 30.26 76.13
C LYS H 233 35.75 30.80 77.41
N VAL H 234 35.19 32.01 77.32
CA VAL H 234 34.64 32.70 78.48
C VAL H 234 33.27 33.27 78.12
N ASP H 235 32.36 33.25 79.09
CA ASP H 235 31.06 33.91 78.99
C ASP H 235 31.05 35.13 79.91
N LYS H 236 30.31 36.16 79.51
CA LYS H 236 30.27 37.39 80.28
C LYS H 236 28.87 37.96 80.28
N ARG H 237 28.28 38.06 81.47
CA ARG H 237 27.01 38.76 81.66
C ARG H 237 27.27 40.26 81.77
N VAL H 238 26.40 41.05 81.16
CA VAL H 238 26.53 42.50 81.13
C VAL H 238 25.30 43.12 81.76
N GLU H 239 25.51 44.01 82.73
CA GLU H 239 24.42 44.69 83.40
C GLU H 239 24.81 46.13 83.74
N LEU I 1 -38.49 -22.33 3.78
CA LEU I 1 -38.82 -23.38 4.74
C LEU I 1 -39.77 -22.82 5.80
N SER I 2 -40.90 -22.32 5.35
CA SER I 2 -41.91 -21.71 6.22
C SER I 2 -43.22 -21.64 5.47
N GLU I 3 -44.17 -20.88 6.01
CA GLU I 3 -45.40 -20.52 5.33
C GLU I 3 -45.64 -19.04 5.57
N VAL I 4 -46.25 -18.36 4.58
CA VAL I 4 -46.35 -16.90 4.62
C VAL I 4 -47.72 -16.47 4.13
N LYS I 5 -48.33 -15.54 4.87
CA LYS I 5 -49.59 -14.88 4.51
C LYS I 5 -49.29 -13.53 3.86
N LEU I 6 -50.16 -13.14 2.94
CA LEU I 6 -49.94 -11.95 2.11
C LEU I 6 -51.21 -11.10 2.14
N HIS I 7 -51.15 -9.96 2.83
CA HIS I 7 -52.31 -9.10 3.02
C HIS I 7 -52.13 -7.82 2.22
N LEU I 8 -53.23 -7.28 1.71
CA LEU I 8 -53.15 -6.14 0.80
C LEU I 8 -54.53 -5.49 0.67
N ASP I 9 -54.52 -4.26 0.14
CA ASP I 9 -55.71 -3.43 -0.01
C ASP I 9 -56.14 -3.44 -1.48
N ILE I 10 -57.29 -4.04 -1.76
CA ILE I 10 -57.87 -4.04 -3.11
C ILE I 10 -58.97 -2.99 -3.11
N GLU I 11 -58.60 -1.74 -3.40
CA GLU I 11 -59.56 -0.64 -3.58
C GLU I 11 -60.60 -0.58 -2.47
N GLY I 12 -60.20 -0.92 -1.25
CA GLY I 12 -61.08 -0.93 -0.10
C GLY I 12 -61.37 -2.30 0.50
N HIS I 13 -60.83 -3.38 -0.07
CA HIS I 13 -61.01 -4.71 0.48
C HIS I 13 -59.74 -5.14 1.20
N ALA I 14 -59.89 -5.55 2.46
CA ALA I 14 -58.76 -6.02 3.26
C ALA I 14 -58.56 -7.52 3.02
N SER I 15 -58.13 -7.84 1.80
CA SER I 15 -57.93 -9.22 1.39
C SER I 15 -56.57 -9.73 1.84
N HIS I 16 -56.53 -11.00 2.24
CA HIS I 16 -55.27 -11.67 2.54
C HIS I 16 -55.33 -13.10 1.98
N TYR I 17 -54.16 -13.60 1.58
CA TYR I 17 -54.02 -14.94 1.03
C TYR I 17 -52.80 -15.59 1.68
N THR I 18 -52.79 -16.92 1.68
CA THR I 18 -51.75 -17.69 2.37
C THR I 18 -51.03 -18.55 1.34
N ILE I 19 -49.76 -18.23 1.10
CA ILE I 19 -48.95 -18.98 0.13
C ILE I 19 -48.15 -20.02 0.90
N PRO I 20 -48.30 -21.30 0.62
CA PRO I 20 -47.56 -22.32 1.35
C PRO I 20 -46.26 -22.72 0.69
N TRP I 21 -45.14 -22.61 1.41
CA TRP I 21 -43.88 -23.13 0.90
C TRP I 21 -43.65 -24.57 1.31
N THR I 22 -44.15 -24.99 2.47
CA THR I 22 -44.10 -26.39 2.84
C THR I 22 -44.73 -27.27 1.77
N GLU I 23 -45.81 -26.79 1.15
CA GLU I 23 -46.41 -27.45 0.01
C GLU I 23 -45.58 -27.27 -1.26
N LEU I 24 -45.46 -26.02 -1.71
CA LEU I 24 -45.00 -25.75 -3.07
C LEU I 24 -43.54 -26.16 -3.26
N MET I 25 -42.67 -25.83 -2.31
CA MET I 25 -41.25 -26.12 -2.46
C MET I 25 -41.02 -27.62 -2.68
N ALA I 26 -41.75 -28.45 -1.94
CA ALA I 26 -41.72 -29.88 -2.21
C ALA I 26 -42.50 -30.22 -3.49
N LYS I 27 -43.63 -29.54 -3.71
CA LYS I 27 -44.51 -29.91 -4.82
C LYS I 27 -43.83 -29.70 -6.17
N VAL I 28 -43.17 -28.58 -6.37
CA VAL I 28 -42.51 -28.29 -7.64
C VAL I 28 -41.00 -28.28 -7.43
N PRO I 29 -40.28 -29.21 -8.04
CA PRO I 29 -38.86 -29.40 -7.68
C PRO I 29 -37.97 -28.19 -7.96
N GLY I 30 -38.20 -27.47 -9.05
CA GLY I 30 -37.30 -26.41 -9.44
C GLY I 30 -37.40 -25.16 -8.58
N LEU I 31 -38.48 -25.02 -7.81
CA LEU I 31 -38.72 -23.80 -7.06
C LEU I 31 -37.85 -23.75 -5.81
N SER I 32 -37.17 -22.63 -5.63
CA SER I 32 -36.42 -22.33 -4.40
C SER I 32 -36.59 -20.85 -4.13
N PRO I 33 -37.71 -20.44 -3.51
CA PRO I 33 -38.01 -19.01 -3.37
C PRO I 33 -36.96 -18.21 -2.62
N GLU I 34 -35.95 -18.89 -2.07
CA GLU I 34 -34.86 -18.18 -1.42
C GLU I 34 -34.01 -17.44 -2.44
N ALA I 35 -33.63 -18.12 -3.52
CA ALA I 35 -32.83 -17.47 -4.56
C ALA I 35 -33.63 -16.40 -5.29
N LEU I 36 -34.94 -16.60 -5.45
CA LEU I 36 -35.78 -15.56 -6.04
C LEU I 36 -35.84 -14.34 -5.16
N TRP I 37 -36.01 -14.53 -3.85
CA TRP I 37 -36.01 -13.41 -2.92
C TRP I 37 -34.67 -12.69 -2.95
N ARG I 38 -33.58 -13.44 -3.07
CA ARG I 38 -32.28 -12.82 -3.28
C ARG I 38 -32.21 -12.10 -4.63
N GLU I 39 -32.83 -12.68 -5.66
CA GLU I 39 -32.66 -12.12 -7.00
C GLU I 39 -33.41 -10.80 -7.17
N ALA I 40 -34.46 -10.57 -6.40
CA ALA I 40 -35.07 -9.25 -6.31
C ALA I 40 -34.41 -8.53 -5.15
N ASN I 41 -33.76 -7.40 -5.43
CA ASN I 41 -33.14 -6.60 -4.36
C ASN I 41 -34.31 -5.99 -3.60
N VAL I 42 -34.92 -6.80 -2.74
CA VAL I 42 -36.16 -6.40 -2.09
C VAL I 42 -35.95 -5.29 -1.08
N THR I 43 -34.70 -4.93 -0.80
CA THR I 43 -34.38 -3.73 -0.05
C THR I 43 -33.91 -2.60 -0.95
N GLU I 44 -33.93 -2.80 -2.27
CA GLU I 44 -33.44 -1.77 -3.20
C GLU I 44 -34.29 -0.52 -3.08
N ASP I 45 -33.66 0.58 -2.67
CA ASP I 45 -34.31 1.87 -2.66
C ASP I 45 -34.88 2.17 -4.04
N LEU I 46 -36.00 2.90 -4.06
CA LEU I 46 -36.62 3.25 -5.32
C LEU I 46 -35.67 4.04 -6.22
N ALA I 47 -34.67 4.69 -5.63
CA ALA I 47 -33.65 5.39 -6.42
C ALA I 47 -32.91 4.42 -7.34
N SER I 48 -32.23 3.44 -6.75
CA SER I 48 -31.43 2.51 -7.55
C SER I 48 -32.33 1.64 -8.43
N MET I 49 -33.53 1.31 -7.97
CA MET I 49 -34.46 0.57 -8.84
C MET I 49 -34.78 1.38 -10.08
N LEU I 50 -35.05 2.68 -9.90
CA LEU I 50 -35.24 3.57 -11.04
C LEU I 50 -33.98 3.62 -11.89
N ASN I 51 -32.80 3.57 -11.25
CA ASN I 51 -31.54 3.59 -11.98
C ASN I 51 -31.38 2.34 -12.86
N ARG I 52 -31.80 1.18 -12.36
CA ARG I 52 -31.68 -0.04 -13.17
C ARG I 52 -32.67 -0.03 -14.33
N TYR I 53 -33.89 0.48 -14.09
CA TYR I 53 -34.91 0.51 -15.13
C TYR I 53 -34.51 1.40 -16.29
N LYS I 54 -33.91 2.56 -16.00
CA LYS I 54 -33.64 3.55 -17.04
C LYS I 54 -32.61 3.07 -18.05
N LEU I 55 -31.72 2.15 -17.65
CA LEU I 55 -30.59 1.77 -18.50
C LEU I 55 -30.98 0.88 -19.68
N ILE I 56 -32.17 0.29 -19.65
CA ILE I 56 -32.57 -0.69 -20.66
C ILE I 56 -33.24 0.02 -21.82
N TYR I 57 -32.85 -0.33 -23.05
CA TYR I 57 -33.49 0.24 -24.21
C TYR I 57 -34.96 -0.16 -24.24
N LYS I 58 -35.82 0.81 -24.58
CA LYS I 58 -37.25 0.62 -24.62
C LYS I 58 -37.78 0.85 -26.03
N THR I 59 -38.88 0.19 -26.35
CA THR I 59 -39.40 0.18 -27.71
C THR I 59 -40.20 1.44 -27.99
N SER I 60 -39.68 2.28 -28.89
CA SER I 60 -40.52 3.31 -29.49
C SER I 60 -41.38 2.74 -30.62
N GLY I 61 -40.76 2.01 -31.55
CA GLY I 61 -41.45 1.47 -32.71
C GLY I 61 -42.25 0.23 -32.36
N THR I 62 -43.04 0.33 -31.30
CA THR I 62 -43.65 -0.83 -30.66
C THR I 62 -45.10 -0.99 -31.15
N LEU I 63 -45.25 -1.79 -32.19
CA LEU I 63 -46.54 -2.23 -32.69
C LEU I 63 -46.25 -3.37 -33.64
N GLY I 64 -47.23 -3.72 -34.46
CA GLY I 64 -47.26 -4.91 -35.27
C GLY I 64 -48.71 -5.35 -35.21
N ILE I 65 -49.32 -5.46 -36.37
CA ILE I 65 -50.73 -5.72 -36.44
C ILE I 65 -50.87 -7.20 -36.77
N ALA I 66 -52.04 -7.76 -36.44
CA ALA I 66 -52.19 -9.20 -36.31
C ALA I 66 -51.73 -9.96 -37.55
N LEU I 67 -51.14 -11.12 -37.31
CA LEU I 67 -50.85 -12.11 -38.34
C LEU I 67 -51.53 -13.41 -37.92
N ALA I 68 -51.68 -14.32 -38.88
CA ALA I 68 -52.33 -15.60 -38.62
C ALA I 68 -51.31 -16.71 -38.54
N GLU I 69 -51.48 -17.59 -37.55
CA GLU I 69 -50.64 -18.78 -37.46
C GLU I 69 -50.90 -19.69 -38.65
N PRO I 70 -49.88 -20.08 -39.39
CA PRO I 70 -50.07 -21.18 -40.34
C PRO I 70 -50.30 -22.47 -39.58
N VAL I 71 -51.28 -23.25 -40.04
CA VAL I 71 -51.50 -24.59 -39.50
C VAL I 71 -50.40 -25.47 -40.09
N ASP I 72 -49.46 -25.87 -39.25
CA ASP I 72 -48.20 -26.45 -39.71
C ASP I 72 -48.17 -27.96 -39.60
N ILE I 73 -48.50 -28.51 -38.45
CA ILE I 73 -48.50 -29.95 -38.24
C ILE I 73 -49.91 -30.46 -38.54
N PRO I 74 -50.05 -31.52 -39.33
CA PRO I 74 -51.39 -31.93 -39.76
C PRO I 74 -52.02 -32.93 -38.81
N ALA I 75 -53.36 -32.88 -38.80
CA ALA I 75 -54.18 -33.86 -38.09
C ALA I 75 -53.72 -35.28 -38.42
N VAL I 76 -53.67 -36.13 -37.38
CA VAL I 76 -53.20 -37.49 -37.57
C VAL I 76 -54.00 -38.15 -38.66
N SER I 77 -53.29 -38.86 -39.55
CA SER I 77 -53.98 -39.73 -40.50
C SER I 77 -54.69 -40.84 -39.73
N GLU I 78 -55.94 -41.12 -40.12
CA GLU I 78 -56.78 -42.06 -39.40
C GLU I 78 -56.08 -43.39 -39.22
N GLY I 79 -55.88 -43.77 -37.95
CA GLY I 79 -55.23 -45.03 -37.63
C GLY I 79 -53.76 -45.10 -37.98
N SER I 80 -53.02 -44.02 -37.79
CA SER I 80 -51.57 -44.13 -37.80
C SER I 80 -51.10 -44.84 -36.54
N MET I 81 -49.89 -45.41 -36.60
CA MET I 81 -49.28 -46.01 -35.43
C MET I 81 -48.62 -44.89 -34.64
N GLN I 82 -49.32 -44.38 -33.63
CA GLN I 82 -48.76 -43.33 -32.78
C GLN I 82 -47.60 -43.94 -31.98
N VAL I 83 -46.38 -43.49 -32.27
CA VAL I 83 -45.16 -44.26 -32.03
C VAL I 83 -44.20 -43.50 -31.12
N ASP I 84 -43.50 -44.25 -30.26
CA ASP I 84 -42.68 -43.68 -29.21
C ASP I 84 -41.29 -43.33 -29.71
N ALA I 85 -40.83 -42.12 -29.38
CA ALA I 85 -39.47 -41.71 -29.73
C ALA I 85 -38.44 -42.59 -29.04
N SER I 86 -38.60 -42.82 -27.73
CA SER I 86 -37.64 -43.61 -27.00
C SER I 86 -37.71 -45.09 -27.40
N LYS I 87 -38.93 -45.64 -27.44
CA LYS I 87 -39.12 -47.07 -27.69
C LYS I 87 -39.46 -47.28 -29.16
N VAL I 88 -38.42 -47.29 -30.00
CA VAL I 88 -38.59 -47.54 -31.43
C VAL I 88 -38.48 -49.04 -31.62
N HIS I 89 -39.63 -49.72 -31.61
CA HIS I 89 -39.77 -51.17 -31.67
C HIS I 89 -39.74 -51.63 -33.12
N PRO I 90 -39.12 -52.78 -33.38
CA PRO I 90 -38.96 -53.25 -34.77
C PRO I 90 -40.29 -53.49 -35.46
N GLY I 91 -40.29 -53.26 -36.77
CA GLY I 91 -41.43 -53.55 -37.63
C GLY I 91 -42.74 -52.94 -37.20
N VAL I 92 -42.68 -51.90 -36.36
CA VAL I 92 -43.90 -51.22 -35.95
C VAL I 92 -44.54 -50.49 -37.12
N ILE I 93 -43.73 -49.84 -37.93
CA ILE I 93 -44.18 -49.33 -39.21
C ILE I 93 -43.89 -50.38 -40.27
N SER I 94 -44.86 -50.66 -41.13
CA SER I 94 -44.75 -51.72 -42.13
C SER I 94 -44.16 -51.24 -43.45
N GLY I 95 -44.52 -50.05 -43.92
CA GLY I 95 -44.01 -49.59 -45.19
C GLY I 95 -44.09 -48.08 -45.30
N LEU I 96 -43.69 -47.57 -46.48
CA LEU I 96 -43.90 -46.16 -46.74
C LEU I 96 -45.38 -45.84 -46.87
N ASN I 97 -46.19 -46.81 -47.31
CA ASN I 97 -47.62 -46.61 -47.42
C ASN I 97 -48.30 -46.59 -46.06
N SER I 98 -47.69 -47.17 -45.04
CA SER I 98 -48.32 -47.24 -43.73
C SER I 98 -48.40 -45.83 -43.11
N PRO I 99 -49.56 -45.39 -42.65
CA PRO I 99 -49.62 -44.14 -41.89
C PRO I 99 -48.86 -44.27 -40.58
N ALA I 100 -48.03 -43.28 -40.29
CA ALA I 100 -47.15 -43.34 -39.14
C ALA I 100 -46.99 -41.95 -38.54
N CYS I 101 -46.67 -41.91 -37.25
CA CYS I 101 -46.41 -40.66 -36.56
C CYS I 101 -45.70 -40.95 -35.24
N MET I 102 -44.85 -40.04 -34.82
CA MET I 102 -44.21 -40.08 -33.51
C MET I 102 -45.00 -39.18 -32.56
N LEU I 103 -45.39 -39.72 -31.41
CA LEU I 103 -46.17 -38.90 -30.48
C LEU I 103 -45.26 -37.86 -29.83
N SER I 104 -45.84 -36.68 -29.63
CA SER I 104 -45.08 -35.48 -29.29
C SER I 104 -44.57 -35.48 -27.85
N ALA I 105 -45.13 -36.31 -26.97
CA ALA I 105 -44.69 -36.27 -25.57
C ALA I 105 -43.22 -36.62 -25.40
N PRO I 106 -42.71 -37.76 -25.93
CA PRO I 106 -41.28 -38.06 -25.72
C PRO I 106 -40.40 -37.48 -26.82
N LEU I 107 -40.99 -37.15 -27.96
CA LEU I 107 -40.23 -36.43 -28.98
C LEU I 107 -39.78 -35.06 -28.48
N GLU I 108 -40.65 -34.37 -27.74
CA GLU I 108 -40.25 -33.12 -27.08
C GLU I 108 -39.12 -33.38 -26.07
N LYS I 109 -39.17 -34.54 -25.41
CA LYS I 109 -38.11 -34.89 -24.47
C LYS I 109 -36.77 -35.09 -25.17
N GLN I 110 -36.79 -35.62 -26.40
CA GLN I 110 -35.56 -35.94 -27.09
C GLN I 110 -34.96 -34.75 -27.83
N LEU I 111 -35.78 -33.82 -28.33
CA LEU I 111 -35.23 -32.62 -28.93
C LEU I 111 -34.52 -31.77 -27.89
N PHE I 112 -35.27 -31.28 -26.91
CA PHE I 112 -34.66 -30.53 -25.82
C PHE I 112 -34.15 -31.47 -24.73
N TYR I 113 -33.35 -32.46 -25.12
CA TYR I 113 -32.66 -33.27 -24.12
C TYR I 113 -31.75 -32.38 -23.28
N TYR I 114 -30.98 -31.53 -23.93
CA TYR I 114 -30.01 -30.71 -23.24
C TYR I 114 -30.70 -29.74 -22.28
N ILE I 115 -29.98 -29.38 -21.23
CA ILE I 115 -30.46 -28.41 -20.26
C ILE I 115 -29.35 -27.40 -20.03
N GLY I 116 -29.74 -26.21 -19.58
CA GLY I 116 -28.79 -25.15 -19.33
C GLY I 116 -29.52 -23.93 -18.82
N THR I 117 -28.75 -22.88 -18.57
CA THR I 117 -29.31 -21.61 -18.10
C THR I 117 -29.73 -20.78 -19.30
N MET I 118 -31.03 -20.49 -19.42
CA MET I 118 -31.53 -19.72 -20.55
C MET I 118 -31.18 -18.24 -20.40
N LEU I 119 -31.65 -17.63 -19.32
CA LEU I 119 -31.34 -16.25 -19.02
C LEU I 119 -30.08 -16.22 -18.16
N PRO I 120 -28.95 -15.71 -18.65
CA PRO I 120 -27.75 -15.67 -17.83
C PRO I 120 -27.90 -14.70 -16.66
N ASN I 121 -26.88 -14.62 -15.81
CA ASN I 121 -26.70 -13.49 -14.93
C ASN I 121 -25.63 -12.54 -15.46
N THR I 122 -25.26 -12.68 -16.73
CA THR I 122 -24.43 -11.70 -17.40
C THR I 122 -25.09 -10.33 -17.32
N ARG I 123 -24.26 -9.28 -17.46
CA ARG I 123 -24.67 -7.93 -17.06
C ARG I 123 -26.02 -7.47 -17.58
N PRO I 124 -26.35 -7.59 -18.87
CA PRO I 124 -27.64 -7.02 -19.31
C PRO I 124 -28.85 -7.80 -18.82
N HIS I 125 -28.76 -9.13 -18.72
CA HIS I 125 -29.97 -9.91 -18.51
C HIS I 125 -30.39 -9.99 -17.04
N SER I 126 -29.43 -10.05 -16.12
CA SER I 126 -29.78 -10.18 -14.70
C SER I 126 -30.48 -8.93 -14.16
N TYR I 127 -30.35 -7.79 -14.84
CA TYR I 127 -31.08 -6.61 -14.39
C TYR I 127 -32.57 -6.74 -14.69
N VAL I 128 -32.92 -7.48 -15.73
CA VAL I 128 -34.28 -7.47 -16.25
C VAL I 128 -35.03 -8.79 -15.97
N PHE I 129 -34.33 -9.92 -15.87
CA PHE I 129 -34.97 -11.22 -15.81
C PHE I 129 -34.70 -11.93 -14.50
N TYR I 130 -35.74 -12.50 -13.90
CA TYR I 130 -35.53 -13.50 -12.88
C TYR I 130 -34.83 -14.69 -13.54
N GLN I 131 -33.60 -14.99 -13.11
CA GLN I 131 -32.78 -15.95 -13.83
C GLN I 131 -33.49 -17.30 -13.91
N LEU I 132 -33.47 -17.90 -15.10
CA LEU I 132 -34.22 -19.10 -15.42
C LEU I 132 -33.28 -20.21 -15.86
N ARG I 133 -33.71 -21.44 -15.59
CA ARG I 133 -32.98 -22.64 -16.01
C ARG I 133 -33.99 -23.62 -16.59
N CYS I 134 -33.94 -23.83 -17.91
CA CYS I 134 -34.91 -24.67 -18.61
C CYS I 134 -34.22 -25.69 -19.48
N HIS I 135 -34.92 -26.78 -19.77
CA HIS I 135 -34.51 -27.66 -20.85
C HIS I 135 -34.48 -26.86 -22.14
N LEU I 136 -33.34 -26.86 -22.82
CA LEU I 136 -33.17 -25.91 -23.92
C LEU I 136 -32.38 -26.54 -25.06
N SER I 137 -32.44 -25.84 -26.19
CA SER I 137 -31.58 -26.08 -27.35
C SER I 137 -31.01 -24.74 -27.78
N TYR I 138 -29.79 -24.76 -28.34
CA TYR I 138 -29.18 -23.53 -28.80
C TYR I 138 -28.47 -23.75 -30.13
N VAL I 139 -28.48 -22.70 -30.94
CA VAL I 139 -27.59 -22.56 -32.08
C VAL I 139 -26.57 -21.49 -31.72
N ALA I 140 -25.28 -21.80 -31.87
CA ALA I 140 -24.22 -20.92 -31.41
C ALA I 140 -23.11 -20.83 -32.46
N LEU I 141 -22.58 -19.63 -32.62
CA LEU I 141 -21.48 -19.37 -33.53
C LEU I 141 -20.54 -18.34 -32.91
N SER I 142 -19.28 -18.37 -33.35
CA SER I 142 -18.30 -17.38 -32.95
C SER I 142 -17.41 -17.08 -34.14
N ILE I 143 -17.25 -15.79 -34.44
CA ILE I 143 -16.50 -15.32 -35.59
C ILE I 143 -15.67 -14.13 -35.17
N ASN I 144 -14.86 -13.63 -36.10
CA ASN I 144 -13.93 -12.52 -35.85
C ASN I 144 -12.98 -12.83 -34.70
N GLY I 145 -12.52 -14.07 -34.64
CA GLY I 145 -11.63 -14.49 -33.56
C GLY I 145 -12.27 -14.47 -32.19
N ASP I 146 -13.50 -14.96 -32.09
CA ASP I 146 -14.27 -15.00 -30.84
C ASP I 146 -14.54 -13.61 -30.27
N LYS I 147 -14.47 -12.57 -31.10
CA LYS I 147 -14.81 -11.22 -30.70
C LYS I 147 -16.16 -10.77 -31.24
N PHE I 148 -16.87 -11.62 -31.99
CA PHE I 148 -18.29 -11.45 -32.26
C PHE I 148 -18.95 -12.82 -32.11
N GLN I 149 -19.91 -12.91 -31.19
CA GLN I 149 -20.58 -14.17 -30.89
C GLN I 149 -22.10 -13.97 -30.96
N TYR I 150 -22.78 -15.01 -31.44
CA TYR I 150 -24.23 -15.08 -31.38
C TYR I 150 -24.65 -16.43 -30.82
N THR I 151 -25.75 -16.43 -30.05
CA THR I 151 -26.21 -17.64 -29.36
C THR I 151 -27.73 -17.69 -29.44
N GLY I 152 -28.26 -18.67 -30.18
CA GLY I 152 -29.70 -18.85 -30.30
C GLY I 152 -30.31 -19.84 -29.32
N ALA I 153 -30.37 -19.50 -28.04
CA ALA I 153 -30.96 -20.39 -27.05
C ALA I 153 -32.48 -20.37 -27.14
N MET I 154 -33.10 -21.54 -27.00
CA MET I 154 -34.53 -21.68 -27.19
C MET I 154 -35.07 -22.78 -26.30
N THR I 155 -36.37 -22.70 -25.99
CA THR I 155 -37.12 -23.76 -25.35
C THR I 155 -38.22 -24.23 -26.30
N SER I 156 -39.07 -25.13 -25.80
CA SER I 156 -40.29 -25.45 -26.52
C SER I 156 -41.30 -24.30 -26.47
N LYS I 157 -40.95 -23.19 -25.81
CA LYS I 157 -41.89 -22.09 -25.59
C LYS I 157 -41.43 -20.77 -26.18
N PHE I 158 -40.16 -20.42 -26.05
CA PHE I 158 -39.68 -19.14 -26.58
C PHE I 158 -38.20 -19.24 -26.95
N LEU I 159 -37.78 -18.35 -27.85
CA LEU I 159 -36.41 -18.27 -28.33
C LEU I 159 -35.79 -16.96 -27.90
N MET I 160 -34.55 -17.03 -27.42
CA MET I 160 -33.74 -15.83 -27.16
C MET I 160 -32.41 -15.96 -27.88
N GLY I 161 -32.28 -15.25 -29.00
CA GLY I 161 -30.99 -15.07 -29.63
C GLY I 161 -30.33 -13.81 -29.09
N THR I 162 -29.02 -13.90 -28.87
CA THR I 162 -28.30 -12.82 -28.24
C THR I 162 -26.96 -12.60 -28.94
N TYR I 163 -26.71 -11.35 -29.35
CA TYR I 163 -25.47 -10.96 -29.99
C TYR I 163 -24.50 -10.39 -28.96
N LYS I 164 -23.21 -10.70 -29.12
CA LYS I 164 -22.18 -10.11 -28.29
C LYS I 164 -21.02 -9.65 -29.17
N ARG I 165 -20.61 -8.40 -28.99
CA ARG I 165 -19.49 -7.82 -29.70
C ARG I 165 -18.41 -7.39 -28.72
N VAL I 166 -17.15 -7.47 -29.16
CA VAL I 166 -16.01 -7.00 -28.40
C VAL I 166 -15.30 -5.93 -29.22
N THR I 167 -14.99 -4.80 -28.58
CA THR I 167 -14.59 -3.58 -29.26
C THR I 167 -13.08 -3.46 -29.48
N GLU I 168 -12.33 -4.55 -29.35
CA GLU I 168 -10.86 -4.65 -29.30
C GLU I 168 -10.36 -4.30 -27.91
N LYS I 169 -11.24 -3.94 -26.99
CA LYS I 169 -10.89 -3.75 -25.58
C LYS I 169 -11.77 -4.70 -24.77
N GLY I 170 -11.72 -4.56 -23.45
CA GLY I 170 -12.54 -5.40 -22.60
C GLY I 170 -14.03 -5.12 -22.69
N ASP I 171 -14.47 -4.14 -23.47
CA ASP I 171 -15.89 -3.80 -23.51
C ASP I 171 -16.67 -4.86 -24.27
N GLU I 172 -17.79 -5.27 -23.69
CA GLU I 172 -18.74 -6.18 -24.35
C GLU I 172 -20.05 -5.44 -24.57
N HIS I 173 -20.49 -5.37 -25.82
CA HIS I 173 -21.80 -4.85 -26.17
C HIS I 173 -22.71 -6.03 -26.46
N VAL I 174 -23.86 -6.07 -25.77
CA VAL I 174 -24.73 -7.25 -25.78
C VAL I 174 -26.15 -6.80 -26.13
N LEU I 175 -26.78 -7.52 -27.05
CA LEU I 175 -28.15 -7.25 -27.48
C LEU I 175 -28.84 -8.59 -27.72
N SER I 176 -30.06 -8.73 -27.20
CA SER I 176 -30.79 -9.98 -27.31
C SER I 176 -32.16 -9.76 -27.93
N LEU I 177 -32.61 -10.75 -28.69
CA LEU I 177 -33.96 -10.80 -29.23
C LEU I 177 -34.69 -11.99 -28.62
N ILE I 178 -35.86 -11.73 -28.04
CA ILE I 178 -36.68 -12.76 -27.43
C ILE I 178 -37.97 -12.90 -28.25
N PHE I 179 -38.26 -14.12 -28.69
CA PHE I 179 -39.41 -14.37 -29.54
C PHE I 179 -40.14 -15.61 -29.09
N GLY I 180 -41.47 -15.53 -29.06
CA GLY I 180 -42.30 -16.65 -28.69
C GLY I 180 -43.74 -16.19 -28.51
N LYS I 181 -44.59 -17.12 -28.07
CA LYS I 181 -45.95 -16.76 -27.70
C LYS I 181 -45.91 -15.74 -26.58
N THR I 182 -46.80 -14.74 -26.66
CA THR I 182 -46.83 -13.70 -25.63
C THR I 182 -47.00 -14.28 -24.24
N LYS I 183 -47.93 -15.23 -24.08
CA LYS I 183 -48.22 -15.78 -22.76
C LYS I 183 -47.03 -16.55 -22.19
N ASP I 184 -46.22 -17.15 -23.05
CA ASP I 184 -45.11 -18.00 -22.63
C ASP I 184 -43.84 -17.22 -22.32
N LEU I 185 -43.88 -15.90 -22.36
CA LEU I 185 -42.68 -15.10 -22.15
C LEU I 185 -42.19 -15.25 -20.70
N PRO I 186 -40.88 -15.24 -20.48
CA PRO I 186 -40.35 -15.47 -19.13
C PRO I 186 -40.73 -14.35 -18.17
N ASP I 187 -40.45 -14.61 -16.89
CA ASP I 187 -40.89 -13.72 -15.82
C ASP I 187 -39.99 -12.51 -15.73
N LEU I 188 -40.60 -11.33 -15.67
CA LEU I 188 -39.85 -10.08 -15.55
C LEU I 188 -39.55 -9.78 -14.09
N ARG I 189 -38.38 -9.18 -13.86
CA ARG I 189 -37.75 -9.12 -12.54
C ARG I 189 -38.06 -7.84 -11.77
N GLY I 190 -37.64 -6.69 -12.29
CA GLY I 190 -37.74 -5.45 -11.57
C GLY I 190 -39.07 -4.75 -11.77
N PRO I 191 -39.04 -3.42 -11.86
CA PRO I 191 -40.25 -2.67 -12.21
C PRO I 191 -40.58 -2.82 -13.69
N PHE I 192 -39.92 -3.76 -14.35
CA PHE I 192 -39.97 -3.85 -15.81
C PHE I 192 -41.36 -4.28 -16.30
N SER I 193 -41.66 -3.85 -17.52
CA SER I 193 -42.96 -4.05 -18.14
C SER I 193 -42.75 -4.47 -19.58
N TYR I 194 -43.44 -5.54 -20.00
CA TYR I 194 -43.17 -6.13 -21.31
C TYR I 194 -43.48 -5.23 -22.50
N PRO I 195 -44.61 -4.49 -22.56
CA PRO I 195 -44.83 -3.63 -23.74
C PRO I 195 -43.68 -2.69 -24.02
N SER I 196 -43.10 -2.10 -22.97
CA SER I 196 -41.93 -1.24 -23.14
C SER I 196 -40.84 -1.93 -23.96
N LEU I 197 -40.80 -3.26 -23.94
CA LEU I 197 -39.76 -4.03 -24.62
C LEU I 197 -40.27 -4.83 -25.81
N THR I 198 -41.55 -4.69 -26.17
CA THR I 198 -42.18 -5.46 -27.23
C THR I 198 -42.12 -4.66 -28.53
N SER I 199 -41.32 -5.14 -29.50
CA SER I 199 -41.21 -4.51 -30.80
C SER I 199 -42.29 -4.96 -31.78
N ALA I 200 -42.94 -6.09 -31.51
CA ALA I 200 -43.93 -6.64 -32.44
C ALA I 200 -44.81 -7.62 -31.67
N GLN I 201 -46.12 -7.41 -31.71
CA GLN I 201 -47.06 -8.22 -30.96
C GLN I 201 -48.32 -8.44 -31.80
N SER I 202 -48.62 -9.69 -32.12
CA SER I 202 -49.73 -10.02 -32.99
C SER I 202 -50.40 -11.27 -32.47
N GLY I 203 -51.69 -11.17 -32.13
CA GLY I 203 -52.43 -12.30 -31.63
C GLY I 203 -51.79 -12.91 -30.39
N ASP I 204 -51.19 -14.08 -30.54
CA ASP I 204 -50.60 -14.80 -29.42
C ASP I 204 -49.08 -14.62 -29.30
N TYR I 205 -48.42 -14.07 -30.32
CA TYR I 205 -46.97 -14.05 -30.37
C TYR I 205 -46.40 -12.66 -30.11
N SER I 206 -45.10 -12.61 -29.82
CA SER I 206 -44.40 -11.39 -29.50
C SER I 206 -42.94 -11.48 -29.92
N LEU I 207 -42.30 -10.32 -30.08
CA LEU I 207 -40.87 -10.23 -30.32
C LEU I 207 -40.31 -9.10 -29.46
N VAL I 208 -39.45 -9.44 -28.51
CA VAL I 208 -38.98 -8.53 -27.48
C VAL I 208 -37.49 -8.26 -27.68
N ILE I 209 -37.08 -7.01 -27.46
CA ILE I 209 -35.71 -6.58 -27.60
C ILE I 209 -35.19 -6.15 -26.23
N VAL I 210 -34.04 -6.69 -25.84
CA VAL I 210 -33.46 -6.46 -24.51
C VAL I 210 -32.02 -6.01 -24.69
N THR I 211 -31.72 -4.80 -24.24
CA THR I 211 -30.35 -4.30 -24.32
C THR I 211 -30.26 -2.97 -23.60
N THR I 212 -29.02 -2.58 -23.30
CA THR I 212 -28.74 -1.28 -22.70
C THR I 212 -28.99 -0.16 -23.72
N PHE I 213 -29.34 1.02 -23.20
CA PHE I 213 -29.35 2.20 -24.07
C PHE I 213 -27.98 2.45 -24.65
N VAL I 214 -26.92 2.12 -23.89
CA VAL I 214 -25.57 2.19 -24.43
C VAL I 214 -25.41 1.23 -25.60
N HIS I 215 -25.84 -0.02 -25.42
CA HIS I 215 -25.53 -1.06 -26.39
C HIS I 215 -26.36 -0.91 -27.66
N TYR I 216 -27.62 -0.48 -27.53
CA TYR I 216 -28.46 -0.31 -28.71
C TYR I 216 -27.84 0.69 -29.67
N ALA I 217 -27.20 1.73 -29.14
CA ALA I 217 -26.48 2.67 -30.00
C ALA I 217 -25.27 2.01 -30.64
N ASN I 218 -24.58 1.15 -29.89
CA ASN I 218 -23.36 0.53 -30.40
C ASN I 218 -23.65 -0.53 -31.46
N PHE I 219 -24.86 -1.08 -31.46
CA PHE I 219 -25.28 -1.98 -32.53
C PHE I 219 -25.97 -1.25 -33.67
N HIS I 220 -26.53 -0.07 -33.39
CA HIS I 220 -27.25 0.69 -34.40
C HIS I 220 -26.34 1.15 -35.54
N ASN I 221 -25.03 1.12 -35.34
CA ASN I 221 -24.10 1.50 -36.40
C ASN I 221 -24.18 0.55 -37.58
N TYR I 222 -24.26 -0.75 -37.32
CA TYR I 222 -24.15 -1.77 -38.35
C TYR I 222 -25.33 -2.74 -38.39
N PHE I 223 -26.33 -2.57 -37.51
CA PHE I 223 -27.39 -3.57 -37.35
C PHE I 223 -28.71 -2.85 -37.08
N VAL I 224 -29.46 -2.59 -38.15
CA VAL I 224 -30.80 -2.03 -38.03
C VAL I 224 -31.76 -3.02 -38.69
N PRO I 225 -32.28 -4.00 -37.95
CA PRO I 225 -33.14 -5.00 -38.56
C PRO I 225 -34.46 -4.41 -39.02
N ASN I 226 -35.07 -5.08 -39.99
CA ASN I 226 -36.49 -4.85 -40.31
C ASN I 226 -37.28 -5.74 -39.36
N LEU I 227 -37.39 -5.28 -38.11
CA LEU I 227 -38.06 -6.06 -37.08
C LEU I 227 -39.47 -6.45 -37.50
N LYS I 228 -40.13 -5.60 -38.30
CA LYS I 228 -41.47 -5.93 -38.78
C LYS I 228 -41.44 -7.16 -39.68
N ASP I 229 -40.57 -7.16 -40.69
CA ASP I 229 -40.56 -8.25 -41.66
C ASP I 229 -40.12 -9.57 -41.02
N MET I 230 -39.10 -9.53 -40.16
CA MET I 230 -38.65 -10.75 -39.50
C MET I 230 -39.78 -11.37 -38.69
N PHE I 231 -40.52 -10.54 -37.95
CA PHE I 231 -41.59 -11.04 -37.10
C PHE I 231 -42.67 -11.74 -37.92
N SER I 232 -43.05 -11.14 -39.05
CA SER I 232 -44.06 -11.76 -39.89
C SER I 232 -43.56 -13.08 -40.46
N ARG I 233 -42.32 -13.10 -40.97
CA ARG I 233 -41.77 -14.33 -41.54
C ARG I 233 -41.65 -15.41 -40.48
N ALA I 234 -41.24 -15.04 -39.27
CA ALA I 234 -41.22 -16.02 -38.18
C ALA I 234 -42.61 -16.52 -37.85
N VAL I 235 -43.60 -15.65 -37.95
CA VAL I 235 -44.96 -16.03 -37.56
C VAL I 235 -45.67 -16.77 -38.68
N THR I 236 -45.88 -16.10 -39.82
CA THR I 236 -46.78 -16.62 -40.84
C THR I 236 -46.21 -17.80 -41.63
N MET I 237 -44.91 -18.03 -41.58
CA MET I 237 -44.32 -19.10 -42.38
C MET I 237 -44.43 -20.43 -41.65
N THR I 238 -44.62 -21.50 -42.44
CA THR I 238 -44.59 -22.83 -41.88
C THR I 238 -43.16 -23.21 -41.53
N ALA I 239 -43.02 -24.13 -40.55
CA ALA I 239 -41.71 -24.43 -40.00
C ALA I 239 -40.77 -25.00 -41.05
N ALA I 240 -41.27 -25.88 -41.92
CA ALA I 240 -40.43 -26.40 -42.99
C ALA I 240 -40.03 -25.31 -43.97
N SER I 241 -40.96 -24.42 -44.32
CA SER I 241 -40.68 -23.40 -45.33
C SER I 241 -39.79 -22.29 -44.80
N TYR I 242 -39.91 -21.94 -43.52
CA TYR I 242 -39.00 -20.98 -42.92
C TYR I 242 -37.57 -21.51 -42.95
N ALA I 243 -37.40 -22.80 -42.67
CA ALA I 243 -36.07 -23.40 -42.70
C ALA I 243 -35.46 -23.36 -44.09
N ARG I 244 -36.28 -23.51 -45.13
CA ARG I 244 -35.79 -23.35 -46.50
C ARG I 244 -35.53 -21.89 -46.82
N TYR I 245 -36.35 -20.99 -46.29
CA TYR I 245 -36.15 -19.56 -46.48
C TYR I 245 -34.76 -19.14 -46.01
N VAL I 246 -34.38 -19.56 -44.81
CA VAL I 246 -33.04 -19.28 -44.31
C VAL I 246 -32.01 -20.09 -45.08
N LEU I 247 -32.35 -21.33 -45.45
CA LEU I 247 -31.44 -22.15 -46.25
C LEU I 247 -31.17 -21.50 -47.61
N GLN I 248 -32.15 -20.77 -48.14
CA GLN I 248 -31.92 -20.03 -49.39
C GLN I 248 -30.89 -18.91 -49.17
N LYS I 249 -31.07 -18.11 -48.12
CA LYS I 249 -30.18 -16.97 -47.89
C LYS I 249 -28.74 -17.42 -47.64
N LEU I 250 -28.56 -18.58 -47.02
CA LEU I 250 -27.20 -19.05 -46.73
C LEU I 250 -26.49 -19.53 -47.99
N VAL I 251 -27.10 -20.48 -48.71
CA VAL I 251 -26.45 -21.05 -49.89
C VAL I 251 -26.26 -20.00 -50.97
N LEU I 252 -27.17 -19.04 -51.08
CA LEU I 252 -27.01 -17.93 -52.02
C LEU I 252 -26.09 -16.84 -51.47
N LEU I 253 -25.64 -16.95 -50.22
CA LEU I 253 -24.56 -16.11 -49.72
C LEU I 253 -23.23 -16.84 -49.70
N GLU I 254 -23.24 -18.17 -49.64
CA GLU I 254 -22.04 -18.95 -49.39
C GLU I 254 -21.13 -18.99 -50.63
N MET I 255 -21.67 -19.42 -51.77
CA MET I 255 -20.86 -19.44 -52.99
C MET I 255 -20.45 -18.02 -53.40
N LYS I 256 -21.22 -17.01 -53.00
CA LYS I 256 -20.80 -15.64 -53.15
C LYS I 256 -19.77 -15.29 -52.09
N GLY I 257 -19.16 -14.12 -52.23
CA GLY I 257 -18.08 -13.73 -51.34
C GLY I 257 -18.56 -13.30 -49.97
N GLY I 258 -19.65 -13.89 -49.50
CA GLY I 258 -20.30 -13.46 -48.30
C GLY I 258 -19.72 -13.98 -46.99
N CYS I 259 -19.58 -15.30 -46.86
CA CYS I 259 -19.25 -15.89 -45.57
C CYS I 259 -17.89 -16.58 -45.57
N ARG I 260 -16.99 -16.26 -46.51
CA ARG I 260 -15.60 -16.65 -46.32
C ARG I 260 -14.93 -15.72 -45.31
N GLU I 261 -15.05 -14.42 -45.52
CA GLU I 261 -14.79 -13.41 -44.49
C GLU I 261 -16.12 -12.69 -44.25
N PRO I 262 -16.87 -13.06 -43.22
CA PRO I 262 -18.23 -12.53 -43.05
C PRO I 262 -18.23 -11.02 -42.86
N GLU I 263 -19.27 -10.38 -43.38
CA GLU I 263 -19.47 -8.95 -43.24
C GLU I 263 -20.46 -8.70 -42.11
N LEU I 264 -20.10 -7.81 -41.19
CA LEU I 264 -20.89 -7.56 -39.98
C LEU I 264 -22.00 -6.54 -40.25
N ASP I 265 -22.81 -6.86 -41.24
CA ASP I 265 -23.84 -5.95 -41.71
C ASP I 265 -25.20 -6.36 -41.14
N THR I 266 -26.21 -5.56 -41.48
CA THR I 266 -27.57 -5.81 -40.99
C THR I 266 -28.08 -7.18 -41.45
N GLU I 267 -27.81 -7.53 -42.70
CA GLU I 267 -28.43 -8.71 -43.29
C GLU I 267 -27.89 -10.00 -42.68
N THR I 268 -26.57 -10.13 -42.57
CA THR I 268 -26.00 -11.36 -42.02
C THR I 268 -26.43 -11.55 -40.57
N LEU I 269 -26.41 -10.48 -39.77
CA LEU I 269 -26.88 -10.59 -38.40
C LEU I 269 -28.37 -10.88 -38.34
N THR I 270 -29.15 -10.30 -39.26
CA THR I 270 -30.56 -10.64 -39.38
C THR I 270 -30.73 -12.14 -39.62
N THR I 271 -29.91 -12.70 -40.52
CA THR I 271 -30.01 -14.12 -40.84
C THR I 271 -29.66 -14.99 -39.64
N MET I 272 -28.65 -14.58 -38.86
CA MET I 272 -28.24 -15.36 -37.69
C MET I 272 -29.41 -15.61 -36.75
N PHE I 273 -30.19 -14.57 -36.47
CA PHE I 273 -31.39 -14.73 -35.65
C PHE I 273 -32.40 -15.63 -36.35
N GLU I 274 -32.57 -15.46 -37.66
CA GLU I 274 -33.56 -16.25 -38.39
C GLU I 274 -33.16 -17.72 -38.48
N VAL I 275 -31.86 -18.02 -38.39
CA VAL I 275 -31.43 -19.41 -38.24
C VAL I 275 -32.00 -20.01 -36.97
N SER I 276 -31.88 -19.28 -35.85
CA SER I 276 -32.38 -19.76 -34.57
C SER I 276 -33.90 -19.92 -34.61
N VAL I 277 -34.59 -18.99 -35.27
CA VAL I 277 -36.03 -19.11 -35.42
C VAL I 277 -36.39 -20.38 -36.18
N ALA I 278 -35.61 -20.72 -37.21
CA ALA I 278 -35.92 -21.88 -38.04
C ALA I 278 -35.94 -23.16 -37.21
N PHE I 279 -34.90 -23.38 -36.39
CA PHE I 279 -34.90 -24.52 -35.49
C PHE I 279 -35.98 -24.37 -34.43
N PHE I 280 -36.17 -23.16 -33.91
CA PHE I 280 -37.12 -22.96 -32.82
C PHE I 280 -38.55 -23.22 -33.27
N LYS I 281 -38.92 -22.74 -34.47
CA LYS I 281 -40.29 -22.94 -34.95
C LYS I 281 -40.63 -24.42 -35.05
N VAL I 282 -39.65 -25.25 -35.37
CA VAL I 282 -39.88 -26.70 -35.40
C VAL I 282 -40.12 -27.23 -33.99
N GLY I 283 -39.21 -26.90 -33.07
CA GLY I 283 -39.39 -27.33 -31.68
C GLY I 283 -40.65 -26.76 -31.06
N HIS I 284 -40.92 -25.47 -31.32
CA HIS I 284 -42.13 -24.85 -30.82
C HIS I 284 -43.38 -25.52 -31.36
N ALA I 285 -43.38 -25.86 -32.65
CA ALA I 285 -44.55 -26.51 -33.24
C ALA I 285 -44.81 -27.87 -32.61
N VAL I 286 -43.74 -28.64 -32.36
CA VAL I 286 -43.92 -29.94 -31.73
C VAL I 286 -44.41 -29.79 -30.29
N GLY I 287 -43.83 -28.85 -29.55
CA GLY I 287 -44.16 -28.72 -28.14
C GLY I 287 -45.52 -28.10 -27.86
N GLU I 288 -45.94 -27.14 -28.67
CA GLU I 288 -47.19 -26.44 -28.42
C GLU I 288 -48.42 -27.27 -28.80
N THR I 289 -48.25 -28.33 -29.58
CA THR I 289 -49.40 -29.16 -29.94
C THR I 289 -49.96 -29.95 -28.77
N GLY I 290 -49.24 -30.02 -27.66
CA GLY I 290 -49.70 -30.81 -26.54
C GLY I 290 -49.52 -32.31 -26.76
N ASN I 291 -50.28 -33.08 -25.99
CA ASN I 291 -50.07 -34.52 -25.87
C ASN I 291 -50.63 -35.27 -27.08
N GLY I 292 -50.04 -34.98 -28.25
CA GLY I 292 -50.48 -35.59 -29.49
C GLY I 292 -49.44 -36.38 -30.25
N CYS I 293 -49.54 -36.38 -31.57
CA CYS I 293 -48.66 -37.17 -32.42
C CYS I 293 -48.36 -36.38 -33.69
N VAL I 294 -47.11 -36.42 -34.13
CA VAL I 294 -46.66 -35.65 -35.29
C VAL I 294 -46.52 -36.58 -36.48
N ASP I 295 -47.31 -36.33 -37.52
CA ASP I 295 -47.29 -37.17 -38.72
C ASP I 295 -45.88 -37.31 -39.27
N LEU I 296 -45.47 -38.54 -39.54
CA LEU I 296 -44.09 -38.80 -39.94
C LEU I 296 -43.74 -38.12 -41.24
N ARG I 297 -44.71 -37.95 -42.14
CA ARG I 297 -44.44 -37.27 -43.40
C ARG I 297 -44.08 -35.80 -43.17
N TRP I 298 -44.73 -35.17 -42.19
CA TRP I 298 -44.32 -33.82 -41.78
C TRP I 298 -42.93 -33.82 -41.17
N LEU I 299 -42.66 -34.80 -40.30
CA LEU I 299 -41.36 -34.87 -39.64
C LEU I 299 -40.24 -35.08 -40.65
N ALA I 300 -40.45 -35.95 -41.63
CA ALA I 300 -39.43 -36.15 -42.66
C ALA I 300 -39.16 -34.86 -43.42
N LYS I 301 -40.22 -34.13 -43.74
CA LYS I 301 -40.07 -32.87 -44.48
C LYS I 301 -39.32 -31.83 -43.65
N SER I 302 -39.77 -31.60 -42.41
CA SER I 302 -39.21 -30.49 -41.63
C SER I 302 -37.81 -30.76 -41.13
N PHE I 303 -37.50 -32.02 -40.78
CA PHE I 303 -36.17 -32.34 -40.29
C PHE I 303 -35.16 -32.61 -41.40
N PHE I 304 -35.62 -32.80 -42.63
CA PHE I 304 -34.69 -32.73 -43.76
C PHE I 304 -34.11 -31.33 -43.89
N GLU I 305 -34.97 -30.31 -43.78
CA GLU I 305 -34.53 -28.93 -43.97
C GLU I 305 -33.54 -28.52 -42.89
N LEU I 306 -33.85 -28.83 -41.62
CA LEU I 306 -32.91 -28.49 -40.55
C LEU I 306 -31.59 -29.23 -40.70
N THR I 307 -31.63 -30.47 -41.19
CA THR I 307 -30.40 -31.23 -41.39
C THR I 307 -29.54 -30.61 -42.47
N VAL I 308 -30.16 -30.12 -43.56
CA VAL I 308 -29.40 -29.39 -44.57
C VAL I 308 -28.95 -28.05 -44.02
N LEU I 309 -29.84 -27.36 -43.29
CA LEU I 309 -29.47 -26.10 -42.66
C LEU I 309 -28.35 -26.32 -41.66
N LYS I 310 -28.36 -27.46 -40.95
CA LYS I 310 -27.30 -27.78 -40.01
C LYS I 310 -25.95 -27.92 -40.72
N ASP I 311 -25.96 -28.52 -41.92
CA ASP I 311 -24.72 -28.64 -42.70
C ASP I 311 -24.21 -27.29 -43.16
N ILE I 312 -25.09 -26.49 -43.79
CA ILE I 312 -24.65 -25.25 -44.40
C ILE I 312 -24.22 -24.23 -43.34
N ILE I 313 -24.74 -24.36 -42.11
CA ILE I 313 -24.32 -23.51 -41.02
C ILE I 313 -22.94 -23.93 -40.51
N GLY I 314 -22.64 -25.23 -40.55
CA GLY I 314 -21.31 -25.69 -40.16
C GLY I 314 -20.21 -25.19 -41.08
N ILE I 315 -20.54 -24.97 -42.35
CA ILE I 315 -19.50 -24.59 -43.31
C ILE I 315 -19.31 -23.08 -43.39
N CYS I 316 -20.37 -22.28 -43.20
CA CYS I 316 -20.20 -20.82 -43.22
C CYS I 316 -19.48 -20.34 -41.97
N TYR I 317 -20.03 -20.64 -40.80
CA TYR I 317 -19.49 -20.17 -39.54
C TYR I 317 -19.07 -21.35 -38.68
N GLY I 318 -18.27 -21.06 -37.66
CA GLY I 318 -17.87 -22.09 -36.72
C GLY I 318 -19.00 -22.39 -35.76
N ALA I 319 -20.13 -22.83 -36.30
CA ALA I 319 -21.39 -22.82 -35.57
C ALA I 319 -21.86 -24.23 -35.25
N THR I 320 -22.55 -24.35 -34.11
CA THR I 320 -22.99 -25.62 -33.57
C THR I 320 -24.50 -25.58 -33.31
N VAL I 321 -25.16 -26.69 -33.60
CA VAL I 321 -26.53 -26.93 -33.15
C VAL I 321 -26.46 -27.98 -32.06
N LYS I 322 -27.00 -27.63 -30.89
CA LYS I 322 -26.97 -28.54 -29.74
C LYS I 322 -28.40 -28.65 -29.20
N GLY I 323 -29.06 -29.76 -29.52
CA GLY I 323 -30.36 -30.05 -28.95
C GLY I 323 -31.57 -29.94 -29.86
N MET I 324 -31.43 -30.30 -31.13
CA MET I 324 -32.59 -30.35 -32.01
C MET I 324 -32.57 -31.60 -32.87
N GLN I 325 -32.24 -32.74 -32.28
CA GLN I 325 -32.31 -33.99 -33.01
C GLN I 325 -32.65 -35.11 -32.04
N SER I 326 -33.57 -35.97 -32.46
CA SER I 326 -34.00 -37.12 -31.68
C SER I 326 -33.50 -38.38 -32.39
N TYR I 327 -32.72 -39.19 -31.68
CA TYR I 327 -32.32 -40.48 -32.25
C TYR I 327 -33.53 -41.35 -32.54
N GLY I 328 -34.66 -41.11 -31.87
CA GLY I 328 -35.85 -41.89 -32.13
C GLY I 328 -36.39 -41.70 -33.54
N LEU I 329 -36.46 -40.45 -33.99
CA LEU I 329 -36.87 -40.19 -35.36
C LEU I 329 -35.88 -40.76 -36.36
N GLU I 330 -34.60 -40.78 -35.99
CA GLU I 330 -33.58 -41.27 -36.91
C GLU I 330 -33.67 -42.79 -37.07
N ARG I 331 -33.88 -43.52 -35.96
CA ARG I 331 -34.07 -44.96 -36.08
C ARG I 331 -35.39 -45.29 -36.79
N LEU I 332 -36.44 -44.52 -36.50
CA LEU I 332 -37.71 -44.73 -37.18
C LEU I 332 -37.55 -44.54 -38.68
N ALA I 333 -36.86 -43.47 -39.10
CA ALA I 333 -36.63 -43.26 -40.52
C ALA I 333 -35.74 -44.35 -41.10
N ALA I 334 -34.66 -44.71 -40.38
CA ALA I 334 -33.74 -45.71 -40.91
C ALA I 334 -34.41 -47.08 -41.04
N MET I 335 -35.28 -47.43 -40.10
CA MET I 335 -35.99 -48.70 -40.20
C MET I 335 -36.96 -48.70 -41.38
N LEU I 336 -37.58 -47.56 -41.68
CA LEU I 336 -38.46 -47.48 -42.85
C LEU I 336 -37.70 -47.55 -44.17
N MET I 337 -36.38 -47.33 -44.15
CA MET I 337 -35.57 -47.42 -45.36
C MET I 337 -35.02 -48.81 -45.62
N ALA I 338 -35.29 -49.76 -44.72
CA ALA I 338 -35.14 -51.16 -45.07
C ALA I 338 -36.41 -51.73 -45.68
N THR I 339 -37.51 -50.96 -45.66
CA THR I 339 -38.78 -51.43 -46.23
C THR I 339 -38.72 -51.47 -47.74
N VAL I 340 -38.25 -50.40 -48.36
CA VAL I 340 -38.54 -50.12 -49.76
C VAL I 340 -37.35 -50.47 -50.63
N LYS I 341 -37.65 -50.86 -51.87
CA LYS I 341 -36.66 -51.23 -52.89
C LYS I 341 -35.90 -49.99 -53.32
N MET I 342 -34.64 -49.88 -52.89
CA MET I 342 -33.82 -48.73 -53.28
C MET I 342 -33.56 -48.72 -54.78
N GLU I 343 -33.54 -49.90 -55.42
CA GLU I 343 -33.29 -49.95 -56.86
C GLU I 343 -34.47 -49.42 -57.67
N GLU I 344 -35.69 -49.53 -57.13
CA GLU I 344 -36.90 -49.13 -57.84
C GLU I 344 -37.57 -47.92 -57.23
N LEU I 345 -36.83 -47.10 -56.48
CA LEU I 345 -37.44 -45.95 -55.80
C LEU I 345 -38.01 -44.94 -56.79
N GLY I 346 -37.28 -44.66 -57.87
CA GLY I 346 -37.74 -43.70 -58.86
C GLY I 346 -39.02 -44.08 -59.57
N HIS I 347 -39.41 -45.36 -59.51
CA HIS I 347 -40.66 -45.77 -60.11
C HIS I 347 -41.89 -45.24 -59.37
N LEU I 348 -41.72 -44.77 -58.14
CA LEU I 348 -42.84 -44.43 -57.29
C LEU I 348 -43.37 -43.03 -57.60
N THR I 349 -44.24 -42.52 -56.74
CA THR I 349 -44.88 -41.23 -56.90
C THR I 349 -43.90 -40.09 -56.65
N THR I 350 -44.25 -38.91 -57.16
CA THR I 350 -43.59 -37.67 -56.76
C THR I 350 -43.59 -37.55 -55.24
N GLU I 351 -44.77 -37.72 -54.64
CA GLU I 351 -44.91 -37.57 -53.19
C GLU I 351 -44.12 -38.63 -52.43
N LYS I 352 -44.17 -39.89 -52.88
CA LYS I 352 -43.47 -40.95 -52.16
C LYS I 352 -41.95 -40.84 -52.32
N GLN I 353 -41.48 -40.32 -53.45
CA GLN I 353 -40.05 -40.15 -53.63
C GLN I 353 -39.48 -39.15 -52.65
N GLU I 354 -40.13 -37.99 -52.50
CA GLU I 354 -39.64 -36.98 -51.57
C GLU I 354 -39.66 -37.50 -50.14
N TYR I 355 -40.76 -38.13 -49.75
CA TYR I 355 -40.91 -38.64 -48.39
C TYR I 355 -39.88 -39.72 -48.07
N ALA I 356 -39.52 -40.55 -49.06
CA ALA I 356 -38.51 -41.59 -48.82
C ALA I 356 -37.11 -40.99 -48.71
N LEU I 357 -36.75 -40.12 -49.66
CA LEU I 357 -35.43 -39.51 -49.65
C LEU I 357 -35.22 -38.68 -48.39
N ARG I 358 -36.26 -37.96 -47.95
CA ARG I 358 -36.18 -37.24 -46.69
C ARG I 358 -35.86 -38.19 -45.55
N LEU I 359 -36.63 -39.28 -45.43
CA LEU I 359 -36.33 -40.29 -44.42
C LEU I 359 -34.93 -40.86 -44.61
N ALA I 360 -34.47 -40.97 -45.87
CA ALA I 360 -33.13 -41.53 -46.12
C ALA I 360 -32.04 -40.64 -45.55
N THR I 361 -32.16 -39.32 -45.72
CA THR I 361 -31.18 -38.41 -45.12
C THR I 361 -31.30 -38.43 -43.60
N VAL I 362 -32.52 -38.32 -43.09
CA VAL I 362 -32.73 -38.23 -41.65
C VAL I 362 -32.43 -39.57 -40.96
N GLY I 363 -32.56 -40.68 -41.67
CA GLY I 363 -32.46 -42.00 -41.04
C GLY I 363 -31.10 -42.33 -40.48
N TYR I 364 -30.12 -42.57 -41.35
CA TYR I 364 -28.74 -42.50 -40.90
C TYR I 364 -28.22 -41.14 -41.34
N PRO I 365 -28.08 -40.17 -40.44
CA PRO I 365 -27.17 -39.05 -40.75
C PRO I 365 -25.75 -39.58 -40.71
N LYS I 366 -24.75 -38.73 -40.86
CA LYS I 366 -23.35 -39.15 -40.96
C LYS I 366 -23.22 -40.32 -41.94
N ALA I 367 -23.66 -40.06 -43.18
CA ALA I 367 -23.92 -41.10 -44.17
C ALA I 367 -22.76 -42.08 -44.29
N GLY I 368 -23.10 -43.31 -44.68
CA GLY I 368 -22.11 -44.39 -44.77
C GLY I 368 -22.19 -45.46 -43.70
N VAL I 369 -23.41 -45.90 -43.34
CA VAL I 369 -23.61 -47.09 -42.51
C VAL I 369 -24.06 -48.27 -43.37
N TYR I 370 -25.20 -48.13 -44.02
CA TYR I 370 -25.66 -49.05 -45.07
C TYR I 370 -25.73 -48.22 -46.34
N SER I 371 -24.77 -48.42 -47.24
CA SER I 371 -24.59 -47.55 -48.40
C SER I 371 -25.51 -47.89 -49.56
N GLY I 372 -26.56 -48.66 -49.32
CA GLY I 372 -27.58 -48.83 -50.34
C GLY I 372 -28.52 -47.67 -50.50
N LEU I 373 -28.43 -46.68 -49.59
CA LEU I 373 -29.28 -45.50 -49.71
C LEU I 373 -28.91 -44.65 -50.92
N ILE I 374 -27.65 -44.73 -51.36
CA ILE I 374 -27.23 -43.97 -52.54
C ILE I 374 -27.98 -44.46 -53.78
N GLY I 375 -28.13 -45.79 -53.91
CA GLY I 375 -28.82 -46.33 -55.08
C GLY I 375 -30.25 -45.86 -55.20
N GLY I 376 -30.89 -45.55 -54.08
CA GLY I 376 -32.23 -44.97 -54.14
C GLY I 376 -32.23 -43.59 -54.75
N ALA I 377 -31.30 -42.73 -54.31
CA ALA I 377 -31.19 -41.41 -54.91
C ALA I 377 -30.79 -41.51 -56.37
N THR I 378 -29.98 -42.49 -56.72
CA THR I 378 -29.64 -42.74 -58.12
C THR I 378 -30.87 -43.18 -58.90
N SER I 379 -31.72 -44.03 -58.30
CA SER I 379 -32.91 -44.51 -58.98
C SER I 379 -33.92 -43.39 -59.20
N VAL I 380 -33.96 -42.41 -58.30
CA VAL I 380 -34.79 -41.23 -58.54
C VAL I 380 -34.24 -40.42 -59.70
N LEU I 381 -32.90 -40.28 -59.76
CA LEU I 381 -32.29 -39.51 -60.84
C LEU I 381 -32.51 -40.18 -62.19
N LEU I 382 -32.36 -41.51 -62.27
CA LEU I 382 -32.54 -42.22 -63.53
C LEU I 382 -33.99 -42.15 -64.01
N SER I 383 -34.94 -42.49 -63.14
CA SER I 383 -36.34 -42.40 -63.52
C SER I 383 -36.74 -40.97 -63.82
N ALA I 384 -36.04 -40.00 -63.23
CA ALA I 384 -36.26 -38.61 -63.62
C ALA I 384 -35.63 -38.28 -64.95
N TYR I 385 -34.45 -38.84 -65.24
CA TYR I 385 -33.70 -38.44 -66.44
C TYR I 385 -34.39 -38.91 -67.72
N ASN I 386 -34.89 -40.15 -67.75
CA ASN I 386 -35.52 -40.67 -68.96
C ASN I 386 -36.83 -39.95 -69.26
N ARG I 387 -37.64 -39.70 -68.24
CA ARG I 387 -38.90 -38.98 -68.43
C ARG I 387 -38.70 -37.47 -68.55
N HIS I 388 -37.55 -36.94 -68.11
CA HIS I 388 -37.24 -35.53 -68.31
C HIS I 388 -36.70 -35.32 -69.72
N PRO I 389 -37.25 -34.38 -70.48
CA PRO I 389 -36.63 -34.04 -71.77
C PRO I 389 -35.17 -33.66 -71.58
N LEU I 390 -34.27 -34.47 -72.13
CA LEU I 390 -32.84 -34.30 -71.87
C LEU I 390 -32.38 -32.91 -72.29
N PHE I 391 -31.33 -32.43 -71.62
CA PHE I 391 -30.72 -31.11 -71.82
C PHE I 391 -31.60 -29.95 -71.36
N GLN I 392 -32.85 -30.21 -71.01
CA GLN I 392 -33.77 -29.11 -70.73
C GLN I 392 -33.54 -28.57 -69.33
N PRO I 393 -33.87 -27.30 -69.09
CA PRO I 393 -33.92 -26.79 -67.71
C PRO I 393 -35.04 -27.50 -66.97
N LEU I 394 -34.66 -28.30 -65.97
CA LEU I 394 -35.65 -29.04 -65.20
C LEU I 394 -36.60 -28.07 -64.50
N HIS I 395 -37.89 -28.30 -64.65
CA HIS I 395 -38.87 -27.46 -64.00
C HIS I 395 -38.79 -27.66 -62.49
N THR I 396 -39.39 -26.71 -61.76
CA THR I 396 -39.20 -26.66 -60.31
C THR I 396 -39.75 -27.90 -59.60
N VAL I 397 -40.61 -28.67 -60.25
CA VAL I 397 -41.10 -29.90 -59.65
C VAL I 397 -39.98 -30.92 -59.49
N MET I 398 -39.30 -31.23 -60.60
CA MET I 398 -38.28 -32.26 -60.57
C MET I 398 -36.99 -31.78 -59.90
N ARG I 399 -36.69 -30.48 -60.00
CA ARG I 399 -35.49 -29.94 -59.36
C ARG I 399 -35.57 -30.08 -57.84
N GLU I 400 -36.73 -29.79 -57.26
CA GLU I 400 -36.91 -29.97 -55.82
C GLU I 400 -36.80 -31.45 -55.44
N THR I 401 -37.41 -32.34 -56.22
CA THR I 401 -37.31 -33.77 -55.94
C THR I 401 -35.86 -34.23 -55.97
N LEU I 402 -35.08 -33.74 -56.95
CA LEU I 402 -33.70 -34.16 -57.09
C LEU I 402 -32.76 -33.50 -56.08
N PHE I 403 -33.09 -32.30 -55.60
CA PHE I 403 -32.28 -31.69 -54.55
C PHE I 403 -32.34 -32.51 -53.27
N ILE I 404 -33.52 -33.03 -52.93
CA ILE I 404 -33.67 -33.85 -51.74
C ILE I 404 -32.82 -35.12 -51.85
N GLY I 405 -32.87 -35.79 -53.00
CA GLY I 405 -32.07 -36.97 -53.22
C GLY I 405 -30.58 -36.68 -53.38
N SER I 406 -30.23 -35.45 -53.77
CA SER I 406 -28.83 -35.10 -53.92
C SER I 406 -28.09 -35.11 -52.59
N HIS I 407 -28.79 -34.82 -51.49
CA HIS I 407 -28.11 -34.67 -50.21
C HIS I 407 -27.55 -36.00 -49.71
N VAL I 408 -28.25 -37.11 -49.96
CA VAL I 408 -27.72 -38.42 -49.58
C VAL I 408 -26.39 -38.68 -50.29
N VAL I 409 -26.35 -38.37 -51.59
CA VAL I 409 -25.14 -38.57 -52.37
C VAL I 409 -24.03 -37.64 -51.90
N LEU I 410 -24.38 -36.39 -51.57
CA LEU I 410 -23.38 -35.38 -51.25
C LEU I 410 -22.53 -35.77 -50.06
N ARG I 411 -23.11 -36.45 -49.07
CA ARG I 411 -22.37 -36.83 -47.88
C ARG I 411 -21.50 -38.06 -48.07
N GLU I 412 -21.78 -38.87 -49.10
CA GLU I 412 -20.84 -39.94 -49.44
C GLU I 412 -19.60 -39.39 -50.11
N LEU I 413 -19.74 -38.27 -50.83
CA LEU I 413 -18.58 -37.60 -51.43
C LEU I 413 -17.71 -36.93 -50.38
N ARG I 414 -18.25 -36.65 -49.19
CA ARG I 414 -17.42 -36.14 -48.10
C ARG I 414 -16.45 -37.19 -47.60
N LEU I 415 -16.83 -38.47 -47.64
CA LEU I 415 -16.07 -39.54 -47.01
C LEU I 415 -14.77 -39.83 -47.76
N ASN I 416 -13.77 -40.31 -47.02
CA ASN I 416 -12.59 -40.91 -47.64
C ASN I 416 -12.87 -42.30 -48.17
N VAL I 417 -13.80 -43.03 -47.54
CA VAL I 417 -14.16 -44.37 -47.97
C VAL I 417 -15.13 -44.29 -49.15
N THR I 418 -14.93 -45.18 -50.13
CA THR I 418 -15.71 -45.13 -51.36
C THR I 418 -17.18 -45.43 -51.11
N THR I 419 -17.46 -46.43 -50.27
CA THR I 419 -18.83 -46.89 -49.99
C THR I 419 -19.57 -47.24 -51.29
N GLN I 420 -19.06 -48.25 -51.98
CA GLN I 420 -19.69 -48.79 -53.20
C GLN I 420 -19.80 -47.72 -54.28
N GLY I 421 -18.63 -47.38 -54.83
CA GLY I 421 -18.51 -46.52 -55.99
C GLY I 421 -19.56 -46.65 -57.09
N PRO I 422 -19.93 -47.89 -57.53
CA PRO I 422 -20.81 -48.05 -58.69
C PRO I 422 -22.03 -47.13 -58.76
N ASN I 423 -22.85 -47.13 -57.70
CA ASN I 423 -23.99 -46.22 -57.70
C ASN I 423 -23.52 -44.76 -57.70
N LEU I 424 -22.46 -44.47 -56.95
CA LEU I 424 -21.98 -43.09 -56.82
C LEU I 424 -21.52 -42.53 -58.15
N ALA I 425 -20.78 -43.32 -58.93
CA ALA I 425 -20.33 -42.86 -60.24
C ALA I 425 -21.50 -42.65 -61.20
N LEU I 426 -22.50 -43.55 -61.15
CA LEU I 426 -23.65 -43.43 -62.04
C LEU I 426 -24.42 -42.15 -61.78
N TYR I 427 -24.49 -41.70 -60.52
CA TYR I 427 -25.14 -40.43 -60.22
C TYR I 427 -24.37 -39.27 -60.85
N GLN I 428 -23.04 -39.28 -60.75
CA GLN I 428 -22.25 -38.19 -61.30
C GLN I 428 -22.35 -38.14 -62.82
N LEU I 429 -22.44 -39.31 -63.47
CA LEU I 429 -22.57 -39.35 -64.93
C LEU I 429 -23.92 -38.79 -65.37
N LEU I 430 -25.00 -39.22 -64.72
CA LEU I 430 -26.32 -38.69 -65.06
C LEU I 430 -26.41 -37.21 -64.76
N SER I 431 -25.78 -36.76 -63.68
CA SER I 431 -25.67 -35.32 -63.40
C SER I 431 -24.89 -34.62 -64.50
N THR I 432 -23.83 -35.27 -65.00
CA THR I 432 -23.09 -34.71 -66.12
C THR I 432 -23.97 -34.59 -67.36
N ALA I 433 -24.83 -35.59 -67.60
CA ALA I 433 -25.71 -35.52 -68.76
C ALA I 433 -26.75 -34.42 -68.63
N LEU I 434 -27.23 -34.16 -67.41
CA LEU I 434 -28.18 -33.08 -67.21
C LEU I 434 -27.55 -31.70 -67.18
N CYS I 435 -26.23 -31.61 -66.96
CA CYS I 435 -25.57 -30.32 -67.04
C CYS I 435 -25.35 -29.94 -68.49
N SER I 436 -26.36 -29.33 -69.09
CA SER I 436 -26.38 -28.94 -70.49
C SER I 436 -26.21 -27.44 -70.60
N ALA I 437 -26.31 -26.94 -71.83
CA ALA I 437 -26.13 -25.51 -72.07
C ALA I 437 -27.23 -24.68 -71.41
N LEU I 438 -28.50 -25.07 -71.59
CA LEU I 438 -29.61 -24.33 -71.01
C LEU I 438 -29.91 -24.73 -69.57
N GLU I 439 -29.38 -25.86 -69.10
CA GLU I 439 -29.36 -26.08 -67.66
C GLU I 439 -28.50 -25.01 -66.98
N ILE I 440 -27.32 -24.75 -67.54
CA ILE I 440 -26.51 -23.61 -67.12
C ILE I 440 -27.23 -22.30 -67.42
N GLY I 441 -27.96 -22.23 -68.54
CA GLY I 441 -28.60 -21.00 -68.94
C GLY I 441 -29.67 -20.54 -67.95
N GLU I 442 -30.56 -21.45 -67.54
CA GLU I 442 -31.64 -21.10 -66.62
C GLU I 442 -31.15 -20.91 -65.20
N VAL I 443 -30.07 -21.58 -64.81
CA VAL I 443 -29.51 -21.39 -63.46
C VAL I 443 -28.90 -20.00 -63.33
N LEU I 444 -28.21 -19.54 -64.37
CA LEU I 444 -27.60 -18.21 -64.32
C LEU I 444 -28.66 -17.11 -64.41
N ARG I 445 -29.78 -17.38 -65.08
CA ARG I 445 -30.93 -16.49 -64.98
C ARG I 445 -31.49 -16.50 -63.57
N GLY I 446 -31.53 -17.67 -62.94
CA GLY I 446 -32.03 -17.77 -61.58
C GLY I 446 -31.12 -17.14 -60.54
N LEU I 447 -29.83 -17.02 -60.84
CA LEU I 447 -28.90 -16.34 -59.95
C LEU I 447 -28.83 -14.85 -60.20
N ALA I 448 -29.21 -14.39 -61.39
CA ALA I 448 -29.36 -12.95 -61.64
C ALA I 448 -30.63 -12.40 -60.99
N LEU I 449 -31.63 -13.26 -60.75
CA LEU I 449 -32.88 -12.85 -60.15
C LEU I 449 -33.11 -13.43 -58.77
N GLY I 450 -32.17 -14.24 -58.26
CA GLY I 450 -32.29 -14.80 -56.93
C GLY I 450 -33.40 -15.81 -56.76
N THR I 451 -33.88 -16.39 -57.86
CA THR I 451 -35.07 -17.25 -57.83
C THR I 451 -34.71 -18.65 -57.36
N GLU I 452 -35.64 -19.59 -57.55
CA GLU I 452 -35.52 -20.91 -56.96
C GLU I 452 -34.38 -21.71 -57.56
N SER I 453 -34.08 -21.51 -58.84
CA SER I 453 -33.05 -22.28 -59.52
C SER I 453 -31.64 -21.94 -59.04
N GLY I 454 -31.50 -20.93 -58.17
CA GLY I 454 -30.19 -20.57 -57.63
C GLY I 454 -29.65 -21.53 -56.60
N LEU I 455 -30.51 -22.28 -55.91
CA LEU I 455 -30.03 -23.18 -54.86
C LEU I 455 -29.30 -24.39 -55.45
N PHE I 456 -29.92 -25.06 -56.43
CA PHE I 456 -29.46 -26.38 -56.81
C PHE I 456 -29.55 -26.57 -58.32
N SER I 457 -28.63 -27.38 -58.84
CA SER I 457 -28.58 -27.88 -60.19
C SER I 457 -27.76 -29.16 -60.14
N PRO I 458 -28.14 -30.23 -60.85
CA PRO I 458 -27.35 -31.46 -60.79
C PRO I 458 -25.93 -31.27 -61.29
N CYS I 459 -25.67 -30.20 -62.04
CA CYS I 459 -24.32 -29.92 -62.51
C CYS I 459 -23.34 -29.74 -61.36
N TYR I 460 -23.82 -29.32 -60.19
CA TYR I 460 -22.93 -29.11 -59.04
C TYR I 460 -22.08 -30.34 -58.78
N LEU I 461 -22.71 -31.51 -58.78
CA LEU I 461 -22.07 -32.78 -58.47
C LEU I 461 -21.55 -33.50 -59.71
N SER I 462 -21.71 -32.91 -60.88
CA SER I 462 -21.34 -33.57 -62.12
C SER I 462 -19.83 -33.76 -62.20
N LEU I 463 -19.40 -34.50 -63.23
CA LEU I 463 -17.99 -34.69 -63.54
C LEU I 463 -17.48 -33.67 -64.56
N ARG I 464 -18.08 -32.50 -64.59
CA ARG I 464 -17.78 -31.47 -65.58
C ARG I 464 -16.93 -30.39 -64.94
N PHE I 465 -15.69 -30.25 -65.43
CA PHE I 465 -14.72 -29.30 -64.88
C PHE I 465 -14.23 -28.30 -65.92
N ASP I 466 -14.77 -28.32 -67.14
CA ASP I 466 -14.43 -27.28 -68.11
C ASP I 466 -15.04 -25.93 -67.77
N LEU I 467 -15.74 -25.83 -66.65
CA LEU I 467 -16.49 -24.62 -66.31
C LEU I 467 -15.56 -23.62 -65.63
N THR I 468 -15.31 -22.49 -66.31
CA THR I 468 -14.73 -21.32 -65.65
C THR I 468 -15.52 -20.07 -65.98
N ARG I 469 -14.97 -18.92 -65.59
CA ARG I 469 -15.68 -17.65 -65.70
C ARG I 469 -16.07 -17.34 -67.14
N ASP I 470 -15.13 -17.51 -68.07
CA ASP I 470 -15.38 -17.17 -69.47
C ASP I 470 -16.44 -18.09 -70.08
N LYS I 471 -16.39 -19.38 -69.78
CA LYS I 471 -17.29 -20.34 -70.40
C LYS I 471 -18.75 -20.06 -70.04
N LEU I 472 -19.00 -19.60 -68.81
CA LEU I 472 -20.37 -19.32 -68.38
C LEU I 472 -20.95 -18.09 -69.07
N LEU I 473 -20.12 -17.04 -69.25
CA LEU I 473 -20.63 -15.78 -69.79
C LEU I 473 -21.23 -15.96 -71.18
N SER I 474 -20.69 -16.90 -71.96
CA SER I 474 -21.24 -17.17 -73.29
C SER I 474 -22.63 -17.82 -73.20
N MET I 475 -22.83 -18.70 -72.21
CA MET I 475 -24.08 -19.43 -72.08
C MET I 475 -25.15 -18.65 -71.31
N ALA I 476 -24.89 -17.38 -71.00
CA ALA I 476 -25.76 -16.57 -70.17
C ALA I 476 -27.00 -16.12 -70.94
N PRO I 477 -28.10 -15.83 -70.24
CA PRO I 477 -29.25 -15.17 -70.89
C PRO I 477 -28.81 -13.86 -71.53
N GLN I 478 -29.25 -13.65 -72.77
CA GLN I 478 -28.77 -12.58 -73.62
C GLN I 478 -29.48 -11.25 -73.40
N GLU I 479 -30.47 -11.20 -72.51
CA GLU I 479 -31.36 -10.06 -72.45
C GLU I 479 -30.67 -8.82 -71.88
N ALA I 480 -30.90 -7.68 -72.53
CA ALA I 480 -30.47 -6.40 -71.97
C ALA I 480 -31.34 -5.95 -70.82
N MET I 481 -32.53 -6.54 -70.66
CA MET I 481 -33.40 -6.18 -69.54
C MET I 481 -32.81 -6.60 -68.21
N LEU I 482 -31.95 -7.62 -68.21
CA LEU I 482 -31.33 -8.10 -66.99
C LEU I 482 -30.08 -7.29 -66.67
N ASP I 483 -29.90 -7.00 -65.39
CA ASP I 483 -28.67 -6.37 -64.90
C ASP I 483 -27.50 -7.30 -65.21
N GLN I 484 -26.61 -6.88 -66.12
CA GLN I 484 -25.46 -7.70 -66.49
C GLN I 484 -24.29 -7.52 -65.52
N ALA I 485 -24.55 -6.98 -64.33
CA ALA I 485 -23.70 -7.15 -63.17
C ALA I 485 -24.20 -8.25 -62.25
N ALA I 486 -25.52 -8.44 -62.16
CA ALA I 486 -26.07 -9.63 -61.54
C ALA I 486 -25.85 -10.88 -62.39
N VAL I 487 -25.65 -10.70 -63.70
CA VAL I 487 -25.18 -11.80 -64.53
C VAL I 487 -23.73 -12.13 -64.22
N SER I 488 -22.88 -11.09 -64.14
CA SER I 488 -21.50 -11.30 -63.72
C SER I 488 -21.42 -11.81 -62.28
N ASN I 489 -22.35 -11.37 -61.43
CA ASN I 489 -22.48 -11.95 -60.10
C ASN I 489 -22.88 -13.43 -60.17
N ALA I 490 -23.80 -13.76 -61.07
CA ALA I 490 -24.22 -15.16 -61.23
C ALA I 490 -23.06 -16.04 -61.67
N VAL I 491 -22.26 -15.56 -62.62
CA VAL I 491 -21.14 -16.34 -63.13
C VAL I 491 -20.13 -16.61 -62.01
N ASP I 492 -19.80 -15.58 -61.23
CA ASP I 492 -18.86 -15.74 -60.13
C ASP I 492 -19.39 -16.69 -59.07
N GLY I 493 -20.67 -16.55 -58.70
CA GLY I 493 -21.24 -17.41 -57.68
C GLY I 493 -21.37 -18.86 -58.11
N PHE I 494 -21.78 -19.09 -59.37
CA PHE I 494 -21.87 -20.47 -59.86
C PHE I 494 -20.51 -21.15 -59.84
N LEU I 495 -19.48 -20.46 -60.30
CA LEU I 495 -18.13 -21.01 -60.28
C LEU I 495 -17.62 -21.21 -58.86
N GLY I 496 -18.16 -20.47 -57.89
CA GLY I 496 -17.79 -20.69 -56.51
C GLY I 496 -18.37 -21.97 -55.92
N ARG I 497 -19.47 -22.46 -56.49
CA ARG I 497 -20.09 -23.69 -56.01
C ARG I 497 -19.36 -24.94 -56.49
N LEU I 498 -18.79 -24.91 -57.69
CA LEU I 498 -18.07 -26.07 -58.19
C LEU I 498 -16.60 -25.75 -58.50
N SER I 499 -15.94 -25.05 -57.59
CA SER I 499 -14.48 -25.00 -57.63
C SER I 499 -13.94 -26.39 -57.31
N LEU I 500 -13.10 -26.93 -58.20
CA LEU I 500 -12.74 -28.33 -58.09
C LEU I 500 -11.88 -28.62 -56.86
N GLU I 501 -11.10 -27.64 -56.41
CA GLU I 501 -10.25 -27.79 -55.23
C GLU I 501 -10.73 -26.87 -54.11
N ARG I 502 -10.58 -27.35 -52.87
CA ARG I 502 -11.16 -26.72 -51.68
C ARG I 502 -12.68 -26.75 -51.68
N GLU I 503 -13.26 -27.75 -52.34
CA GLU I 503 -14.68 -28.05 -52.30
C GLU I 503 -14.97 -29.45 -51.80
N ASP I 504 -14.18 -30.43 -52.26
CA ASP I 504 -14.24 -31.83 -51.83
C ASP I 504 -15.55 -32.49 -52.21
N ARG I 505 -16.46 -31.76 -52.86
CA ARG I 505 -17.71 -32.33 -53.35
C ARG I 505 -17.74 -32.28 -54.87
N ASP I 506 -16.60 -32.56 -55.50
CA ASP I 506 -16.56 -32.73 -56.95
C ASP I 506 -15.77 -33.99 -57.32
N ALA I 507 -14.76 -34.37 -56.53
CA ALA I 507 -13.77 -35.32 -57.02
C ALA I 507 -13.06 -36.01 -55.85
N TRP I 508 -12.07 -36.84 -56.21
CA TRP I 508 -11.24 -37.67 -55.33
C TRP I 508 -11.92 -38.95 -54.87
N HIS I 509 -12.96 -39.41 -55.57
CA HIS I 509 -13.64 -40.65 -55.21
C HIS I 509 -13.59 -41.74 -56.27
N LEU I 510 -13.35 -41.40 -57.55
CA LEU I 510 -13.43 -42.39 -58.61
C LEU I 510 -12.26 -43.36 -58.55
N PRO I 511 -12.43 -44.56 -59.12
CA PRO I 511 -11.28 -45.47 -59.29
C PRO I 511 -10.38 -45.04 -60.45
N ALA I 512 -10.98 -44.54 -61.52
CA ALA I 512 -10.26 -44.15 -62.73
C ALA I 512 -9.78 -42.71 -62.69
N TYR I 513 -9.74 -42.10 -61.50
CA TYR I 513 -9.14 -40.79 -61.29
C TYR I 513 -7.63 -40.89 -61.04
N LYS I 514 -7.12 -42.08 -60.72
CA LYS I 514 -5.69 -42.26 -60.49
C LYS I 514 -4.87 -42.21 -61.77
N CYS I 515 -5.52 -42.22 -62.94
CA CYS I 515 -4.86 -42.36 -64.23
C CYS I 515 -4.61 -41.01 -64.91
N VAL I 516 -4.51 -39.92 -64.14
CA VAL I 516 -4.28 -38.59 -64.69
C VAL I 516 -3.02 -38.00 -64.06
N ASP I 517 -2.16 -37.41 -64.91
CA ASP I 517 -0.93 -36.76 -64.43
C ASP I 517 -1.22 -35.36 -63.92
N ARG I 518 -1.82 -34.52 -64.76
CA ARG I 518 -2.23 -33.16 -64.41
C ARG I 518 -3.75 -33.11 -64.31
N LEU I 519 -4.26 -32.88 -63.11
CA LEU I 519 -5.68 -32.95 -62.80
C LEU I 519 -6.44 -31.68 -63.17
N ASP I 520 -5.77 -30.53 -63.19
CA ASP I 520 -6.41 -29.25 -63.51
C ASP I 520 -6.70 -29.07 -65.00
N LYS I 521 -6.12 -29.91 -65.87
CA LYS I 521 -6.37 -29.84 -67.29
C LYS I 521 -7.46 -30.80 -67.76
N VAL I 522 -7.98 -31.65 -66.88
CA VAL I 522 -9.10 -32.52 -67.25
C VAL I 522 -10.37 -31.68 -67.36
N LEU I 523 -11.09 -31.85 -68.47
CA LEU I 523 -12.32 -31.12 -68.74
C LEU I 523 -13.58 -31.88 -68.33
N MET I 524 -13.53 -33.21 -68.27
CA MET I 524 -14.70 -34.04 -67.99
C MET I 524 -14.24 -35.49 -67.86
N ILE I 525 -15.04 -36.28 -67.13
CA ILE I 525 -14.86 -37.72 -67.02
C ILE I 525 -16.22 -38.37 -67.27
N ILE I 526 -16.30 -39.24 -68.28
CA ILE I 526 -17.49 -40.04 -68.53
C ILE I 526 -17.20 -41.44 -68.01
N PRO I 527 -17.68 -41.79 -66.80
CA PRO I 527 -17.58 -43.18 -66.35
C PRO I 527 -18.70 -44.03 -66.91
N LEU I 528 -18.41 -44.83 -67.92
CA LEU I 528 -19.37 -45.81 -68.39
C LEU I 528 -19.16 -47.10 -67.62
N ILE I 529 -19.88 -48.14 -68.02
CA ILE I 529 -19.65 -49.48 -67.49
C ILE I 529 -18.70 -50.20 -68.44
N ASN I 530 -17.67 -50.82 -67.87
CA ASN I 530 -16.53 -51.49 -68.52
C ASN I 530 -15.49 -50.51 -69.03
N VAL I 531 -15.72 -49.19 -68.93
CA VAL I 531 -14.74 -48.19 -69.38
C VAL I 531 -15.14 -46.82 -68.81
N THR I 532 -14.14 -45.99 -68.51
CA THR I 532 -14.37 -44.57 -68.22
C THR I 532 -13.41 -43.74 -69.07
N PHE I 533 -13.90 -42.60 -69.57
CA PHE I 533 -13.12 -41.74 -70.45
C PHE I 533 -12.64 -40.51 -69.68
N ILE I 534 -11.42 -40.09 -69.98
CA ILE I 534 -10.81 -38.90 -69.39
C ILE I 534 -10.69 -37.87 -70.51
N ILE I 535 -11.69 -36.98 -70.61
CA ILE I 535 -11.64 -35.89 -71.57
C ILE I 535 -10.83 -34.75 -70.95
N SER I 536 -9.74 -34.38 -71.61
CA SER I 536 -8.81 -33.40 -71.06
C SER I 536 -8.05 -32.72 -72.19
N SER I 537 -7.48 -31.56 -71.88
CA SER I 537 -6.44 -30.95 -72.69
C SER I 537 -5.05 -31.37 -72.24
N ASP I 538 -4.95 -32.48 -71.51
CA ASP I 538 -3.68 -33.03 -71.01
C ASP I 538 -3.27 -34.19 -71.90
N ARG I 539 -2.06 -34.08 -72.47
CA ARG I 539 -1.57 -35.12 -73.37
C ARG I 539 -1.18 -36.38 -72.60
N GLU I 540 -0.57 -36.21 -71.43
CA GLU I 540 -0.04 -37.33 -70.64
C GLU I 540 -1.11 -37.85 -69.67
N VAL I 541 -2.11 -38.50 -70.26
CA VAL I 541 -3.12 -39.24 -69.51
C VAL I 541 -2.84 -40.73 -69.71
N ARG I 542 -2.65 -41.45 -68.62
CA ARG I 542 -2.24 -42.85 -68.67
C ARG I 542 -3.47 -43.73 -68.88
N GLY I 543 -4.04 -43.63 -70.07
CA GLY I 543 -5.18 -44.43 -70.46
C GLY I 543 -4.78 -45.57 -71.39
N SER I 544 -5.80 -46.26 -71.91
CA SER I 544 -5.58 -47.40 -72.78
C SER I 544 -5.29 -46.99 -74.22
N ALA I 545 -5.75 -45.83 -74.63
CA ALA I 545 -5.39 -45.25 -75.92
C ALA I 545 -5.44 -43.74 -75.76
N LEU I 546 -5.33 -43.03 -76.88
CA LEU I 546 -5.41 -41.57 -76.85
C LEU I 546 -6.03 -41.11 -78.16
N TYR I 547 -7.16 -40.42 -78.08
CA TYR I 547 -7.80 -39.78 -79.22
C TYR I 547 -7.57 -38.28 -79.14
N GLU I 548 -7.46 -37.65 -80.31
CA GLU I 548 -7.42 -36.19 -80.41
C GLU I 548 -8.38 -35.76 -81.53
N ALA I 549 -9.54 -35.25 -81.14
CA ALA I 549 -10.49 -34.71 -82.10
C ALA I 549 -9.87 -33.49 -82.78
N SER I 550 -10.41 -33.15 -83.94
CA SER I 550 -9.93 -31.96 -84.65
C SER I 550 -10.43 -30.75 -83.87
N THR I 551 -9.64 -30.28 -82.90
CA THR I 551 -10.17 -29.30 -81.98
C THR I 551 -10.22 -27.94 -82.66
N THR I 552 -9.06 -27.32 -82.76
CA THR I 552 -8.72 -26.19 -83.62
C THR I 552 -7.33 -25.74 -83.18
N TYR I 553 -6.72 -24.81 -83.89
CA TYR I 553 -5.62 -24.01 -83.35
C TYR I 553 -6.18 -22.84 -82.55
N LEU I 554 -7.18 -23.15 -81.71
CA LEU I 554 -7.63 -22.19 -80.71
C LEU I 554 -7.62 -22.77 -79.31
N SER I 555 -8.41 -23.82 -79.10
CA SER I 555 -8.46 -24.50 -77.82
C SER I 555 -7.19 -25.32 -77.64
N SER I 556 -6.64 -25.30 -76.41
CA SER I 556 -5.34 -25.89 -76.11
C SER I 556 -5.19 -27.23 -76.80
N SER I 557 -6.11 -28.13 -76.53
CA SER I 557 -6.29 -29.38 -77.27
C SER I 557 -7.57 -30.03 -76.79
N LEU I 558 -7.81 -31.25 -77.27
CA LEU I 558 -8.98 -32.02 -76.82
C LEU I 558 -8.63 -33.50 -76.97
N PHE I 559 -8.26 -34.13 -75.85
CA PHE I 559 -7.88 -35.54 -75.82
C PHE I 559 -8.94 -36.36 -75.09
N LEU I 560 -9.14 -37.59 -75.55
CA LEU I 560 -10.04 -38.57 -74.93
C LEU I 560 -9.25 -39.85 -74.68
N SER I 561 -8.96 -40.14 -73.41
CA SER I 561 -8.21 -41.34 -73.04
C SER I 561 -9.16 -42.34 -72.39
N PRO I 562 -9.57 -43.41 -73.09
CA PRO I 562 -10.40 -44.43 -72.43
C PRO I 562 -9.57 -45.27 -71.48
N VAL I 563 -10.11 -45.48 -70.28
CA VAL I 563 -9.48 -46.33 -69.28
C VAL I 563 -10.33 -47.58 -69.17
N ILE I 564 -9.77 -48.73 -69.55
CA ILE I 564 -10.54 -49.98 -69.59
C ILE I 564 -10.56 -50.61 -68.20
N MET I 565 -11.78 -50.80 -67.68
CA MET I 565 -12.03 -51.42 -66.38
C MET I 565 -11.36 -50.65 -65.23
N ASN I 566 -11.17 -49.34 -65.42
CA ASN I 566 -10.63 -48.46 -64.38
C ASN I 566 -9.29 -48.98 -63.86
N LYS I 567 -8.48 -49.54 -64.75
CA LYS I 567 -7.11 -49.94 -64.45
C LYS I 567 -6.19 -49.25 -65.46
N CYS I 568 -5.26 -48.45 -64.96
CA CYS I 568 -4.55 -47.47 -65.77
C CYS I 568 -3.47 -48.13 -66.62
N SER I 569 -2.61 -47.30 -67.21
CA SER I 569 -1.47 -47.76 -67.99
C SER I 569 -0.18 -47.37 -67.28
N GLN I 570 0.89 -48.12 -67.56
CA GLN I 570 2.16 -47.87 -66.91
C GLN I 570 2.66 -46.47 -67.21
N GLY I 571 2.63 -46.07 -68.47
CA GLY I 571 2.90 -44.70 -68.85
C GLY I 571 1.97 -44.31 -69.98
N ALA I 572 1.82 -42.99 -70.17
CA ALA I 572 0.97 -42.49 -71.25
C ALA I 572 1.49 -43.02 -72.58
N VAL I 573 0.58 -43.57 -73.39
CA VAL I 573 0.97 -44.11 -74.69
C VAL I 573 1.57 -43.00 -75.53
N ALA I 574 2.68 -43.30 -76.18
CA ALA I 574 3.44 -42.31 -76.94
C ALA I 574 3.14 -42.43 -78.43
N GLY I 575 3.58 -41.43 -79.18
CA GLY I 575 3.27 -41.36 -80.60
C GLY I 575 2.01 -40.58 -80.87
N GLU I 576 1.63 -40.56 -82.15
CA GLU I 576 0.46 -39.80 -82.57
C GLU I 576 -0.82 -40.38 -81.98
N PRO I 577 -1.71 -39.55 -81.44
CA PRO I 577 -3.01 -40.06 -80.99
C PRO I 577 -3.88 -40.47 -82.17
N ARG I 578 -4.84 -41.35 -81.86
CA ARG I 578 -5.75 -41.87 -82.87
C ARG I 578 -6.66 -40.77 -83.41
N GLN I 579 -6.96 -40.85 -84.69
CA GLN I 579 -7.96 -39.97 -85.29
C GLN I 579 -9.36 -40.47 -84.97
N ILE I 580 -10.32 -39.56 -84.98
CA ILE I 580 -11.70 -39.87 -84.63
C ILE I 580 -12.41 -40.32 -85.91
N PRO I 581 -12.81 -41.59 -86.03
CA PRO I 581 -13.45 -42.04 -87.27
C PRO I 581 -14.81 -41.40 -87.46
N LYS I 582 -15.06 -40.93 -88.67
CA LYS I 582 -16.33 -40.32 -89.06
C LYS I 582 -17.29 -41.39 -89.53
N ILE I 583 -18.58 -41.18 -89.24
CA ILE I 583 -19.62 -42.19 -89.45
C ILE I 583 -20.80 -41.58 -90.19
N GLN I 584 -21.06 -42.07 -91.41
CA GLN I 584 -22.26 -41.75 -92.16
C GLN I 584 -23.14 -42.97 -92.42
N ASN I 585 -22.58 -44.18 -92.35
CA ASN I 585 -23.34 -45.42 -92.55
C ASN I 585 -24.01 -45.81 -91.23
N PHE I 586 -25.04 -45.03 -90.88
CA PHE I 586 -25.81 -45.28 -89.67
C PHE I 586 -27.17 -44.60 -89.85
N THR I 587 -28.24 -45.39 -89.85
CA THR I 587 -29.59 -44.92 -90.17
C THR I 587 -30.22 -44.23 -88.96
N ARG I 588 -31.15 -43.30 -89.24
CA ARG I 588 -31.59 -42.34 -88.23
C ARG I 588 -32.56 -42.96 -87.22
N THR I 589 -33.50 -43.78 -87.66
CA THR I 589 -34.46 -44.41 -86.75
C THR I 589 -33.99 -45.81 -86.39
N GLN I 590 -33.83 -46.06 -85.09
CA GLN I 590 -33.38 -47.35 -84.58
C GLN I 590 -34.46 -47.92 -83.69
N LYS I 591 -34.80 -49.20 -83.93
CA LYS I 591 -35.83 -49.88 -83.14
C LYS I 591 -35.21 -50.85 -82.12
N SER I 592 -33.90 -50.79 -81.92
CA SER I 592 -33.22 -51.41 -80.80
C SER I 592 -32.27 -50.38 -80.20
N CYS I 593 -31.68 -50.71 -79.04
CA CYS I 593 -30.97 -49.75 -78.20
C CYS I 593 -29.48 -49.64 -78.56
N ILE I 594 -29.14 -49.66 -79.85
CA ILE I 594 -27.78 -49.80 -80.36
C ILE I 594 -26.79 -48.88 -79.65
N PHE I 595 -27.29 -47.81 -79.00
CA PHE I 595 -26.45 -46.89 -78.24
C PHE I 595 -26.57 -47.08 -76.73
N CYS I 596 -27.15 -48.19 -76.27
CA CYS I 596 -27.25 -48.45 -74.82
C CYS I 596 -25.86 -48.54 -74.19
N GLY I 597 -25.68 -47.82 -73.08
CA GLY I 597 -24.41 -47.83 -72.37
C GLY I 597 -23.36 -46.89 -72.90
N PHE I 598 -23.63 -46.17 -74.00
CA PHE I 598 -22.67 -45.26 -74.61
C PHE I 598 -22.89 -43.83 -74.12
N ALA I 599 -21.93 -42.96 -74.43
CA ALA I 599 -22.03 -41.54 -74.17
C ALA I 599 -22.02 -40.78 -75.50
N LEU I 600 -22.61 -39.58 -75.48
CA LEU I 600 -22.76 -38.78 -76.69
C LEU I 600 -22.29 -37.36 -76.36
N LEU I 601 -21.12 -36.98 -76.87
CA LEU I 601 -20.49 -35.70 -76.55
C LEU I 601 -20.78 -34.70 -77.66
N SER I 602 -21.23 -33.51 -77.27
CA SER I 602 -21.39 -32.37 -78.18
C SER I 602 -20.33 -31.35 -77.79
N TYR I 603 -19.48 -30.97 -78.73
CA TYR I 603 -18.42 -30.01 -78.47
C TYR I 603 -18.28 -29.03 -79.64
N ASP I 604 -18.07 -27.76 -79.31
CA ASP I 604 -17.81 -26.70 -80.27
C ASP I 604 -16.30 -26.51 -80.39
N GLU I 605 -15.83 -26.21 -81.60
CA GLU I 605 -14.40 -26.13 -81.85
C GLU I 605 -13.73 -25.06 -80.97
N LYS I 606 -14.34 -23.88 -80.89
CA LYS I 606 -13.78 -22.77 -80.13
C LYS I 606 -14.18 -22.82 -78.66
N GLU I 607 -15.48 -22.98 -78.39
CA GLU I 607 -15.98 -22.83 -77.02
C GLU I 607 -15.49 -23.97 -76.12
N GLY I 608 -15.58 -25.21 -76.59
CA GLY I 608 -15.36 -26.38 -75.76
C GLY I 608 -16.55 -27.33 -75.85
N LEU I 609 -16.76 -28.08 -74.77
CA LEU I 609 -17.85 -29.03 -74.70
C LEU I 609 -19.17 -28.31 -74.40
N GLU I 610 -20.24 -28.78 -75.06
CA GLU I 610 -21.56 -28.18 -74.92
C GLU I 610 -22.54 -29.02 -74.11
N THR I 611 -22.75 -30.28 -74.50
CA THR I 611 -23.64 -31.18 -73.78
C THR I 611 -22.99 -32.56 -73.72
N THR I 612 -23.46 -33.38 -72.79
CA THR I 612 -23.18 -34.81 -72.76
C THR I 612 -24.51 -35.53 -72.60
N THR I 613 -24.66 -36.68 -73.26
CA THR I 613 -25.85 -37.50 -73.15
C THR I 613 -25.44 -38.90 -72.75
N TYR I 614 -26.23 -39.52 -71.88
CA TYR I 614 -26.05 -40.93 -71.55
C TYR I 614 -27.26 -41.66 -72.09
N ILE I 615 -27.05 -42.46 -73.14
CA ILE I 615 -28.14 -43.24 -73.72
C ILE I 615 -28.40 -44.40 -72.78
N THR I 616 -29.42 -44.26 -71.94
CA THR I 616 -29.70 -45.22 -70.88
C THR I 616 -30.81 -46.20 -71.23
N SER I 617 -31.76 -45.81 -72.07
CA SER I 617 -32.89 -46.66 -72.44
C SER I 617 -33.24 -46.42 -73.90
N GLN I 618 -34.26 -47.14 -74.37
CA GLN I 618 -34.73 -46.96 -75.73
C GLN I 618 -35.37 -45.59 -75.92
N GLU I 619 -36.13 -45.13 -74.93
CA GLU I 619 -36.81 -43.84 -75.03
C GLU I 619 -35.82 -42.69 -75.07
N VAL I 620 -34.64 -42.85 -74.46
CA VAL I 620 -33.62 -41.82 -74.53
C VAL I 620 -33.01 -41.76 -75.92
N GLN I 621 -32.65 -42.92 -76.48
CA GLN I 621 -32.05 -42.93 -77.81
C GLN I 621 -33.04 -42.43 -78.86
N ASN I 622 -34.30 -42.89 -78.79
CA ASN I 622 -35.31 -42.43 -79.72
C ASN I 622 -35.66 -40.96 -79.50
N SER I 623 -35.40 -40.42 -78.30
CA SER I 623 -35.52 -38.99 -78.08
C SER I 623 -34.33 -38.22 -78.64
N ILE I 624 -33.20 -38.89 -78.90
CA ILE I 624 -32.04 -38.25 -79.51
C ILE I 624 -32.21 -38.17 -81.03
N LEU I 625 -32.58 -39.30 -81.65
CA LEU I 625 -32.59 -39.38 -83.11
C LEU I 625 -33.76 -38.63 -83.71
N SER I 626 -34.94 -38.73 -83.09
CA SER I 626 -36.15 -38.15 -83.66
C SER I 626 -36.19 -36.64 -83.51
N SER I 627 -35.54 -36.09 -82.48
CA SER I 627 -35.58 -34.65 -82.22
C SER I 627 -34.59 -33.93 -83.14
N ASN I 628 -34.38 -32.63 -82.88
CA ASN I 628 -33.50 -31.78 -83.67
C ASN I 628 -32.07 -31.77 -83.14
N TYR I 629 -31.67 -32.81 -82.40
CA TYR I 629 -30.38 -32.82 -81.75
C TYR I 629 -29.24 -32.81 -82.75
N PHE I 630 -29.30 -33.69 -83.76
CA PHE I 630 -28.23 -33.82 -84.74
C PHE I 630 -28.35 -32.72 -85.78
N ASP I 631 -27.48 -31.72 -85.67
CA ASP I 631 -27.40 -30.57 -86.57
C ASP I 631 -26.00 -30.55 -87.19
N PHE I 632 -25.83 -31.24 -88.33
CA PHE I 632 -24.54 -31.28 -89.00
C PHE I 632 -24.28 -30.05 -89.87
N ASP I 633 -25.30 -29.24 -90.15
CA ASP I 633 -25.10 -28.03 -90.95
C ASP I 633 -24.23 -27.01 -90.23
N ASN I 634 -24.15 -27.08 -88.90
CA ASN I 634 -23.16 -26.33 -88.15
C ASN I 634 -21.86 -27.14 -88.14
N LEU I 635 -20.89 -26.73 -88.95
CA LEU I 635 -19.61 -27.42 -88.99
C LEU I 635 -18.74 -27.09 -87.79
N HIS I 636 -19.03 -25.99 -87.09
CA HIS I 636 -18.35 -25.70 -85.84
C HIS I 636 -18.73 -26.66 -84.73
N VAL I 637 -19.69 -27.54 -84.96
CA VAL I 637 -20.19 -28.47 -83.95
C VAL I 637 -19.99 -29.89 -84.46
N HIS I 638 -19.41 -30.74 -83.61
CA HIS I 638 -19.20 -32.15 -83.89
C HIS I 638 -19.88 -33.00 -82.81
N TYR I 639 -20.07 -34.28 -83.11
CA TYR I 639 -20.78 -35.20 -82.22
C TYR I 639 -19.92 -36.44 -82.00
N LEU I 640 -19.45 -36.63 -80.77
CA LEU I 640 -18.65 -37.78 -80.41
C LEU I 640 -19.51 -38.84 -79.73
N LEU I 641 -19.25 -40.10 -80.06
CA LEU I 641 -19.91 -41.23 -79.42
C LEU I 641 -18.85 -42.02 -78.65
N LEU I 642 -18.95 -42.02 -77.32
CA LEU I 642 -17.99 -42.71 -76.46
C LEU I 642 -18.60 -44.07 -76.11
N THR I 643 -18.05 -45.13 -76.67
CA THR I 643 -18.63 -46.46 -76.52
C THR I 643 -18.03 -47.20 -75.33
N THR I 644 -18.74 -48.25 -74.90
CA THR I 644 -18.18 -49.19 -73.93
C THR I 644 -17.04 -50.01 -74.53
N ASN I 645 -16.96 -50.06 -75.87
CA ASN I 645 -15.83 -50.71 -76.55
C ASN I 645 -14.51 -50.08 -76.14
N GLY I 646 -14.51 -48.80 -75.77
CA GLY I 646 -13.30 -48.04 -75.59
C GLY I 646 -12.94 -47.15 -76.76
N THR I 647 -13.83 -47.03 -77.75
CA THR I 647 -13.60 -46.28 -78.97
C THR I 647 -14.26 -44.91 -78.88
N VAL I 648 -13.75 -43.96 -79.67
CA VAL I 648 -14.33 -42.64 -79.85
C VAL I 648 -14.66 -42.48 -81.33
N MET I 649 -15.88 -42.02 -81.62
CA MET I 649 -16.38 -41.96 -82.99
C MET I 649 -17.18 -40.68 -83.20
N GLU I 650 -17.10 -40.14 -84.41
CA GLU I 650 -17.81 -38.92 -84.80
C GLU I 650 -18.99 -39.27 -85.69
N ILE I 651 -20.11 -38.60 -85.47
CA ILE I 651 -21.31 -38.73 -86.27
C ILE I 651 -21.39 -37.53 -87.21
N ALA I 652 -21.29 -37.79 -88.51
CA ALA I 652 -21.23 -36.73 -89.52
C ALA I 652 -22.45 -36.67 -90.41
N GLY I 653 -23.29 -37.70 -90.42
CA GLY I 653 -24.49 -37.69 -91.24
C GLY I 653 -25.34 -38.92 -90.98
N LEU I 654 -26.63 -38.77 -91.26
CA LEU I 654 -27.62 -39.81 -91.02
C LEU I 654 -28.61 -39.84 -92.17
N TYR I 655 -29.25 -41.01 -92.35
CA TYR I 655 -30.28 -41.17 -93.37
C TYR I 655 -31.62 -40.72 -92.80
N ALA J 2 -45.35 5.75 12.82
CA ALA J 2 -46.43 5.94 11.85
C ALA J 2 -45.98 5.44 10.46
N TYR J 3 -46.45 6.14 9.42
CA TYR J 3 -46.04 5.88 8.04
C TYR J 3 -46.35 4.45 7.59
N PRO J 4 -47.62 4.11 7.33
CA PRO J 4 -47.87 2.86 6.58
C PRO J 4 -47.13 2.84 5.26
N CYS J 5 -46.94 4.01 4.64
CA CYS J 5 -46.02 4.18 3.52
C CYS J 5 -44.63 4.43 4.09
N CYS J 6 -43.80 3.39 4.14
CA CYS J 6 -42.46 3.49 4.70
C CYS J 6 -41.46 3.84 3.59
N HIS J 7 -40.16 3.74 3.89
CA HIS J 7 -39.12 4.08 2.94
C HIS J 7 -38.06 3.00 2.93
N VAL J 8 -37.58 2.65 1.74
CA VAL J 8 -36.75 1.47 1.55
C VAL J 8 -35.29 1.87 1.44
N THR J 9 -34.41 1.06 2.03
CA THR J 9 -32.96 1.21 1.94
C THR J 9 -32.32 -0.17 2.01
N GLN J 10 -31.34 -0.41 1.13
CA GLN J 10 -30.67 -1.72 1.08
C GLN J 10 -29.33 -1.69 1.83
N LEU J 17 -31.71 -9.60 7.20
CA LEU J 17 -32.87 -10.47 7.37
C LEU J 17 -33.35 -11.05 6.04
N ALA J 18 -33.68 -12.35 6.04
CA ALA J 18 -34.09 -13.05 4.83
C ALA J 18 -35.45 -13.74 4.98
N LEU J 19 -35.80 -14.60 4.03
CA LEU J 19 -37.18 -15.02 3.83
C LEU J 19 -37.69 -16.00 4.88
N GLU J 20 -36.83 -16.90 5.38
CA GLU J 20 -37.34 -17.96 6.25
C GLU J 20 -37.91 -17.40 7.55
N ASN J 21 -37.27 -16.39 8.12
CA ASN J 21 -37.77 -15.70 9.31
C ASN J 21 -38.94 -14.75 9.03
N ILE J 22 -39.52 -14.75 7.83
CA ILE J 22 -40.62 -13.87 7.48
C ILE J 22 -41.91 -14.66 7.48
N SER J 23 -42.98 -14.03 7.99
CA SER J 23 -44.31 -14.65 8.10
C SER J 23 -45.39 -13.92 7.32
N ASP J 24 -45.46 -12.59 7.39
CA ASP J 24 -46.52 -11.85 6.73
C ASP J 24 -45.93 -10.70 5.94
N ILE J 25 -46.61 -10.34 4.85
CA ILE J 25 -46.18 -9.25 3.97
C ILE J 25 -47.42 -8.44 3.59
N TYR J 26 -47.33 -7.13 3.74
CA TYR J 26 -48.43 -6.21 3.43
C TYR J 26 -48.06 -5.34 2.24
N LEU J 27 -49.03 -5.11 1.37
CA LEU J 27 -48.85 -4.32 0.17
C LEU J 27 -49.82 -3.15 0.15
N VAL J 28 -49.36 -2.04 -0.42
CA VAL J 28 -50.16 -0.82 -0.48
C VAL J 28 -50.97 -0.82 -1.78
N SER J 29 -52.04 -0.02 -1.79
CA SER J 29 -52.86 0.15 -2.98
C SER J 29 -52.17 1.11 -3.94
N ASN J 30 -52.75 1.29 -5.13
CA ASN J 30 -52.12 2.15 -6.12
C ASN J 30 -52.36 3.63 -5.86
N GLN J 31 -53.23 3.98 -4.89
CA GLN J 31 -53.42 5.36 -4.46
C GLN J 31 -52.99 5.61 -3.02
N THR J 32 -52.53 4.58 -2.31
CA THR J 32 -52.21 4.73 -0.90
C THR J 32 -50.96 5.59 -0.69
N CYS J 33 -49.93 5.38 -1.50
CA CYS J 33 -48.64 6.03 -1.30
C CYS J 33 -48.23 6.87 -2.50
N ASP J 34 -49.22 7.51 -3.15
CA ASP J 34 -48.98 8.47 -4.23
C ASP J 34 -48.17 7.87 -5.37
N GLY J 35 -48.38 6.58 -5.66
CA GLY J 35 -47.72 5.90 -6.75
C GLY J 35 -46.63 4.94 -6.33
N PHE J 36 -46.07 5.09 -5.14
CA PHE J 36 -45.00 4.20 -4.69
C PHE J 36 -45.56 2.81 -4.44
N SER J 37 -44.85 1.79 -4.93
CA SER J 37 -45.17 0.41 -4.57
C SER J 37 -44.27 0.05 -3.40
N LEU J 38 -44.85 0.00 -2.21
CA LEU J 38 -44.11 -0.25 -0.99
C LEU J 38 -44.74 -1.41 -0.24
N ALA J 39 -43.93 -2.09 0.56
CA ALA J 39 -44.39 -3.25 1.29
C ALA J 39 -43.81 -3.24 2.70
N SER J 40 -44.36 -4.10 3.56
CA SER J 40 -43.83 -4.31 4.89
C SER J 40 -43.66 -5.80 5.13
N LEU J 41 -42.44 -6.20 5.49
CA LEU J 41 -42.13 -7.56 5.87
C LEU J 41 -41.98 -7.62 7.39
N ASN J 42 -42.45 -8.70 7.99
CA ASN J 42 -42.49 -8.76 9.45
C ASN J 42 -42.42 -10.21 9.91
N SER J 43 -42.10 -10.36 11.20
CA SER J 43 -41.96 -11.63 11.88
C SER J 43 -43.01 -11.75 12.98
N PRO J 44 -43.55 -12.96 13.21
CA PRO J 44 -44.67 -13.17 14.13
C PRO J 44 -44.23 -13.22 15.60
N ILE J 53 -42.59 -5.80 14.42
CA ILE J 53 -41.26 -5.92 13.84
C ILE J 53 -41.35 -5.83 12.32
N SER J 54 -41.50 -4.62 11.81
CA SER J 54 -41.77 -4.39 10.39
C SER J 54 -40.58 -3.70 9.75
N ARG J 55 -40.04 -4.31 8.70
CA ARG J 55 -39.05 -3.71 7.81
C ARG J 55 -39.72 -3.34 6.49
N CYS J 56 -39.13 -2.38 5.79
CA CYS J 56 -39.70 -1.84 4.56
C CYS J 56 -39.07 -2.50 3.34
N ALA J 57 -39.90 -2.82 2.35
CA ALA J 57 -39.46 -3.54 1.16
C ALA J 57 -39.94 -2.85 -0.10
N ASN J 58 -39.18 -3.04 -1.18
CA ASN J 58 -39.54 -2.56 -2.49
C ASN J 58 -40.76 -3.34 -2.98
N GLY J 59 -41.91 -2.68 -3.05
CA GLY J 59 -43.12 -3.31 -3.52
C GLY J 59 -42.95 -4.01 -4.86
N LEU J 60 -42.54 -3.26 -5.88
CA LEU J 60 -42.48 -3.81 -7.24
C LEU J 60 -41.61 -5.06 -7.30
N ASN J 61 -40.43 -5.01 -6.69
CA ASN J 61 -39.59 -6.20 -6.62
C ASN J 61 -40.31 -7.33 -5.89
N VAL J 62 -40.96 -7.00 -4.76
CA VAL J 62 -41.64 -8.01 -3.96
C VAL J 62 -42.78 -8.63 -4.74
N VAL J 63 -43.58 -7.79 -5.42
CA VAL J 63 -44.73 -8.31 -6.15
C VAL J 63 -44.29 -9.25 -7.27
N SER J 64 -43.28 -8.83 -8.04
CA SER J 64 -42.81 -9.66 -9.15
C SER J 64 -42.27 -10.99 -8.66
N PHE J 65 -41.60 -10.99 -7.51
CA PHE J 65 -41.16 -12.23 -6.88
C PHE J 65 -42.31 -13.23 -6.78
N PHE J 66 -43.37 -12.85 -6.06
CA PHE J 66 -44.51 -13.75 -5.88
C PHE J 66 -45.11 -14.15 -7.22
N ILE J 67 -45.25 -13.19 -8.13
CA ILE J 67 -45.82 -13.48 -9.44
C ILE J 67 -45.00 -14.56 -10.14
N SER J 68 -43.67 -14.41 -10.12
CA SER J 68 -42.81 -15.42 -10.71
C SER J 68 -42.91 -16.74 -9.94
N ILE J 69 -43.08 -16.66 -8.61
CA ILE J 69 -43.24 -17.88 -7.82
C ILE J 69 -44.48 -18.63 -8.27
N LEU J 70 -45.61 -17.93 -8.35
CA LEU J 70 -46.84 -18.58 -8.80
C LEU J 70 -46.75 -18.97 -10.27
N LYS J 71 -46.09 -18.14 -11.09
CA LYS J 71 -45.86 -18.50 -12.48
C LYS J 71 -45.01 -19.77 -12.59
N ARG J 72 -43.95 -19.86 -11.78
CA ARG J 72 -43.16 -21.09 -11.76
C ARG J 72 -43.96 -22.27 -11.25
N SER J 73 -44.99 -22.02 -10.43
CA SER J 73 -45.84 -23.06 -9.91
C SER J 73 -47.10 -23.18 -10.79
N SER J 74 -46.87 -23.68 -12.01
CA SER J 74 -48.00 -24.03 -12.87
C SER J 74 -48.88 -25.10 -12.24
N SER J 75 -48.34 -25.87 -11.30
CA SER J 75 -49.08 -26.92 -10.62
C SER J 75 -49.71 -26.45 -9.30
N ALA J 76 -49.83 -25.13 -9.12
CA ALA J 76 -50.57 -24.58 -7.98
C ALA J 76 -52.02 -24.34 -8.38
N LEU J 77 -52.72 -25.45 -8.64
CA LEU J 77 -54.02 -25.42 -9.28
C LEU J 77 -55.16 -25.10 -8.31
N THR J 78 -54.85 -24.50 -7.17
CA THR J 78 -55.89 -24.06 -6.26
C THR J 78 -56.64 -22.86 -6.83
N SER J 79 -57.97 -22.88 -6.74
CA SER J 79 -58.74 -21.70 -7.08
C SER J 79 -58.41 -20.52 -6.18
N HIS J 80 -57.92 -20.79 -4.98
CA HIS J 80 -57.48 -19.72 -4.07
C HIS J 80 -56.14 -19.15 -4.51
N LEU J 81 -55.15 -20.02 -4.77
CA LEU J 81 -53.82 -19.55 -5.13
C LEU J 81 -53.80 -18.96 -6.54
N ARG J 82 -54.45 -19.63 -7.49
CA ARG J 82 -54.46 -19.14 -8.87
C ARG J 82 -55.22 -17.84 -9.01
N GLU J 83 -56.13 -17.53 -8.09
CA GLU J 83 -56.76 -16.22 -8.08
C GLU J 83 -55.84 -15.16 -7.51
N LEU J 84 -54.97 -15.54 -6.57
CA LEU J 84 -53.99 -14.60 -6.04
C LEU J 84 -53.02 -14.11 -7.12
N LEU J 85 -52.56 -15.03 -7.98
CA LEU J 85 -51.61 -14.67 -9.02
C LEU J 85 -52.20 -13.65 -9.98
N THR J 86 -53.41 -13.91 -10.48
CA THR J 86 -54.03 -13.00 -11.44
C THR J 86 -54.42 -11.69 -10.79
N THR J 87 -54.68 -11.69 -9.48
CA THR J 87 -54.93 -10.44 -8.78
C THR J 87 -53.63 -9.67 -8.55
N LEU J 88 -52.53 -10.39 -8.30
CA LEU J 88 -51.24 -9.72 -8.18
C LEU J 88 -50.83 -9.07 -9.50
N GLU J 89 -51.11 -9.75 -10.62
CA GLU J 89 -50.69 -9.23 -11.92
C GLU J 89 -51.39 -7.92 -12.26
N SER J 90 -52.69 -7.82 -12.00
CA SER J 90 -53.40 -6.56 -12.22
C SER J 90 -52.92 -5.48 -11.25
N LEU J 91 -52.58 -5.87 -10.02
CA LEU J 91 -52.02 -4.93 -9.06
C LEU J 91 -50.70 -4.35 -9.55
N TYR J 92 -49.82 -5.21 -10.07
CA TYR J 92 -48.48 -4.79 -10.49
C TYR J 92 -48.52 -3.83 -11.66
N GLY J 93 -49.47 -4.00 -12.57
CA GLY J 93 -49.60 -3.09 -13.69
C GLY J 93 -50.22 -1.76 -13.32
N SER J 94 -50.98 -1.73 -12.21
CA SER J 94 -51.62 -0.48 -11.79
C SER J 94 -50.61 0.53 -11.31
N PHE J 95 -49.51 0.08 -10.71
CA PHE J 95 -48.44 1.00 -10.33
C PHE J 95 -47.67 1.47 -11.55
N SER J 96 -47.35 2.75 -11.57
CA SER J 96 -46.59 3.34 -12.67
C SER J 96 -45.22 3.72 -12.15
N VAL J 97 -44.22 2.87 -12.46
CA VAL J 97 -42.84 3.27 -12.33
C VAL J 97 -42.49 4.37 -13.33
N GLU J 98 -43.21 4.41 -14.46
CA GLU J 98 -42.99 5.47 -15.44
C GLU J 98 -43.30 6.83 -14.86
N ASP J 99 -44.30 6.92 -13.97
CA ASP J 99 -44.60 8.16 -13.28
C ASP J 99 -43.64 8.45 -12.14
N LEU J 100 -42.67 7.58 -11.88
CA LEU J 100 -41.54 7.93 -11.03
C LEU J 100 -40.67 8.89 -11.82
N PHE J 101 -41.15 10.13 -11.90
CA PHE J 101 -40.45 11.23 -12.56
C PHE J 101 -39.33 11.70 -11.66
N GLY J 102 -39.02 12.97 -11.84
CA GLY J 102 -38.51 13.70 -10.72
C GLY J 102 -39.54 13.85 -9.63
N ALA J 103 -40.02 12.71 -9.12
CA ALA J 103 -40.93 12.67 -7.98
C ALA J 103 -40.12 12.52 -6.70
N ASN J 104 -40.57 13.19 -5.65
CA ASN J 104 -39.86 13.25 -4.37
C ASN J 104 -39.70 11.86 -3.78
N LEU J 105 -38.47 11.35 -3.77
CA LEU J 105 -38.23 9.95 -3.43
C LEU J 105 -38.16 9.66 -1.94
N ASN J 106 -37.96 10.69 -1.12
CA ASN J 106 -37.76 10.53 0.32
C ASN J 106 -38.91 11.15 1.10
N ARG J 107 -40.15 10.92 0.64
CA ARG J 107 -41.31 11.49 1.29
C ARG J 107 -41.55 10.96 2.70
N TYR J 108 -40.92 9.84 3.07
CA TYR J 108 -41.21 9.18 4.33
C TYR J 108 -39.92 8.81 5.05
N ALA J 109 -40.08 8.42 6.31
CA ALA J 109 -38.99 7.92 7.15
C ALA J 109 -37.78 8.84 7.15
N ASP K 20 -67.44 -54.18 -31.53
CA ASP K 20 -67.13 -53.96 -30.12
C ASP K 20 -66.01 -54.86 -29.64
N ILE K 21 -64.86 -54.26 -29.35
CA ILE K 21 -63.71 -55.00 -28.85
C ILE K 21 -63.84 -55.17 -27.34
N VAL K 22 -63.50 -56.37 -26.85
CA VAL K 22 -63.66 -56.72 -25.45
C VAL K 22 -62.29 -56.71 -24.78
N MET K 23 -62.16 -55.91 -23.73
CA MET K 23 -60.92 -55.83 -22.95
C MET K 23 -61.12 -56.58 -21.64
N THR K 24 -60.28 -57.57 -21.41
CA THR K 24 -60.42 -58.50 -20.29
C THR K 24 -59.15 -58.44 -19.43
N GLN K 25 -59.20 -57.65 -18.37
CA GLN K 25 -58.11 -57.64 -17.39
C GLN K 25 -58.20 -58.85 -16.49
N THR K 26 -57.04 -59.42 -16.18
CA THR K 26 -56.92 -60.39 -15.10
C THR K 26 -55.84 -59.94 -14.14
N PRO K 27 -56.07 -59.96 -12.82
CA PRO K 27 -57.29 -60.38 -12.11
C PRO K 27 -58.28 -59.24 -11.94
N PRO K 28 -59.47 -59.50 -11.35
CA PRO K 28 -60.38 -58.38 -11.04
C PRO K 28 -59.93 -57.64 -9.79
N SER K 29 -59.43 -58.38 -8.82
CA SER K 29 -58.90 -57.82 -7.60
C SER K 29 -57.65 -58.58 -7.21
N LEU K 30 -56.85 -57.96 -6.36
CA LEU K 30 -55.50 -58.42 -6.06
C LEU K 30 -55.01 -57.68 -4.82
N SER K 31 -54.32 -58.40 -3.95
CA SER K 31 -53.77 -57.81 -2.74
C SER K 31 -52.27 -58.07 -2.68
N ALA K 32 -51.53 -57.06 -2.24
CA ALA K 32 -50.08 -57.16 -2.11
C ALA K 32 -49.62 -56.11 -1.10
N SER K 33 -48.52 -56.42 -0.41
CA SER K 33 -47.98 -55.52 0.58
C SER K 33 -47.17 -54.41 -0.10
N VAL K 34 -46.73 -53.44 0.70
CA VAL K 34 -45.96 -52.33 0.17
C VAL K 34 -44.62 -52.85 -0.36
N GLY K 35 -44.28 -52.46 -1.58
CA GLY K 35 -43.01 -52.83 -2.16
C GLY K 35 -42.99 -54.13 -2.93
N ASP K 36 -44.12 -54.81 -3.04
CA ASP K 36 -44.15 -56.01 -3.87
C ASP K 36 -44.00 -55.64 -5.34
N ARG K 37 -43.82 -56.67 -6.17
CA ARG K 37 -43.91 -56.53 -7.61
C ARG K 37 -45.31 -56.96 -8.04
N VAL K 38 -46.12 -56.00 -8.48
CA VAL K 38 -47.51 -56.24 -8.82
C VAL K 38 -47.63 -56.18 -10.34
N THR K 39 -48.28 -57.20 -10.92
CA THR K 39 -48.40 -57.34 -12.37
C THR K 39 -49.87 -57.40 -12.74
N LEU K 40 -50.30 -56.46 -13.58
CA LEU K 40 -51.65 -56.44 -14.12
C LEU K 40 -51.62 -56.87 -15.58
N THR K 41 -52.62 -57.64 -15.98
CA THR K 41 -52.74 -58.12 -17.34
C THR K 41 -54.05 -57.62 -17.94
N CYS K 42 -54.09 -57.53 -19.26
CA CYS K 42 -55.26 -57.05 -19.98
C CYS K 42 -55.17 -57.54 -21.42
N ARG K 43 -56.16 -58.30 -21.86
CA ARG K 43 -56.15 -58.92 -23.18
C ARG K 43 -57.27 -58.38 -24.05
N ALA K 44 -56.98 -58.20 -25.33
CA ALA K 44 -57.95 -57.73 -26.30
C ALA K 44 -58.53 -58.89 -27.10
N SER K 45 -59.79 -58.74 -27.51
CA SER K 45 -60.42 -59.75 -28.36
C SER K 45 -59.77 -59.81 -29.74
N GLN K 46 -59.47 -58.66 -30.34
CA GLN K 46 -58.76 -58.60 -31.61
C GLN K 46 -57.36 -58.02 -31.38
N ALA K 47 -56.66 -57.78 -32.49
CA ALA K 47 -55.43 -56.98 -32.48
C ALA K 47 -55.79 -55.49 -32.40
N ILE K 48 -55.19 -54.81 -31.43
CA ILE K 48 -55.43 -53.39 -31.09
C ILE K 48 -54.15 -52.59 -31.20
N ARG K 49 -53.46 -52.80 -32.32
CA ARG K 49 -52.08 -53.20 -32.38
C ARG K 49 -51.20 -52.60 -31.27
N ASN K 50 -51.09 -51.28 -31.14
CA ASN K 50 -50.34 -50.69 -30.03
C ASN K 50 -51.04 -49.47 -29.45
N ASN K 51 -52.34 -49.57 -29.24
CA ASN K 51 -53.18 -48.44 -28.92
C ASN K 51 -53.99 -48.74 -27.66
N LEU K 52 -53.29 -49.16 -26.60
CA LEU K 52 -53.90 -49.42 -25.31
C LEU K 52 -53.32 -48.47 -24.27
N ALA K 53 -54.13 -48.12 -23.27
CA ALA K 53 -53.71 -47.19 -22.24
C ALA K 53 -54.18 -47.69 -20.87
N TRP K 54 -53.52 -47.20 -19.83
CA TRP K 54 -53.79 -47.59 -18.45
C TRP K 54 -54.13 -46.36 -17.60
N TYR K 55 -55.11 -46.51 -16.71
CA TYR K 55 -55.60 -45.39 -15.90
C TYR K 55 -55.80 -45.82 -14.46
N GLN K 56 -55.31 -45.00 -13.53
CA GLN K 56 -55.47 -45.22 -12.09
C GLN K 56 -56.56 -44.27 -11.59
N HIS K 57 -57.59 -44.84 -10.95
CA HIS K 57 -58.75 -44.08 -10.48
C HIS K 57 -58.92 -44.30 -8.99
N LYS K 58 -58.41 -43.37 -8.18
CA LYS K 58 -58.74 -43.36 -6.76
C LYS K 58 -60.19 -42.91 -6.59
N PRO K 59 -60.94 -43.51 -5.65
CA PRO K 59 -62.35 -43.15 -5.52
C PRO K 59 -62.54 -41.76 -4.96
N GLY K 60 -63.49 -41.02 -5.54
CA GLY K 60 -63.78 -39.66 -5.15
C GLY K 60 -63.05 -38.62 -5.98
N LYS K 61 -61.95 -38.99 -6.63
CA LYS K 61 -61.12 -38.08 -7.40
C LYS K 61 -61.14 -38.47 -8.87
N ALA K 62 -60.38 -37.71 -9.67
CA ALA K 62 -60.34 -37.90 -11.10
C ALA K 62 -59.37 -39.00 -11.49
N PRO K 63 -59.66 -39.74 -12.57
CA PRO K 63 -58.68 -40.70 -13.08
C PRO K 63 -57.46 -40.00 -13.65
N LYS K 64 -56.32 -40.66 -13.52
CA LYS K 64 -55.06 -40.22 -14.08
C LYS K 64 -54.58 -41.27 -15.07
N ARG K 65 -54.03 -40.83 -16.19
CA ARG K 65 -53.39 -41.76 -17.12
C ARG K 65 -51.99 -42.11 -16.62
N LEU K 66 -51.62 -43.37 -16.76
CA LEU K 66 -50.29 -43.84 -16.38
C LEU K 66 -49.43 -44.13 -17.61
N ILE K 67 -49.93 -44.97 -18.52
CA ILE K 67 -49.18 -45.43 -19.68
C ILE K 67 -50.02 -45.24 -20.92
N TYR K 68 -49.36 -44.93 -22.04
CA TYR K 68 -50.05 -44.37 -23.20
C TYR K 68 -50.04 -45.25 -24.44
N ALA K 69 -48.88 -45.65 -24.95
CA ALA K 69 -48.79 -46.46 -26.15
C ALA K 69 -48.66 -47.94 -25.85
N ALA K 70 -49.22 -48.34 -24.70
CA ALA K 70 -49.00 -49.61 -24.03
C ALA K 70 -47.57 -49.61 -23.48
N SER K 71 -46.79 -48.61 -23.85
CA SER K 71 -45.36 -48.60 -23.55
C SER K 71 -44.88 -47.33 -22.89
N THR K 72 -45.41 -46.16 -23.27
CA THR K 72 -44.83 -44.88 -22.84
C THR K 72 -45.35 -44.49 -21.46
N LEU K 73 -44.46 -44.57 -20.47
CA LEU K 73 -44.72 -43.95 -19.17
C LEU K 73 -44.81 -42.45 -19.36
N GLU K 74 -45.95 -41.86 -19.03
CA GLU K 74 -46.17 -40.46 -19.34
C GLU K 74 -45.92 -39.58 -18.11
N ASP K 75 -45.60 -38.32 -18.39
CA ASP K 75 -44.87 -37.46 -17.46
C ASP K 75 -45.59 -37.33 -16.12
N GLY K 76 -44.80 -37.09 -15.08
CA GLY K 76 -45.31 -36.92 -13.74
C GLY K 76 -45.70 -38.21 -13.04
N VAL K 77 -45.40 -39.36 -13.63
CA VAL K 77 -45.75 -40.65 -13.05
C VAL K 77 -44.45 -41.34 -12.63
N PRO K 78 -44.33 -41.80 -11.39
CA PRO K 78 -43.09 -42.44 -10.96
C PRO K 78 -42.76 -43.67 -11.79
N SER K 79 -41.48 -43.88 -12.04
CA SER K 79 -41.03 -44.89 -12.99
C SER K 79 -41.09 -46.30 -12.44
N SER K 80 -41.69 -46.52 -11.27
CA SER K 80 -41.99 -47.88 -10.85
C SER K 80 -42.98 -48.54 -11.80
N PHE K 81 -43.77 -47.73 -12.52
CA PHE K 81 -44.76 -48.24 -13.45
C PHE K 81 -44.12 -48.50 -14.81
N SER K 82 -44.57 -49.58 -15.46
CA SER K 82 -44.08 -49.95 -16.78
C SER K 82 -45.17 -50.72 -17.52
N GLY K 83 -45.15 -50.63 -18.85
CA GLY K 83 -46.16 -51.27 -19.66
C GLY K 83 -45.52 -51.96 -20.86
N SER K 84 -46.14 -53.05 -21.28
CA SER K 84 -45.61 -53.87 -22.37
C SER K 84 -46.75 -54.54 -23.12
N GLY K 85 -46.44 -54.97 -24.34
CA GLY K 85 -47.37 -55.77 -25.13
C GLY K 85 -47.63 -55.27 -26.54
N PHE K 86 -47.94 -56.21 -27.44
CA PHE K 86 -48.31 -55.92 -28.81
C PHE K 86 -49.55 -56.71 -29.17
N GLY K 87 -50.51 -56.04 -29.83
CA GLY K 87 -51.61 -56.72 -30.47
C GLY K 87 -52.69 -57.29 -29.56
N THR K 88 -52.35 -58.34 -28.81
CA THR K 88 -53.33 -59.10 -28.05
C THR K 88 -53.19 -58.96 -26.55
N ASP K 89 -51.98 -59.05 -26.01
CA ASP K 89 -51.78 -59.14 -24.57
C ASP K 89 -50.96 -57.95 -24.09
N PHE K 90 -51.47 -57.25 -23.07
CA PHE K 90 -50.82 -56.06 -22.56
C PHE K 90 -50.70 -56.14 -21.05
N THR K 91 -49.70 -55.44 -20.53
CA THR K 91 -49.31 -55.59 -19.14
C THR K 91 -48.93 -54.25 -18.53
N LEU K 92 -49.57 -53.91 -17.43
CA LEU K 92 -49.11 -52.83 -16.55
C LEU K 92 -48.51 -53.47 -15.32
N THR K 93 -47.27 -53.10 -15.02
CA THR K 93 -46.59 -53.61 -13.85
C THR K 93 -46.07 -52.43 -13.05
N ILE K 94 -46.40 -52.42 -11.75
CA ILE K 94 -45.84 -51.46 -10.81
C ILE K 94 -44.70 -52.18 -10.08
N ASN K 95 -43.47 -51.71 -10.32
CA ASN K 95 -42.29 -52.47 -9.91
C ASN K 95 -42.19 -52.58 -8.40
N SER K 96 -42.47 -51.49 -7.69
CA SER K 96 -42.42 -51.48 -6.22
C SER K 96 -43.65 -50.72 -5.73
N LEU K 97 -44.63 -51.46 -5.22
CA LEU K 97 -45.86 -50.86 -4.73
C LEU K 97 -45.55 -49.81 -3.65
N GLN K 98 -46.21 -48.67 -3.76
CA GLN K 98 -46.11 -47.58 -2.79
C GLN K 98 -47.49 -47.36 -2.16
N PRO K 99 -47.55 -46.78 -0.96
CA PRO K 99 -48.86 -46.68 -0.28
C PRO K 99 -49.91 -45.95 -1.09
N GLU K 100 -49.53 -44.89 -1.80
CA GLU K 100 -50.45 -44.17 -2.67
C GLU K 100 -50.86 -44.95 -3.90
N ASP K 101 -50.37 -46.18 -4.06
CA ASP K 101 -50.74 -47.02 -5.19
C ASP K 101 -51.87 -47.99 -4.87
N PHE K 102 -52.35 -48.03 -3.62
CA PHE K 102 -53.67 -48.58 -3.39
C PHE K 102 -54.66 -47.85 -4.27
N ALA K 103 -55.26 -48.58 -5.21
CA ALA K 103 -56.13 -47.97 -6.22
C ALA K 103 -56.77 -49.08 -7.02
N THR K 104 -57.68 -48.69 -7.90
CA THR K 104 -58.26 -49.56 -8.92
C THR K 104 -57.78 -49.06 -10.27
N TYR K 105 -57.27 -49.97 -11.10
CA TYR K 105 -56.62 -49.63 -12.36
C TYR K 105 -57.41 -50.20 -13.53
N TYR K 106 -57.61 -49.39 -14.57
CA TYR K 106 -58.32 -49.81 -15.77
C TYR K 106 -57.40 -49.70 -16.98
N CYS K 107 -57.46 -50.70 -17.86
CA CYS K 107 -56.85 -50.60 -19.18
C CYS K 107 -57.91 -50.15 -20.18
N LEU K 108 -57.44 -49.68 -21.33
CA LEU K 108 -58.34 -49.00 -22.27
C LEU K 108 -57.79 -49.18 -23.68
N GLN K 109 -58.60 -49.75 -24.56
CA GLN K 109 -58.26 -49.81 -25.98
C GLN K 109 -58.89 -48.61 -26.68
N HIS K 110 -58.11 -47.95 -27.52
CA HIS K 110 -58.62 -46.90 -28.40
C HIS K 110 -58.40 -47.22 -29.87
N SER K 111 -58.16 -48.49 -30.20
CA SER K 111 -57.88 -48.88 -31.59
C SER K 111 -59.09 -48.63 -32.48
N THR K 112 -60.20 -49.32 -32.22
CA THR K 112 -61.42 -49.26 -33.04
C THR K 112 -62.58 -48.83 -32.15
N TYR K 113 -63.08 -47.60 -32.34
CA TYR K 113 -64.18 -47.27 -31.43
C TYR K 113 -65.50 -47.86 -31.94
N PRO K 114 -66.45 -48.15 -31.03
CA PRO K 114 -66.57 -47.76 -29.61
C PRO K 114 -65.46 -48.27 -28.69
N TRP K 115 -64.79 -47.34 -27.98
CA TRP K 115 -63.68 -47.68 -27.10
C TRP K 115 -64.19 -48.33 -25.82
N THR K 116 -63.39 -49.26 -25.31
CA THR K 116 -63.80 -50.08 -24.18
C THR K 116 -62.68 -50.18 -23.17
N PHE K 117 -63.04 -50.08 -21.90
CA PHE K 117 -62.12 -50.38 -20.80
C PHE K 117 -62.14 -51.87 -20.51
N GLY K 118 -61.18 -52.29 -19.69
CA GLY K 118 -61.33 -53.54 -18.98
C GLY K 118 -62.27 -53.35 -17.81
N GLN K 119 -62.62 -54.46 -17.16
CA GLN K 119 -63.44 -54.31 -15.96
C GLN K 119 -62.68 -53.64 -14.83
N GLY K 120 -61.37 -53.50 -14.96
CA GLY K 120 -60.56 -52.89 -13.92
C GLY K 120 -60.01 -53.92 -12.96
N THR K 121 -58.85 -53.58 -12.40
CA THR K 121 -58.24 -54.39 -11.34
C THR K 121 -58.02 -53.50 -10.12
N LYS K 122 -58.74 -53.79 -9.03
CA LYS K 122 -58.48 -53.11 -7.78
C LYS K 122 -57.26 -53.73 -7.12
N VAL K 123 -56.37 -52.89 -6.61
CA VAL K 123 -55.22 -53.39 -5.86
C VAL K 123 -55.45 -53.09 -4.39
N GLU K 124 -56.04 -54.05 -3.68
CA GLU K 124 -56.06 -53.99 -2.23
C GLU K 124 -54.63 -54.18 -1.71
N ILE K 125 -54.43 -53.82 -0.46
CA ILE K 125 -53.09 -53.90 0.14
C ILE K 125 -53.17 -54.81 1.36
N LYS K 126 -52.21 -55.73 1.44
CA LYS K 126 -52.35 -57.03 2.08
C LYS K 126 -52.47 -56.94 3.60
N ARG K 127 -53.11 -57.96 4.19
CA ARG K 127 -53.17 -58.17 5.63
C ARG K 127 -53.22 -59.66 5.93
N THR K 128 -52.90 -60.00 7.19
CA THR K 128 -53.07 -61.36 7.68
C THR K 128 -54.54 -61.72 7.83
N VAL K 129 -54.83 -63.02 7.70
CA VAL K 129 -56.20 -63.50 7.77
C VAL K 129 -56.76 -63.25 9.15
N ALA K 130 -57.99 -62.74 9.21
CA ALA K 130 -58.69 -62.50 10.46
C ALA K 130 -60.18 -62.68 10.25
N ALA K 131 -60.82 -63.39 11.20
CA ALA K 131 -62.22 -63.73 11.18
C ALA K 131 -63.09 -62.53 11.54
N PRO K 132 -64.33 -62.47 11.04
CA PRO K 132 -65.23 -61.37 11.39
C PRO K 132 -65.91 -61.59 12.72
N SER K 133 -65.97 -60.52 13.53
CA SER K 133 -66.78 -60.50 14.73
C SER K 133 -68.22 -60.21 14.31
N VAL K 134 -69.06 -61.24 14.34
CA VAL K 134 -70.39 -61.18 13.75
C VAL K 134 -71.41 -60.89 14.86
N PHE K 135 -72.24 -59.87 14.63
CA PHE K 135 -73.33 -59.49 15.50
C PHE K 135 -74.61 -59.45 14.68
N ILE K 136 -75.75 -59.60 15.35
CA ILE K 136 -77.06 -59.54 14.69
C ILE K 136 -77.98 -58.65 15.51
N PHE K 137 -78.81 -57.87 14.81
CA PHE K 137 -79.71 -56.91 15.45
C PHE K 137 -81.14 -57.15 14.99
N PRO K 138 -82.09 -57.36 15.90
CA PRO K 138 -83.48 -57.52 15.49
C PRO K 138 -84.05 -56.22 15.00
N PRO K 139 -85.24 -56.23 14.40
CA PRO K 139 -85.92 -54.96 14.11
C PRO K 139 -86.15 -54.18 15.39
N SER K 140 -85.98 -52.88 15.30
CA SER K 140 -86.14 -52.01 16.46
C SER K 140 -87.62 -51.79 16.76
N ASP K 141 -87.92 -51.62 18.05
CA ASP K 141 -89.26 -51.26 18.48
C ASP K 141 -89.76 -50.03 17.73
N GLU K 142 -88.91 -49.02 17.60
CA GLU K 142 -89.30 -47.79 16.93
C GLU K 142 -89.70 -48.05 15.49
N GLN K 143 -88.96 -48.91 14.78
CA GLN K 143 -89.29 -49.21 13.39
C GLN K 143 -90.59 -50.01 13.30
N LEU K 144 -90.80 -50.96 14.23
CA LEU K 144 -91.97 -51.83 14.14
C LEU K 144 -93.27 -51.07 14.28
N LYS K 145 -93.27 -49.96 15.03
CA LYS K 145 -94.47 -49.15 15.16
C LYS K 145 -94.93 -48.63 13.80
N SER K 146 -94.01 -48.48 12.84
CA SER K 146 -94.33 -47.94 11.53
C SER K 146 -94.59 -49.01 10.48
N GLY K 147 -94.56 -50.29 10.86
CA GLY K 147 -94.95 -51.34 9.94
C GLY K 147 -93.89 -51.84 8.99
N THR K 148 -92.61 -51.63 9.30
CA THR K 148 -91.52 -52.23 8.53
C THR K 148 -90.52 -52.83 9.51
N ALA K 149 -89.86 -53.90 9.08
CA ALA K 149 -88.90 -54.61 9.92
C ALA K 149 -87.61 -54.82 9.15
N SER K 150 -86.48 -54.46 9.77
CA SER K 150 -85.17 -54.64 9.15
C SER K 150 -84.25 -55.36 10.12
N VAL K 151 -83.73 -56.51 9.71
CA VAL K 151 -82.77 -57.27 10.50
C VAL K 151 -81.38 -56.98 9.96
N VAL K 152 -80.46 -56.64 10.86
CA VAL K 152 -79.14 -56.17 10.49
C VAL K 152 -78.11 -57.16 11.01
N CYS K 153 -77.30 -57.71 10.11
CA CYS K 153 -76.18 -58.57 10.48
C CYS K 153 -74.88 -57.84 10.21
N LEU K 154 -74.01 -57.81 11.21
CA LEU K 154 -72.75 -57.09 11.14
C LEU K 154 -71.61 -58.09 11.06
N LEU K 155 -70.74 -57.90 10.07
CA LEU K 155 -69.44 -58.57 10.00
C LEU K 155 -68.38 -57.49 10.20
N ASN K 156 -67.72 -57.52 11.35
CA ASN K 156 -66.81 -56.46 11.75
C ASN K 156 -65.37 -56.92 11.58
N ASN K 157 -64.63 -56.20 10.73
CA ASN K 157 -63.16 -56.19 10.74
C ASN K 157 -62.56 -57.58 10.48
N PHE K 158 -62.74 -58.01 9.22
CA PHE K 158 -62.24 -59.31 8.74
C PHE K 158 -61.40 -59.10 7.48
N TYR K 159 -60.60 -60.13 7.13
CA TYR K 159 -59.81 -60.19 5.90
C TYR K 159 -59.72 -61.63 5.43
N PRO K 160 -59.85 -61.89 4.11
CA PRO K 160 -60.01 -60.89 3.05
C PRO K 160 -61.43 -60.34 2.89
N ARG K 161 -61.64 -59.63 1.78
CA ARG K 161 -62.95 -59.05 1.50
C ARG K 161 -64.01 -60.13 1.26
N GLU K 162 -63.64 -61.18 0.52
CA GLU K 162 -64.62 -62.14 0.03
C GLU K 162 -65.28 -62.87 1.19
N ALA K 163 -66.60 -62.79 1.26
CA ALA K 163 -67.38 -63.42 2.32
C ALA K 163 -68.77 -63.74 1.79
N LYS K 164 -69.43 -64.67 2.48
CA LYS K 164 -70.76 -65.14 2.09
C LYS K 164 -71.68 -65.07 3.29
N VAL K 165 -72.78 -64.32 3.16
CA VAL K 165 -73.77 -64.16 4.22
C VAL K 165 -75.14 -64.51 3.66
N GLN K 166 -75.74 -65.58 4.18
CA GLN K 166 -77.11 -65.95 3.87
C GLN K 166 -77.95 -65.92 5.13
N TRP K 167 -79.24 -65.63 4.96
CA TRP K 167 -80.18 -65.48 6.06
C TRP K 167 -81.07 -66.72 6.16
N LYS K 168 -81.30 -67.17 7.41
CA LYS K 168 -82.19 -68.30 7.67
C LYS K 168 -83.31 -67.83 8.61
N VAL K 169 -84.52 -67.75 8.07
CA VAL K 169 -85.71 -67.39 8.83
C VAL K 169 -86.56 -68.65 9.00
N ASP K 170 -86.70 -69.10 10.24
CA ASP K 170 -87.30 -70.40 10.53
C ASP K 170 -86.67 -71.49 9.68
N ASN K 171 -85.34 -71.44 9.58
CA ASN K 171 -84.55 -72.39 8.80
C ASN K 171 -84.91 -72.36 7.32
N ALA K 172 -85.61 -71.31 6.86
CA ALA K 172 -85.89 -71.12 5.44
C ALA K 172 -84.90 -70.14 4.86
N LEU K 173 -84.08 -70.61 3.92
CA LEU K 173 -83.02 -69.78 3.34
C LEU K 173 -83.66 -68.68 2.50
N GLN K 174 -83.68 -67.47 3.04
CA GLN K 174 -84.40 -66.38 2.41
C GLN K 174 -83.64 -65.84 1.22
N SER K 175 -84.38 -65.49 0.17
CA SER K 175 -83.82 -65.16 -1.13
C SER K 175 -84.24 -63.77 -1.54
N GLY K 176 -83.25 -62.94 -1.85
CA GLY K 176 -83.50 -61.65 -2.50
C GLY K 176 -84.25 -60.64 -1.67
N ASN K 177 -84.08 -60.65 -0.35
CA ASN K 177 -84.52 -59.56 0.51
C ASN K 177 -83.40 -59.14 1.46
N SER K 178 -82.16 -59.27 1.00
CA SER K 178 -80.98 -58.86 1.74
C SER K 178 -80.06 -58.07 0.83
N GLN K 179 -79.35 -57.11 1.42
CA GLN K 179 -78.41 -56.27 0.68
C GLN K 179 -77.17 -56.04 1.52
N GLU K 180 -76.01 -56.32 0.95
CA GLU K 180 -74.74 -56.18 1.64
C GLU K 180 -74.06 -54.87 1.29
N SER K 181 -73.39 -54.29 2.28
CA SER K 181 -72.59 -53.09 2.09
C SER K 181 -71.26 -53.29 2.80
N VAL K 182 -70.17 -52.94 2.12
CA VAL K 182 -68.82 -53.22 2.60
C VAL K 182 -68.05 -51.91 2.73
N THR K 183 -67.47 -51.69 3.90
CA THR K 183 -66.57 -50.55 4.08
C THR K 183 -65.35 -50.71 3.19
N GLU K 184 -64.65 -49.62 2.97
CA GLU K 184 -63.33 -49.76 2.38
C GLU K 184 -62.35 -50.21 3.48
N GLN K 185 -61.24 -50.80 3.04
CA GLN K 185 -60.19 -51.24 3.96
C GLN K 185 -59.85 -50.14 4.95
N ASP K 186 -60.03 -50.43 6.24
CA ASP K 186 -59.84 -49.41 7.27
C ASP K 186 -58.39 -48.94 7.29
N SER K 187 -58.21 -47.64 7.53
CA SER K 187 -56.91 -47.01 7.35
C SER K 187 -55.87 -47.46 8.38
N LYS K 188 -56.31 -47.91 9.55
CA LYS K 188 -55.39 -48.32 10.60
C LYS K 188 -55.12 -49.82 10.62
N ASP K 189 -56.16 -50.66 10.47
CA ASP K 189 -56.01 -52.09 10.62
C ASP K 189 -56.27 -52.88 9.34
N SER K 190 -56.53 -52.20 8.20
CA SER K 190 -56.63 -52.84 6.89
C SER K 190 -57.74 -53.89 6.79
N THR K 191 -58.79 -53.78 7.60
CA THR K 191 -59.87 -54.77 7.61
C THR K 191 -61.11 -54.26 6.89
N TYR K 192 -61.97 -55.20 6.52
CA TYR K 192 -63.27 -54.91 5.92
C TYR K 192 -64.38 -55.09 6.96
N SER K 193 -65.48 -54.38 6.73
CA SER K 193 -66.67 -54.54 7.56
C SER K 193 -67.88 -54.61 6.64
N LEU K 194 -68.92 -55.31 7.10
CA LEU K 194 -70.06 -55.61 6.23
C LEU K 194 -71.38 -55.43 6.98
N SER K 195 -72.32 -54.74 6.33
CA SER K 195 -73.69 -54.62 6.80
C SER K 195 -74.58 -55.41 5.85
N SER K 196 -75.21 -56.45 6.36
CA SER K 196 -76.25 -57.16 5.63
C SER K 196 -77.58 -56.81 6.30
N THR K 197 -78.42 -56.07 5.59
CA THR K 197 -79.69 -55.61 6.12
C THR K 197 -80.80 -56.44 5.51
N LEU K 198 -81.57 -57.13 6.37
CA LEU K 198 -82.66 -57.99 5.93
C LEU K 198 -83.98 -57.26 6.13
N THR K 199 -84.73 -57.11 5.04
CA THR K 199 -85.94 -56.29 5.04
C THR K 199 -87.18 -57.18 4.93
N LEU K 200 -88.14 -56.95 5.83
CA LEU K 200 -89.42 -57.66 5.83
C LEU K 200 -90.54 -56.69 6.18
N SER K 201 -91.74 -56.98 5.67
CA SER K 201 -92.93 -56.33 6.18
C SER K 201 -93.19 -56.81 7.61
N LYS K 202 -93.73 -55.91 8.44
CA LYS K 202 -94.02 -56.28 9.83
C LYS K 202 -94.93 -57.50 9.88
N ALA K 203 -95.82 -57.64 8.90
CA ALA K 203 -96.69 -58.81 8.85
C ALA K 203 -95.89 -60.11 8.82
N ASP K 204 -94.97 -60.22 7.85
CA ASP K 204 -94.22 -61.45 7.72
C ASP K 204 -93.25 -61.66 8.88
N TYR K 205 -92.81 -60.58 9.53
CA TYR K 205 -91.87 -60.72 10.64
C TYR K 205 -92.54 -61.31 11.87
N GLU K 206 -93.83 -61.04 12.07
CA GLU K 206 -94.57 -61.66 13.16
C GLU K 206 -94.94 -63.10 12.87
N LYS K 207 -94.98 -63.50 11.60
CA LYS K 207 -95.33 -64.87 11.23
C LYS K 207 -94.20 -65.86 11.46
N HIS K 208 -92.99 -65.39 11.74
CA HIS K 208 -91.84 -66.28 11.91
C HIS K 208 -91.14 -65.96 13.22
N LYS K 209 -90.33 -66.92 13.68
CA LYS K 209 -89.87 -66.93 15.06
C LYS K 209 -88.36 -67.03 15.19
N VAL K 210 -87.70 -67.71 14.25
CA VAL K 210 -86.25 -67.84 14.24
C VAL K 210 -85.69 -66.95 13.14
N TYR K 211 -84.77 -66.07 13.53
CA TYR K 211 -84.04 -65.23 12.58
C TYR K 211 -82.55 -65.46 12.78
N ALA K 212 -81.88 -65.91 11.71
CA ALA K 212 -80.50 -66.36 11.79
C ALA K 212 -79.67 -65.77 10.66
N CYS K 213 -78.43 -65.44 10.98
CA CYS K 213 -77.45 -64.94 10.02
C CYS K 213 -76.30 -65.93 9.98
N GLU K 214 -76.01 -66.46 8.79
CA GLU K 214 -74.98 -67.49 8.62
C GLU K 214 -73.85 -66.95 7.76
N VAL K 215 -72.68 -66.76 8.37
CA VAL K 215 -71.52 -66.19 7.71
C VAL K 215 -70.58 -67.32 7.31
N THR K 216 -70.19 -67.33 6.04
CA THR K 216 -69.15 -68.23 5.54
C THR K 216 -67.94 -67.36 5.18
N HIS K 217 -66.83 -67.56 5.88
CA HIS K 217 -65.63 -66.76 5.62
C HIS K 217 -64.41 -67.66 5.56
N GLN K 218 -63.43 -67.24 4.76
CA GLN K 218 -62.15 -67.92 4.69
C GLN K 218 -61.47 -67.99 6.06
N GLY K 219 -61.68 -66.97 6.90
CA GLY K 219 -61.07 -66.89 8.21
C GLY K 219 -61.77 -67.61 9.33
N LEU K 220 -62.87 -68.31 9.03
CA LEU K 220 -63.58 -69.10 10.03
C LEU K 220 -63.24 -70.57 9.86
N SER K 221 -63.15 -71.29 10.98
CA SER K 221 -62.94 -72.73 10.91
C SER K 221 -64.08 -73.43 10.18
N SER K 222 -65.29 -72.88 10.30
CA SER K 222 -66.47 -73.30 9.56
C SER K 222 -67.54 -72.24 9.77
N PRO K 223 -68.49 -72.09 8.82
CA PRO K 223 -69.52 -71.06 8.96
C PRO K 223 -70.20 -71.04 10.33
N VAL K 224 -70.19 -69.88 10.99
CA VAL K 224 -70.84 -69.68 12.28
C VAL K 224 -72.14 -68.93 12.04
N THR K 225 -73.16 -69.27 12.82
CA THR K 225 -74.50 -68.72 12.63
C THR K 225 -74.91 -67.96 13.90
N LYS K 226 -75.28 -66.69 13.72
CA LYS K 226 -75.82 -65.86 14.79
C LYS K 226 -77.33 -65.77 14.64
N SER K 227 -78.04 -65.91 15.76
CA SER K 227 -79.47 -66.20 15.73
C SER K 227 -80.16 -65.60 16.95
N PHE K 228 -81.38 -65.10 16.74
CA PHE K 228 -82.25 -64.68 17.83
C PHE K 228 -83.66 -65.20 17.60
N ASN K 229 -84.32 -65.60 18.69
CA ASN K 229 -85.74 -65.92 18.66
C ASN K 229 -86.50 -64.66 19.01
N ARG K 230 -87.58 -64.38 18.27
CA ARG K 230 -88.23 -63.07 18.25
C ARG K 230 -88.50 -62.51 19.64
N GLY K 231 -87.84 -61.40 19.97
CA GLY K 231 -88.07 -60.70 21.23
C GLY K 231 -87.39 -61.26 22.46
N GLU K 232 -86.07 -61.30 22.49
CA GLU K 232 -85.35 -61.73 23.69
C GLU K 232 -84.18 -60.81 24.02
N GLU L 20 -51.99 -25.67 -14.37
CA GLU L 20 -51.67 -26.42 -15.58
C GLU L 20 -52.91 -26.59 -16.45
N VAL L 21 -53.17 -27.82 -16.89
CA VAL L 21 -54.30 -28.14 -17.77
C VAL L 21 -55.48 -28.55 -16.91
N GLN L 22 -56.56 -27.78 -16.97
CA GLN L 22 -57.73 -27.99 -16.14
C GLN L 22 -58.94 -28.28 -17.02
N LEU L 23 -59.63 -29.39 -16.72
CA LEU L 23 -60.96 -29.65 -17.25
C LEU L 23 -61.93 -29.67 -16.07
N VAL L 24 -62.95 -28.83 -16.13
CA VAL L 24 -63.93 -28.71 -15.06
C VAL L 24 -65.31 -28.99 -15.64
N GLU L 25 -66.03 -29.90 -15.00
CA GLU L 25 -67.34 -30.34 -15.45
C GLU L 25 -68.38 -29.98 -14.39
N SER L 26 -69.48 -29.36 -14.81
CA SER L 26 -70.38 -28.69 -13.88
C SER L 26 -71.83 -29.13 -13.92
N GLY L 27 -72.28 -29.81 -14.97
CA GLY L 27 -73.71 -30.01 -15.16
C GLY L 27 -74.38 -31.08 -14.32
N GLY L 28 -73.85 -31.38 -13.14
CA GLY L 28 -74.41 -32.46 -12.32
C GLY L 28 -75.73 -32.06 -11.67
N ARG L 29 -76.66 -33.01 -11.60
CA ARG L 29 -78.01 -32.72 -11.14
C ARG L 29 -78.73 -34.02 -10.79
N VAL L 30 -80.04 -33.90 -10.56
CA VAL L 30 -80.97 -35.03 -10.43
C VAL L 30 -82.02 -34.91 -11.52
N VAL L 31 -82.34 -36.03 -12.17
CA VAL L 31 -83.27 -36.02 -13.30
C VAL L 31 -84.31 -37.12 -13.11
N GLN L 32 -85.54 -36.84 -13.52
CA GLN L 32 -86.56 -37.85 -13.62
C GLN L 32 -86.24 -38.81 -14.77
N PRO L 33 -86.61 -40.08 -14.66
CA PRO L 33 -86.39 -41.01 -15.76
C PRO L 33 -87.00 -40.50 -17.07
N GLY L 34 -86.23 -40.63 -18.15
CA GLY L 34 -86.64 -40.18 -19.46
C GLY L 34 -86.42 -38.71 -19.75
N GLY L 35 -86.07 -37.91 -18.73
CA GLY L 35 -85.92 -36.48 -18.90
C GLY L 35 -84.63 -36.10 -19.60
N SER L 36 -84.29 -34.83 -19.48
CA SER L 36 -83.11 -34.26 -20.12
C SER L 36 -82.28 -33.48 -19.13
N LEU L 37 -80.96 -33.60 -19.26
CA LEU L 37 -79.99 -32.81 -18.52
C LEU L 37 -78.91 -32.34 -19.47
N ARG L 38 -78.33 -31.18 -19.18
CA ARG L 38 -77.27 -30.61 -20.00
C ARG L 38 -76.00 -30.50 -19.16
N LEU L 39 -74.99 -31.28 -19.54
CA LEU L 39 -73.69 -31.22 -18.88
C LEU L 39 -72.80 -30.17 -19.54
N SER L 40 -71.93 -29.58 -18.73
CA SER L 40 -70.95 -28.62 -19.21
C SER L 40 -69.55 -29.07 -18.82
N CYS L 41 -68.60 -28.84 -19.71
CA CYS L 41 -67.20 -29.22 -19.51
C CYS L 41 -66.35 -28.01 -19.86
N VAL L 42 -65.96 -27.24 -18.85
CA VAL L 42 -65.25 -25.98 -19.02
C VAL L 42 -63.75 -26.26 -18.94
N THR L 43 -63.05 -26.07 -20.05
CA THR L 43 -61.65 -26.43 -20.19
C THR L 43 -60.80 -25.17 -20.26
N SER L 44 -59.76 -25.12 -19.42
CA SER L 44 -58.86 -23.99 -19.40
C SER L 44 -57.42 -24.48 -19.27
N GLY L 45 -56.48 -23.66 -19.73
CA GLY L 45 -55.09 -23.99 -19.65
C GLY L 45 -54.47 -24.58 -20.89
N PHE L 46 -55.13 -24.49 -22.04
CA PHE L 46 -54.59 -25.01 -23.28
C PHE L 46 -55.42 -24.51 -24.45
N THR L 47 -54.92 -24.73 -25.65
CA THR L 47 -55.63 -24.35 -26.86
C THR L 47 -56.83 -25.26 -27.03
N PHE L 48 -58.04 -24.72 -26.86
CA PHE L 48 -59.21 -25.60 -26.80
C PHE L 48 -59.58 -26.17 -28.17
N SER L 49 -59.60 -25.34 -29.22
CA SER L 49 -60.12 -25.81 -30.50
C SER L 49 -59.21 -26.85 -31.15
N TYR L 50 -57.94 -26.92 -30.77
CA TYR L 50 -57.02 -27.90 -31.32
C TYR L 50 -57.17 -29.28 -30.70
N TYR L 51 -58.13 -29.45 -29.78
CA TYR L 51 -58.38 -30.71 -29.09
C TYR L 51 -59.82 -31.15 -29.25
N PRO L 52 -60.06 -32.44 -29.50
CA PRO L 52 -61.41 -32.99 -29.32
C PRO L 52 -61.61 -33.49 -27.90
N ILE L 53 -62.79 -33.99 -27.57
CA ILE L 53 -63.12 -34.37 -26.21
C ILE L 53 -63.76 -35.75 -26.16
N HIS L 54 -63.70 -36.37 -24.99
CA HIS L 54 -64.34 -37.65 -24.72
C HIS L 54 -65.15 -37.54 -23.42
N TRP L 55 -66.15 -38.41 -23.30
CA TRP L 55 -66.93 -38.54 -22.08
C TRP L 55 -66.83 -39.97 -21.58
N VAL L 56 -66.59 -40.12 -20.28
CA VAL L 56 -66.56 -41.43 -19.62
C VAL L 56 -67.37 -41.33 -18.35
N ARG L 57 -68.24 -42.33 -18.13
CA ARG L 57 -69.11 -42.37 -16.96
C ARG L 57 -68.77 -43.58 -16.12
N GLN L 58 -68.91 -43.43 -14.80
CA GLN L 58 -68.74 -44.53 -13.85
C GLN L 58 -70.05 -44.69 -13.09
N GLY L 59 -70.77 -45.76 -13.37
CA GLY L 59 -71.96 -46.09 -12.62
C GLY L 59 -71.61 -46.56 -11.23
N PRO L 60 -72.58 -46.47 -10.32
CA PRO L 60 -72.34 -46.95 -8.95
C PRO L 60 -72.06 -48.45 -8.95
N GLY L 61 -70.92 -48.82 -8.36
CA GLY L 61 -70.51 -50.22 -8.35
C GLY L 61 -70.25 -50.79 -9.72
N LYS L 62 -69.74 -49.99 -10.65
CA LYS L 62 -69.46 -50.42 -12.01
C LYS L 62 -68.16 -49.79 -12.49
N GLY L 63 -67.53 -50.45 -13.46
CA GLY L 63 -66.29 -49.95 -14.01
C GLY L 63 -66.51 -48.77 -14.94
N LEU L 64 -65.40 -48.09 -15.24
CA LEU L 64 -65.45 -46.96 -16.16
C LEU L 64 -65.91 -47.40 -17.54
N GLU L 65 -66.75 -46.59 -18.16
CA GLU L 65 -67.30 -46.87 -19.48
C GLU L 65 -67.14 -45.65 -20.37
N TRP L 66 -66.52 -45.84 -21.53
CA TRP L 66 -66.50 -44.79 -22.54
C TRP L 66 -67.89 -44.63 -23.13
N VAL L 67 -68.37 -43.39 -23.18
CA VAL L 67 -69.73 -43.07 -23.60
C VAL L 67 -69.75 -42.46 -25.00
N THR L 68 -69.07 -41.34 -25.20
CA THR L 68 -69.13 -40.62 -26.46
C THR L 68 -67.87 -39.80 -26.68
N MET L 69 -67.66 -39.44 -27.95
CA MET L 69 -66.55 -38.59 -28.36
C MET L 69 -67.09 -37.42 -29.17
N MET L 70 -66.59 -36.23 -28.88
CA MET L 70 -66.88 -35.05 -29.68
C MET L 70 -65.72 -34.83 -30.65
N SER L 71 -66.05 -34.70 -31.94
CA SER L 71 -65.00 -34.52 -32.92
C SER L 71 -64.43 -33.10 -32.83
N PHE L 72 -63.24 -32.95 -33.43
CA PHE L 72 -62.53 -31.68 -33.46
C PHE L 72 -63.38 -30.57 -34.04
N ASP L 73 -63.93 -30.82 -35.23
CA ASP L 73 -64.86 -29.88 -35.85
C ASP L 73 -66.13 -29.74 -35.04
N GLY L 74 -66.57 -30.82 -34.40
CA GLY L 74 -67.83 -30.87 -33.71
C GLY L 74 -68.98 -31.37 -34.56
N THR L 75 -68.79 -31.43 -35.88
CA THR L 75 -69.87 -31.86 -36.78
C THR L 75 -70.22 -33.33 -36.58
N SER L 76 -69.21 -34.17 -36.33
CA SER L 76 -69.40 -35.61 -36.21
C SER L 76 -69.45 -36.02 -34.75
N ASP L 77 -70.52 -36.69 -34.38
CA ASP L 77 -70.72 -37.21 -33.03
C ASP L 77 -70.87 -38.71 -33.10
N HIS L 78 -70.04 -39.44 -32.34
CA HIS L 78 -70.02 -40.90 -32.34
C HIS L 78 -70.19 -41.41 -30.92
N CYS L 79 -71.29 -42.12 -30.68
CA CYS L 79 -71.67 -42.55 -29.34
C CYS L 79 -71.60 -44.07 -29.24
N ILE L 80 -71.60 -44.54 -27.99
CA ILE L 80 -71.70 -45.97 -27.74
C ILE L 80 -73.14 -46.43 -27.96
N SER L 81 -73.31 -47.74 -28.13
CA SER L 81 -74.59 -48.28 -28.58
C SER L 81 -75.71 -47.96 -27.59
N SER L 82 -75.40 -47.96 -26.29
CA SER L 82 -76.45 -47.74 -25.29
C SER L 82 -77.03 -46.34 -25.40
N VAL L 83 -76.21 -45.34 -25.69
CA VAL L 83 -76.61 -43.94 -25.67
C VAL L 83 -76.71 -43.35 -27.06
N LYS L 84 -76.64 -44.17 -28.11
CA LYS L 84 -76.68 -43.65 -29.47
C LYS L 84 -78.05 -43.07 -29.77
N GLY L 85 -78.06 -41.91 -30.42
CA GLY L 85 -79.29 -41.23 -30.78
C GLY L 85 -79.96 -40.46 -29.68
N ARG L 86 -79.49 -40.57 -28.43
CA ARG L 86 -80.02 -39.83 -27.31
C ARG L 86 -79.11 -38.70 -26.85
N PHE L 87 -77.82 -38.78 -27.17
CA PHE L 87 -76.82 -37.82 -26.72
C PHE L 87 -76.43 -36.93 -27.89
N VAL L 88 -76.39 -35.62 -27.64
CA VAL L 88 -75.98 -34.63 -28.64
C VAL L 88 -74.93 -33.74 -28.02
N MET L 89 -73.77 -33.64 -28.66
CA MET L 89 -72.65 -32.87 -28.15
C MET L 89 -72.45 -31.63 -29.00
N SER L 90 -72.33 -30.48 -28.35
CA SER L 90 -72.07 -29.21 -29.00
C SER L 90 -70.94 -28.50 -28.28
N ARG L 91 -69.94 -28.04 -29.03
CA ARG L 91 -68.78 -27.37 -28.47
C ARG L 91 -68.65 -25.98 -29.08
N ASP L 92 -68.39 -24.99 -28.23
CA ASP L 92 -68.10 -23.63 -28.64
C ASP L 92 -66.63 -23.34 -28.37
N ASN L 93 -65.86 -23.10 -29.44
CA ASN L 93 -64.42 -22.89 -29.30
C ASN L 93 -64.12 -21.61 -28.51
N SER L 94 -64.91 -20.55 -28.71
CA SER L 94 -64.66 -19.30 -28.00
C SER L 94 -64.95 -19.44 -26.50
N ARG L 95 -66.03 -20.13 -26.16
CA ARG L 95 -66.40 -20.31 -24.76
C ARG L 95 -65.42 -21.23 -24.03
N ASN L 96 -64.64 -22.03 -24.76
CA ASN L 96 -63.79 -23.07 -24.18
C ASN L 96 -64.61 -24.07 -23.38
N THR L 97 -65.85 -24.30 -23.77
CA THR L 97 -66.76 -25.16 -23.04
C THR L 97 -67.46 -26.12 -23.99
N LEU L 98 -67.61 -27.37 -23.55
CA LEU L 98 -68.34 -28.41 -24.30
C LEU L 98 -69.63 -28.74 -23.58
N TYR L 99 -70.74 -28.68 -24.32
CA TYR L 99 -72.06 -28.96 -23.77
C TYR L 99 -72.54 -30.32 -24.25
N LEU L 100 -73.04 -31.13 -23.32
CA LEU L 100 -73.54 -32.47 -23.62
C LEU L 100 -75.02 -32.52 -23.28
N GLU L 101 -75.85 -32.79 -24.28
CA GLU L 101 -77.29 -32.88 -24.12
C GLU L 101 -77.68 -34.35 -24.01
N MET L 102 -78.32 -34.71 -22.90
CA MET L 102 -78.74 -36.09 -22.64
C MET L 102 -80.26 -36.17 -22.66
N ASN L 103 -80.79 -37.10 -23.45
CA ASN L 103 -82.23 -37.27 -23.61
C ASN L 103 -82.61 -38.71 -23.31
N LYS L 104 -83.84 -38.89 -22.84
CA LYS L 104 -84.36 -40.21 -22.48
C LYS L 104 -83.46 -40.90 -21.47
N MET L 105 -83.14 -40.21 -20.38
CA MET L 105 -82.23 -40.73 -19.38
C MET L 105 -82.75 -42.04 -18.80
N ARG L 106 -81.84 -42.99 -18.63
CA ARG L 106 -82.19 -44.31 -18.13
C ARG L 106 -81.60 -44.51 -16.74
N LEU L 107 -82.14 -45.50 -16.03
CA LEU L 107 -81.62 -45.85 -14.73
C LEU L 107 -80.18 -46.32 -14.83
N GLU L 108 -79.85 -47.06 -15.89
CA GLU L 108 -78.48 -47.48 -16.10
C GLU L 108 -77.54 -46.30 -16.32
N ASP L 109 -78.06 -45.22 -16.91
CA ASP L 109 -77.24 -44.06 -17.19
C ASP L 109 -76.72 -43.39 -15.92
N THR L 110 -77.31 -43.71 -14.78
CA THR L 110 -76.93 -43.08 -13.53
C THR L 110 -75.47 -43.35 -13.20
N GLY L 111 -74.78 -42.31 -12.78
CA GLY L 111 -73.38 -42.41 -12.42
C GLY L 111 -72.72 -41.04 -12.43
N VAL L 112 -71.39 -41.07 -12.36
CA VAL L 112 -70.57 -39.87 -12.41
C VAL L 112 -69.96 -39.78 -13.79
N TYR L 113 -70.08 -38.61 -14.42
CA TYR L 113 -69.64 -38.41 -15.78
C TYR L 113 -68.36 -37.57 -15.79
N TYR L 114 -67.37 -38.01 -16.57
CA TYR L 114 -66.10 -37.33 -16.70
C TYR L 114 -65.85 -36.95 -18.16
N CYS L 115 -65.22 -35.81 -18.38
CA CYS L 115 -64.76 -35.41 -19.71
C CYS L 115 -63.24 -35.31 -19.73
N ALA L 116 -62.63 -35.85 -20.78
CA ALA L 116 -61.19 -35.76 -20.98
C ALA L 116 -60.90 -35.37 -22.43
N ARG L 117 -59.74 -34.75 -22.64
CA ARG L 117 -59.35 -34.22 -23.94
C ARG L 117 -58.50 -35.24 -24.68
N GLY L 118 -58.93 -35.60 -25.88
CA GLY L 118 -58.23 -36.61 -26.67
C GLY L 118 -58.30 -36.36 -28.17
N GLY L 119 -57.13 -36.37 -28.80
CA GLY L 119 -57.03 -36.26 -30.24
C GLY L 119 -55.95 -35.33 -30.73
N TRP L 120 -55.78 -34.20 -30.05
CA TRP L 120 -54.53 -33.42 -29.97
C TRP L 120 -53.92 -33.20 -31.35
N LYS L 121 -54.50 -32.26 -32.09
CA LYS L 121 -54.30 -32.25 -33.55
C LYS L 121 -54.81 -33.60 -34.05
N TRP L 122 -56.12 -33.61 -34.23
CA TRP L 122 -57.26 -34.33 -33.66
C TRP L 122 -57.62 -35.82 -33.84
N PRO L 123 -57.57 -36.45 -35.02
CA PRO L 123 -58.36 -37.70 -35.18
C PRO L 123 -57.99 -38.81 -34.18
N GLY L 124 -56.76 -39.31 -34.23
CA GLY L 124 -56.30 -40.29 -33.26
C GLY L 124 -56.39 -39.84 -31.83
N GLY L 125 -57.16 -40.54 -30.99
CA GLY L 125 -57.48 -40.09 -29.65
C GLY L 125 -57.03 -41.05 -28.57
N ALA L 126 -57.10 -40.55 -27.34
CA ALA L 126 -56.81 -41.16 -26.06
C ALA L 126 -57.00 -40.07 -25.02
N PHE L 127 -57.37 -40.49 -23.80
CA PHE L 127 -57.59 -39.57 -22.71
C PHE L 127 -56.32 -39.39 -21.89
N ASP L 128 -56.03 -38.13 -21.54
CA ASP L 128 -55.15 -37.79 -20.43
C ASP L 128 -56.03 -37.60 -19.19
N VAL L 129 -55.51 -36.97 -18.14
CA VAL L 129 -56.26 -36.78 -16.91
C VAL L 129 -57.62 -36.12 -17.21
N PHE L 130 -58.63 -36.56 -16.46
CA PHE L 130 -60.01 -36.14 -16.65
C PHE L 130 -60.29 -34.90 -15.79
N GLY L 131 -61.54 -34.43 -15.85
CA GLY L 131 -62.01 -33.46 -14.90
C GLY L 131 -62.47 -34.12 -13.62
N PRO L 132 -63.05 -33.34 -12.70
CA PRO L 132 -63.46 -33.90 -11.40
C PRO L 132 -64.70 -34.76 -11.48
N GLY L 133 -65.45 -34.69 -12.57
CA GLY L 133 -66.70 -35.39 -12.68
C GLY L 133 -67.87 -34.59 -12.10
N THR L 134 -69.07 -34.98 -12.51
CA THR L 134 -70.28 -34.42 -11.93
C THR L 134 -71.29 -35.54 -11.72
N VAL L 135 -72.17 -35.36 -10.75
CA VAL L 135 -73.09 -36.41 -10.31
C VAL L 135 -74.34 -36.40 -11.18
N VAL L 136 -74.71 -37.57 -11.69
CA VAL L 136 -75.92 -37.75 -12.49
C VAL L 136 -76.74 -38.86 -11.82
N THR L 137 -77.94 -38.51 -11.38
CA THR L 137 -78.81 -39.43 -10.65
C THR L 137 -80.15 -39.48 -11.36
N VAL L 138 -80.43 -40.60 -12.03
CA VAL L 138 -81.66 -40.80 -12.76
C VAL L 138 -82.56 -41.64 -11.86
N SER L 139 -83.31 -40.97 -11.00
CA SER L 139 -84.21 -41.68 -10.09
C SER L 139 -85.29 -40.70 -9.67
N SER L 140 -86.54 -41.02 -9.99
CA SER L 140 -87.62 -40.05 -9.89
C SER L 140 -87.94 -39.66 -8.45
N ALA L 141 -87.71 -40.55 -7.49
CA ALA L 141 -88.72 -40.78 -6.45
C ALA L 141 -89.16 -39.54 -5.68
N SER L 142 -88.32 -39.00 -4.79
CA SER L 142 -88.81 -37.97 -3.87
C SER L 142 -87.73 -37.44 -2.94
N THR L 143 -87.74 -36.14 -2.67
CA THR L 143 -86.96 -35.64 -1.54
C THR L 143 -87.56 -36.16 -0.25
N LYS L 144 -86.74 -36.76 0.61
CA LYS L 144 -87.26 -37.42 1.80
C LYS L 144 -86.14 -37.60 2.81
N GLY L 145 -86.44 -37.27 4.07
CA GLY L 145 -85.52 -37.47 5.16
C GLY L 145 -85.58 -38.88 5.70
N PRO L 146 -84.49 -39.36 6.27
CA PRO L 146 -84.44 -40.75 6.74
C PRO L 146 -85.17 -40.93 8.07
N SER L 147 -85.48 -42.18 8.34
CA SER L 147 -85.90 -42.60 9.66
C SER L 147 -84.68 -43.20 10.36
N VAL L 148 -84.59 -42.96 11.66
CA VAL L 148 -83.43 -43.38 12.45
C VAL L 148 -83.91 -44.32 13.55
N PHE L 149 -83.37 -45.53 13.56
CA PHE L 149 -83.76 -46.55 14.51
C PHE L 149 -82.55 -47.06 15.27
N PRO L 150 -82.63 -47.20 16.59
CA PRO L 150 -81.49 -47.71 17.33
C PRO L 150 -81.27 -49.20 17.05
N LEU L 151 -80.00 -49.60 17.14
CA LEU L 151 -79.60 -51.00 17.06
C LEU L 151 -78.96 -51.35 18.41
N ALA L 152 -79.71 -52.11 19.27
CA ALA L 152 -79.37 -52.35 20.66
C ALA L 152 -78.48 -53.58 20.82
N PRO L 153 -77.57 -53.54 21.79
CA PRO L 153 -76.49 -54.54 21.83
C PRO L 153 -76.85 -55.85 22.51
N SER L 154 -76.12 -56.90 22.11
CA SER L 154 -75.98 -58.14 22.87
C SER L 154 -74.99 -59.07 22.15
N GLY L 161 -65.89 -59.99 26.26
CA GLY L 161 -66.28 -58.83 27.06
C GLY L 161 -66.50 -57.58 26.22
N THR L 162 -67.07 -57.77 25.04
CA THR L 162 -67.32 -56.66 24.13
C THR L 162 -68.64 -56.88 23.40
N ALA L 163 -69.27 -55.77 23.05
CA ALA L 163 -70.54 -55.78 22.31
C ALA L 163 -70.62 -54.52 21.47
N ALA L 164 -71.54 -54.54 20.50
CA ALA L 164 -71.63 -53.47 19.51
C ALA L 164 -73.07 -53.01 19.35
N LEU L 165 -73.22 -51.72 19.06
CA LEU L 165 -74.52 -51.06 18.89
C LEU L 165 -74.42 -50.10 17.72
N GLY L 166 -75.57 -49.68 17.21
CA GLY L 166 -75.55 -48.88 16.00
C GLY L 166 -76.83 -48.11 15.74
N CYS L 167 -76.92 -47.62 14.51
CA CYS L 167 -77.96 -46.68 14.09
C CYS L 167 -78.33 -47.01 12.66
N LEU L 168 -79.61 -47.37 12.44
CA LEU L 168 -80.09 -47.69 11.11
C LEU L 168 -80.70 -46.44 10.48
N VAL L 169 -80.09 -45.97 9.39
CA VAL L 169 -80.55 -44.78 8.69
C VAL L 169 -81.22 -45.22 7.38
N LYS L 170 -82.53 -45.43 7.44
CA LYS L 170 -83.27 -46.11 6.39
C LYS L 170 -84.20 -45.16 5.65
N ASP L 171 -84.31 -45.36 4.34
CA ASP L 171 -85.34 -44.74 3.51
C ASP L 171 -85.18 -43.21 3.45
N TYR L 172 -84.06 -42.78 2.89
CA TYR L 172 -83.85 -41.38 2.55
C TYR L 172 -83.49 -41.25 1.08
N PHE L 173 -83.54 -40.00 0.58
CA PHE L 173 -83.20 -39.71 -0.81
C PHE L 173 -82.95 -38.23 -0.96
N PRO L 174 -81.90 -37.82 -1.68
CA PRO L 174 -80.86 -38.73 -2.17
C PRO L 174 -79.68 -38.73 -1.20
N GLU L 175 -78.59 -39.41 -1.58
CA GLU L 175 -77.40 -39.35 -0.76
C GLU L 175 -76.84 -37.93 -0.77
N PRO L 176 -76.04 -37.55 0.25
CA PRO L 176 -75.51 -38.34 1.36
C PRO L 176 -76.19 -38.09 2.71
N VAL L 177 -75.71 -38.79 3.74
CA VAL L 177 -76.15 -38.59 5.12
C VAL L 177 -74.91 -38.51 6.01
N THR L 178 -74.86 -37.50 6.88
CA THR L 178 -73.77 -37.34 7.82
C THR L 178 -74.12 -38.06 9.11
N VAL L 179 -73.25 -38.97 9.54
CA VAL L 179 -73.42 -39.69 10.79
C VAL L 179 -72.20 -39.43 11.67
N SER L 180 -72.46 -39.08 12.92
CA SER L 180 -71.43 -38.97 13.94
C SER L 180 -71.99 -39.51 15.25
N TRP L 181 -71.09 -39.91 16.14
CA TRP L 181 -71.46 -40.51 17.43
C TRP L 181 -70.95 -39.64 18.56
N ASN L 182 -71.83 -39.32 19.50
CA ASN L 182 -71.56 -38.36 20.58
C ASN L 182 -71.04 -37.04 20.02
N SER L 183 -71.62 -36.61 18.90
CA SER L 183 -71.28 -35.35 18.23
C SER L 183 -69.80 -35.26 17.91
N GLY L 184 -69.22 -36.39 17.48
CA GLY L 184 -67.82 -36.44 17.13
C GLY L 184 -66.87 -36.73 18.27
N ALA L 185 -67.38 -36.86 19.50
CA ALA L 185 -66.54 -37.22 20.63
C ALA L 185 -66.25 -38.72 20.68
N LEU L 186 -67.02 -39.53 19.95
CA LEU L 186 -66.77 -40.96 19.82
C LEU L 186 -66.30 -41.24 18.40
N THR L 187 -65.01 -41.53 18.25
CA THR L 187 -64.41 -41.78 16.95
C THR L 187 -63.97 -43.21 16.74
N SER L 188 -63.62 -43.91 17.81
CA SER L 188 -62.96 -45.21 17.70
C SER L 188 -63.98 -46.32 17.42
N GLY L 189 -63.62 -47.19 16.49
CA GLY L 189 -64.45 -48.35 16.20
C GLY L 189 -65.74 -48.05 15.48
N VAL L 190 -65.91 -46.84 14.97
CA VAL L 190 -67.12 -46.49 14.24
C VAL L 190 -66.97 -46.92 12.79
N HIS L 191 -68.02 -47.55 12.26
CA HIS L 191 -68.08 -47.92 10.86
C HIS L 191 -69.45 -47.52 10.31
N THR L 192 -69.48 -46.45 9.53
CA THR L 192 -70.69 -46.02 8.84
C THR L 192 -70.65 -46.56 7.41
N PHE L 193 -71.60 -47.42 7.08
CA PHE L 193 -71.53 -48.18 5.84
C PHE L 193 -71.90 -47.34 4.63
N PRO L 194 -71.47 -47.75 3.44
CA PRO L 194 -72.04 -47.18 2.22
C PRO L 194 -73.53 -47.45 2.16
N ALA L 195 -74.28 -46.48 1.65
CA ALA L 195 -75.71 -46.69 1.49
C ALA L 195 -75.97 -47.64 0.32
N VAL L 196 -77.04 -48.42 0.46
CA VAL L 196 -77.53 -49.28 -0.62
C VAL L 196 -78.84 -48.66 -1.12
N LEU L 197 -79.00 -48.63 -2.44
CA LEU L 197 -80.24 -48.12 -3.03
C LEU L 197 -81.24 -49.26 -3.06
N GLN L 198 -82.22 -49.20 -2.17
CA GLN L 198 -83.25 -50.23 -2.13
C GLN L 198 -84.11 -50.17 -3.39
N SER L 199 -84.85 -51.25 -3.62
CA SER L 199 -85.78 -51.31 -4.75
C SER L 199 -86.85 -50.23 -4.67
N SER L 200 -87.10 -49.69 -3.47
CA SER L 200 -88.12 -48.65 -3.32
C SER L 200 -87.72 -47.33 -3.95
N GLY L 201 -86.42 -47.12 -4.20
CA GLY L 201 -85.92 -45.83 -4.65
C GLY L 201 -85.25 -45.02 -3.56
N LEU L 202 -85.20 -45.52 -2.34
CA LEU L 202 -84.59 -44.83 -1.21
C LEU L 202 -83.29 -45.51 -0.81
N TYR L 203 -82.36 -44.71 -0.30
CA TYR L 203 -81.08 -45.22 0.17
C TYR L 203 -81.19 -45.67 1.62
N SER L 204 -80.54 -46.77 1.95
CA SER L 204 -80.55 -47.33 3.30
C SER L 204 -79.12 -47.57 3.75
N LEU L 205 -78.78 -47.04 4.93
CA LEU L 205 -77.43 -47.06 5.43
C LEU L 205 -77.46 -47.46 6.90
N SER L 206 -76.35 -48.03 7.37
CA SER L 206 -76.20 -48.38 8.77
C SER L 206 -74.89 -47.83 9.30
N SER L 207 -74.90 -47.36 10.54
CA SER L 207 -73.72 -46.89 11.24
C SER L 207 -73.64 -47.60 12.59
N VAL L 208 -72.48 -48.19 12.89
CA VAL L 208 -72.29 -48.98 14.10
C VAL L 208 -70.98 -48.60 14.77
N VAL L 209 -70.86 -48.98 16.04
CA VAL L 209 -69.66 -48.72 16.83
C VAL L 209 -69.52 -49.82 17.88
N THR L 210 -68.29 -50.25 18.11
CA THR L 210 -67.98 -51.23 19.14
C THR L 210 -67.55 -50.51 20.41
N VAL L 211 -68.13 -50.90 21.54
CA VAL L 211 -67.79 -50.28 22.81
C VAL L 211 -67.36 -51.37 23.78
N PRO L 212 -66.43 -51.09 24.69
CA PRO L 212 -66.20 -52.01 25.80
C PRO L 212 -67.47 -52.20 26.59
N SER L 213 -67.82 -53.47 26.84
CA SER L 213 -69.10 -53.77 27.49
C SER L 213 -69.20 -53.15 28.87
N SER L 214 -68.07 -52.92 29.54
CA SER L 214 -68.10 -52.30 30.86
C SER L 214 -68.54 -50.84 30.82
N SER L 215 -68.62 -50.23 29.64
CA SER L 215 -69.07 -48.85 29.51
C SER L 215 -70.55 -48.75 29.22
N LEU L 216 -71.26 -49.86 29.11
CA LEU L 216 -72.57 -49.86 28.47
C LEU L 216 -73.58 -49.01 29.23
N GLY L 217 -73.55 -49.07 30.56
CA GLY L 217 -74.56 -48.38 31.35
C GLY L 217 -74.21 -46.96 31.76
N THR L 218 -72.92 -46.64 31.79
CA THR L 218 -72.44 -45.37 32.30
C THR L 218 -72.18 -44.34 31.20
N GLN L 219 -71.44 -44.72 30.16
CA GLN L 219 -71.26 -43.85 29.02
C GLN L 219 -72.54 -43.80 28.20
N THR L 220 -72.99 -42.60 27.87
CA THR L 220 -74.18 -42.42 27.05
C THR L 220 -73.79 -42.48 25.58
N TYR L 221 -74.58 -43.22 24.79
CA TYR L 221 -74.29 -43.44 23.38
C TYR L 221 -75.39 -42.81 22.54
N ILE L 222 -75.04 -41.75 21.82
CA ILE L 222 -75.99 -40.93 21.09
C ILE L 222 -75.57 -40.90 19.63
N CYS L 223 -76.54 -41.02 18.74
CA CYS L 223 -76.31 -41.12 17.30
C CYS L 223 -76.75 -39.83 16.63
N ASN L 224 -75.81 -39.17 15.95
CA ASN L 224 -76.06 -37.90 15.28
C ASN L 224 -76.20 -38.14 13.79
N VAL L 225 -77.38 -37.87 13.26
CA VAL L 225 -77.68 -38.07 11.85
C VAL L 225 -78.09 -36.72 11.25
N ASN L 226 -77.46 -36.36 10.14
CA ASN L 226 -77.76 -35.14 9.40
C ASN L 226 -77.96 -35.47 7.93
N HIS L 227 -79.08 -35.01 7.37
CA HIS L 227 -79.37 -35.16 5.94
C HIS L 227 -79.56 -33.77 5.35
N LYS L 228 -78.51 -33.25 4.70
CA LYS L 228 -78.59 -31.90 4.14
C LYS L 228 -79.67 -31.75 3.07
N PRO L 229 -79.85 -32.66 2.10
CA PRO L 229 -80.85 -32.42 1.04
C PRO L 229 -82.31 -32.47 1.51
N SER L 230 -82.55 -32.66 2.82
CA SER L 230 -83.88 -32.47 3.38
C SER L 230 -83.87 -31.56 4.59
N ASN L 231 -82.71 -31.08 5.02
CA ASN L 231 -82.57 -30.16 6.16
C ASN L 231 -83.24 -30.72 7.41
N THR L 232 -82.99 -32.01 7.67
CA THR L 232 -83.47 -32.67 8.87
C THR L 232 -82.27 -33.20 9.64
N LYS L 233 -82.17 -32.81 10.90
CA LYS L 233 -81.12 -33.29 11.80
C LYS L 233 -81.79 -33.96 12.99
N VAL L 234 -81.39 -35.20 13.28
CA VAL L 234 -81.98 -35.95 14.37
C VAL L 234 -80.88 -36.58 15.21
N ASP L 235 -81.06 -36.56 16.52
CA ASP L 235 -80.22 -37.29 17.45
C ASP L 235 -80.95 -38.53 17.93
N LYS L 236 -80.18 -39.55 18.32
CA LYS L 236 -80.78 -40.81 18.75
C LYS L 236 -79.97 -41.42 19.89
N ARG L 237 -80.63 -41.59 21.03
CA ARG L 237 -80.05 -42.34 22.14
C ARG L 237 -80.25 -43.83 21.91
N VAL L 238 -79.21 -44.62 22.20
CA VAL L 238 -79.25 -46.06 21.98
C VAL L 238 -78.92 -46.75 23.29
N GLU L 239 -79.79 -47.66 23.72
CA GLU L 239 -79.59 -48.38 24.97
C GLU L 239 -79.97 -49.85 24.82
N LEU M 1 60.53 -34.80 13.67
CA LEU M 1 61.42 -35.96 13.71
C LEU M 1 62.45 -35.76 14.82
N SER M 2 61.96 -35.56 16.04
CA SER M 2 62.80 -35.31 17.20
C SER M 2 61.99 -35.57 18.46
N GLU M 3 62.53 -35.12 19.59
CA GLU M 3 61.82 -35.04 20.85
C GLU M 3 62.10 -33.66 21.45
N VAL M 4 61.14 -33.14 22.21
CA VAL M 4 61.21 -31.76 22.71
C VAL M 4 60.68 -31.68 24.13
N LYS M 5 61.41 -30.99 24.99
CA LYS M 5 61.02 -30.68 26.35
C LYS M 5 60.44 -29.28 26.42
N LEU M 6 59.47 -29.08 27.32
CA LEU M 6 58.72 -27.83 27.39
C LEU M 6 58.74 -27.33 28.82
N HIS M 7 59.43 -26.22 29.06
CA HIS M 7 59.63 -25.68 30.40
C HIS M 7 58.88 -24.36 30.54
N LEU M 8 58.34 -24.11 31.73
CA LEU M 8 57.46 -22.96 31.91
C LEU M 8 57.29 -22.69 33.40
N ASP M 9 56.77 -21.51 33.71
CA ASP M 9 56.56 -21.05 35.08
C ASP M 9 55.07 -21.12 35.43
N ILE M 10 54.75 -21.96 36.41
CA ILE M 10 53.38 -22.05 36.93
C ILE M 10 53.37 -21.37 38.29
N GLU M 11 53.13 -20.04 38.28
CA GLU M 11 52.96 -19.24 39.50
C GLU M 11 54.03 -19.53 40.55
N GLY M 12 55.26 -19.80 40.12
CA GLY M 12 56.34 -20.12 41.03
C GLY M 12 56.87 -21.54 40.96
N HIS M 13 56.29 -22.40 40.11
CA HIS M 13 56.78 -23.76 39.93
C HIS M 13 57.53 -23.86 38.61
N ALA M 14 58.76 -24.37 38.66
CA ALA M 14 59.59 -24.52 37.48
C ALA M 14 59.31 -25.88 36.83
N SER M 15 58.10 -26.00 36.29
CA SER M 15 57.65 -27.23 35.68
C SER M 15 58.19 -27.38 34.27
N HIS M 16 58.58 -28.61 33.91
CA HIS M 16 58.93 -28.93 32.54
C HIS M 16 58.32 -30.28 32.17
N TYR M 17 57.91 -30.40 30.92
CA TYR M 17 57.33 -31.61 30.38
C TYR M 17 58.00 -31.95 29.06
N THR M 18 57.96 -33.22 28.69
CA THR M 18 58.70 -33.73 27.54
C THR M 18 57.71 -34.37 26.57
N ILE M 19 57.54 -33.76 25.41
CA ILE M 19 56.59 -34.25 24.41
C ILE M 19 57.37 -35.05 23.37
N PRO M 20 57.05 -36.31 23.17
CA PRO M 20 57.78 -37.12 22.18
C PRO M 20 57.13 -37.11 20.81
N TRP M 21 57.89 -36.73 19.79
CA TRP M 21 57.40 -36.88 18.42
C TRP M 21 57.78 -38.22 17.83
N THR M 22 58.92 -38.78 18.24
CA THR M 22 59.26 -40.14 17.84
C THR M 22 58.13 -41.10 18.18
N GLU M 23 57.48 -40.90 19.33
CA GLU M 23 56.29 -41.66 19.70
C GLU M 23 55.07 -41.21 18.92
N LEU M 24 54.67 -39.95 19.12
CA LEU M 24 53.34 -39.51 18.71
C LEU M 24 53.21 -39.48 17.18
N MET M 25 54.23 -39.03 16.47
CA MET M 25 54.13 -38.93 15.02
C MET M 25 53.83 -40.29 14.40
N ALA M 26 54.48 -41.34 14.91
CA ALA M 26 54.14 -42.69 14.47
C ALA M 26 52.83 -43.16 15.09
N LYS M 27 52.58 -42.78 16.36
CA LYS M 27 51.43 -43.30 17.08
C LYS M 27 50.11 -42.90 16.42
N VAL M 28 49.98 -41.64 16.03
CA VAL M 28 48.73 -41.16 15.44
C VAL M 28 49.01 -40.76 13.98
N PRO M 29 48.40 -41.44 13.01
CA PRO M 29 48.81 -41.27 11.61
C PRO M 29 48.61 -39.86 11.05
N GLY M 30 47.53 -39.18 11.43
CA GLY M 30 47.23 -37.90 10.84
C GLY M 30 48.13 -36.76 11.29
N LEU M 31 48.81 -36.94 12.43
CA LEU M 31 49.60 -35.84 13.00
C LEU M 31 50.86 -35.61 12.20
N SER M 32 51.13 -34.35 11.89
CA SER M 32 52.41 -33.93 11.32
C SER M 32 52.74 -32.56 11.88
N PRO M 33 53.34 -32.51 13.09
CA PRO M 33 53.52 -31.22 13.78
C PRO M 33 54.33 -30.19 13.01
N GLU M 34 54.90 -30.59 11.87
CA GLU M 34 55.63 -29.63 11.04
C GLU M 34 54.68 -28.63 10.38
N ALA M 35 53.60 -29.13 9.78
CA ALA M 35 52.62 -28.24 9.16
C ALA M 35 51.91 -27.37 10.19
N LEU M 36 51.64 -27.91 11.38
CA LEU M 36 51.03 -27.12 12.44
C LEU M 36 51.95 -25.99 12.86
N TRP M 37 53.25 -26.28 13.00
CA TRP M 37 54.21 -25.24 13.33
C TRP M 37 54.27 -24.19 12.24
N ARG M 38 54.15 -24.62 10.98
CA ARG M 38 54.02 -23.66 9.88
C ARG M 38 52.71 -22.89 9.97
N GLU M 39 51.62 -23.55 10.38
CA GLU M 39 50.31 -22.92 10.33
C GLU M 39 50.17 -21.81 11.36
N ALA M 40 50.85 -21.91 12.49
CA ALA M 40 50.98 -20.78 13.39
C ALA M 40 52.21 -19.99 12.97
N ASN M 41 52.02 -18.73 12.60
CA ASN M 41 53.15 -17.89 12.22
C ASN M 41 53.91 -17.63 13.52
N VAL M 42 54.67 -18.64 13.95
CA VAL M 42 55.28 -18.58 15.28
C VAL M 42 56.30 -17.47 15.40
N THR M 43 56.68 -16.85 14.29
CA THR M 43 57.47 -15.63 14.32
C THR M 43 56.62 -14.38 14.17
N GLU M 44 55.30 -14.53 14.09
CA GLU M 44 54.41 -13.37 13.90
C GLU M 44 54.55 -12.44 15.08
N ASP M 45 55.04 -11.22 14.81
CA ASP M 45 55.07 -10.18 15.81
C ASP M 45 53.69 -9.99 16.41
N LEU M 46 53.66 -9.55 17.68
CA LEU M 46 52.39 -9.30 18.33
C LEU M 46 51.57 -8.24 17.59
N ALA M 47 52.23 -7.41 16.77
CA ALA M 47 51.52 -6.43 15.97
C ALA M 47 50.56 -7.10 14.99
N SER M 48 51.10 -7.89 14.06
CA SER M 48 50.26 -8.50 13.04
C SER M 48 49.33 -9.56 13.63
N MET M 49 49.75 -10.21 14.72
CA MET M 49 48.84 -11.14 15.40
C MET M 49 47.61 -10.40 15.89
N LEU M 50 47.82 -9.26 16.55
CA LEU M 50 46.72 -8.39 16.93
C LEU M 50 45.92 -7.97 15.71
N ASN M 51 46.59 -7.76 14.58
CA ASN M 51 45.91 -7.37 13.35
C ASN M 51 44.99 -8.48 12.84
N ARG M 52 45.43 -9.74 12.95
CA ARG M 52 44.60 -10.84 12.47
C ARG M 52 43.39 -11.05 13.37
N TYR M 53 43.57 -10.91 14.68
CA TYR M 53 42.48 -11.12 15.63
C TYR M 53 41.37 -10.08 15.44
N LYS M 54 41.75 -8.82 15.23
CA LYS M 54 40.77 -7.74 15.16
C LYS M 54 39.83 -7.87 13.96
N LEU M 55 40.23 -8.61 12.92
CA LEU M 55 39.42 -8.66 11.70
C LEU M 55 38.18 -9.53 11.84
N ILE M 56 38.16 -10.44 12.81
CA ILE M 56 37.11 -11.44 12.89
C ILE M 56 35.95 -10.89 13.70
N TYR M 57 34.74 -11.09 13.19
CA TYR M 57 33.54 -10.65 13.91
C TYR M 57 33.44 -11.40 15.23
N LYS M 58 33.10 -10.67 16.29
CA LYS M 58 32.99 -11.20 17.63
C LYS M 58 31.54 -11.07 18.10
N THR M 59 31.15 -11.95 19.03
CA THR M 59 29.77 -12.06 19.47
C THR M 59 29.49 -11.07 20.58
N SER M 60 28.64 -10.08 20.28
CA SER M 60 28.04 -9.28 21.35
C SER M 60 26.88 -10.02 22.00
N GLY M 61 25.92 -10.48 21.19
CA GLY M 61 24.72 -11.15 21.69
C GLY M 61 25.02 -12.59 22.09
N THR M 62 26.06 -12.76 22.90
CA THR M 62 26.62 -14.08 23.18
C THR M 62 26.08 -14.62 24.50
N LEU M 63 24.97 -15.34 24.40
CA LEU M 63 24.40 -16.10 25.50
C LEU M 63 23.40 -17.05 24.86
N GLY M 64 22.51 -17.59 25.65
CA GLY M 64 21.67 -18.70 25.32
C GLY M 64 21.70 -19.53 26.58
N ILE M 65 20.54 -19.75 27.15
CA ILE M 65 20.43 -20.39 28.43
C ILE M 65 20.10 -21.84 28.15
N ALA M 66 20.37 -22.70 29.14
CA ALA M 66 20.44 -24.14 28.92
C ALA M 66 19.17 -24.69 28.27
N LEU M 67 19.37 -25.69 27.42
CA LEU M 67 18.32 -26.52 26.86
C LEU M 67 18.62 -27.96 27.21
N ALA M 68 17.63 -28.84 27.06
CA ALA M 68 17.78 -30.24 27.40
C ALA M 68 17.84 -31.08 26.12
N GLU M 69 18.77 -32.03 26.11
CA GLU M 69 18.89 -32.93 24.96
C GLU M 69 17.66 -33.83 24.87
N PRO M 70 16.96 -33.89 23.74
CA PRO M 70 15.97 -34.94 23.56
C PRO M 70 16.66 -36.29 23.44
N VAL M 71 16.15 -37.28 24.15
CA VAL M 71 16.66 -38.64 24.02
C VAL M 71 16.08 -39.19 22.72
N ASP M 72 16.93 -39.32 21.71
CA ASP M 72 16.52 -39.53 20.33
C ASP M 72 16.60 -41.00 19.91
N ILE M 73 17.74 -41.64 20.13
CA ILE M 73 17.89 -43.04 19.76
C ILE M 73 17.49 -43.88 20.98
N PRO M 74 16.65 -44.88 20.81
CA PRO M 74 16.15 -45.63 21.96
C PRO M 74 17.04 -46.81 22.30
N ALA M 75 17.02 -47.14 23.59
CA ALA M 75 17.68 -48.32 24.11
C ALA M 75 17.33 -49.55 23.29
N VAL M 76 18.33 -50.42 23.08
CA VAL M 76 18.12 -51.61 22.26
C VAL M 76 16.95 -52.39 22.82
N SER M 77 16.04 -52.78 21.94
CA SER M 77 15.03 -53.76 22.36
C SER M 77 15.73 -55.05 22.74
N GLU M 78 15.30 -55.64 23.86
CA GLU M 78 15.99 -56.79 24.44
C GLU M 78 16.17 -57.88 23.40
N GLY M 79 17.43 -58.24 23.17
CA GLY M 79 17.74 -59.30 22.23
C GLY M 79 17.45 -58.96 20.78
N SER M 80 17.69 -57.72 20.37
CA SER M 80 17.74 -57.44 18.95
C SER M 80 18.97 -58.10 18.34
N MET M 81 18.91 -58.35 17.04
CA MET M 81 20.08 -58.84 16.30
C MET M 81 20.93 -57.63 15.98
N GLN M 82 21.92 -57.35 16.81
CA GLN M 82 22.81 -56.22 16.58
C GLN M 82 23.66 -56.54 15.35
N VAL M 83 23.45 -55.79 14.26
CA VAL M 83 23.80 -56.23 12.92
C VAL M 83 24.76 -55.25 12.24
N ASP M 84 25.61 -55.77 11.36
CA ASP M 84 26.72 -55.05 10.77
C ASP M 84 26.30 -54.36 9.48
N ALA M 85 26.67 -53.07 9.37
CA ALA M 85 26.37 -52.31 8.16
C ALA M 85 27.08 -52.90 6.94
N SER M 86 28.38 -53.16 7.06
CA SER M 86 29.11 -53.71 5.92
C SER M 86 28.64 -55.13 5.60
N LYS M 87 28.58 -56.00 6.62
CA LYS M 87 28.29 -57.41 6.42
C LYS M 87 26.79 -57.65 6.64
N VAL M 88 26.02 -57.42 5.58
CA VAL M 88 24.58 -57.64 5.61
C VAL M 88 24.33 -59.07 5.14
N HIS M 89 24.20 -59.98 6.09
CA HIS M 89 24.10 -61.42 5.84
C HIS M 89 22.64 -61.81 5.65
N PRO M 90 22.37 -62.72 4.70
CA PRO M 90 20.98 -63.07 4.39
C PRO M 90 20.23 -63.66 5.57
N GLY M 91 18.92 -63.41 5.60
CA GLY M 91 18.02 -63.98 6.57
C GLY M 91 18.40 -63.77 8.02
N VAL M 92 19.26 -62.77 8.28
CA VAL M 92 19.65 -62.49 9.66
C VAL M 92 18.48 -61.89 10.43
N ILE M 93 17.73 -60.99 9.80
CA ILE M 93 16.45 -60.55 10.34
C ILE M 93 15.36 -61.42 9.73
N SER M 94 14.41 -61.85 10.55
CA SER M 94 13.39 -62.80 10.12
C SER M 94 12.12 -62.13 9.62
N GLY M 95 11.61 -61.14 10.35
CA GLY M 95 10.38 -60.48 9.94
C GLY M 95 10.36 -59.05 10.44
N LEU M 96 9.25 -58.36 10.15
CA LEU M 96 9.06 -57.04 10.73
C LEU M 96 8.86 -57.12 12.23
N ASN M 97 8.26 -58.22 12.71
CA ASN M 97 8.12 -58.41 14.15
C ASN M 97 9.47 -58.57 14.83
N SER M 98 10.47 -59.07 14.12
CA SER M 98 11.76 -59.36 14.72
C SER M 98 12.42 -58.07 15.19
N PRO M 99 12.87 -57.99 16.44
CA PRO M 99 13.68 -56.84 16.86
C PRO M 99 15.01 -56.84 16.13
N ALA M 100 15.40 -55.68 15.62
CA ALA M 100 16.59 -55.56 14.81
C ALA M 100 17.24 -54.22 15.05
N CYS M 101 18.55 -54.16 14.82
CA CYS M 101 19.30 -52.91 14.89
C CYS M 101 20.65 -53.10 14.20
N MET M 102 21.16 -52.01 13.63
CA MET M 102 22.50 -51.97 13.06
C MET M 102 23.44 -51.36 14.08
N LEU M 103 24.57 -52.00 14.33
CA LEU M 103 25.46 -51.47 15.35
C LEU M 103 26.17 -50.23 14.81
N SER M 104 26.39 -49.27 15.71
CA SER M 104 26.77 -47.93 15.30
C SER M 104 28.21 -47.85 14.82
N ALA M 105 29.07 -48.82 15.17
CA ALA M 105 30.48 -48.70 14.81
C ALA M 105 30.71 -48.63 13.30
N PRO M 106 30.18 -49.55 12.47
CA PRO M 106 30.47 -49.46 11.02
C PRO M 106 29.45 -48.61 10.27
N LEU M 107 28.27 -48.38 10.86
CA LEU M 107 27.32 -47.45 10.26
C LEU M 107 27.91 -46.04 10.20
N GLU M 108 28.60 -45.62 11.26
CA GLU M 108 29.34 -44.37 11.21
C GLU M 108 30.38 -44.39 10.10
N LYS M 109 31.01 -45.56 9.87
CA LYS M 109 31.98 -45.66 8.79
C LYS M 109 31.33 -45.47 7.43
N GLN M 110 30.09 -45.92 7.27
CA GLN M 110 29.43 -45.85 5.98
C GLN M 110 28.76 -44.52 5.71
N LEU M 111 28.19 -43.88 6.72
CA LEU M 111 27.64 -42.54 6.52
C LEU M 111 28.76 -41.60 6.12
N PHE M 112 29.71 -41.35 7.03
CA PHE M 112 30.88 -40.53 6.71
C PHE M 112 31.94 -41.39 6.01
N TYR M 113 31.52 -42.05 4.92
CA TYR M 113 32.50 -42.67 4.04
C TYR M 113 33.42 -41.62 3.46
N TYR M 114 32.86 -40.52 2.96
CA TYR M 114 33.63 -39.52 2.26
C TYR M 114 34.58 -38.81 3.22
N ILE M 115 35.65 -38.26 2.65
CA ILE M 115 36.64 -37.51 3.40
C ILE M 115 36.94 -36.24 2.62
N GLY M 116 37.39 -35.22 3.33
CA GLY M 116 37.72 -33.95 2.72
C GLY M 116 38.27 -33.00 3.76
N THR M 117 38.60 -31.80 3.30
CA THR M 117 39.09 -30.75 4.19
C THR M 117 37.89 -30.00 4.77
N MET M 118 37.73 -30.07 6.09
CA MET M 118 36.61 -29.41 6.75
C MET M 118 36.84 -27.91 6.85
N LEU M 119 37.92 -27.52 7.51
CA LEU M 119 38.29 -26.11 7.63
C LEU M 119 39.21 -25.75 6.46
N PRO M 120 38.77 -24.93 5.51
CA PRO M 120 39.65 -24.60 4.39
C PRO M 120 40.82 -23.74 4.80
N ASN M 121 41.70 -23.43 3.86
CA ASN M 121 42.62 -22.31 4.00
C ASN M 121 42.15 -21.09 3.22
N THR M 122 40.88 -21.09 2.81
CA THR M 122 40.27 -19.89 2.26
C THR M 122 40.35 -18.76 3.28
N ARG M 123 40.29 -17.52 2.76
CA ARG M 123 40.73 -16.35 3.52
C ARG M 123 40.16 -16.24 4.93
N PRO M 124 38.85 -16.38 5.17
CA PRO M 124 38.35 -16.16 6.53
C PRO M 124 38.74 -17.26 7.51
N HIS M 125 38.81 -18.52 7.08
CA HIS M 125 38.93 -19.62 8.03
C HIS M 125 40.37 -19.86 8.46
N SER M 126 41.32 -19.76 7.54
CA SER M 126 42.72 -20.03 7.89
C SER M 126 43.27 -19.01 8.87
N TYR M 127 42.66 -17.83 8.99
CA TYR M 127 43.08 -16.89 10.02
C TYR M 127 42.71 -17.37 11.42
N VAL M 128 41.72 -18.26 11.54
CA VAL M 128 41.10 -18.56 12.83
C VAL M 128 41.34 -20.02 13.21
N PHE M 129 41.47 -20.90 12.22
CA PHE M 129 41.44 -22.34 12.46
C PHE M 129 42.76 -22.99 12.08
N TYR M 130 43.29 -23.80 12.99
CA TYR M 130 44.29 -24.78 12.60
C TYR M 130 43.64 -25.73 11.63
N GLN M 131 44.08 -25.72 10.37
CA GLN M 131 43.36 -26.40 9.31
C GLN M 131 43.21 -27.89 9.62
N LEU M 132 42.01 -28.41 9.36
CA LEU M 132 41.62 -29.76 9.75
C LEU M 132 41.15 -30.54 8.54
N ARG M 133 41.34 -31.86 8.60
CA ARG M 133 40.92 -32.78 7.55
C ARG M 133 40.34 -34.01 8.22
N CYS M 134 39.02 -34.17 8.13
CA CYS M 134 38.30 -35.25 8.80
C CYS M 134 37.40 -35.97 7.81
N HIS M 135 37.02 -37.19 8.17
CA HIS M 135 35.92 -37.86 7.48
C HIS M 135 34.68 -36.99 7.62
N LEU M 136 34.05 -36.67 6.49
CA LEU M 136 33.00 -35.67 6.54
C LEU M 136 31.88 -35.99 5.56
N SER M 137 30.77 -35.28 5.75
CA SER M 137 29.66 -35.22 4.81
C SER M 137 29.28 -33.76 4.61
N TYR M 138 28.74 -33.44 3.43
CA TYR M 138 28.36 -32.06 3.17
C TYR M 138 27.06 -32.00 2.40
N VAL M 139 26.30 -30.94 2.67
CA VAL M 139 25.19 -30.50 1.84
C VAL M 139 25.64 -29.22 1.16
N ALA M 140 25.53 -29.18 -0.17
CA ALA M 140 26.05 -28.05 -0.94
C ALA M 140 25.06 -27.64 -2.01
N LEU M 141 24.93 -26.33 -2.22
CA LEU M 141 24.10 -25.78 -3.27
C LEU M 141 24.82 -24.58 -3.89
N SER M 142 24.47 -24.30 -5.14
CA SER M 142 24.96 -23.11 -5.82
C SER M 142 23.83 -22.51 -6.65
N ILE M 143 23.54 -21.24 -6.41
CA ILE M 143 22.44 -20.55 -7.07
C ILE M 143 22.93 -19.18 -7.51
N ASN M 144 22.04 -18.45 -8.16
CA ASN M 144 22.35 -17.15 -8.75
C ASN M 144 23.55 -17.26 -9.70
N GLY M 145 23.60 -18.35 -10.44
CA GLY M 145 24.69 -18.60 -11.36
C GLY M 145 26.03 -18.78 -10.69
N ASP M 146 26.06 -19.57 -9.62
CA ASP M 146 27.26 -19.86 -8.84
C ASP M 146 27.88 -18.61 -8.22
N LYS M 147 27.11 -17.55 -8.06
CA LYS M 147 27.56 -16.36 -7.36
C LYS M 147 26.96 -16.22 -5.97
N PHE M 148 26.10 -17.17 -5.58
CA PHE M 148 25.78 -17.40 -4.17
C PHE M 148 25.87 -18.90 -3.92
N GLN M 149 26.69 -19.29 -2.94
CA GLN M 149 26.91 -20.69 -2.63
C GLN M 149 26.75 -20.92 -1.13
N TYR M 150 26.24 -22.09 -0.78
CA TYR M 150 26.22 -22.54 0.61
C TYR M 150 26.72 -23.97 0.68
N THR M 151 27.45 -24.29 1.76
CA THR M 151 28.05 -25.60 1.92
C THR M 151 27.96 -26.01 3.38
N GLY M 152 27.13 -27.02 3.66
CA GLY M 152 26.98 -27.57 5.00
C GLY M 152 27.86 -28.75 5.33
N ALA M 153 29.17 -28.53 5.50
CA ALA M 153 30.08 -29.62 5.84
C ALA M 153 29.96 -30.01 7.30
N MET M 154 30.03 -31.31 7.56
CA MET M 154 29.77 -31.84 8.90
C MET M 154 30.61 -33.09 9.14
N THR M 155 30.85 -33.38 10.42
CA THR M 155 31.44 -34.62 10.87
C THR M 155 30.44 -35.34 11.78
N SER M 156 30.89 -36.43 12.38
CA SER M 156 30.10 -37.02 13.45
C SER M 156 30.12 -36.16 14.71
N LYS M 157 30.86 -35.06 14.71
CA LYS M 157 31.09 -34.26 15.90
C LYS M 157 30.54 -32.85 15.80
N PHE M 158 30.76 -32.15 14.68
CA PHE M 158 30.29 -30.76 14.55
C PHE M 158 29.97 -30.43 13.10
N LEU M 159 29.09 -29.46 12.92
CA LEU M 159 28.67 -28.99 11.61
C LEU M 159 29.12 -27.55 11.39
N MET M 160 29.69 -27.28 10.22
CA MET M 160 29.99 -25.93 9.79
C MET M 160 29.34 -25.70 8.43
N GLY M 161 28.27 -24.90 8.41
CA GLY M 161 27.72 -24.39 7.18
C GLY M 161 28.32 -23.02 6.89
N THR M 162 28.69 -22.79 5.64
CA THR M 162 29.36 -21.56 5.24
C THR M 162 28.69 -20.98 4.01
N TYR M 163 28.35 -19.70 4.07
CA TYR M 163 27.76 -18.99 2.94
C TYR M 163 28.84 -18.19 2.20
N LYS M 164 28.72 -18.14 0.88
CA LYS M 164 29.62 -17.32 0.07
C LYS M 164 28.83 -16.53 -0.96
N ARG M 165 29.08 -15.22 -1.02
CA ARG M 165 28.44 -14.34 -1.97
C ARG M 165 29.49 -13.68 -2.86
N VAL M 166 29.09 -13.39 -4.10
CA VAL M 166 29.92 -12.67 -5.06
C VAL M 166 29.18 -11.42 -5.49
N THR M 167 29.88 -10.28 -5.47
CA THR M 167 29.26 -8.96 -5.54
C THR M 167 29.07 -8.44 -6.96
N GLU M 168 29.23 -9.29 -7.97
CA GLU M 168 29.36 -8.98 -9.40
C GLU M 168 30.78 -8.58 -9.74
N LYS M 169 31.68 -8.51 -8.77
CA LYS M 169 33.10 -8.34 -8.99
C LYS M 169 33.84 -9.51 -8.34
N GLY M 170 35.17 -9.42 -8.33
CA GLY M 170 35.98 -10.49 -7.77
C GLY M 170 35.84 -10.64 -6.27
N ASP M 171 35.04 -9.79 -5.64
CA ASP M 171 34.90 -9.81 -4.19
C ASP M 171 34.07 -11.01 -3.73
N GLU M 172 34.57 -11.73 -2.73
CA GLU M 172 33.84 -12.83 -2.11
C GLU M 172 33.61 -12.48 -0.65
N HIS M 173 32.34 -12.47 -0.24
CA HIS M 173 31.95 -12.32 1.16
C HIS M 173 31.59 -13.69 1.73
N VAL M 174 32.17 -14.04 2.87
CA VAL M 174 32.11 -15.39 3.40
C VAL M 174 31.68 -15.33 4.87
N LEU M 175 30.70 -16.15 5.24
CA LEU M 175 30.20 -16.26 6.61
C LEU M 175 29.90 -17.72 6.89
N SER M 176 30.35 -18.22 8.04
CA SER M 176 30.18 -19.61 8.41
C SER M 176 29.54 -19.75 9.78
N LEU M 177 28.72 -20.79 9.93
CA LEU M 177 28.09 -21.13 11.20
C LEU M 177 28.59 -22.49 11.64
N ILE M 178 29.17 -22.56 12.84
CA ILE M 178 29.73 -23.78 13.38
C ILE M 178 28.84 -24.22 14.54
N PHE M 179 28.35 -25.46 14.49
CA PHE M 179 27.46 -25.98 15.51
C PHE M 179 27.84 -27.40 15.87
N GLY M 180 27.81 -27.69 17.18
CA GLY M 180 28.10 -29.01 17.67
C GLY M 180 28.23 -28.99 19.18
N LYS M 181 28.67 -30.12 19.73
CA LYS M 181 28.99 -30.18 21.14
C LYS M 181 30.17 -29.26 21.44
N THR M 182 30.09 -28.53 22.56
CA THR M 182 31.12 -27.55 22.89
C THR M 182 32.50 -28.19 22.95
N LYS M 183 32.61 -29.35 23.60
CA LYS M 183 33.90 -30.02 23.74
C LYS M 183 34.47 -30.42 22.39
N ASP M 184 33.62 -30.78 21.44
CA ASP M 184 34.05 -31.31 20.16
C ASP M 184 34.41 -30.22 19.16
N LEU M 185 34.38 -28.95 19.56
CA LEU M 185 34.67 -27.87 18.64
C LEU M 185 36.12 -27.94 18.17
N PRO M 186 36.41 -27.57 16.92
CA PRO M 186 37.76 -27.73 16.39
C PRO M 186 38.74 -26.73 17.01
N ASP M 187 40.02 -26.97 16.72
CA ASP M 187 41.10 -26.31 17.43
C ASP M 187 41.30 -24.88 16.94
N LEU M 188 41.28 -23.92 17.86
CA LEU M 188 41.49 -22.53 17.52
C LEU M 188 42.97 -22.22 17.36
N ARG M 189 43.27 -21.35 16.40
CA ARG M 189 44.63 -21.19 15.87
C ARG M 189 45.42 -20.07 16.53
N GLY M 190 44.96 -18.83 16.40
CA GLY M 190 45.71 -17.69 16.85
C GLY M 190 45.47 -17.39 18.31
N PRO M 191 45.46 -16.10 18.67
CA PRO M 191 45.08 -15.71 20.03
C PRO M 191 43.59 -15.85 20.25
N PHE M 192 42.92 -16.53 19.32
CA PHE M 192 41.47 -16.57 19.30
C PHE M 192 40.91 -17.34 20.48
N SER M 193 39.70 -16.95 20.87
CA SER M 193 39.04 -17.48 22.05
C SER M 193 37.58 -17.75 21.71
N TYR M 194 37.11 -18.95 22.03
CA TYR M 194 35.79 -19.38 21.57
C TYR M 194 34.63 -18.53 22.05
N PRO M 195 34.54 -18.11 23.33
CA PRO M 195 33.37 -17.31 23.73
C PRO M 195 33.18 -16.07 22.87
N SER M 196 34.27 -15.40 22.49
CA SER M 196 34.17 -14.27 21.58
C SER M 196 33.36 -14.60 20.34
N LEU M 197 33.37 -15.87 19.92
CA LEU M 197 32.70 -16.30 18.70
C LEU M 197 31.46 -17.14 18.95
N THR M 198 31.07 -17.35 20.21
CA THR M 198 29.96 -18.25 20.55
C THR M 198 28.68 -17.44 20.70
N SER M 199 27.75 -17.61 19.76
CA SER M 199 26.47 -16.92 19.80
C SER M 199 25.46 -17.59 20.71
N ALA M 200 25.61 -18.88 21.00
CA ALA M 200 24.63 -19.60 21.80
C ALA M 200 25.30 -20.82 22.41
N GLN M 201 25.22 -20.96 23.73
CA GLN M 201 25.89 -22.05 24.42
C GLN M 201 24.99 -22.55 25.54
N SER M 202 24.64 -23.83 25.47
CA SER M 202 23.71 -24.41 26.44
C SER M 202 24.15 -25.83 26.74
N GLY M 203 24.32 -26.13 28.03
CA GLY M 203 24.73 -27.45 28.43
C GLY M 203 25.98 -27.92 27.71
N ASP M 204 25.82 -28.89 26.81
CA ASP M 204 26.95 -29.46 26.10
C ASP M 204 27.14 -28.89 24.70
N TYR M 205 26.23 -28.06 24.21
CA TYR M 205 26.27 -27.63 22.81
C TYR M 205 26.57 -26.15 22.67
N SER M 206 26.95 -25.77 21.45
CA SER M 206 27.33 -24.41 21.12
C SER M 206 27.01 -24.12 19.66
N LEU M 207 26.90 -22.82 19.35
CA LEU M 207 26.74 -22.34 17.98
C LEU M 207 27.67 -21.16 17.78
N VAL M 208 28.67 -21.31 16.92
CA VAL M 208 29.75 -20.34 16.74
C VAL M 208 29.61 -19.69 15.37
N ILE M 209 29.89 -18.39 15.32
CA ILE M 209 29.79 -17.61 14.09
C ILE M 209 31.19 -17.08 13.75
N VAL M 210 31.62 -17.32 12.51
CA VAL M 210 32.97 -16.99 12.07
C VAL M 210 32.86 -16.16 10.80
N THR M 211 33.38 -14.93 10.84
CA THR M 211 33.39 -14.10 9.65
C THR M 211 34.16 -12.82 9.92
N THR M 212 34.49 -12.12 8.84
CA THR M 212 35.14 -10.83 8.93
C THR M 212 34.15 -9.78 9.45
N PHE M 213 34.67 -8.80 10.20
CA PHE M 213 33.85 -7.63 10.51
C PHE M 213 33.35 -6.99 9.22
N VAL M 214 34.16 -7.04 8.16
CA VAL M 214 33.73 -6.60 6.84
C VAL M 214 32.54 -7.43 6.37
N HIS M 215 32.66 -8.76 6.47
CA HIS M 215 31.68 -9.63 5.83
C HIS M 215 30.38 -9.71 6.63
N TYR M 216 30.46 -9.66 7.96
CA TYR M 216 29.24 -9.69 8.76
C TYR M 216 28.31 -8.57 8.38
N ALA M 217 28.87 -7.38 8.09
CA ALA M 217 28.04 -6.27 7.64
C ALA M 217 27.44 -6.56 6.27
N ASN M 218 28.23 -7.13 5.35
CA ASN M 218 27.75 -7.38 4.00
C ASN M 218 26.62 -8.40 3.97
N PHE M 219 26.55 -9.28 4.97
CA PHE M 219 25.43 -10.20 5.09
C PHE M 219 24.30 -9.62 5.93
N HIS M 220 24.62 -8.69 6.84
CA HIS M 220 23.61 -8.11 7.71
C HIS M 220 22.55 -7.34 6.92
N ASN M 221 22.84 -6.99 5.66
CA ASN M 221 21.83 -6.34 4.83
C ASN M 221 20.62 -7.23 4.61
N TYR M 222 20.85 -8.49 4.28
CA TYR M 222 19.78 -9.40 3.88
C TYR M 222 19.66 -10.63 4.76
N PHE M 223 20.51 -10.78 5.77
CA PHE M 223 20.58 -12.03 6.54
C PHE M 223 20.77 -11.69 8.02
N VAL M 224 19.67 -11.67 8.76
CA VAL M 224 19.72 -11.50 10.21
C VAL M 224 19.02 -12.70 10.83
N PRO M 225 19.72 -13.80 11.06
CA PRO M 225 19.06 -14.98 11.63
C PRO M 225 18.61 -14.72 13.07
N ASN M 226 17.57 -15.44 13.47
CA ASN M 226 17.23 -15.54 14.88
C ASN M 226 18.13 -16.64 15.45
N LEU M 227 19.38 -16.24 15.74
CA LEU M 227 20.36 -17.20 16.23
C LEU M 227 19.85 -17.93 17.47
N LYS M 228 19.03 -17.26 18.27
CA LYS M 228 18.46 -17.90 19.45
C LYS M 228 17.55 -19.07 19.07
N ASP M 229 16.61 -18.84 18.15
CA ASP M 229 15.60 -19.84 17.86
C ASP M 229 16.17 -21.02 17.09
N MET M 230 17.09 -20.77 16.15
CA MET M 230 17.70 -21.88 15.41
C MET M 230 18.40 -22.86 16.35
N PHE M 231 19.15 -22.31 17.32
CA PHE M 231 19.94 -23.14 18.23
C PHE M 231 19.05 -24.04 19.07
N SER M 232 17.94 -23.51 19.58
CA SER M 232 17.01 -24.33 20.35
C SER M 232 16.40 -25.43 19.47
N ARG M 233 15.99 -25.07 18.26
CA ARG M 233 15.43 -26.07 17.35
C ARG M 233 16.47 -27.11 16.98
N ALA M 234 17.72 -26.69 16.78
CA ALA M 234 18.78 -27.65 16.50
C ALA M 234 19.01 -28.58 17.68
N VAL M 235 18.91 -28.06 18.90
CA VAL M 235 19.25 -28.82 20.09
C VAL M 235 18.05 -29.65 20.55
N THR M 236 16.95 -28.97 20.90
CA THR M 236 15.86 -29.63 21.60
C THR M 236 15.07 -30.58 20.72
N MET M 237 15.16 -30.47 19.41
CA MET M 237 14.34 -31.29 18.52
C MET M 237 15.00 -32.64 18.25
N THR M 238 14.17 -33.66 18.15
CA THR M 238 14.65 -34.98 17.76
C THR M 238 15.06 -34.98 16.29
N ALA M 239 16.08 -35.77 15.97
CA ALA M 239 16.69 -35.70 14.64
C ALA M 239 15.68 -36.02 13.53
N ALA M 240 14.73 -36.91 13.78
CA ALA M 240 13.72 -37.20 12.77
C ALA M 240 12.74 -36.05 12.63
N SER M 241 12.32 -35.45 13.76
CA SER M 241 11.36 -34.36 13.71
C SER M 241 11.97 -33.08 13.15
N TYR M 242 13.26 -32.85 13.40
CA TYR M 242 13.94 -31.71 12.79
C TYR M 242 13.95 -31.83 11.27
N ALA M 243 14.18 -33.04 10.76
CA ALA M 243 14.17 -33.26 9.32
C ALA M 243 12.80 -32.98 8.71
N ARG M 244 11.73 -33.25 9.46
CA ARG M 244 10.40 -32.92 8.98
C ARG M 244 10.13 -31.42 9.06
N TYR M 245 10.56 -30.79 10.15
CA TYR M 245 10.39 -29.34 10.30
C TYR M 245 10.96 -28.60 9.11
N VAL M 246 12.19 -28.93 8.72
CA VAL M 246 12.78 -28.35 7.52
C VAL M 246 12.02 -28.81 6.28
N LEU M 247 11.65 -30.09 6.25
CA LEU M 247 10.86 -30.61 5.13
C LEU M 247 9.54 -29.87 4.99
N GLN M 248 8.97 -29.42 6.12
CA GLN M 248 7.80 -28.56 6.08
C GLN M 248 8.11 -27.24 5.38
N LYS M 249 9.19 -26.58 5.80
CA LYS M 249 9.50 -25.26 5.24
C LYS M 249 9.78 -25.35 3.74
N LEU M 250 10.39 -26.44 3.29
CA LEU M 250 10.73 -26.58 1.88
C LEU M 250 9.49 -26.76 1.02
N VAL M 251 8.69 -27.79 1.32
CA VAL M 251 7.52 -28.08 0.50
C VAL M 251 6.51 -26.94 0.56
N LEU M 252 6.39 -26.27 1.70
CA LEU M 252 5.51 -25.11 1.81
C LEU M 252 6.14 -23.84 1.26
N LEU M 253 7.39 -23.91 0.79
CA LEU M 253 7.98 -22.83 -0.01
C LEU M 253 8.01 -23.18 -1.50
N GLU M 254 8.07 -24.46 -1.83
CA GLU M 254 8.33 -24.88 -3.20
C GLU M 254 7.14 -24.61 -4.11
N MET M 255 5.96 -25.11 -3.72
CA MET M 255 4.78 -24.85 -4.54
C MET M 255 4.45 -23.36 -4.58
N LYS M 256 4.85 -22.62 -3.55
CA LYS M 256 4.74 -21.17 -3.58
C LYS M 256 5.85 -20.59 -4.45
N GLY M 257 5.76 -19.30 -4.72
CA GLY M 257 6.69 -18.66 -5.63
C GLY M 257 8.06 -18.43 -5.02
N GLY M 258 8.47 -19.32 -4.13
CA GLY M 258 9.69 -19.13 -3.37
C GLY M 258 10.97 -19.58 -4.03
N CYS M 259 11.02 -20.83 -4.49
CA CYS M 259 12.28 -21.43 -4.92
C CYS M 259 12.35 -21.72 -6.42
N ARG M 260 11.50 -21.08 -7.23
CA ARG M 260 11.77 -21.10 -8.66
C ARG M 260 12.84 -20.07 -9.01
N GLU M 261 12.65 -18.82 -8.58
CA GLU M 261 13.70 -17.82 -8.52
C GLU M 261 13.90 -17.49 -7.05
N PRO M 262 14.91 -18.06 -6.39
CA PRO M 262 15.01 -17.92 -4.93
C PRO M 262 15.23 -16.48 -4.51
N GLU M 263 14.72 -16.15 -3.33
CA GLU M 263 14.89 -14.84 -2.72
C GLU M 263 15.97 -14.93 -1.65
N LEU M 264 16.98 -14.07 -1.75
CA LEU M 264 18.15 -14.11 -0.88
C LEU M 264 17.84 -13.41 0.46
N ASP M 265 16.78 -13.88 1.11
CA ASP M 265 16.28 -13.26 2.32
C ASP M 265 16.72 -14.06 3.55
N THR M 266 16.36 -13.53 4.71
CA THR M 266 16.76 -14.14 5.98
C THR M 266 16.23 -15.56 6.11
N GLU M 267 14.99 -15.78 5.70
CA GLU M 267 14.34 -17.07 5.94
C GLU M 267 14.96 -18.18 5.12
N THR M 268 15.15 -17.94 3.81
CA THR M 268 15.70 -18.99 2.95
C THR M 268 17.13 -19.35 3.35
N LEU M 269 17.96 -18.34 3.63
CA LEU M 269 19.32 -18.61 4.10
C LEU M 269 19.29 -19.32 5.45
N THR M 270 18.37 -18.94 6.33
CA THR M 270 18.18 -19.64 7.59
C THR M 270 17.90 -21.11 7.34
N THR M 271 17.02 -21.39 6.39
CA THR M 271 16.65 -22.77 6.09
C THR M 271 17.85 -23.55 5.55
N MET M 272 18.66 -22.92 4.70
CA MET M 272 19.83 -23.60 4.13
C MET M 272 20.69 -24.22 5.24
N PHE M 273 20.97 -23.44 6.27
CA PHE M 273 21.73 -23.96 7.40
C PHE M 273 20.96 -25.06 8.11
N GLU M 274 19.65 -24.87 8.31
CA GLU M 274 18.85 -25.87 9.03
C GLU M 274 18.76 -27.17 8.24
N VAL M 275 18.91 -27.12 6.91
CA VAL M 275 19.01 -28.36 6.14
C VAL M 275 20.23 -29.15 6.58
N SER M 276 21.39 -28.49 6.66
CA SER M 276 22.61 -29.17 7.07
C SER M 276 22.48 -29.73 8.48
N VAL M 277 21.79 -29.00 9.36
CA VAL M 277 21.56 -29.49 10.72
C VAL M 277 20.75 -30.77 10.69
N ALA M 278 19.72 -30.83 9.84
CA ALA M 278 18.86 -32.00 9.82
C ALA M 278 19.64 -33.28 9.50
N PHE M 279 20.53 -33.21 8.50
CA PHE M 279 21.41 -34.34 8.23
C PHE M 279 22.42 -34.52 9.37
N PHE M 280 22.98 -33.42 9.87
CA PHE M 280 24.01 -33.54 10.89
C PHE M 280 23.46 -34.13 12.18
N LYS M 281 22.25 -33.73 12.58
CA LYS M 281 21.67 -34.25 13.81
C LYS M 281 21.51 -35.76 13.76
N VAL M 282 21.32 -36.32 12.57
CA VAL M 282 21.21 -37.77 12.42
C VAL M 282 22.59 -38.42 12.53
N GLY M 283 23.56 -37.92 11.76
CA GLY M 283 24.91 -38.45 11.85
C GLY M 283 25.51 -38.27 13.24
N HIS M 284 25.30 -37.08 13.83
CA HIS M 284 25.77 -36.83 15.19
C HIS M 284 25.14 -37.80 16.19
N ALA M 285 23.83 -38.05 16.05
CA ALA M 285 23.15 -38.94 16.99
C ALA M 285 23.71 -40.35 16.92
N VAL M 286 24.03 -40.82 15.71
CA VAL M 286 24.60 -42.16 15.56
C VAL M 286 26.02 -42.20 16.12
N GLY M 287 26.84 -41.21 15.78
CA GLY M 287 28.24 -41.23 16.18
C GLY M 287 28.42 -41.06 17.68
N GLU M 288 27.68 -40.14 18.30
CA GLU M 288 27.91 -39.79 19.71
C GLU M 288 27.43 -40.88 20.66
N THR M 289 26.56 -41.79 20.21
CA THR M 289 26.11 -42.85 21.11
C THR M 289 27.22 -43.83 21.48
N GLY M 290 28.34 -43.81 20.75
CA GLY M 290 29.42 -44.73 21.03
C GLY M 290 29.18 -46.11 20.45
N ASN M 291 29.92 -47.08 21.00
CA ASN M 291 30.02 -48.40 20.39
C ASN M 291 28.78 -49.26 20.61
N GLY M 292 27.63 -48.78 20.15
CA GLY M 292 26.39 -49.48 20.38
C GLY M 292 25.65 -49.98 19.15
N CYS M 293 24.32 -49.87 19.18
CA CYS M 293 23.47 -50.35 18.10
C CYS M 293 22.24 -49.46 18.00
N VAL M 294 21.83 -49.15 16.78
CA VAL M 294 20.72 -48.23 16.54
C VAL M 294 19.51 -49.03 16.10
N ASP M 295 18.44 -48.98 16.89
CA ASP M 295 17.20 -49.69 16.59
C ASP M 295 16.74 -49.41 15.17
N LEU M 296 16.47 -50.48 14.43
CA LEU M 296 16.12 -50.33 13.01
C LEU M 296 14.86 -49.49 12.84
N ARG M 297 13.92 -49.59 13.78
CA ARG M 297 12.71 -48.79 13.66
C ARG M 297 13.01 -47.30 13.75
N TRP M 298 13.98 -46.92 14.57
CA TRP M 298 14.45 -45.53 14.59
C TRP M 298 15.11 -45.17 13.27
N LEU M 299 15.95 -46.06 12.74
CA LEU M 299 16.65 -45.77 11.49
C LEU M 299 15.67 -45.59 10.33
N ALA M 300 14.65 -46.44 10.25
CA ALA M 300 13.68 -46.34 9.18
C ALA M 300 12.96 -45.00 9.22
N LYS M 301 12.58 -44.56 10.43
CA LYS M 301 11.89 -43.30 10.58
C LYS M 301 12.79 -42.13 10.17
N SER M 302 13.99 -42.06 10.73
CA SER M 302 14.85 -40.90 10.49
C SER M 302 15.37 -40.86 9.06
N PHE M 303 15.76 -42.01 8.49
CA PHE M 303 16.29 -42.02 7.15
C PHE M 303 15.21 -41.95 6.08
N PHE M 304 13.95 -42.20 6.45
CA PHE M 304 12.86 -41.83 5.56
C PHE M 304 12.81 -40.32 5.37
N GLU M 305 12.88 -39.56 6.47
CA GLU M 305 12.74 -38.11 6.38
C GLU M 305 13.87 -37.50 5.57
N LEU M 306 15.11 -37.93 5.81
CA LEU M 306 16.24 -37.39 5.05
C LEU M 306 16.10 -37.71 3.57
N THR M 307 15.62 -38.92 3.25
CA THR M 307 15.44 -39.31 1.86
C THR M 307 14.40 -38.42 1.17
N VAL M 308 13.33 -38.06 1.87
CA VAL M 308 12.39 -37.11 1.31
C VAL M 308 13.01 -35.73 1.27
N LEU M 309 13.73 -35.35 2.33
CA LEU M 309 14.42 -34.06 2.33
C LEU M 309 15.50 -34.02 1.25
N LYS M 310 16.12 -35.16 0.97
CA LYS M 310 17.10 -35.23 -0.11
C LYS M 310 16.45 -34.97 -1.47
N ASP M 311 15.22 -35.47 -1.67
CA ASP M 311 14.51 -35.22 -2.92
C ASP M 311 14.13 -33.76 -3.07
N ILE M 312 13.52 -33.19 -2.03
CA ILE M 312 12.97 -31.84 -2.12
C ILE M 312 14.09 -30.80 -2.25
N ILE M 313 15.27 -31.12 -1.76
CA ILE M 313 16.42 -30.24 -1.91
C ILE M 313 16.99 -30.31 -3.32
N GLY M 314 16.91 -31.48 -3.96
CA GLY M 314 17.33 -31.59 -5.35
C GLY M 314 16.48 -30.76 -6.29
N ILE M 315 15.21 -30.58 -5.97
CA ILE M 315 14.30 -29.91 -6.91
C ILE M 315 14.24 -28.39 -6.69
N CYS M 316 14.44 -27.91 -5.45
CA CYS M 316 14.45 -26.47 -5.24
C CYS M 316 15.77 -25.86 -5.72
N TYR M 317 16.89 -26.38 -5.23
CA TYR M 317 18.21 -25.85 -5.54
C TYR M 317 19.04 -26.91 -6.25
N GLY M 318 20.05 -26.46 -6.98
CA GLY M 318 20.97 -27.38 -7.61
C GLY M 318 21.89 -27.99 -6.57
N ALA M 319 21.30 -28.71 -5.63
CA ALA M 319 21.97 -29.07 -4.38
C ALA M 319 22.22 -30.56 -4.28
N THR M 320 23.30 -30.91 -3.61
CA THR M 320 23.79 -32.27 -3.51
C THR M 320 24.01 -32.65 -2.06
N VAL M 321 23.72 -33.91 -1.74
CA VAL M 321 24.10 -34.51 -0.46
C VAL M 321 25.15 -35.56 -0.75
N LYS M 322 26.29 -35.46 -0.07
CA LYS M 322 27.41 -36.38 -0.29
C LYS M 322 27.88 -36.88 1.08
N GLY M 323 27.48 -38.10 1.44
CA GLY M 323 28.02 -38.73 2.64
C GLY M 323 27.07 -38.92 3.80
N MET M 324 25.80 -39.22 3.54
CA MET M 324 24.87 -39.56 4.62
C MET M 324 23.95 -40.70 4.20
N GLN M 325 24.50 -41.70 3.52
CA GLN M 325 23.71 -42.88 3.20
C GLN M 325 24.62 -44.10 3.23
N SER M 326 24.15 -45.15 3.90
CA SER M 326 24.88 -46.40 4.02
C SER M 326 24.15 -47.46 3.21
N TYR M 327 24.85 -48.07 2.26
CA TYR M 327 24.24 -49.16 1.50
C TYR M 327 23.83 -50.31 2.42
N GLY M 328 24.49 -50.43 3.58
CA GLY M 328 24.15 -51.50 4.50
C GLY M 328 22.73 -51.39 5.03
N LEU M 329 22.34 -50.20 5.47
CA LEU M 329 20.96 -49.99 5.89
C LEU M 329 20.00 -50.19 4.74
N GLU M 330 20.44 -49.86 3.52
CA GLU M 330 19.57 -50.03 2.37
C GLU M 330 19.38 -51.50 2.03
N ARG M 331 20.45 -52.30 2.09
CA ARG M 331 20.30 -53.74 1.88
C ARG M 331 19.50 -54.37 3.01
N LEU M 332 19.77 -53.95 4.25
CA LEU M 332 19.01 -54.46 5.39
C LEU M 332 17.52 -54.20 5.21
N ALA M 333 17.16 -52.95 4.89
CA ALA M 333 15.76 -52.63 4.69
C ALA M 333 15.18 -53.41 3.51
N ALA M 334 15.94 -53.51 2.41
CA ALA M 334 15.44 -54.19 1.22
C ALA M 334 15.17 -55.66 1.50
N MET M 335 16.04 -56.33 2.26
CA MET M 335 15.82 -57.74 2.55
C MET M 335 14.61 -57.95 3.46
N LEU M 336 14.30 -56.98 4.32
CA LEU M 336 13.11 -57.10 5.15
C LEU M 336 11.81 -56.93 4.35
N MET M 337 11.87 -56.30 3.18
CA MET M 337 10.69 -56.15 2.34
C MET M 337 10.46 -57.35 1.43
N ALA M 338 11.35 -58.34 1.45
CA ALA M 338 11.01 -59.65 0.94
C ALA M 338 10.25 -60.47 1.97
N THR M 339 10.26 -60.04 3.22
CA THR M 339 9.59 -60.80 4.28
C THR M 339 8.08 -60.74 4.15
N VAL M 340 7.54 -59.55 3.98
CA VAL M 340 6.15 -59.30 4.30
C VAL M 340 5.31 -59.31 3.03
N LYS M 341 4.05 -59.69 3.20
CA LYS M 341 3.05 -59.71 2.13
C LYS M 341 2.71 -58.29 1.73
N MET M 342 3.23 -57.86 0.58
CA MET M 342 2.91 -56.52 0.08
C MET M 342 1.43 -56.38 -0.22
N GLU M 343 0.76 -57.47 -0.60
CA GLU M 343 -0.66 -57.37 -0.91
C GLU M 343 -1.51 -57.13 0.34
N GLU M 344 -1.09 -57.66 1.49
CA GLU M 344 -1.84 -57.53 2.73
C GLU M 344 -1.18 -56.57 3.73
N LEU M 345 -0.36 -55.64 3.24
CA LEU M 345 0.34 -54.73 4.14
C LEU M 345 -0.63 -53.86 4.91
N GLY M 346 -1.70 -53.38 4.26
CA GLY M 346 -2.67 -52.51 4.90
C GLY M 346 -3.46 -53.17 6.01
N HIS M 347 -3.44 -54.50 6.09
CA HIS M 347 -4.13 -55.21 7.16
C HIS M 347 -3.44 -55.05 8.52
N LEU M 348 -2.21 -54.55 8.56
CA LEU M 348 -1.42 -54.58 9.77
C LEU M 348 -1.66 -53.33 10.62
N THR M 349 -0.80 -53.14 11.62
CA THR M 349 -0.95 -52.05 12.57
C THR M 349 -0.63 -50.70 11.93
N THR M 350 -1.18 -49.64 12.53
CA THR M 350 -0.70 -48.29 12.30
C THR M 350 0.82 -48.25 12.39
N GLU M 351 1.35 -48.78 13.49
CA GLU M 351 2.79 -48.76 13.73
C GLU M 351 3.54 -49.58 12.68
N LYS M 352 3.07 -50.78 12.39
CA LYS M 352 3.81 -51.66 11.49
C LYS M 352 3.77 -51.15 10.05
N GLN M 353 2.66 -50.53 9.65
CA GLN M 353 2.58 -49.98 8.29
C GLN M 353 3.62 -48.88 8.08
N GLU M 354 3.72 -47.94 9.02
CA GLU M 354 4.71 -46.88 8.90
C GLU M 354 6.11 -47.46 8.81
N TYR M 355 6.44 -48.36 9.73
CA TYR M 355 7.76 -48.97 9.76
C TYR M 355 8.04 -49.76 8.48
N ALA M 356 7.01 -50.38 7.90
CA ALA M 356 7.20 -51.11 6.65
C ALA M 356 7.43 -50.17 5.48
N LEU M 357 6.57 -49.16 5.34
CA LEU M 357 6.71 -48.23 4.21
C LEU M 357 8.00 -47.43 4.31
N ARG M 358 8.41 -47.08 5.54
CA ARG M 358 9.69 -46.42 5.73
C ARG M 358 10.83 -47.28 5.19
N LEU M 359 10.89 -48.53 5.61
CA LEU M 359 11.90 -49.44 5.06
C LEU M 359 11.77 -49.56 3.55
N ALA M 360 10.53 -49.54 3.04
CA ALA M 360 10.32 -49.71 1.60
C ALA M 360 10.97 -48.59 0.80
N THR M 361 10.76 -47.33 1.22
CA THR M 361 11.46 -46.23 0.56
C THR M 361 12.96 -46.36 0.71
N VAL M 362 13.41 -46.64 1.94
CA VAL M 362 14.84 -46.68 2.22
C VAL M 362 15.51 -47.87 1.54
N GLY M 363 14.76 -48.96 1.33
CA GLY M 363 15.36 -50.21 0.93
C GLY M 363 16.01 -50.21 -0.45
N TYR M 364 15.20 -50.15 -1.50
CA TYR M 364 15.70 -49.70 -2.79
C TYR M 364 15.33 -48.24 -2.92
N PRO M 365 16.26 -47.31 -2.76
CA PRO M 365 16.04 -45.97 -3.35
C PRO M 365 16.13 -46.11 -4.86
N LYS M 366 16.04 -45.01 -5.60
CA LYS M 366 16.01 -45.05 -7.07
C LYS M 366 14.98 -46.09 -7.54
N ALA M 367 13.74 -45.89 -7.08
CA ALA M 367 12.69 -46.90 -7.15
C ALA M 367 12.59 -47.53 -8.54
N GLY M 368 12.17 -48.81 -8.56
CA GLY M 368 12.11 -49.56 -9.80
C GLY M 368 13.11 -50.69 -9.97
N VAL M 369 13.39 -51.45 -8.90
CA VAL M 369 14.18 -52.68 -8.97
C VAL M 369 13.27 -53.91 -8.90
N TYR M 370 12.57 -54.08 -7.78
CA TYR M 370 11.46 -55.03 -7.65
C TYR M 370 10.22 -54.20 -7.38
N SER M 371 9.34 -54.10 -8.37
CA SER M 371 8.22 -53.16 -8.35
C SER M 371 7.01 -53.68 -7.59
N GLY M 372 7.16 -54.72 -6.77
CA GLY M 372 6.09 -55.14 -5.90
C GLY M 372 5.92 -54.27 -4.67
N LEU M 373 6.84 -53.34 -4.43
CA LEU M 373 6.70 -52.43 -3.30
C LEU M 373 5.51 -51.49 -3.50
N ILE M 374 5.16 -51.20 -4.76
CA ILE M 374 4.03 -50.33 -5.04
C ILE M 374 2.75 -50.92 -4.49
N GLY M 375 2.55 -52.24 -4.69
CA GLY M 375 1.35 -52.88 -4.20
C GLY M 375 1.20 -52.79 -2.69
N GLY M 376 2.32 -52.73 -1.98
CA GLY M 376 2.25 -52.53 -0.53
C GLY M 376 1.65 -51.18 -0.16
N ALA M 377 2.16 -50.12 -0.78
CA ALA M 377 1.57 -48.81 -0.53
C ALA M 377 0.12 -48.76 -1.00
N THR M 378 -0.17 -49.44 -2.11
CA THR M 378 -1.55 -49.55 -2.59
C THR M 378 -2.43 -50.26 -1.58
N SER M 379 -1.91 -51.33 -0.97
CA SER M 379 -2.67 -52.04 0.06
C SER M 379 -2.95 -51.15 1.27
N VAL M 380 -1.98 -50.30 1.62
CA VAL M 380 -2.19 -49.35 2.70
C VAL M 380 -3.31 -48.38 2.36
N LEU M 381 -3.28 -47.84 1.14
CA LEU M 381 -4.30 -46.87 0.73
C LEU M 381 -5.68 -47.52 0.69
N LEU M 382 -5.78 -48.74 0.16
CA LEU M 382 -7.07 -49.41 0.09
C LEU M 382 -7.62 -49.70 1.48
N SER M 383 -6.82 -50.33 2.34
CA SER M 383 -7.26 -50.62 3.69
C SER M 383 -7.52 -49.32 4.47
N ALA M 384 -6.86 -48.24 4.09
CA ALA M 384 -7.20 -46.95 4.68
C ALA M 384 -8.52 -46.44 4.13
N TYR M 385 -8.77 -46.62 2.83
CA TYR M 385 -9.93 -46.02 2.18
C TYR M 385 -11.23 -46.56 2.76
N ASN M 386 -11.37 -47.88 2.84
CA ASN M 386 -12.63 -48.47 3.28
C ASN M 386 -12.95 -48.11 4.72
N ARG M 387 -11.96 -48.19 5.61
CA ARG M 387 -12.18 -47.81 7.00
C ARG M 387 -12.31 -46.30 7.15
N HIS M 388 -11.73 -45.52 6.23
CA HIS M 388 -11.89 -44.09 6.27
C HIS M 388 -13.28 -43.72 5.78
N PRO M 389 -14.04 -42.92 6.54
CA PRO M 389 -15.28 -42.37 6.00
C PRO M 389 -15.00 -41.61 4.72
N LEU M 390 -15.51 -42.11 3.61
CA LEU M 390 -15.19 -41.55 2.30
C LEU M 390 -15.56 -40.07 2.25
N PHE M 391 -14.83 -39.33 1.40
CA PHE M 391 -14.98 -37.89 1.16
C PHE M 391 -14.55 -37.03 2.34
N GLN M 392 -14.25 -37.64 3.48
CA GLN M 392 -13.94 -36.84 4.66
C GLN M 392 -12.49 -36.39 4.64
N PRO M 393 -12.19 -35.26 5.28
CA PRO M 393 -10.79 -34.88 5.50
C PRO M 393 -10.12 -35.90 6.41
N LEU M 394 -9.09 -36.56 5.89
CA LEU M 394 -8.40 -37.57 6.68
C LEU M 394 -7.74 -36.91 7.88
N HIS M 395 -7.93 -37.50 9.06
CA HIS M 395 -7.31 -36.95 10.24
C HIS M 395 -5.81 -37.20 10.21
N THR M 396 -5.10 -36.46 11.06
CA THR M 396 -3.64 -36.42 10.97
C THR M 396 -2.99 -37.78 11.14
N VAL M 397 -3.70 -38.73 11.76
CA VAL M 397 -3.16 -40.09 11.88
C VAL M 397 -3.02 -40.72 10.51
N MET M 398 -4.15 -40.83 9.80
CA MET M 398 -4.14 -41.53 8.52
C MET M 398 -3.31 -40.77 7.48
N ARG M 399 -3.38 -39.44 7.50
CA ARG M 399 -2.65 -38.63 6.51
C ARG M 399 -1.14 -38.87 6.61
N GLU M 400 -0.61 -38.85 7.85
CA GLU M 400 0.82 -39.12 8.04
C GLU M 400 1.18 -40.51 7.55
N THR M 401 0.35 -41.50 7.87
CA THR M 401 0.55 -42.85 7.35
C THR M 401 0.61 -42.86 5.84
N LEU M 402 -0.38 -42.22 5.19
CA LEU M 402 -0.46 -42.28 3.73
C LEU M 402 0.64 -41.46 3.07
N PHE M 403 1.12 -40.40 3.72
CA PHE M 403 2.23 -39.64 3.15
C PHE M 403 3.46 -40.51 3.00
N ILE M 404 3.75 -41.34 4.00
CA ILE M 404 4.90 -42.22 3.94
C ILE M 404 4.74 -43.23 2.81
N GLY M 405 3.54 -43.77 2.64
CA GLY M 405 3.28 -44.68 1.54
C GLY M 405 3.26 -44.01 0.19
N SER M 406 3.06 -42.70 0.15
CA SER M 406 2.98 -42.00 -1.13
C SER M 406 4.34 -41.87 -1.80
N HIS M 407 5.44 -41.80 -1.02
CA HIS M 407 6.74 -41.52 -1.62
C HIS M 407 7.21 -42.66 -2.51
N VAL M 408 6.93 -43.91 -2.13
CA VAL M 408 7.30 -45.04 -2.98
C VAL M 408 6.63 -44.92 -4.33
N VAL M 409 5.32 -44.62 -4.32
CA VAL M 409 4.58 -44.44 -5.56
C VAL M 409 5.15 -43.27 -6.35
N LEU M 410 5.54 -42.20 -5.65
CA LEU M 410 5.94 -40.97 -6.33
C LEU M 410 7.16 -41.18 -7.22
N ARG M 411 8.11 -42.02 -6.80
CA ARG M 411 9.32 -42.21 -7.59
C ARG M 411 9.11 -43.17 -8.75
N GLU M 412 8.06 -44.00 -8.73
CA GLU M 412 7.72 -44.76 -9.91
C GLU M 412 7.20 -43.85 -11.02
N LEU M 413 6.40 -42.85 -10.65
CA LEU M 413 5.90 -41.88 -11.61
C LEU M 413 7.01 -41.04 -12.23
N ARG M 414 8.15 -40.93 -11.55
CA ARG M 414 9.30 -40.26 -12.15
C ARG M 414 9.82 -41.02 -13.36
N LEU M 415 9.70 -42.35 -13.35
CA LEU M 415 10.31 -43.18 -14.39
C LEU M 415 9.57 -43.08 -15.72
N ASN M 416 10.30 -43.29 -16.80
CA ASN M 416 9.68 -43.52 -18.10
C ASN M 416 9.12 -44.92 -18.22
N VAL M 417 9.74 -45.89 -17.56
CA VAL M 417 9.28 -47.27 -17.56
C VAL M 417 8.05 -47.39 -16.67
N THR M 418 7.09 -48.22 -17.11
CA THR M 418 5.81 -48.33 -16.41
C THR M 418 5.97 -49.05 -15.07
N THR M 419 6.76 -50.12 -15.06
CA THR M 419 6.95 -50.95 -13.87
C THR M 419 5.62 -51.43 -13.30
N GLN M 420 4.90 -52.22 -14.10
CA GLN M 420 3.64 -52.81 -13.65
C GLN M 420 2.58 -51.79 -13.27
N GLY M 421 2.05 -51.08 -14.26
CA GLY M 421 0.95 -50.16 -14.09
C GLY M 421 -0.18 -50.53 -13.14
N PRO M 422 -0.70 -51.81 -13.18
CA PRO M 422 -1.91 -52.15 -12.40
C PRO M 422 -1.98 -51.59 -10.98
N ASN M 423 -0.99 -51.88 -10.14
CA ASN M 423 -1.01 -51.30 -8.79
C ASN M 423 -0.94 -49.78 -8.85
N LEU M 424 -0.10 -49.24 -9.74
CA LEU M 424 0.08 -47.80 -9.84
C LEU M 424 -1.23 -47.11 -10.20
N ALA M 425 -1.97 -47.65 -11.16
CA ALA M 425 -3.24 -47.06 -11.54
C ALA M 425 -4.25 -47.10 -10.39
N LEU M 426 -4.28 -48.23 -9.66
CA LEU M 426 -5.21 -48.36 -8.55
C LEU M 426 -4.94 -47.32 -7.46
N TYR M 427 -3.67 -46.96 -7.26
CA TYR M 427 -3.36 -45.92 -6.29
C TYR M 427 -3.94 -44.57 -6.70
N GLN M 428 -3.71 -44.18 -7.95
CA GLN M 428 -4.22 -42.89 -8.43
C GLN M 428 -5.73 -42.85 -8.37
N LEU M 429 -6.39 -43.96 -8.72
CA LEU M 429 -7.84 -44.02 -8.67
C LEU M 429 -8.34 -43.82 -7.24
N LEU M 430 -7.72 -44.50 -6.27
CA LEU M 430 -8.11 -44.31 -4.88
C LEU M 430 -7.78 -42.89 -4.40
N SER M 431 -6.66 -42.34 -4.88
CA SER M 431 -6.36 -40.94 -4.60
C SER M 431 -7.44 -40.04 -5.18
N THR M 432 -7.88 -40.33 -6.40
CA THR M 432 -8.92 -39.53 -7.04
C THR M 432 -10.20 -39.55 -6.21
N ALA M 433 -10.62 -40.73 -5.76
CA ALA M 433 -11.83 -40.81 -4.94
C ALA M 433 -11.66 -40.08 -3.63
N LEU M 434 -10.44 -40.02 -3.10
CA LEU M 434 -10.20 -39.30 -1.86
C LEU M 434 -10.08 -37.80 -2.06
N CYS M 435 -9.80 -37.34 -3.28
CA CYS M 435 -9.81 -35.90 -3.52
C CYS M 435 -11.25 -35.46 -3.66
N SER M 436 -11.85 -35.09 -2.54
CA SER M 436 -13.24 -34.66 -2.48
C SER M 436 -13.30 -33.16 -2.23
N ALA M 437 -14.52 -32.66 -2.06
CA ALA M 437 -14.71 -31.24 -1.84
C ALA M 437 -14.06 -30.79 -0.53
N LEU M 438 -14.39 -31.46 0.58
CA LEU M 438 -13.84 -31.05 1.87
C LEU M 438 -12.42 -31.53 2.09
N GLU M 439 -11.97 -32.55 1.36
CA GLU M 439 -10.54 -32.83 1.33
C GLU M 439 -9.78 -31.62 0.82
N ILE M 440 -10.23 -31.06 -0.31
CA ILE M 440 -9.69 -29.79 -0.76
C ILE M 440 -9.93 -28.70 0.28
N GLY M 441 -11.11 -28.71 0.91
CA GLY M 441 -11.47 -27.65 1.83
C GLY M 441 -10.55 -27.56 3.04
N GLU M 442 -10.29 -28.70 3.68
CA GLU M 442 -9.42 -28.70 4.84
C GLU M 442 -7.98 -28.39 4.46
N VAL M 443 -7.53 -28.84 3.29
CA VAL M 443 -6.18 -28.54 2.84
C VAL M 443 -5.99 -27.04 2.65
N LEU M 444 -6.97 -26.38 2.04
CA LEU M 444 -6.86 -24.94 1.83
C LEU M 444 -6.87 -24.20 3.16
N ARG M 445 -7.72 -24.62 4.10
CA ARG M 445 -7.62 -24.08 5.46
C ARG M 445 -6.25 -24.38 6.05
N GLY M 446 -5.74 -25.59 5.82
CA GLY M 446 -4.42 -25.93 6.31
C GLY M 446 -3.31 -25.14 5.68
N LEU M 447 -3.51 -24.67 4.44
CA LEU M 447 -2.56 -23.79 3.79
C LEU M 447 -2.79 -22.32 4.14
N ALA M 448 -4.01 -21.96 4.55
CA ALA M 448 -4.23 -20.60 5.06
C ALA M 448 -3.58 -20.42 6.42
N LEU M 449 -3.39 -21.52 7.17
CA LEU M 449 -2.84 -21.47 8.51
C LEU M 449 -1.49 -22.16 8.62
N GLY M 450 -0.96 -22.69 7.52
CA GLY M 450 0.36 -23.29 7.49
C GLY M 450 0.46 -24.58 8.28
N THR M 451 -0.68 -25.18 8.57
CA THR M 451 -0.74 -26.32 9.49
C THR M 451 -0.31 -27.60 8.75
N GLU M 452 -0.52 -28.74 9.43
CA GLU M 452 0.06 -30.01 8.98
C GLU M 452 -0.50 -30.44 7.63
N SER M 453 -1.77 -30.12 7.37
CA SER M 453 -2.40 -30.51 6.12
C SER M 453 -1.81 -29.79 4.91
N GLY M 454 -0.86 -28.89 5.13
CA GLY M 454 -0.24 -28.18 4.02
C GLY M 454 0.74 -29.03 3.21
N LEU M 455 1.31 -30.06 3.84
CA LEU M 455 2.34 -30.85 3.16
C LEU M 455 1.76 -31.80 2.13
N PHE M 456 0.76 -32.59 2.52
CA PHE M 456 0.36 -33.70 1.68
C PHE M 456 -1.16 -33.88 1.71
N SER M 457 -1.68 -34.38 0.59
CA SER M 457 -3.03 -34.83 0.39
C SER M 457 -2.94 -35.85 -0.73
N PRO M 458 -3.75 -36.92 -0.68
CA PRO M 458 -3.73 -37.87 -1.80
C PRO M 458 -4.12 -37.23 -3.11
N CYS M 459 -4.81 -36.08 -3.07
CA CYS M 459 -5.20 -35.39 -4.29
C CYS M 459 -4.00 -35.03 -5.16
N TYR M 460 -2.82 -34.84 -4.56
CA TYR M 460 -1.64 -34.47 -5.34
C TYR M 460 -1.41 -35.46 -6.48
N LEU M 461 -1.56 -36.75 -6.20
CA LEU M 461 -1.24 -37.79 -7.15
C LEU M 461 -2.46 -38.32 -7.89
N SER M 462 -3.63 -37.72 -7.70
CA SER M 462 -4.87 -38.24 -8.24
C SER M 462 -4.91 -38.07 -9.76
N LEU M 463 -6.00 -38.55 -10.37
CA LEU M 463 -6.25 -38.36 -11.78
C LEU M 463 -7.22 -37.21 -12.03
N ARG M 464 -7.17 -36.19 -11.18
CA ARG M 464 -8.10 -35.07 -11.24
C ARG M 464 -7.37 -33.85 -11.76
N PHE M 465 -7.83 -33.32 -12.90
CA PHE M 465 -7.20 -32.17 -13.53
C PHE M 465 -8.17 -31.04 -13.80
N ASP M 466 -9.41 -31.13 -13.30
CA ASP M 466 -10.33 -30.00 -13.39
C ASP M 466 -9.98 -28.88 -12.43
N LEU M 467 -8.84 -28.99 -11.77
CA LEU M 467 -8.46 -28.07 -10.71
C LEU M 467 -7.73 -26.87 -11.31
N THR M 468 -8.36 -25.70 -11.21
CA THR M 468 -7.65 -24.44 -11.43
C THR M 468 -7.98 -23.45 -10.32
N ARG M 469 -7.51 -22.21 -10.51
CA ARG M 469 -7.66 -21.18 -9.49
C ARG M 469 -9.12 -20.95 -9.13
N ASP M 470 -9.98 -20.80 -10.13
CA ASP M 470 -11.37 -20.47 -9.89
C ASP M 470 -12.08 -21.58 -9.13
N LYS M 471 -11.82 -22.84 -9.51
CA LYS M 471 -12.52 -23.96 -8.90
C LYS M 471 -12.21 -24.05 -7.41
N LEU M 472 -10.95 -23.81 -7.02
CA LEU M 472 -10.57 -23.93 -5.62
C LEU M 472 -11.26 -22.90 -4.74
N LEU M 473 -11.39 -21.66 -5.24
CA LEU M 473 -11.90 -20.57 -4.40
C LEU M 473 -13.32 -20.85 -3.90
N SER M 474 -14.13 -21.54 -4.71
CA SER M 474 -15.49 -21.86 -4.28
C SER M 474 -15.49 -22.87 -3.14
N MET M 475 -14.53 -23.79 -3.13
CA MET M 475 -14.47 -24.83 -2.12
C MET M 475 -13.71 -24.39 -0.86
N ALA M 476 -13.30 -23.12 -0.80
CA ALA M 476 -12.48 -22.65 0.30
C ALA M 476 -13.29 -22.53 1.59
N PRO M 477 -12.62 -22.57 2.74
CA PRO M 477 -13.29 -22.21 4.00
C PRO M 477 -13.87 -20.81 3.91
N GLN M 478 -15.12 -20.69 4.35
CA GLN M 478 -15.92 -19.48 4.12
C GLN M 478 -15.69 -18.40 5.18
N GLU M 479 -14.85 -18.65 6.18
CA GLU M 479 -14.83 -17.79 7.36
C GLU M 479 -14.18 -16.45 7.07
N ALA M 480 -14.82 -15.38 7.55
CA ALA M 480 -14.23 -14.04 7.51
C ALA M 480 -13.10 -13.87 8.51
N MET M 481 -12.97 -14.78 9.48
CA MET M 481 -11.86 -14.69 10.43
C MET M 481 -10.52 -15.00 9.76
N LEU M 482 -10.54 -15.79 8.70
CA LEU M 482 -9.31 -16.15 8.00
C LEU M 482 -8.90 -15.05 7.03
N ASP M 483 -7.60 -14.79 6.97
CA ASP M 483 -7.05 -13.90 5.95
C ASP M 483 -7.35 -14.46 4.57
N GLN M 484 -8.14 -13.72 3.79
CA GLN M 484 -8.52 -14.17 2.45
C GLN M 484 -7.52 -13.71 1.39
N ALA M 485 -6.34 -13.27 1.81
CA ALA M 485 -5.16 -13.27 0.96
C ALA M 485 -4.34 -14.55 1.18
N ALA M 486 -4.22 -15.00 2.43
CA ALA M 486 -3.67 -16.32 2.70
C ALA M 486 -4.56 -17.42 2.13
N VAL M 487 -5.85 -17.16 2.02
CA VAL M 487 -6.72 -18.04 1.25
C VAL M 487 -6.34 -17.98 -0.22
N SER M 488 -6.20 -16.77 -0.76
CA SER M 488 -5.75 -16.63 -2.14
C SER M 488 -4.33 -17.19 -2.32
N ASN M 489 -3.48 -17.02 -1.29
CA ASN M 489 -2.17 -17.66 -1.30
C ASN M 489 -2.29 -19.17 -1.35
N ALA M 490 -3.20 -19.73 -0.56
CA ALA M 490 -3.39 -21.18 -0.54
C ALA M 490 -3.85 -21.72 -1.89
N VAL M 491 -4.79 -21.01 -2.53
CA VAL M 491 -5.25 -21.41 -3.85
C VAL M 491 -4.08 -21.44 -4.82
N ASP M 492 -3.27 -20.38 -4.80
CA ASP M 492 -2.10 -20.34 -5.68
C ASP M 492 -1.14 -21.49 -5.39
N GLY M 493 -0.87 -21.74 -4.11
CA GLY M 493 0.09 -22.77 -3.75
C GLY M 493 -0.39 -24.18 -4.10
N PHE M 494 -1.65 -24.47 -3.80
CA PHE M 494 -2.20 -25.80 -4.11
C PHE M 494 -2.09 -26.09 -5.60
N LEU M 495 -2.52 -25.13 -6.43
CA LEU M 495 -2.45 -25.31 -7.87
C LEU M 495 -1.01 -25.41 -8.37
N GLY M 496 -0.06 -24.86 -7.62
CA GLY M 496 1.34 -25.03 -7.98
C GLY M 496 1.87 -26.42 -7.72
N ARG M 497 1.23 -27.16 -6.81
CA ARG M 497 1.64 -28.53 -6.53
C ARG M 497 1.18 -29.50 -7.62
N LEU M 498 0.02 -29.25 -8.24
CA LEU M 498 -0.47 -30.17 -9.26
C LEU M 498 -0.69 -29.49 -10.61
N SER M 499 0.28 -28.69 -11.05
CA SER M 499 0.30 -28.26 -12.44
C SER M 499 0.59 -29.48 -13.32
N LEU M 500 -0.34 -29.82 -14.20
CA LEU M 500 -0.24 -31.10 -14.91
C LEU M 500 1.01 -31.20 -15.77
N GLU M 501 1.50 -30.07 -16.26
CA GLU M 501 2.71 -30.03 -17.07
C GLU M 501 3.83 -29.32 -16.31
N ARG M 502 5.07 -29.73 -16.59
CA ARG M 502 6.26 -29.32 -15.84
C ARG M 502 6.21 -29.76 -14.38
N GLU M 503 5.44 -30.80 -14.10
CA GLU M 503 5.45 -31.47 -12.81
C GLU M 503 5.92 -32.91 -12.93
N ASP M 504 5.48 -33.62 -13.98
CA ASP M 504 5.79 -35.01 -14.31
C ASP M 504 5.32 -35.99 -13.24
N ARG M 505 4.73 -35.52 -12.16
CA ARG M 505 4.14 -36.38 -11.14
C ARG M 505 2.61 -36.25 -11.18
N ASP M 506 2.06 -36.15 -12.38
CA ASP M 506 0.60 -36.19 -12.56
C ASP M 506 0.23 -37.18 -13.66
N ALA M 507 1.07 -37.31 -14.70
CA ALA M 507 0.61 -37.90 -15.94
C ALA M 507 1.77 -38.52 -16.71
N TRP M 508 1.43 -39.08 -17.88
CA TRP M 508 2.31 -39.74 -18.86
C TRP M 508 2.69 -41.17 -18.51
N HIS M 509 1.92 -41.87 -17.66
CA HIS M 509 2.22 -43.25 -17.32
C HIS M 509 1.13 -44.24 -17.68
N LEU M 510 -0.12 -43.80 -17.85
CA LEU M 510 -1.21 -44.72 -18.06
C LEU M 510 -1.16 -45.36 -19.45
N PRO M 511 -1.77 -46.54 -19.59
CA PRO M 511 -1.93 -47.09 -20.96
C PRO M 511 -2.98 -46.36 -21.76
N ALA M 512 -4.07 -45.95 -21.13
CA ALA M 512 -5.21 -45.35 -21.82
C ALA M 512 -5.05 -43.86 -22.07
N TYR M 513 -3.87 -43.30 -21.76
CA TYR M 513 -3.59 -41.89 -22.00
C TYR M 513 -3.38 -41.59 -23.48
N LYS M 514 -2.96 -42.58 -24.27
CA LYS M 514 -2.68 -42.35 -25.68
C LYS M 514 -3.92 -42.01 -26.49
N CYS M 515 -5.11 -42.30 -25.97
CA CYS M 515 -6.35 -42.14 -26.72
C CYS M 515 -6.94 -40.73 -26.62
N VAL M 516 -6.13 -39.74 -26.30
CA VAL M 516 -6.60 -38.36 -26.13
C VAL M 516 -5.96 -37.48 -27.20
N ASP M 517 -6.78 -36.66 -27.85
CA ASP M 517 -6.27 -35.69 -28.81
C ASP M 517 -5.72 -34.46 -28.10
N ARG M 518 -6.58 -33.76 -27.37
CA ARG M 518 -6.19 -32.58 -26.60
C ARG M 518 -6.17 -32.94 -25.12
N LEU M 519 -4.98 -32.93 -24.52
CA LEU M 519 -4.79 -33.39 -23.16
C LEU M 519 -5.12 -32.33 -22.12
N ASP M 520 -5.02 -31.04 -22.47
CA ASP M 520 -5.35 -29.98 -21.53
C ASP M 520 -6.84 -29.88 -21.28
N LYS M 521 -7.67 -30.49 -22.13
CA LYS M 521 -9.11 -30.45 -21.95
C LYS M 521 -9.66 -31.67 -21.21
N VAL M 522 -8.80 -32.57 -20.76
CA VAL M 522 -9.25 -33.71 -19.97
C VAL M 522 -9.45 -33.27 -18.52
N LEU M 523 -10.63 -33.58 -17.98
CA LEU M 523 -10.95 -33.20 -16.61
C LEU M 523 -10.54 -34.25 -15.59
N MET M 524 -10.62 -35.52 -15.95
CA MET M 524 -10.38 -36.61 -15.01
C MET M 524 -10.36 -37.92 -15.79
N ILE M 525 -9.63 -38.90 -15.25
CA ILE M 525 -9.61 -40.25 -15.79
C ILE M 525 -9.95 -41.21 -14.67
N ILE M 526 -10.93 -42.08 -14.91
CA ILE M 526 -11.24 -43.16 -13.97
C ILE M 526 -10.72 -44.45 -14.61
N PRO M 527 -9.57 -44.96 -14.16
CA PRO M 527 -9.16 -46.30 -14.60
C PRO M 527 -9.82 -47.39 -13.78
N LEU M 528 -10.85 -48.01 -14.32
CA LEU M 528 -11.43 -49.16 -13.65
C LEU M 528 -10.68 -50.40 -14.13
N ILE M 529 -11.16 -51.56 -13.77
CA ILE M 529 -10.62 -52.81 -14.29
C ILE M 529 -11.50 -53.22 -15.46
N ASN M 530 -10.86 -53.61 -16.56
CA ASN M 530 -11.49 -53.97 -17.83
C ASN M 530 -11.89 -52.74 -18.64
N VAL M 531 -11.73 -51.56 -18.05
CA VAL M 531 -12.10 -50.31 -18.73
C VAL M 531 -11.53 -49.11 -17.99
N THR M 532 -11.22 -48.03 -18.71
CA THR M 532 -10.92 -46.74 -18.11
C THR M 532 -11.72 -45.67 -18.82
N PHE M 533 -12.19 -44.69 -18.06
CA PHE M 533 -13.02 -43.61 -18.60
C PHE M 533 -12.19 -42.34 -18.74
N ILE M 534 -12.54 -41.54 -19.74
CA ILE M 534 -11.87 -40.27 -20.00
C ILE M 534 -12.92 -39.17 -19.85
N ILE M 535 -12.92 -38.50 -18.71
CA ILE M 535 -13.82 -37.38 -18.48
C ILE M 535 -13.15 -36.11 -18.97
N SER M 536 -13.76 -35.46 -19.96
CA SER M 536 -13.13 -34.32 -20.60
C SER M 536 -14.21 -33.44 -21.22
N SER M 537 -13.86 -32.18 -21.44
CA SER M 537 -14.62 -31.29 -22.30
C SER M 537 -14.14 -31.35 -23.74
N ASP M 538 -13.34 -32.36 -24.08
CA ASP M 538 -12.85 -32.56 -25.44
C ASP M 538 -13.81 -33.50 -26.17
N ARG M 539 -14.32 -33.04 -27.31
CA ARG M 539 -15.21 -33.87 -28.11
C ARG M 539 -14.44 -35.00 -28.79
N GLU M 540 -13.22 -34.71 -29.26
CA GLU M 540 -12.45 -35.66 -30.07
C GLU M 540 -11.56 -36.52 -29.16
N VAL M 541 -12.20 -37.44 -28.46
CA VAL M 541 -11.50 -38.47 -27.70
C VAL M 541 -11.74 -39.80 -28.40
N ARG M 542 -10.64 -40.51 -28.67
CA ARG M 542 -10.71 -41.76 -29.43
C ARG M 542 -11.03 -42.92 -28.49
N GLY M 543 -12.24 -42.88 -27.95
CA GLY M 543 -12.73 -43.90 -27.06
C GLY M 543 -13.72 -44.83 -27.73
N SER M 544 -14.25 -45.76 -26.93
CA SER M 544 -15.15 -46.78 -27.48
C SER M 544 -16.54 -46.23 -27.76
N ALA M 545 -16.99 -45.26 -26.96
CA ALA M 545 -18.23 -44.55 -27.23
C ALA M 545 -18.06 -43.13 -26.71
N LEU M 546 -19.13 -42.36 -26.74
CA LEU M 546 -19.08 -40.99 -26.23
C LEU M 546 -20.41 -40.66 -25.59
N TYR M 547 -20.38 -40.32 -24.31
CA TYR M 547 -21.53 -39.77 -23.61
C TYR M 547 -21.35 -38.26 -23.47
N GLU M 548 -22.46 -37.53 -23.51
CA GLU M 548 -22.47 -36.11 -23.14
C GLU M 548 -23.63 -35.87 -22.19
N ALA M 549 -23.32 -35.60 -20.93
CA ALA M 549 -24.35 -35.27 -19.96
C ALA M 549 -25.06 -33.99 -20.38
N SER M 550 -26.24 -33.78 -19.81
CA SER M 550 -26.85 -32.47 -19.97
C SER M 550 -26.04 -31.49 -19.13
N THR M 551 -25.03 -30.86 -19.71
CA THR M 551 -24.08 -30.18 -18.84
C THR M 551 -24.64 -28.85 -18.37
N THR M 552 -24.64 -27.87 -19.29
CA THR M 552 -25.37 -26.62 -19.22
C THR M 552 -24.91 -25.78 -20.41
N TYR M 553 -25.59 -24.68 -20.70
CA TYR M 553 -24.99 -23.69 -21.57
C TYR M 553 -24.15 -22.75 -20.68
N LEU M 554 -23.39 -23.35 -19.75
CA LEU M 554 -22.36 -22.63 -19.02
C LEU M 554 -20.98 -23.26 -19.18
N SER M 555 -20.88 -24.51 -18.73
CA SER M 555 -19.63 -25.25 -18.81
C SER M 555 -19.41 -25.69 -20.25
N SER M 556 -18.15 -25.59 -20.71
CA SER M 556 -17.82 -25.82 -22.11
C SER M 556 -18.53 -27.04 -22.66
N SER M 557 -18.30 -28.19 -22.05
CA SER M 557 -19.07 -29.39 -22.29
C SER M 557 -18.70 -30.42 -21.23
N LEU M 558 -19.20 -31.64 -21.38
CA LEU M 558 -18.88 -32.71 -20.45
C LEU M 558 -19.03 -34.03 -21.19
N PHE M 559 -17.91 -34.66 -21.54
CA PHE M 559 -17.90 -35.88 -22.32
C PHE M 559 -17.24 -37.01 -21.54
N LEU M 560 -17.86 -38.19 -21.57
CA LEU M 560 -17.27 -39.41 -21.01
C LEU M 560 -16.98 -40.37 -22.15
N SER M 561 -15.72 -40.68 -22.35
CA SER M 561 -15.32 -41.65 -23.36
C SER M 561 -14.76 -42.88 -22.67
N PRO M 562 -15.50 -43.99 -22.62
CA PRO M 562 -14.93 -45.22 -22.08
C PRO M 562 -13.94 -45.80 -23.07
N VAL M 563 -12.84 -46.33 -22.53
CA VAL M 563 -11.83 -47.01 -23.33
C VAL M 563 -11.78 -48.46 -22.84
N ILE M 564 -12.18 -49.38 -23.71
CA ILE M 564 -12.29 -50.79 -23.33
C ILE M 564 -10.91 -51.44 -23.40
N MET M 565 -10.48 -52.01 -22.27
CA MET M 565 -9.20 -52.71 -22.16
C MET M 565 -8.02 -51.84 -22.55
N ASN M 566 -8.17 -50.53 -22.41
CA ASN M 566 -7.09 -49.58 -22.68
C ASN M 566 -6.51 -49.78 -24.08
N LYS M 567 -7.39 -50.00 -25.06
CA LYS M 567 -7.02 -50.06 -26.46
C LYS M 567 -7.91 -49.09 -27.23
N CYS M 568 -7.29 -48.10 -27.86
CA CYS M 568 -7.99 -46.91 -28.33
C CYS M 568 -8.83 -47.23 -29.56
N SER M 569 -9.44 -46.19 -30.13
CA SER M 569 -10.19 -46.27 -31.37
C SER M 569 -9.39 -45.61 -32.49
N GLN M 570 -9.68 -46.04 -33.72
CA GLN M 570 -8.97 -45.49 -34.87
C GLN M 570 -9.22 -44.00 -34.98
N GLY M 571 -10.48 -43.57 -34.80
CA GLY M 571 -10.81 -42.17 -34.73
C GLY M 571 -11.98 -41.98 -33.78
N ALA M 572 -12.11 -40.77 -33.27
CA ALA M 572 -13.22 -40.46 -32.38
C ALA M 572 -14.54 -40.73 -33.08
N VAL M 573 -15.38 -41.56 -32.44
CA VAL M 573 -16.65 -41.91 -33.06
C VAL M 573 -17.45 -40.65 -33.34
N ALA M 574 -18.13 -40.63 -34.49
CA ALA M 574 -18.82 -39.45 -35.00
C ALA M 574 -20.33 -39.60 -34.82
N GLY M 575 -21.02 -38.47 -34.98
CA GLY M 575 -22.44 -38.42 -34.72
C GLY M 575 -22.75 -37.95 -33.31
N GLU M 576 -24.04 -37.98 -32.97
CA GLU M 576 -24.48 -37.55 -31.67
C GLU M 576 -23.96 -38.48 -30.58
N PRO M 577 -23.46 -37.95 -29.47
CA PRO M 577 -23.08 -38.81 -28.34
C PRO M 577 -24.31 -39.41 -27.67
N ARG M 578 -24.07 -40.46 -26.88
CA ARG M 578 -25.16 -41.14 -26.20
C ARG M 578 -25.71 -40.30 -25.06
N GLN M 579 -27.03 -40.32 -24.91
CA GLN M 579 -27.64 -39.73 -23.73
C GLN M 579 -27.38 -40.63 -22.53
N ILE M 580 -27.40 -40.03 -21.35
CA ILE M 580 -27.13 -40.74 -20.09
C ILE M 580 -28.45 -41.29 -19.58
N PRO M 581 -28.64 -42.62 -19.55
CA PRO M 581 -29.92 -43.16 -19.07
C PRO M 581 -30.16 -42.84 -17.60
N LYS M 582 -31.36 -42.36 -17.30
CA LYS M 582 -31.80 -42.07 -15.94
C LYS M 582 -32.38 -43.34 -15.32
N ILE M 583 -32.20 -43.47 -14.01
CA ILE M 583 -32.52 -44.71 -13.31
C ILE M 583 -33.23 -44.39 -12.00
N GLN M 584 -34.44 -44.93 -11.83
CA GLN M 584 -35.11 -44.97 -10.54
C GLN M 584 -35.45 -46.39 -10.07
N ASN M 585 -35.54 -47.36 -10.98
CA ASN M 585 -35.85 -48.74 -10.60
C ASN M 585 -34.59 -49.39 -9.99
N PHE M 586 -34.27 -48.94 -8.78
CA PHE M 586 -33.12 -49.43 -8.04
C PHE M 586 -33.33 -49.14 -6.56
N THR M 587 -33.28 -50.17 -5.74
CA THR M 587 -33.61 -50.08 -4.32
C THR M 587 -32.41 -49.63 -3.50
N ARG M 588 -32.70 -48.90 -2.41
CA ARG M 588 -31.65 -48.14 -1.74
C ARG M 588 -30.68 -49.03 -0.96
N THR M 589 -31.18 -50.04 -0.26
CA THR M 589 -30.30 -50.93 0.50
C THR M 589 -29.99 -52.15 -0.35
N GLN M 590 -28.70 -52.48 -0.46
CA GLN M 590 -28.26 -53.66 -1.19
C GLN M 590 -27.43 -54.53 -0.27
N LYS M 591 -27.72 -55.82 -0.26
CA LYS M 591 -27.00 -56.78 0.56
C LYS M 591 -25.98 -57.57 -0.26
N SER M 592 -25.74 -57.18 -1.50
CA SER M 592 -24.60 -57.64 -2.28
C SER M 592 -23.92 -56.41 -2.89
N CYS M 593 -22.75 -56.62 -3.49
CA CYS M 593 -21.87 -55.53 -3.89
C CYS M 593 -22.11 -55.08 -5.33
N ILE M 594 -23.39 -54.98 -5.74
CA ILE M 594 -23.81 -54.75 -7.12
C ILE M 594 -23.01 -53.63 -7.79
N PHE M 595 -22.39 -52.75 -7.00
CA PHE M 595 -21.59 -51.67 -7.55
C PHE M 595 -20.08 -51.91 -7.42
N CYS M 596 -19.65 -53.11 -7.01
CA CYS M 596 -18.22 -53.39 -6.90
C CYS M 596 -17.52 -53.16 -8.23
N GLY M 597 -16.38 -52.48 -8.18
CA GLY M 597 -15.62 -52.17 -9.37
C GLY M 597 -16.15 -51.00 -10.16
N PHE M 598 -17.24 -50.37 -9.73
CA PHE M 598 -17.81 -49.24 -10.43
C PHE M 598 -17.33 -47.93 -9.82
N ALA M 599 -17.53 -46.84 -10.56
CA ALA M 599 -17.19 -45.51 -10.11
C ALA M 599 -18.46 -44.67 -9.99
N LEU M 600 -18.44 -43.74 -9.05
CA LEU M 600 -19.60 -42.89 -8.76
C LEU M 600 -19.15 -41.44 -8.84
N LEU M 601 -19.64 -40.71 -9.84
CA LEU M 601 -19.25 -39.33 -10.07
C LEU M 601 -20.34 -38.37 -9.60
N SER M 602 -19.95 -37.40 -8.77
CA SER M 602 -20.84 -36.34 -8.34
C SER M 602 -20.39 -35.07 -9.02
N TYR M 603 -21.30 -34.44 -9.78
CA TYR M 603 -20.94 -33.24 -10.52
C TYR M 603 -22.03 -32.18 -10.40
N ASP M 604 -21.59 -30.94 -10.20
CA ASP M 604 -22.44 -29.75 -10.27
C ASP M 604 -22.36 -29.18 -11.69
N GLU M 605 -23.52 -28.83 -12.24
CA GLU M 605 -23.59 -28.44 -13.65
C GLU M 605 -22.76 -27.19 -13.94
N LYS M 606 -22.81 -26.20 -13.04
CA LYS M 606 -22.04 -24.99 -13.25
C LYS M 606 -20.60 -25.15 -12.77
N GLU M 607 -20.41 -25.65 -11.55
CA GLU M 607 -19.08 -25.72 -10.97
C GLU M 607 -18.19 -26.69 -11.73
N GLY M 608 -18.70 -27.88 -12.00
CA GLY M 608 -17.89 -28.99 -12.47
C GLY M 608 -18.07 -30.21 -11.59
N LEU M 609 -17.01 -31.02 -11.54
CA LEU M 609 -17.03 -32.26 -10.77
C LEU M 609 -16.81 -31.97 -9.28
N GLU M 610 -17.53 -32.72 -8.45
CA GLU M 610 -17.50 -32.50 -7.00
C GLU M 610 -16.76 -33.61 -6.26
N THR M 611 -17.20 -34.85 -6.42
CA THR M 611 -16.56 -35.99 -5.79
C THR M 611 -16.55 -37.15 -6.77
N THR M 612 -15.63 -38.08 -6.53
CA THR M 612 -15.64 -39.39 -7.16
C THR M 612 -15.56 -40.44 -6.07
N THR M 613 -16.21 -41.57 -6.28
CA THR M 613 -16.18 -42.67 -5.34
C THR M 613 -15.89 -43.96 -6.07
N TYR M 614 -15.04 -44.79 -5.47
CA TYR M 614 -14.75 -46.12 -6.00
C TYR M 614 -15.42 -47.13 -5.08
N ILE M 615 -16.45 -47.82 -5.60
CA ILE M 615 -17.14 -48.83 -4.81
C ILE M 615 -16.23 -50.06 -4.78
N THR M 616 -15.44 -50.18 -3.73
CA THR M 616 -14.43 -51.22 -3.62
C THR M 616 -14.88 -52.42 -2.83
N SER M 617 -15.77 -52.23 -1.86
CA SER M 617 -16.20 -53.30 -0.97
C SER M 617 -17.66 -53.09 -0.62
N GLN M 618 -18.23 -54.06 0.10
CA GLN M 618 -19.60 -53.94 0.56
C GLN M 618 -19.75 -52.80 1.56
N GLU M 619 -18.78 -52.67 2.47
CA GLU M 619 -18.84 -51.60 3.46
C GLU M 619 -18.78 -50.23 2.80
N VAL M 620 -18.08 -50.14 1.66
CA VAL M 620 -18.04 -48.88 0.91
C VAL M 620 -19.41 -48.58 0.32
N GLN M 621 -20.01 -49.56 -0.36
CA GLN M 621 -21.30 -49.33 -1.00
C GLN M 621 -22.38 -49.03 0.03
N ASN M 622 -22.43 -49.82 1.10
CA ASN M 622 -23.41 -49.58 2.16
C ASN M 622 -23.17 -48.25 2.86
N SER M 623 -21.92 -47.78 2.88
CA SER M 623 -21.64 -46.44 3.40
C SER M 623 -22.16 -45.35 2.48
N ILE M 624 -22.36 -45.66 1.20
CA ILE M 624 -22.88 -44.67 0.26
C ILE M 624 -24.40 -44.57 0.38
N LEU M 625 -25.08 -45.71 0.29
CA LEU M 625 -26.53 -45.74 0.24
C LEU M 625 -27.14 -45.30 1.57
N SER M 626 -26.64 -45.85 2.68
CA SER M 626 -27.23 -45.56 3.99
C SER M 626 -27.01 -44.11 4.39
N SER M 627 -25.94 -43.49 3.93
CA SER M 627 -25.62 -42.12 4.31
C SER M 627 -26.52 -41.14 3.56
N ASN M 628 -26.29 -39.84 3.81
CA ASN M 628 -27.00 -38.77 3.13
C ASN M 628 -26.39 -38.42 1.79
N TYR M 629 -25.60 -39.33 1.22
CA TYR M 629 -24.81 -39.01 0.02
C TYR M 629 -25.71 -38.62 -1.15
N PHE M 630 -26.74 -39.40 -1.42
CA PHE M 630 -27.62 -39.14 -2.54
C PHE M 630 -28.63 -38.05 -2.16
N ASP M 631 -28.50 -36.89 -2.79
CA ASP M 631 -29.41 -35.76 -2.60
C ASP M 631 -29.93 -35.36 -3.99
N PHE M 632 -31.05 -35.97 -4.40
CA PHE M 632 -31.68 -35.60 -5.66
C PHE M 632 -32.47 -34.31 -5.57
N ASP M 633 -32.90 -33.92 -4.35
CA ASP M 633 -33.69 -32.69 -4.20
C ASP M 633 -32.91 -31.47 -4.64
N ASN M 634 -31.59 -31.57 -4.72
CA ASN M 634 -30.80 -30.61 -5.47
C ASN M 634 -30.76 -31.07 -6.92
N LEU M 635 -31.47 -30.35 -7.78
CA LEU M 635 -31.43 -30.64 -9.21
C LEU M 635 -30.14 -30.16 -9.86
N HIS M 636 -29.45 -29.20 -9.23
CA HIS M 636 -28.17 -28.73 -9.75
C HIS M 636 -27.09 -29.80 -9.68
N VAL M 637 -27.36 -30.92 -9.02
CA VAL M 637 -26.39 -31.99 -8.84
C VAL M 637 -26.95 -33.27 -9.44
N HIS M 638 -26.10 -34.00 -10.16
CA HIS M 638 -26.44 -35.30 -10.69
C HIS M 638 -25.42 -36.31 -10.21
N TYR M 639 -25.75 -37.58 -10.38
CA TYR M 639 -24.91 -38.68 -9.92
C TYR M 639 -24.68 -39.65 -11.07
N LEU M 640 -23.42 -39.78 -11.48
CA LEU M 640 -23.05 -40.66 -12.57
C LEU M 640 -22.47 -41.96 -12.04
N LEU M 641 -22.92 -43.07 -12.59
CA LEU M 641 -22.36 -44.38 -12.31
C LEU M 641 -21.55 -44.83 -13.53
N LEU M 642 -20.26 -45.08 -13.31
CA LEU M 642 -19.37 -45.52 -14.38
C LEU M 642 -19.10 -47.00 -14.17
N THR M 643 -19.59 -47.83 -15.08
CA THR M 643 -19.57 -49.27 -14.92
C THR M 643 -18.39 -49.89 -15.68
N THR M 644 -17.97 -51.06 -15.21
CA THR M 644 -17.04 -51.88 -15.98
C THR M 644 -17.68 -52.38 -17.27
N ASN M 645 -19.01 -52.39 -17.33
CA ASN M 645 -19.73 -52.64 -18.58
C ASN M 645 -19.28 -51.70 -19.68
N GLY M 646 -18.77 -50.53 -19.32
CA GLY M 646 -18.50 -49.47 -20.27
C GLY M 646 -19.63 -48.48 -20.43
N THR M 647 -20.62 -48.51 -19.55
CA THR M 647 -21.80 -47.65 -19.63
C THR M 647 -21.69 -46.52 -18.63
N VAL M 648 -22.35 -45.40 -18.95
CA VAL M 648 -22.50 -44.28 -18.04
C VAL M 648 -23.98 -44.13 -17.71
N MET M 649 -24.28 -43.98 -16.43
CA MET M 649 -25.66 -43.98 -15.95
C MET M 649 -25.85 -42.89 -14.91
N GLU M 650 -27.01 -42.24 -14.96
CA GLU M 650 -27.40 -41.25 -13.96
C GLU M 650 -28.35 -41.87 -12.96
N ILE M 651 -28.23 -41.45 -11.70
CA ILE M 651 -29.08 -41.94 -10.62
C ILE M 651 -30.06 -40.82 -10.27
N ALA M 652 -31.35 -41.09 -10.43
CA ALA M 652 -32.38 -40.07 -10.26
C ALA M 652 -33.28 -40.28 -9.05
N GLY M 653 -33.37 -41.50 -8.52
CA GLY M 653 -34.22 -41.75 -7.37
C GLY M 653 -34.12 -43.17 -6.86
N LEU M 654 -34.39 -43.35 -5.57
CA LEU M 654 -34.30 -44.64 -4.92
C LEU M 654 -35.52 -44.84 -4.03
N TYR M 655 -35.82 -46.11 -3.77
CA TYR M 655 -36.93 -46.43 -2.87
C TYR M 655 -36.44 -46.42 -1.42
N ALA N 2 70.09 -9.73 27.74
CA ALA N 2 69.08 -9.80 28.79
C ALA N 2 67.70 -10.12 28.21
N TYR N 3 66.66 -9.54 28.81
CA TYR N 3 65.28 -9.63 28.31
C TYR N 3 64.78 -11.07 28.23
N PRO N 4 64.47 -11.73 29.35
CA PRO N 4 63.70 -12.97 29.24
C PRO N 4 62.39 -12.77 28.48
N CYS N 5 61.81 -11.59 28.57
CA CYS N 5 60.70 -11.17 27.69
C CYS N 5 61.33 -10.54 26.45
N CYS N 6 61.40 -11.29 25.35
CA CYS N 6 62.01 -10.83 24.11
C CYS N 6 60.94 -10.19 23.22
N HIS N 7 61.30 -9.93 21.95
CA HIS N 7 60.39 -9.31 21.00
C HIS N 7 60.41 -10.09 19.70
N VAL N 8 59.24 -10.29 19.11
CA VAL N 8 59.05 -11.19 17.99
C VAL N 8 58.99 -10.41 16.69
N THR N 9 59.56 -10.97 15.62
CA THR N 9 59.48 -10.44 14.27
C THR N 9 59.51 -11.60 13.28
N GLN N 10 58.61 -11.58 12.30
CA GLN N 10 58.54 -12.65 11.31
C GLN N 10 59.29 -12.28 10.03
N LEU N 17 64.38 -20.65 10.24
CA LEU N 17 64.51 -21.81 11.10
C LEU N 17 63.16 -22.47 11.39
N ALA N 18 63.14 -23.82 11.38
CA ALA N 18 61.91 -24.59 11.58
C ALA N 18 62.05 -25.59 12.71
N LEU N 19 61.09 -26.52 12.83
CA LEU N 19 60.87 -27.24 14.08
C LEU N 19 61.86 -28.38 14.33
N GLU N 20 62.34 -29.07 13.27
CA GLU N 20 63.14 -30.26 13.52
C GLU N 20 64.44 -29.93 14.25
N ASN N 21 65.06 -28.80 13.92
CA ASN N 21 66.25 -28.31 14.62
C ASN N 21 65.95 -27.72 16.00
N ILE N 22 64.74 -27.90 16.55
CA ILE N 22 64.35 -27.30 17.81
C ILE N 22 64.25 -28.39 18.88
N SER N 23 64.75 -28.08 20.08
CA SER N 23 64.83 -29.04 21.17
C SER N 23 64.02 -28.63 22.39
N ASP N 24 64.11 -27.37 22.82
CA ASP N 24 63.43 -26.92 24.02
C ASP N 24 62.69 -25.62 23.75
N ILE N 25 61.61 -25.40 24.50
CA ILE N 25 60.79 -24.20 24.38
C ILE N 25 60.41 -23.73 25.78
N TYR N 26 60.56 -22.44 26.03
CA TYR N 26 60.25 -21.85 27.32
C TYR N 26 59.11 -20.85 27.16
N LEU N 27 58.18 -20.87 28.11
CA LEU N 27 57.02 -20.00 28.09
C LEU N 27 57.03 -19.11 29.33
N VAL N 28 56.55 -17.89 29.15
CA VAL N 28 56.51 -16.92 30.24
C VAL N 28 55.21 -17.07 31.01
N SER N 29 55.19 -16.57 32.24
CA SER N 29 53.97 -16.59 33.03
C SER N 29 53.07 -15.43 32.63
N ASN N 30 51.83 -15.43 33.15
CA ASN N 30 50.87 -14.41 32.75
C ASN N 30 51.18 -13.05 33.37
N GLN N 31 52.05 -13.00 34.39
CA GLN N 31 52.52 -11.74 34.94
C GLN N 31 53.98 -11.44 34.57
N THR N 32 54.66 -12.35 33.88
CA THR N 32 56.09 -12.17 33.62
C THR N 32 56.34 -11.02 32.67
N CYS N 33 55.52 -10.89 31.62
CA CYS N 33 55.77 -9.92 30.57
C CYS N 33 54.58 -8.98 30.38
N ASP N 34 53.93 -8.60 31.49
CA ASP N 34 52.90 -7.57 31.50
C ASP N 34 51.77 -7.87 30.50
N GLY N 35 51.42 -9.15 30.36
CA GLY N 35 50.35 -9.58 29.50
C GLY N 35 50.79 -10.22 28.20
N PHE N 36 52.01 -9.98 27.77
CA PHE N 36 52.49 -10.58 26.52
C PHE N 36 52.71 -12.07 26.72
N SER N 37 52.27 -12.85 25.75
CA SER N 37 52.59 -14.27 25.70
C SER N 37 53.79 -14.43 24.77
N LEU N 38 54.95 -14.67 25.35
CA LEU N 38 56.19 -14.75 24.60
C LEU N 38 56.91 -16.04 24.93
N ALA N 39 57.65 -16.55 23.96
CA ALA N 39 58.34 -17.82 24.12
C ALA N 39 59.75 -17.70 23.56
N SER N 40 60.58 -18.68 23.90
CA SER N 40 61.96 -18.77 23.40
C SER N 40 62.18 -20.15 22.80
N LEU N 41 62.57 -20.19 21.53
CA LEU N 41 62.92 -21.42 20.83
C LEU N 41 64.43 -21.50 20.73
N ASN N 42 64.98 -22.70 20.88
CA ASN N 42 66.43 -22.85 20.95
C ASN N 42 66.85 -24.23 20.50
N SER N 43 68.15 -24.35 20.20
CA SER N 43 68.81 -25.56 19.77
C SER N 43 69.87 -25.99 20.77
N PRO N 44 70.02 -27.30 21.03
CA PRO N 44 70.90 -27.80 22.08
C PRO N 44 72.38 -27.79 21.70
N ILE N 53 71.49 -20.20 21.97
CA ILE N 53 70.96 -19.93 20.65
C ILE N 53 69.44 -19.83 20.71
N SER N 54 68.92 -18.69 21.15
CA SER N 54 67.50 -18.51 21.42
C SER N 54 66.90 -17.50 20.44
N ARG N 55 65.84 -17.92 19.75
CA ARG N 55 65.01 -17.04 18.95
C ARG N 55 63.70 -16.78 19.67
N CYS N 56 63.05 -15.67 19.32
CA CYS N 56 61.83 -15.23 20.01
C CYS N 56 60.60 -15.66 19.23
N ALA N 57 59.58 -16.13 19.95
CA ALA N 57 58.38 -16.69 19.34
C ALA N 57 57.12 -16.11 19.94
N ASN N 58 56.08 -16.03 19.11
CA ASN N 58 54.75 -15.64 19.55
C ASN N 58 54.19 -16.71 20.45
N GLY N 59 54.11 -16.43 21.76
CA GLY N 59 53.59 -17.37 22.72
C GLY N 59 52.25 -17.94 22.34
N LEU N 60 51.25 -17.06 22.15
CA LEU N 60 49.89 -17.51 21.90
C LEU N 60 49.83 -18.47 20.72
N ASN N 61 50.47 -18.09 19.60
CA ASN N 61 50.54 -19.01 18.47
C ASN N 61 51.21 -20.31 18.86
N VAL N 62 52.30 -20.21 19.62
CA VAL N 62 53.05 -21.40 20.02
C VAL N 62 52.22 -22.29 20.94
N VAL N 63 51.55 -21.68 21.91
CA VAL N 63 50.79 -22.47 22.88
C VAL N 63 49.68 -23.23 22.17
N SER N 64 48.94 -22.55 21.29
CA SER N 64 47.82 -23.19 20.60
C SER N 64 48.30 -24.38 19.76
N PHE N 65 49.45 -24.22 19.12
CA PHE N 65 50.07 -25.32 18.38
C PHE N 65 50.11 -26.60 19.21
N PHE N 66 50.80 -26.54 20.35
CA PHE N 66 50.91 -27.72 21.20
C PHE N 66 49.55 -28.21 21.66
N ILE N 67 48.66 -27.28 22.00
CA ILE N 67 47.32 -27.67 22.44
C ILE N 67 46.62 -28.48 21.37
N SER N 68 46.71 -28.02 20.12
CA SER N 68 46.13 -28.77 19.01
C SER N 68 46.88 -30.07 18.76
N ILE N 69 48.18 -30.09 19.04
CA ILE N 69 48.95 -31.33 18.91
C ILE N 69 48.44 -32.39 19.87
N LEU N 70 48.30 -32.01 21.14
CA LEU N 70 47.77 -32.94 22.14
C LEU N 70 46.31 -33.25 21.88
N LYS N 71 45.53 -32.26 21.44
CA LYS N 71 44.13 -32.49 21.10
C LYS N 71 44.01 -33.48 19.94
N ARG N 72 44.81 -33.28 18.90
CA ARG N 72 44.83 -34.24 17.79
C ARG N 72 45.31 -35.61 18.26
N SER N 73 46.11 -35.64 19.33
CA SER N 73 46.57 -36.90 19.90
C SER N 73 45.65 -37.31 21.05
N SER N 74 44.44 -37.73 20.66
CA SER N 74 43.54 -38.34 21.63
C SER N 74 44.13 -39.62 22.21
N SER N 75 45.12 -40.21 21.55
CA SER N 75 45.77 -41.43 21.99
C SER N 75 47.10 -41.17 22.68
N ALA N 76 47.33 -39.96 23.17
CA ALA N 76 48.46 -39.68 24.06
C ALA N 76 48.00 -39.83 25.50
N LEU N 77 47.66 -41.06 25.86
CA LEU N 77 46.94 -41.36 27.10
C LEU N 77 47.85 -41.36 28.33
N THR N 78 49.02 -40.76 28.24
CA THR N 78 49.91 -40.64 29.38
C THR N 78 49.35 -39.64 30.39
N SER N 79 49.35 -40.03 31.67
CA SER N 79 49.02 -39.08 32.72
C SER N 79 49.97 -37.90 32.79
N HIS N 80 51.17 -38.06 32.23
CA HIS N 80 52.12 -36.95 32.13
C HIS N 80 51.76 -36.02 30.98
N LEU N 81 51.50 -36.58 29.80
CA LEU N 81 51.20 -35.75 28.64
C LEU N 81 49.81 -35.14 28.73
N ARG N 82 48.82 -35.93 29.12
CA ARG N 82 47.46 -35.42 29.21
C ARG N 82 47.31 -34.36 30.30
N GLU N 83 48.21 -34.36 31.29
CA GLU N 83 48.25 -33.27 32.27
C GLU N 83 48.91 -32.03 31.68
N LEU N 84 49.87 -32.21 30.78
CA LEU N 84 50.45 -31.06 30.09
C LEU N 84 49.41 -30.33 29.26
N LEU N 85 48.55 -31.07 28.56
CA LEU N 85 47.53 -30.45 27.72
C LEU N 85 46.59 -29.57 28.54
N THR N 86 46.05 -30.13 29.62
CA THR N 86 45.10 -29.37 30.43
C THR N 86 45.77 -28.21 31.16
N THR N 87 47.06 -28.34 31.47
CA THR N 87 47.78 -27.22 32.07
C THR N 87 48.08 -26.14 31.03
N LEU N 88 48.38 -26.54 29.80
CA LEU N 88 48.55 -25.57 28.73
C LEU N 88 47.28 -24.78 28.49
N GLU N 89 46.13 -25.46 28.54
CA GLU N 89 44.87 -24.78 28.24
C GLU N 89 44.56 -23.68 29.26
N SER N 90 44.75 -23.97 30.55
CA SER N 90 44.54 -22.93 31.55
C SER N 90 45.54 -21.81 31.41
N LEU N 91 46.75 -22.12 30.96
CA LEU N 91 47.75 -21.09 30.69
C LEU N 91 47.30 -20.15 29.57
N TYR N 92 46.79 -20.73 28.49
CA TYR N 92 46.44 -19.95 27.29
C TYR N 92 45.31 -18.97 27.57
N GLY N 93 44.32 -19.38 28.36
CA GLY N 93 43.23 -18.48 28.70
C GLY N 93 43.63 -17.40 29.69
N SER N 94 44.67 -17.65 30.49
CA SER N 94 45.11 -16.65 31.46
C SER N 94 45.64 -15.40 30.78
N PHE N 95 46.26 -15.54 29.61
CA PHE N 95 46.71 -14.39 28.84
C PHE N 95 45.52 -13.67 28.23
N SER N 96 45.60 -12.35 28.19
CA SER N 96 44.54 -11.53 27.61
C SER N 96 45.10 -10.85 26.37
N VAL N 97 44.76 -11.38 25.20
CA VAL N 97 44.94 -10.64 23.95
C VAL N 97 44.00 -9.45 23.90
N GLU N 98 42.82 -9.58 24.53
CA GLU N 98 41.88 -8.47 24.58
C GLU N 98 42.52 -7.26 25.28
N ASP N 99 43.33 -7.50 26.31
CA ASP N 99 44.05 -6.40 26.94
C ASP N 99 45.25 -5.92 26.15
N LEU N 100 45.49 -6.49 24.96
CA LEU N 100 46.43 -5.89 24.01
C LEU N 100 45.70 -4.69 23.40
N PHE N 101 45.67 -3.62 24.20
CA PHE N 101 45.03 -2.36 23.84
C PHE N 101 45.91 -1.62 22.87
N GLY N 102 45.76 -0.31 22.94
CA GLY N 102 46.88 0.53 22.61
C GLY N 102 48.01 0.38 23.60
N ALA N 103 48.44 -0.87 23.82
CA ALA N 103 49.55 -1.19 24.69
C ALA N 103 50.85 -1.16 23.91
N ASN N 104 51.89 -0.60 24.53
CA ASN N 104 53.19 -0.41 23.89
C ASN N 104 53.75 -1.74 23.40
N LEU N 105 53.81 -1.92 22.09
CA LEU N 105 54.13 -3.22 21.52
C LEU N 105 55.62 -3.51 21.42
N ASN N 106 56.46 -2.50 21.57
CA ASN N 106 57.91 -2.64 21.37
C ASN N 106 58.66 -2.36 22.67
N ARG N 107 58.16 -2.90 23.79
CA ARG N 107 58.82 -2.70 25.07
C ARG N 107 60.19 -3.35 25.14
N TYR N 108 60.53 -4.26 24.25
CA TYR N 108 61.74 -5.06 24.37
C TYR N 108 62.52 -5.08 23.07
N ALA N 109 63.78 -5.50 23.17
CA ALA N 109 64.66 -5.72 22.02
C ALA N 109 64.69 -4.52 21.09
N ASP O 20 23.26 -71.86 31.79
CA ASP O 20 24.69 -71.66 31.59
C ASP O 20 25.14 -72.21 30.25
N ILE O 21 25.49 -71.31 29.34
CA ILE O 21 26.01 -71.68 28.03
C ILE O 21 27.50 -71.96 28.16
N VAL O 22 27.97 -73.00 27.46
CA VAL O 22 29.36 -73.44 27.54
C VAL O 22 30.06 -73.11 26.23
N MET O 23 31.13 -72.32 26.31
CA MET O 23 31.95 -71.96 25.16
C MET O 23 33.22 -72.79 25.17
N THR O 24 33.42 -73.59 24.13
CA THR O 24 34.49 -74.58 24.07
C THR O 24 35.42 -74.23 22.91
N GLN O 25 36.54 -73.60 23.22
CA GLN O 25 37.55 -73.29 22.20
C GLN O 25 38.41 -74.52 21.93
N THR O 26 38.72 -74.73 20.65
CA THR O 26 39.75 -75.68 20.26
C THR O 26 40.72 -74.98 19.33
N PRO O 27 42.04 -75.11 19.54
CA PRO O 27 42.70 -75.88 20.59
C PRO O 27 42.86 -75.07 21.86
N PRO O 28 43.38 -75.67 22.94
CA PRO O 28 43.70 -74.86 24.14
C PRO O 28 44.97 -74.08 23.94
N SER O 29 45.94 -74.68 23.24
CA SER O 29 47.19 -74.03 22.91
C SER O 29 47.60 -74.50 21.53
N LEU O 30 48.51 -73.73 20.92
CA LEU O 30 48.82 -73.88 19.50
C LEU O 30 50.12 -73.12 19.23
N SER O 31 50.97 -73.69 18.39
CA SER O 31 52.23 -73.06 18.04
C SER O 31 52.33 -72.91 16.52
N ALA O 32 52.83 -71.76 16.09
CA ALA O 32 53.04 -71.46 14.67
C ALA O 32 54.06 -70.36 14.54
N SER O 33 54.80 -70.38 13.44
CA SER O 33 55.85 -69.39 13.21
C SER O 33 55.26 -68.09 12.69
N VAL O 34 56.13 -67.12 12.44
CA VAL O 34 55.69 -65.80 11.96
C VAL O 34 55.20 -65.94 10.52
N GLY O 35 53.98 -65.47 10.26
CA GLY O 35 53.44 -65.48 8.92
C GLY O 35 52.61 -66.69 8.54
N ASP O 36 52.42 -67.64 9.46
CA ASP O 36 51.55 -68.76 9.17
C ASP O 36 50.10 -68.29 9.10
N ARG O 37 49.21 -69.20 8.70
CA ARG O 37 47.78 -68.99 8.81
C ARG O 37 47.29 -69.75 10.03
N VAL O 38 46.81 -69.01 11.04
CA VAL O 38 46.40 -69.59 12.31
C VAL O 38 44.88 -69.50 12.41
N THR O 39 44.25 -70.62 12.80
CA THR O 39 42.80 -70.70 12.87
C THR O 39 42.39 -71.13 14.26
N LEU O 40 41.62 -70.29 14.94
CA LEU O 40 41.06 -70.62 16.24
C LEU O 40 39.57 -70.94 16.08
N THR O 41 39.11 -71.95 16.82
CA THR O 41 37.72 -72.36 16.78
C THR O 41 37.11 -72.17 18.16
N CYS O 42 35.79 -72.04 18.18
CA CYS O 42 35.05 -71.85 19.43
C CYS O 42 33.60 -72.21 19.17
N ARG O 43 33.06 -73.14 19.95
CA ARG O 43 31.71 -73.66 19.74
C ARG O 43 30.85 -73.37 20.95
N ALA O 44 29.56 -73.14 20.70
CA ALA O 44 28.59 -72.90 21.75
C ALA O 44 27.71 -74.14 21.95
N SER O 45 27.24 -74.29 23.19
CA SER O 45 26.35 -75.41 23.50
C SER O 45 24.98 -75.23 22.87
N GLN O 46 24.45 -74.00 22.85
CA GLN O 46 23.20 -73.67 22.17
C GLN O 46 23.50 -72.76 20.96
N ALA O 47 22.42 -72.28 20.34
CA ALA O 47 22.51 -71.20 19.36
C ALA O 47 22.62 -69.86 20.07
N ILE O 48 23.64 -69.07 19.68
CA ILE O 48 24.02 -67.79 20.31
C ILE O 48 23.98 -66.67 19.29
N ARG O 49 22.87 -66.62 18.59
CA ARG O 49 22.81 -66.63 17.13
C ARG O 49 23.95 -65.87 16.46
N ASN O 50 24.14 -64.57 16.70
CA ASN O 50 25.31 -63.88 16.16
C ASN O 50 25.95 -62.95 17.16
N ASN O 51 26.14 -63.42 18.37
CA ASN O 51 26.46 -62.60 19.52
C ASN O 51 27.70 -63.14 20.23
N LEU O 52 28.76 -63.38 19.46
CA LEU O 52 30.02 -63.85 20.01
C LEU O 52 31.13 -62.85 19.71
N ALA O 53 32.11 -62.76 20.61
CA ALA O 53 33.20 -61.80 20.48
C ALA O 53 34.53 -62.46 20.81
N TRP O 54 35.61 -61.85 20.32
CA TRP O 54 36.96 -62.35 20.51
C TRP O 54 37.85 -61.27 21.13
N TYR O 55 38.71 -61.68 22.07
CA TYR O 55 39.58 -60.76 22.80
C TYR O 55 40.99 -61.32 22.92
N GLN O 56 41.98 -60.46 22.69
CA GLN O 56 43.39 -60.81 22.82
C GLN O 56 43.92 -60.22 24.12
N HIS O 57 44.51 -61.08 24.95
CA HIS O 57 44.97 -60.72 26.29
C HIS O 57 46.46 -61.03 26.42
N LYS O 58 47.30 -60.04 26.12
CA LYS O 58 48.71 -60.17 26.50
C LYS O 58 48.84 -60.13 28.01
N PRO O 59 49.70 -60.96 28.61
CA PRO O 59 49.81 -60.99 30.06
C PRO O 59 50.38 -59.68 30.60
N GLY O 60 49.84 -59.23 31.73
CA GLY O 60 50.26 -58.00 32.38
C GLY O 60 49.47 -56.77 31.96
N LYS O 61 48.88 -56.80 30.78
CA LYS O 61 48.16 -55.67 30.22
C LYS O 61 46.67 -56.00 30.12
N ALA O 62 45.91 -55.05 29.56
CA ALA O 62 44.47 -55.19 29.45
C ALA O 62 44.07 -55.98 28.21
N PRO O 63 42.97 -56.70 28.27
CA PRO O 63 42.43 -57.34 27.08
C PRO O 63 41.90 -56.30 26.08
N LYS O 64 42.02 -56.64 24.80
CA LYS O 64 41.49 -55.83 23.72
C LYS O 64 40.52 -56.67 22.91
N ARG O 65 39.36 -56.11 22.61
CA ARG O 65 38.43 -56.79 21.72
C ARG O 65 38.99 -56.80 20.30
N LEU O 66 38.85 -57.94 19.63
CA LEU O 66 39.28 -58.07 18.25
C LEU O 66 38.12 -58.09 17.27
N ILE O 67 37.12 -58.92 17.54
CA ILE O 67 35.97 -59.11 16.65
C ILE O 67 34.70 -59.11 17.48
N TYR O 68 33.63 -58.57 16.90
CA TYR O 68 32.46 -58.15 17.68
C TYR O 68 31.20 -58.96 17.42
N ALA O 69 30.71 -59.01 16.18
CA ALA O 69 29.45 -59.69 15.88
C ALA O 69 29.70 -61.10 15.35
N ALA O 70 30.82 -61.68 15.78
CA ALA O 70 31.44 -62.88 15.22
C ALA O 70 32.02 -62.53 13.86
N SER O 71 31.73 -61.33 13.38
CA SER O 71 32.09 -60.97 12.02
C SER O 71 32.80 -59.62 11.91
N THR O 72 32.43 -58.64 12.73
CA THR O 72 32.91 -57.28 12.51
C THR O 72 34.30 -57.10 13.12
N LEU O 73 35.31 -56.97 12.26
CA LEU O 73 36.62 -56.51 12.71
C LEU O 73 36.49 -55.08 13.19
N GLU O 74 36.85 -54.81 14.44
CA GLU O 74 36.58 -53.52 15.04
C GLU O 74 37.84 -52.67 15.09
N ASP O 75 37.62 -51.35 15.12
CA ASP O 75 38.58 -50.36 14.66
C ASP O 75 39.94 -50.50 15.36
N GLY O 76 40.98 -50.11 14.64
CA GLY O 76 42.33 -50.12 15.15
C GLY O 76 42.99 -51.49 15.21
N VAL O 77 42.35 -52.52 14.68
CA VAL O 77 42.86 -53.89 14.70
C VAL O 77 43.29 -54.25 13.29
N PRO O 78 44.52 -54.73 13.09
CA PRO O 78 44.97 -55.05 11.72
C PRO O 78 44.09 -56.10 11.05
N SER O 79 43.92 -55.95 9.74
CA SER O 79 42.95 -56.73 8.99
C SER O 79 43.43 -58.15 8.68
N SER O 80 44.52 -58.60 9.29
CA SER O 80 44.83 -60.02 9.23
C SER O 80 43.79 -60.83 9.99
N PHE O 81 43.13 -60.21 10.96
CA PHE O 81 42.14 -60.91 11.78
C PHE O 81 40.78 -60.94 11.07
N SER O 82 40.12 -62.10 11.15
CA SER O 82 38.80 -62.26 10.58
C SER O 82 38.01 -63.24 11.44
N GLY O 83 36.69 -63.11 11.39
CA GLY O 83 35.81 -63.96 12.16
C GLY O 83 34.61 -64.37 11.35
N SER O 84 34.12 -65.58 11.64
CA SER O 84 33.01 -66.14 10.88
C SER O 84 32.17 -67.04 11.77
N GLY O 85 30.96 -67.33 11.31
CA GLY O 85 30.12 -68.32 11.97
C GLY O 85 28.73 -67.84 12.36
N PHE O 86 27.79 -68.78 12.42
CA PHE O 86 26.42 -68.52 12.85
C PHE O 86 25.97 -69.60 13.82
N GLY O 87 25.32 -69.17 14.90
CA GLY O 87 24.60 -70.08 15.77
C GLY O 87 25.45 -70.95 16.69
N THR O 88 26.17 -71.90 16.10
CA THR O 88 26.90 -72.91 16.87
C THR O 88 28.41 -72.81 16.77
N ASP O 89 28.96 -72.60 15.58
CA ASP O 89 30.40 -72.71 15.36
C ASP O 89 30.95 -71.37 14.91
N PHE O 90 31.96 -70.88 15.62
CA PHE O 90 32.57 -69.59 15.33
C PHE O 90 34.08 -69.73 15.23
N THR O 91 34.69 -68.81 14.50
CA THR O 91 36.08 -68.93 14.09
C THR O 91 36.76 -67.58 14.14
N LEU O 92 37.89 -67.50 14.84
CA LEU O 92 38.83 -66.40 14.72
C LEU O 92 40.04 -66.91 13.95
N THR O 93 40.35 -66.27 12.83
CA THR O 93 41.50 -66.64 12.02
C THR O 93 42.36 -65.41 11.82
N ILE O 94 43.61 -65.48 12.24
CA ILE O 94 44.60 -64.46 11.92
C ILE O 94 45.32 -64.92 10.66
N ASN O 95 45.16 -64.15 9.58
CA ASN O 95 45.59 -64.61 8.27
C ASN O 95 47.11 -64.71 8.17
N SER O 96 47.83 -63.72 8.68
CA SER O 96 49.29 -63.72 8.65
C SER O 96 49.78 -63.34 10.04
N LEU O 97 50.28 -64.32 10.79
CA LEU O 97 50.75 -64.10 12.14
C LEU O 97 51.86 -63.05 12.17
N GLN O 98 51.80 -62.17 13.16
CA GLN O 98 52.82 -61.15 13.37
C GLN O 98 53.37 -61.28 14.79
N PRO O 99 54.60 -60.84 15.04
CA PRO O 99 55.22 -61.14 16.35
C PRO O 99 54.40 -60.66 17.53
N GLU O 100 53.77 -59.49 17.42
CA GLU O 100 52.92 -58.98 18.49
C GLU O 100 51.64 -59.78 18.67
N ASP O 101 51.40 -60.78 17.83
CA ASP O 101 50.23 -61.64 17.95
C ASP O 101 50.49 -62.88 18.80
N PHE O 102 51.72 -63.09 19.28
CA PHE O 102 51.92 -63.98 20.41
C PHE O 102 51.03 -63.50 21.55
N ALA O 103 50.06 -64.33 21.91
CA ALA O 103 49.06 -63.94 22.89
C ALA O 103 48.17 -65.14 23.16
N THR O 104 47.31 -64.99 24.14
CA THR O 104 46.23 -65.94 24.42
C THR O 104 44.91 -65.28 24.07
N TYR O 105 44.05 -66.00 23.35
CA TYR O 105 42.85 -65.43 22.76
C TYR O 105 41.61 -66.13 23.31
N TYR O 106 40.65 -65.34 23.76
CA TYR O 106 39.41 -65.86 24.31
C TYR O 106 38.25 -65.47 23.41
N CYS O 107 37.32 -66.41 23.23
CA CYS O 107 36.02 -66.09 22.63
C CYS O 107 35.01 -65.85 23.75
N LEU O 108 33.87 -65.28 23.39
CA LEU O 108 32.94 -64.78 24.39
C LEU O 108 31.55 -64.74 23.80
N GLN O 109 30.64 -65.53 24.36
CA GLN O 109 29.22 -65.40 24.02
C GLN O 109 28.59 -64.38 24.94
N HIS O 110 27.77 -63.50 24.36
CA HIS O 110 26.94 -62.59 25.15
C HIS O 110 25.45 -62.79 24.86
N SER O 111 25.07 -63.94 24.30
CA SER O 111 23.68 -64.19 23.94
C SER O 111 22.77 -64.19 25.16
N THR O 112 22.95 -65.17 26.07
CA THR O 112 22.08 -65.36 27.22
C THR O 112 22.93 -65.29 28.48
N TYR O 113 22.79 -64.18 29.28
CA TYR O 113 23.68 -64.18 30.43
C TYR O 113 23.11 -65.05 31.55
N PRO O 114 23.97 -65.61 32.43
CA PRO O 114 25.40 -65.33 32.66
C PRO O 114 26.31 -65.61 31.47
N TRP O 115 27.12 -64.61 31.09
CA TRP O 115 28.00 -64.72 29.94
C TRP O 115 29.24 -65.53 30.29
N THR O 116 29.76 -66.22 29.28
CA THR O 116 30.85 -67.17 29.48
C THR O 116 31.88 -67.02 28.37
N PHE O 117 33.15 -67.10 28.75
CA PHE O 117 34.25 -67.18 27.81
C PHE O 117 34.47 -68.63 27.39
N GLY O 118 35.27 -68.81 26.35
CA GLY O 118 35.94 -70.08 26.16
C GLY O 118 37.11 -70.19 27.11
N GLN O 119 37.69 -71.39 27.18
CA GLN O 119 38.87 -71.54 28.03
C GLN O 119 40.06 -70.79 27.48
N GLY O 120 39.98 -70.29 26.25
CA GLY O 120 41.05 -69.54 25.66
C GLY O 120 42.00 -70.41 24.88
N THR O 121 42.63 -69.81 23.87
CA THR O 121 43.70 -70.45 23.11
C THR O 121 44.93 -69.58 23.18
N LYS O 122 45.97 -70.06 23.85
CA LYS O 122 47.25 -69.39 23.80
C LYS O 122 47.94 -69.73 22.50
N VAL O 123 48.53 -68.72 21.86
CA VAL O 123 49.29 -68.94 20.63
C VAL O 123 50.76 -68.76 20.94
N GLU O 124 51.43 -69.86 21.31
CA GLU O 124 52.87 -69.87 21.34
C GLU O 124 53.41 -69.71 19.93
N ILE O 125 54.69 -69.38 19.83
CA ILE O 125 55.30 -69.14 18.53
C ILE O 125 56.50 -70.08 18.39
N LYS O 126 56.58 -70.73 17.23
CA LYS O 126 57.15 -72.07 17.05
C LYS O 126 58.68 -72.08 17.19
N ARG O 127 59.20 -73.26 17.53
CA ARG O 127 60.64 -73.54 17.55
C ARG O 127 60.85 -75.02 17.21
N THR O 128 62.09 -75.35 16.84
CA THR O 128 62.50 -76.73 16.68
C THR O 128 62.59 -77.45 18.02
N VAL O 129 62.36 -78.76 17.98
CA VAL O 129 62.36 -79.58 19.19
C VAL O 129 63.73 -79.54 19.85
N ALA O 130 63.74 -79.39 21.18
CA ALA O 130 64.97 -79.38 21.94
C ALA O 130 64.72 -79.98 23.32
N ALA O 131 65.62 -80.88 23.73
CA ALA O 131 65.56 -81.57 25.00
C ALA O 131 65.96 -80.63 26.14
N PRO O 132 65.44 -80.86 27.35
CA PRO O 132 65.83 -80.03 28.50
C PRO O 132 67.14 -80.47 29.11
N SER O 133 67.97 -79.48 29.46
CA SER O 133 69.16 -79.74 30.25
C SER O 133 68.75 -79.79 31.72
N VAL O 134 68.70 -81.00 32.29
CA VAL O 134 68.08 -81.22 33.58
C VAL O 134 69.16 -81.30 34.65
N PHE O 135 69.00 -80.49 35.70
CA PHE O 135 69.85 -80.51 36.88
C PHE O 135 68.98 -80.78 38.10
N ILE O 136 69.63 -81.14 39.21
CA ILE O 136 68.94 -81.38 40.46
C ILE O 136 69.75 -80.77 41.61
N PHE O 137 69.04 -80.27 42.61
CA PHE O 137 69.65 -79.58 43.75
C PHE O 137 69.10 -80.14 45.05
N PRO O 138 69.94 -80.69 45.92
CA PRO O 138 69.46 -81.21 47.19
C PRO O 138 69.01 -80.08 48.10
N PRO O 139 68.40 -80.38 49.24
CA PRO O 139 68.16 -79.34 50.24
C PRO O 139 69.48 -78.71 50.66
N SER O 140 69.45 -77.40 50.84
CA SER O 140 70.64 -76.67 51.23
C SER O 140 70.91 -76.83 52.72
N ASP O 141 72.21 -76.82 53.06
CA ASP O 141 72.61 -76.86 54.47
C ASP O 141 71.91 -75.76 55.26
N GLU O 142 71.87 -74.55 54.70
CA GLU O 142 71.23 -73.42 55.37
C GLU O 142 69.76 -73.72 55.66
N GLN O 143 69.06 -74.31 54.70
CA GLN O 143 67.66 -74.65 54.90
C GLN O 143 67.49 -75.75 55.94
N LEU O 144 68.35 -76.78 55.89
CA LEU O 144 68.20 -77.92 56.79
C LEU O 144 68.35 -77.53 58.24
N LYS O 145 69.15 -76.50 58.53
CA LYS O 145 69.27 -76.02 59.90
C LYS O 145 67.93 -75.55 60.45
N SER O 146 67.02 -75.15 59.57
CA SER O 146 65.71 -74.63 59.98
C SER O 146 64.63 -75.70 60.00
N GLY O 147 64.94 -76.94 59.64
CA GLY O 147 63.97 -78.01 59.74
C GLY O 147 62.99 -78.13 58.59
N THR O 148 63.35 -77.65 57.41
CA THR O 148 62.58 -77.92 56.21
C THR O 148 63.54 -78.30 55.09
N ALA O 149 63.08 -79.14 54.17
CA ALA O 149 63.93 -79.66 53.10
C ALA O 149 63.22 -79.48 51.76
N SER O 150 63.90 -78.82 50.82
CA SER O 150 63.35 -78.59 49.49
C SER O 150 64.32 -79.12 48.44
N VAL O 151 63.85 -80.08 47.64
CA VAL O 151 64.62 -80.63 46.53
C VAL O 151 64.13 -79.95 45.25
N VAL O 152 65.06 -79.45 44.45
CA VAL O 152 64.75 -78.63 43.30
C VAL O 152 65.26 -79.31 42.05
N CYS O 153 64.35 -79.54 41.10
CA CYS O 153 64.69 -80.11 39.80
C CYS O 153 64.51 -79.03 38.73
N LEU O 154 65.53 -78.85 37.90
CA LEU O 154 65.55 -77.83 36.87
C LEU O 154 65.44 -78.47 35.50
N LEU O 155 64.48 -78.01 34.70
CA LEU O 155 64.40 -78.32 33.28
C LEU O 155 64.69 -77.02 32.53
N ASN O 156 65.83 -76.96 31.87
CA ASN O 156 66.33 -75.70 31.30
C ASN O 156 66.20 -75.73 29.79
N ASN O 157 65.42 -74.80 29.23
CA ASN O 157 65.50 -74.43 27.83
C ASN O 157 65.19 -75.61 26.90
N PHE O 158 63.93 -76.03 26.93
CA PHE O 158 63.41 -77.12 26.10
C PHE O 158 62.20 -76.64 25.31
N TYR O 159 61.81 -77.42 24.29
CA TYR O 159 60.60 -77.19 23.49
C TYR O 159 60.05 -78.54 23.01
N PRO O 160 58.72 -78.73 23.01
CA PRO O 160 57.71 -77.75 23.43
C PRO O 160 57.54 -77.59 24.94
N ARG O 161 56.47 -76.90 25.33
CA ARG O 161 56.20 -76.69 26.74
C ARG O 161 55.90 -77.99 27.46
N GLU O 162 55.11 -78.88 26.83
CA GLU O 162 54.58 -80.04 27.52
C GLU O 162 55.69 -80.96 28.02
N ALA O 163 55.65 -81.28 29.31
CA ALA O 163 56.65 -82.14 29.93
C ALA O 163 56.06 -82.78 31.17
N LYS O 164 56.67 -83.88 31.60
CA LYS O 164 56.20 -84.65 32.75
C LYS O 164 57.37 -84.91 33.69
N VAL O 165 57.26 -84.45 34.92
CA VAL O 165 58.31 -84.59 35.93
C VAL O 165 57.70 -85.25 37.16
N GLN O 166 58.14 -86.47 37.45
CA GLN O 166 57.76 -87.19 38.66
C GLN O 166 59.00 -87.47 39.51
N TRP O 167 58.80 -87.45 40.83
CA TRP O 167 59.88 -87.60 41.79
C TRP O 167 59.90 -89.03 42.33
N LYS O 168 61.10 -89.59 42.45
CA LYS O 168 61.30 -90.91 43.04
C LYS O 168 62.23 -90.77 44.25
N VAL O 169 61.69 -91.02 45.44
CA VAL O 169 62.44 -91.00 46.68
C VAL O 169 62.53 -92.44 47.17
N ASP O 170 63.75 -92.99 47.17
CA ASP O 170 63.96 -94.41 47.43
C ASP O 170 63.08 -95.25 46.51
N ASN O 171 63.05 -94.86 45.24
CA ASN O 171 62.26 -95.50 44.19
C ASN O 171 60.77 -95.45 44.46
N ALA O 172 60.33 -94.71 45.47
CA ALA O 172 58.92 -94.50 45.73
C ALA O 172 58.46 -93.26 44.97
N LEU O 173 57.51 -93.45 44.05
CA LEU O 173 57.01 -92.36 43.24
C LEU O 173 56.19 -91.42 44.11
N GLN O 174 56.77 -90.27 44.46
CA GLN O 174 56.16 -89.40 45.45
C GLN O 174 55.01 -88.62 44.85
N SER O 175 53.96 -88.43 45.65
CA SER O 175 52.69 -87.91 45.17
C SER O 175 52.31 -86.65 45.94
N GLY O 176 52.06 -85.58 45.20
CA GLY O 176 51.45 -84.39 45.76
C GLY O 176 52.29 -83.61 46.77
N ASN O 177 53.61 -83.67 46.66
CA ASN O 177 54.49 -82.75 47.38
C ASN O 177 55.48 -82.10 46.43
N SER O 178 55.10 -81.96 45.17
CA SER O 178 55.89 -81.29 44.14
C SER O 178 55.02 -80.26 43.45
N GLN O 179 55.64 -79.16 43.05
CA GLN O 179 54.95 -78.10 42.32
C GLN O 179 55.85 -77.60 41.19
N GLU O 180 55.28 -77.44 40.01
CA GLU O 180 56.04 -77.01 38.84
C GLU O 180 55.76 -75.55 38.54
N SER O 181 56.79 -74.85 38.08
CA SER O 181 56.65 -73.49 37.60
C SER O 181 57.37 -73.38 36.27
N VAL O 182 56.74 -72.74 35.29
CA VAL O 182 57.26 -72.69 33.92
C VAL O 182 57.46 -71.25 33.53
N THR O 183 58.68 -70.92 33.07
CA THR O 183 58.93 -69.61 32.50
C THR O 183 58.10 -69.43 31.24
N GLU O 184 57.98 -68.18 30.81
CA GLU O 184 57.43 -67.99 29.49
C GLU O 184 58.52 -68.21 28.45
N GLN O 185 58.11 -68.50 27.22
CA GLN O 185 59.03 -68.69 26.10
C GLN O 185 60.07 -67.58 26.08
N ASP O 186 61.35 -67.96 26.17
CA ASP O 186 62.40 -66.96 26.29
C ASP O 186 62.47 -66.11 25.04
N SER O 187 62.74 -64.81 25.23
CA SER O 187 62.62 -63.84 24.13
C SER O 187 63.67 -64.07 23.05
N LYS O 188 64.80 -64.67 23.37
CA LYS O 188 65.86 -64.86 22.38
C LYS O 188 65.81 -66.24 21.73
N ASP O 189 65.69 -67.31 22.52
CA ASP O 189 65.75 -68.66 21.98
C ASP O 189 64.41 -69.39 22.02
N SER O 190 63.32 -68.74 22.44
CA SER O 190 61.97 -69.30 22.38
C SER O 190 61.80 -70.59 23.17
N THR O 191 62.62 -70.83 24.19
CA THR O 191 62.57 -72.07 24.95
C THR O 191 61.82 -71.89 26.26
N TYR O 192 61.38 -73.02 26.81
CA TYR O 192 60.74 -73.07 28.12
C TYR O 192 61.72 -73.56 29.17
N SER O 193 61.45 -73.19 30.42
CA SER O 193 62.22 -73.68 31.55
C SER O 193 61.24 -74.02 32.67
N LEU O 194 61.66 -74.95 33.54
CA LEU O 194 60.76 -75.51 34.54
C LEU O 194 61.47 -75.72 35.86
N SER O 195 60.83 -75.29 36.95
CA SER O 195 61.26 -75.58 38.30
C SER O 195 60.24 -76.52 38.94
N SER O 196 60.70 -77.72 39.32
CA SER O 196 59.90 -78.64 40.11
C SER O 196 60.54 -78.70 41.49
N THR O 197 59.82 -78.21 42.49
CA THR O 197 60.35 -78.07 43.84
C THR O 197 59.71 -79.16 44.71
N LEU O 198 60.54 -80.02 45.27
CA LEU O 198 60.09 -81.12 46.11
C LEU O 198 60.29 -80.75 47.57
N THR O 199 59.21 -80.77 48.34
CA THR O 199 59.22 -80.27 49.71
C THR O 199 59.04 -81.41 50.70
N LEU O 200 59.92 -81.46 51.70
CA LEU O 200 59.85 -82.47 52.75
C LEU O 200 60.22 -81.85 54.07
N SER O 201 59.59 -82.35 55.14
CA SER O 201 60.09 -82.07 56.48
C SER O 201 61.48 -82.66 56.61
N LYS O 202 62.36 -81.97 57.35
CA LYS O 202 63.69 -82.49 57.57
C LYS O 202 63.64 -83.90 58.14
N ALA O 203 62.64 -84.19 58.97
CA ALA O 203 62.48 -85.54 59.51
C ALA O 203 62.42 -86.57 58.39
N ASP O 204 61.47 -86.39 57.46
CA ASP O 204 61.32 -87.37 56.38
C ASP O 204 62.50 -87.36 55.41
N TYR O 205 63.22 -86.24 55.31
CA TYR O 205 64.35 -86.18 54.39
C TYR O 205 65.55 -86.98 54.89
N GLU O 206 65.73 -87.07 56.21
CA GLU O 206 66.80 -87.89 56.75
C GLU O 206 66.46 -89.37 56.74
N LYS O 207 65.17 -89.73 56.64
CA LYS O 207 64.76 -91.13 56.64
C LYS O 207 64.95 -91.82 55.29
N HIS O 208 65.24 -91.06 54.23
CA HIS O 208 65.41 -91.65 52.92
C HIS O 208 66.75 -91.22 52.34
N LYS O 209 67.21 -91.97 51.33
CA LYS O 209 68.60 -91.89 50.92
C LYS O 209 68.75 -91.64 49.43
N VAL O 210 67.79 -92.08 48.64
CA VAL O 210 67.78 -91.86 47.19
C VAL O 210 66.74 -90.79 46.87
N TYR O 211 67.18 -89.73 46.21
CA TYR O 211 66.30 -88.68 45.70
C TYR O 211 66.52 -88.52 44.20
N ALA O 212 65.45 -88.66 43.43
CA ALA O 212 65.56 -88.75 41.99
C ALA O 212 64.47 -87.91 41.33
N CYS O 213 64.82 -87.32 40.18
CA CYS O 213 63.91 -86.57 39.33
C CYS O 213 63.87 -87.23 37.97
N GLU O 214 62.67 -87.58 37.51
CA GLU O 214 62.48 -88.31 36.26
C GLU O 214 61.68 -87.45 35.28
N VAL O 215 62.35 -86.98 34.24
CA VAL O 215 61.76 -86.07 33.25
C VAL O 215 61.36 -86.88 32.03
N THR O 216 60.11 -86.72 31.60
CA THR O 216 59.60 -87.30 30.37
C THR O 216 59.31 -86.16 29.40
N HIS O 217 60.02 -86.13 28.27
CA HIS O 217 59.85 -85.06 27.30
C HIS O 217 59.84 -85.62 25.89
N GLN O 218 59.14 -84.93 25.00
CA GLN O 218 59.08 -85.33 23.60
C GLN O 218 60.45 -85.29 22.95
N GLY O 219 61.32 -84.39 23.39
CA GLY O 219 62.65 -84.25 22.84
C GLY O 219 63.69 -85.24 23.34
N LEU O 220 63.33 -86.06 24.32
CA LEU O 220 64.22 -87.08 24.83
C LEU O 220 64.01 -88.39 24.08
N SER O 221 65.12 -89.09 23.82
CA SER O 221 65.01 -90.43 23.24
C SER O 221 64.26 -91.38 24.16
N SER O 222 64.38 -91.16 25.48
CA SER O 222 63.63 -91.85 26.52
C SER O 222 63.83 -91.10 27.83
N PRO O 223 62.83 -91.10 28.72
CA PRO O 223 62.96 -90.38 30.00
C PRO O 223 64.28 -90.63 30.72
N VAL O 224 65.02 -89.57 31.01
CA VAL O 224 66.28 -89.66 31.74
C VAL O 224 66.00 -89.27 33.18
N THR O 225 66.79 -89.81 34.10
CA THR O 225 66.58 -89.63 35.53
C THR O 225 67.85 -89.05 36.14
N LYS O 226 67.70 -87.90 36.82
CA LYS O 226 68.79 -87.31 37.59
C LYS O 226 68.58 -87.62 39.07
N SER O 227 69.69 -87.93 39.75
CA SER O 227 69.61 -88.55 41.07
C SER O 227 70.81 -88.16 41.92
N PHE O 228 70.57 -88.03 43.22
CA PHE O 228 71.64 -87.90 44.20
C PHE O 228 71.34 -88.78 45.41
N ASN O 229 72.39 -89.38 45.97
CA ASN O 229 72.31 -90.07 47.25
C ASN O 229 72.71 -89.07 48.32
N ARG O 230 71.95 -89.03 49.43
CA ARG O 230 71.96 -87.93 50.38
C ARG O 230 73.36 -87.48 50.80
N GLY O 231 73.73 -86.25 50.45
CA GLY O 231 74.98 -85.65 50.87
C GLY O 231 76.24 -86.07 50.13
N GLU O 232 76.32 -85.80 48.83
CA GLU O 232 77.54 -86.08 48.06
C GLU O 232 77.92 -84.91 47.16
N GLU P 20 41.65 -40.78 24.48
CA GLU P 20 40.47 -41.47 23.99
C GLU P 20 39.59 -41.93 25.15
N VAL P 21 39.23 -43.22 25.17
CA VAL P 21 38.32 -43.76 26.16
C VAL P 21 39.13 -44.52 27.20
N GLN P 22 39.10 -44.05 28.44
CA GLN P 22 39.87 -44.63 29.53
C GLN P 22 38.93 -45.20 30.58
N LEU P 23 39.17 -46.45 30.97
CA LEU P 23 38.62 -47.01 32.20
C LEU P 23 39.78 -47.32 33.12
N VAL P 24 39.71 -46.80 34.35
CA VAL P 24 40.76 -47.02 35.33
C VAL P 24 40.13 -47.58 36.60
N GLU P 25 40.67 -48.70 37.07
CA GLU P 25 40.13 -49.43 38.21
C GLU P 25 41.17 -49.44 39.32
N SER P 26 40.76 -49.08 40.54
CA SER P 26 41.70 -48.73 41.58
C SER P 26 41.60 -49.53 42.87
N GLY P 27 40.49 -50.22 43.12
CA GLY P 27 40.27 -50.78 44.45
C GLY P 27 41.04 -52.03 44.82
N GLY P 28 42.21 -52.25 44.22
CA GLY P 28 42.96 -53.48 44.51
C GLY P 28 43.59 -53.46 45.90
N ARG P 29 43.62 -54.63 46.53
CA ARG P 29 44.07 -54.72 47.92
C ARG P 29 44.37 -56.17 48.27
N VAL P 30 44.57 -56.42 49.57
CA VAL P 30 44.66 -57.74 50.17
C VAL P 30 43.56 -57.86 51.20
N VAL P 31 42.84 -58.99 51.20
CA VAL P 31 41.70 -59.18 52.08
C VAL P 31 41.83 -60.53 52.79
N GLN P 32 41.40 -60.56 54.05
CA GLN P 32 41.23 -61.81 54.76
C GLN P 32 40.05 -62.58 54.18
N PRO P 33 40.11 -63.92 54.19
CA PRO P 33 38.98 -64.71 53.71
C PRO P 33 37.68 -64.35 54.43
N GLY P 34 36.61 -64.24 53.65
CA GLY P 34 35.31 -63.84 54.16
C GLY P 34 35.11 -62.35 54.31
N GLY P 35 36.15 -61.54 54.19
CA GLY P 35 36.06 -60.12 54.40
C GLY P 35 35.40 -59.39 53.24
N SER P 36 35.58 -58.07 53.25
CA SER P 36 34.96 -57.21 52.26
C SER P 36 36.00 -56.29 51.64
N LEU P 37 35.88 -56.08 50.33
CA LEU P 37 36.67 -55.08 49.61
C LEU P 37 35.74 -54.30 48.69
N ARG P 38 36.08 -53.02 48.48
CA ARG P 38 35.29 -52.14 47.63
C ARG P 38 36.13 -51.74 46.43
N LEU P 39 35.78 -52.24 45.26
CA LEU P 39 36.48 -51.87 44.03
C LEU P 39 35.91 -50.57 43.46
N SER P 40 36.78 -49.81 42.80
CA SER P 40 36.39 -48.61 42.11
C SER P 40 36.81 -48.69 40.65
N CYS P 41 35.96 -48.18 39.76
CA CYS P 41 36.20 -48.18 38.32
C CYS P 41 35.95 -46.76 37.82
N VAL P 42 37.02 -46.02 37.61
CA VAL P 42 36.96 -44.60 37.25
C VAL P 42 37.04 -44.50 35.74
N THR P 43 35.96 -44.04 35.12
CA THR P 43 35.81 -44.03 33.67
C THR P 43 35.80 -42.59 33.16
N SER P 44 36.62 -42.32 32.15
CA SER P 44 36.71 -40.99 31.58
C SER P 44 36.81 -41.09 30.06
N GLY P 45 36.42 -40.03 29.38
CA GLY P 45 36.53 -39.94 27.94
C GLY P 45 35.27 -40.26 27.16
N PHE P 46 34.12 -40.31 27.80
CA PHE P 46 32.88 -40.65 27.12
C PHE P 46 31.71 -40.33 28.04
N THR P 47 30.49 -40.48 27.51
CA THR P 47 29.28 -40.23 28.27
C THR P 47 29.04 -41.42 29.19
N PHE P 48 29.16 -41.22 30.50
CA PHE P 48 29.17 -42.34 31.43
C PHE P 48 27.78 -42.96 31.60
N SER P 49 26.76 -42.13 31.86
CA SER P 49 25.46 -42.68 32.21
C SER P 49 24.85 -43.45 31.04
N TYR P 50 25.17 -43.05 29.81
CA TYR P 50 24.65 -43.74 28.63
C TYR P 50 25.26 -45.12 28.43
N TYR P 51 26.09 -45.59 29.35
CA TYR P 51 26.72 -46.88 29.26
C TYR P 51 26.51 -47.69 30.54
N PRO P 52 26.26 -48.98 30.42
CA PRO P 52 26.39 -49.87 31.58
C PRO P 52 27.81 -50.43 31.67
N ILE P 53 28.10 -51.23 32.69
CA ILE P 53 29.43 -51.75 32.89
C ILE P 53 29.39 -53.25 33.16
N HIS P 54 30.54 -53.89 33.00
CA HIS P 54 30.72 -55.29 33.30
C HIS P 54 31.99 -55.45 34.13
N TRP P 55 32.04 -56.54 34.91
CA TRP P 55 33.24 -56.94 35.61
C TRP P 55 33.70 -58.30 35.10
N VAL P 56 35.00 -58.44 34.88
CA VAL P 56 35.60 -59.71 34.48
C VAL P 56 36.88 -59.92 35.29
N ARG P 57 37.04 -61.11 35.84
CA ARG P 57 38.17 -61.45 36.68
C ARG P 57 38.97 -62.59 36.06
N GLN P 58 40.28 -62.54 36.26
CA GLN P 58 41.19 -63.60 35.82
C GLN P 58 41.94 -64.14 37.03
N GLY P 59 41.66 -65.38 37.40
CA GLY P 59 42.37 -66.03 38.46
C GLY P 59 43.78 -66.40 38.06
N PRO P 60 44.64 -66.66 39.04
CA PRO P 60 46.01 -67.09 38.74
C PRO P 60 46.00 -68.47 38.07
N GLY P 61 46.56 -68.53 36.86
CA GLY P 61 46.53 -69.76 36.08
C GLY P 61 45.13 -70.20 35.68
N LYS P 62 44.26 -69.25 35.33
CA LYS P 62 42.89 -69.55 34.93
C LYS P 62 42.46 -68.59 33.84
N GLY P 63 41.45 -68.99 33.06
CA GLY P 63 40.94 -68.15 32.01
C GLY P 63 40.09 -67.01 32.53
N LEU P 64 39.77 -66.08 31.64
CA LEU P 64 38.91 -64.97 31.99
C LEU P 64 37.49 -65.46 32.29
N GLU P 65 36.87 -64.86 33.30
CA GLU P 65 35.53 -65.24 33.73
C GLU P 65 34.69 -63.98 33.92
N TRP P 66 33.50 -63.98 33.31
CA TRP P 66 32.55 -62.90 33.54
C TRP P 66 31.93 -63.04 34.93
N VAL P 67 31.92 -61.95 35.68
CA VAL P 67 31.45 -61.99 37.07
C VAL P 67 30.07 -61.37 37.19
N THR P 68 29.96 -60.08 36.85
CA THR P 68 28.73 -59.35 37.09
C THR P 68 28.57 -58.24 36.06
N MET P 69 27.34 -57.76 35.93
CA MET P 69 26.99 -56.62 35.09
C MET P 69 26.20 -55.62 35.90
N MET P 70 26.54 -54.35 35.76
CA MET P 70 25.76 -53.25 36.32
C MET P 70 24.87 -52.69 35.23
N SER P 71 23.58 -52.58 35.52
CA SER P 71 22.64 -52.09 34.53
C SER P 71 22.80 -50.58 34.35
N PHE P 72 22.22 -50.09 33.25
CA PHE P 72 22.24 -48.67 32.92
C PHE P 72 21.69 -47.82 34.04
N ASP P 73 20.49 -48.18 34.52
CA ASP P 73 19.88 -47.47 35.62
C ASP P 73 20.63 -47.69 36.92
N GLY P 74 21.26 -48.86 37.08
CA GLY P 74 21.91 -49.24 38.31
C GLY P 74 21.03 -50.01 39.26
N THR P 75 19.70 -49.99 39.06
CA THR P 75 18.78 -50.66 39.96
C THR P 75 18.93 -52.18 39.88
N SER P 76 19.18 -52.71 38.68
CA SER P 76 19.22 -54.15 38.46
C SER P 76 20.67 -54.62 38.42
N ASP P 77 20.99 -55.58 39.28
CA ASP P 77 22.31 -56.19 39.36
C ASP P 77 22.14 -57.68 39.11
N HIS P 78 22.93 -58.23 38.17
CA HIS P 78 22.86 -59.63 37.76
C HIS P 78 24.24 -60.25 37.77
N CYS P 79 24.45 -61.18 38.68
CA CYS P 79 25.77 -61.76 38.94
C CYS P 79 25.81 -63.21 38.47
N ILE P 80 27.05 -63.71 38.31
CA ILE P 80 27.23 -65.14 38.06
C ILE P 80 26.93 -65.92 39.32
N SER P 81 26.67 -67.22 39.14
CA SER P 81 26.19 -68.05 40.25
C SER P 81 27.16 -68.05 41.42
N SER P 82 28.47 -68.01 41.12
CA SER P 82 29.47 -68.11 42.18
C SER P 82 29.39 -66.93 43.15
N VAL P 83 29.19 -65.72 42.62
CA VAL P 83 29.24 -64.53 43.43
C VAL P 83 27.84 -63.96 43.69
N LYS P 84 26.79 -64.69 43.35
CA LYS P 84 25.44 -64.16 43.50
C LYS P 84 25.11 -63.93 44.97
N GLY P 85 24.50 -62.79 45.25
CA GLY P 85 24.14 -62.43 46.60
C GLY P 85 25.29 -61.93 47.45
N ARG P 86 26.52 -61.96 46.94
CA ARG P 86 27.69 -61.48 47.65
C ARG P 86 28.26 -60.20 47.08
N PHE P 87 27.90 -59.84 45.86
CA PHE P 87 28.44 -58.69 45.15
C PHE P 87 27.34 -57.65 44.97
N VAL P 88 27.65 -56.39 45.32
CA VAL P 88 26.71 -55.28 45.18
C VAL P 88 27.40 -54.17 44.40
N MET P 89 26.77 -53.71 43.33
CA MET P 89 27.34 -52.69 42.47
C MET P 89 26.50 -51.42 42.55
N SER P 90 27.17 -50.31 42.83
CA SER P 90 26.53 -49.01 42.85
C SER P 90 27.31 -48.06 41.94
N ARG P 91 26.59 -47.29 41.14
CA ARG P 91 27.20 -46.37 40.20
C ARG P 91 26.64 -44.97 40.41
N ASP P 92 27.53 -43.99 40.49
CA ASP P 92 27.17 -42.57 40.55
C ASP P 92 27.49 -41.94 39.22
N ASN P 93 26.46 -41.48 38.50
CA ASN P 93 26.65 -40.90 37.18
C ASN P 93 27.48 -39.62 37.26
N SER P 94 27.26 -38.79 38.28
CA SER P 94 28.02 -37.54 38.40
C SER P 94 29.50 -37.82 38.66
N ARG P 95 29.80 -38.81 39.50
CA ARG P 95 31.18 -39.17 39.79
C ARG P 95 31.89 -39.86 38.63
N ASN P 96 31.12 -40.39 37.67
CA ASN P 96 31.63 -41.21 36.57
C ASN P 96 32.35 -42.46 37.06
N THR P 97 32.00 -42.96 38.24
CA THR P 97 32.68 -44.10 38.84
C THR P 97 31.65 -45.15 39.24
N LEU P 98 32.02 -46.42 39.05
CA LEU P 98 31.20 -47.55 39.49
C LEU P 98 31.92 -48.24 40.64
N TYR P 99 31.22 -48.40 41.75
CA TYR P 99 31.77 -49.05 42.94
C TYR P 99 31.27 -50.48 43.02
N LEU P 100 32.17 -51.39 43.36
CA LEU P 100 31.86 -52.81 43.50
C LEU P 100 32.14 -53.26 44.92
N GLU P 101 31.09 -53.64 45.64
CA GLU P 101 31.20 -54.12 47.02
C GLU P 101 31.19 -55.64 46.99
N MET P 102 32.26 -56.25 47.50
CA MET P 102 32.44 -57.69 47.51
C MET P 102 32.42 -58.18 48.95
N ASN P 103 31.53 -59.12 49.25
CA ASN P 103 31.36 -59.66 50.60
C ASN P 103 31.59 -61.16 50.57
N LYS P 104 32.01 -61.70 51.72
CA LYS P 104 32.30 -63.12 51.88
C LYS P 104 33.32 -63.60 50.83
N MET P 105 34.45 -62.89 50.77
CA MET P 105 35.48 -63.21 49.79
C MET P 105 35.96 -64.64 49.96
N ARG P 106 36.21 -65.31 48.84
CA ARG P 106 36.66 -66.68 48.84
C ARG P 106 38.02 -66.78 48.20
N LEU P 107 38.69 -67.89 48.47
CA LEU P 107 40.01 -68.13 47.89
C LEU P 107 39.93 -68.22 46.37
N GLU P 108 38.87 -68.83 45.85
CA GLU P 108 38.68 -68.88 44.40
C GLU P 108 38.52 -67.49 43.81
N ASP P 109 37.94 -66.55 44.58
CA ASP P 109 37.72 -65.20 44.08
C ASP P 109 39.03 -64.47 43.80
N THR P 110 40.14 -64.95 44.34
CA THR P 110 41.42 -64.28 44.17
C THR P 110 41.79 -64.16 42.69
N GLY P 111 42.26 -62.97 42.32
CA GLY P 111 42.67 -62.74 40.96
C GLY P 111 42.72 -61.25 40.66
N VAL P 112 42.77 -60.94 39.37
CA VAL P 112 42.78 -59.57 38.87
C VAL P 112 41.41 -59.27 38.28
N TYR P 113 40.84 -58.15 38.68
CA TYR P 113 39.49 -57.77 38.28
C TYR P 113 39.57 -56.64 37.26
N TYR P 114 38.79 -56.77 36.18
CA TYR P 114 38.71 -55.75 35.13
C TYR P 114 37.27 -55.26 35.00
N CYS P 115 37.11 -53.98 34.65
CA CYS P 115 35.81 -53.42 34.30
C CYS P 115 35.82 -52.95 32.85
N ALA P 116 34.72 -53.23 32.14
CA ALA P 116 34.56 -52.78 30.76
C ALA P 116 33.13 -52.27 30.57
N ARG P 117 32.98 -51.41 29.58
CA ARG P 117 31.68 -50.78 29.29
C ARG P 117 30.96 -51.55 28.20
N GLY P 118 29.71 -51.94 28.48
CA GLY P 118 28.91 -52.74 27.59
C GLY P 118 27.43 -52.42 27.69
N GLY P 119 26.83 -52.09 26.55
CA GLY P 119 25.40 -51.85 26.46
C GLY P 119 25.00 -50.64 25.64
N TRP P 120 25.73 -49.53 25.81
CA TRP P 120 25.86 -48.47 24.82
C TRP P 120 24.50 -48.00 24.28
N LYS P 121 23.78 -47.23 25.11
CA LYS P 121 22.34 -47.10 24.89
C LYS P 121 21.79 -48.51 25.04
N TRP P 122 21.60 -48.86 26.28
CA TRP P 122 22.13 -49.88 27.20
C TRP P 122 21.86 -51.39 27.15
N PRO P 123 20.66 -51.92 26.90
CA PRO P 123 20.42 -53.34 27.22
C PRO P 123 21.40 -54.32 26.57
N GLY P 124 21.43 -54.39 25.23
CA GLY P 124 22.29 -55.34 24.55
C GLY P 124 23.76 -55.06 24.78
N GLY P 125 24.49 -56.05 25.29
CA GLY P 125 25.84 -55.81 25.73
C GLY P 125 26.96 -56.56 25.02
N ALA P 126 28.19 -56.07 25.22
CA ALA P 126 29.44 -56.67 24.79
C ALA P 126 30.56 -55.78 25.29
N PHE P 127 31.75 -56.32 25.55
CA PHE P 127 32.84 -55.52 26.08
C PHE P 127 33.72 -55.00 24.94
N ASP P 128 34.10 -53.73 25.06
CA ASP P 128 35.25 -53.16 24.37
C ASP P 128 36.45 -53.27 25.30
N VAL P 129 37.52 -52.51 25.02
CA VAL P 129 38.72 -52.61 25.84
C VAL P 129 38.41 -52.34 27.30
N PHE P 130 39.09 -53.08 28.18
CA PHE P 130 38.91 -53.02 29.62
C PHE P 130 39.83 -51.95 30.22
N GLY P 131 39.82 -51.85 31.54
CA GLY P 131 40.78 -51.05 32.25
C GLY P 131 42.03 -51.85 32.55
N PRO P 132 42.97 -51.25 33.30
CA PRO P 132 44.22 -51.96 33.59
C PRO P 132 44.05 -53.13 34.55
N GLY P 133 42.94 -53.18 35.29
CA GLY P 133 42.75 -54.18 36.30
C GLY P 133 43.32 -53.76 37.64
N THR P 134 42.89 -54.45 38.69
CA THR P 134 43.47 -54.28 40.01
C THR P 134 43.60 -55.64 40.69
N VAL P 135 44.59 -55.75 41.57
CA VAL P 135 44.95 -57.03 42.16
C VAL P 135 44.06 -57.31 43.36
N VAL P 136 43.46 -58.49 43.40
CA VAL P 136 42.68 -58.96 44.55
C VAL P 136 43.33 -60.24 45.05
N THR P 137 43.77 -60.22 46.31
CA THR P 137 44.44 -61.36 46.91
C THR P 137 43.67 -61.74 48.16
N VAL P 138 43.02 -62.90 48.14
CA VAL P 138 42.25 -63.37 49.28
C VAL P 138 43.04 -64.47 49.98
N SER P 139 43.92 -64.08 50.90
CA SER P 139 44.75 -65.04 51.61
C SER P 139 45.16 -64.40 52.93
N SER P 140 44.71 -64.98 54.04
CA SER P 140 44.84 -64.33 55.34
C SER P 140 46.29 -64.11 55.76
N ALA P 141 47.23 -64.92 55.26
CA ALA P 141 48.25 -65.48 56.15
C ALA P 141 49.04 -64.47 56.95
N SER P 142 49.94 -63.70 56.33
CA SER P 142 50.88 -62.88 57.11
C SER P 142 51.84 -62.10 56.24
N THR P 143 52.24 -60.92 56.68
CA THR P 143 53.38 -60.25 56.08
C THR P 143 54.66 -60.96 56.52
N LYS P 144 55.48 -61.37 55.55
CA LYS P 144 56.66 -62.16 55.87
C LYS P 144 57.67 -62.05 54.74
N GLY P 145 58.94 -61.93 55.12
CA GLY P 145 60.04 -61.92 54.17
C GLY P 145 60.50 -63.32 53.87
N PRO P 146 61.09 -63.51 52.69
CA PRO P 146 61.55 -64.85 52.29
C PRO P 146 62.84 -65.26 52.95
N SER P 147 63.07 -66.56 52.96
CA SER P 147 64.37 -67.13 53.25
C SER P 147 65.06 -67.45 51.95
N VAL P 148 66.38 -67.26 51.90
CA VAL P 148 67.15 -67.41 50.69
C VAL P 148 68.20 -68.51 50.91
N PHE P 149 68.17 -69.52 50.05
CA PHE P 149 69.04 -70.67 50.16
C PHE P 149 69.82 -70.88 48.88
N PRO P 150 71.13 -71.08 48.95
CA PRO P 150 71.90 -71.33 47.74
C PRO P 150 71.56 -72.69 47.14
N LEU P 151 71.74 -72.78 45.83
CA LEU P 151 71.60 -74.02 45.08
C LEU P 151 72.93 -74.27 44.39
N ALA P 152 73.73 -75.18 44.95
CA ALA P 152 75.13 -75.38 44.60
C ALA P 152 75.26 -76.30 43.39
N PRO P 153 76.21 -76.01 42.50
CA PRO P 153 76.26 -76.69 41.20
C PRO P 153 76.85 -78.10 41.24
N SER P 154 76.43 -78.90 40.26
CA SER P 154 77.10 -80.14 39.85
C SER P 154 76.43 -80.72 38.61
N GLY P 161 80.80 -79.40 29.63
CA GLY P 161 81.65 -78.40 30.25
C GLY P 161 80.86 -77.23 30.79
N THR P 162 79.68 -77.52 31.32
CA THR P 162 78.80 -76.49 31.85
C THR P 162 78.00 -77.03 33.02
N ALA P 163 77.59 -76.12 33.90
CA ALA P 163 76.77 -76.46 35.05
C ALA P 163 75.98 -75.22 35.47
N ALA P 164 75.00 -75.42 36.35
CA ALA P 164 74.06 -74.37 36.71
C ALA P 164 73.92 -74.27 38.21
N LEU P 165 73.69 -73.04 38.69
CA LEU P 165 73.51 -72.73 40.10
C LEU P 165 72.37 -71.74 40.24
N GLY P 166 71.84 -71.61 41.46
CA GLY P 166 70.68 -70.78 41.64
C GLY P 166 70.42 -70.37 43.07
N CYS P 167 69.18 -69.94 43.30
CA CYS P 167 68.79 -69.26 44.53
C CYS P 167 67.34 -69.61 44.82
N LEU P 168 67.09 -70.29 45.94
CA LEU P 168 65.73 -70.67 46.32
C LEU P 168 65.15 -69.57 47.21
N VAL P 169 64.10 -68.93 46.73
CA VAL P 169 63.43 -67.87 47.48
C VAL P 169 62.10 -68.41 48.00
N LYS P 170 62.10 -68.94 49.21
CA LYS P 170 61.01 -69.76 49.73
C LYS P 170 60.28 -69.04 50.85
N ASP P 171 58.96 -69.21 50.88
CA ASP P 171 58.11 -68.83 52.01
C ASP P 171 58.12 -67.32 52.26
N TYR P 172 57.61 -66.58 51.27
CA TYR P 172 57.35 -65.15 51.43
C TYR P 172 55.92 -64.85 51.05
N PHE P 173 55.43 -63.68 51.50
CA PHE P 173 54.07 -63.23 51.23
C PHE P 173 53.98 -61.73 51.41
N PRO P 174 53.31 -61.01 50.50
CA PRO P 174 52.83 -61.58 49.24
C PRO P 174 53.80 -61.29 48.10
N GLU P 175 53.41 -61.60 46.87
CA GLU P 175 54.26 -61.27 45.73
C GLU P 175 54.33 -59.76 45.57
N PRO P 176 55.38 -59.25 44.88
CA PRO P 176 56.46 -59.93 44.16
C PRO P 176 57.79 -59.93 44.89
N VAL P 177 58.79 -60.57 44.27
CA VAL P 177 60.16 -60.55 44.77
C VAL P 177 61.08 -60.20 43.61
N THR P 178 61.96 -59.23 43.83
CA THR P 178 62.96 -58.85 42.86
C THR P 178 64.20 -59.70 43.02
N VAL P 179 64.63 -60.34 41.94
CA VAL P 179 65.83 -61.16 41.94
C VAL P 179 66.76 -60.67 40.83
N SER P 180 68.03 -60.48 41.18
CA SER P 180 69.08 -60.16 40.23
C SER P 180 70.35 -60.89 40.64
N TRP P 181 71.31 -60.97 39.72
CA TRP P 181 72.55 -61.68 39.96
C TRP P 181 73.74 -60.77 39.72
N ASN P 182 74.67 -60.75 40.68
CA ASN P 182 75.80 -59.82 40.70
C ASN P 182 75.31 -58.37 40.55
N SER P 183 74.20 -58.06 41.22
CA SER P 183 73.60 -56.72 41.21
C SER P 183 73.30 -56.25 39.78
N GLY P 184 72.85 -57.19 38.95
CA GLY P 184 72.54 -56.89 37.57
C GLY P 184 73.72 -56.96 36.61
N ALA P 185 74.92 -57.21 37.11
CA ALA P 185 76.07 -57.39 36.23
C ALA P 185 76.04 -58.73 35.53
N LEU P 186 75.28 -59.68 36.04
CA LEU P 186 75.09 -60.99 35.41
C LEU P 186 73.67 -61.04 34.84
N THR P 187 73.57 -61.02 33.51
CA THR P 187 72.29 -60.99 32.82
C THR P 187 72.01 -62.26 32.02
N SER P 188 73.05 -62.91 31.50
CA SER P 188 72.86 -63.98 30.53
C SER P 188 72.48 -65.29 31.22
N GLY P 189 71.52 -66.00 30.62
CA GLY P 189 71.15 -67.31 31.09
C GLY P 189 70.47 -67.36 32.44
N VAL P 190 70.03 -66.23 32.95
CA VAL P 190 69.30 -66.22 34.22
C VAL P 190 67.84 -66.56 33.95
N HIS P 191 67.27 -67.41 34.79
CA HIS P 191 65.86 -67.73 34.73
C HIS P 191 65.28 -67.68 36.14
N THR P 192 64.52 -66.64 36.43
CA THR P 192 63.80 -66.51 37.68
C THR P 192 62.35 -66.93 37.44
N PHE P 193 61.91 -67.98 38.15
CA PHE P 193 60.65 -68.64 37.84
C PHE P 193 59.44 -67.89 38.41
N PRO P 194 58.26 -68.12 37.86
CA PRO P 194 57.04 -67.65 38.54
C PRO P 194 56.93 -68.31 39.90
N ALA P 195 56.48 -67.54 40.88
CA ALA P 195 56.28 -68.10 42.21
C ALA P 195 55.07 -69.02 42.21
N VAL P 196 55.13 -70.03 43.07
CA VAL P 196 54.01 -70.93 43.32
C VAL P 196 53.47 -70.64 44.71
N LEU P 197 52.15 -70.59 44.83
CA LEU P 197 51.52 -70.40 46.14
C LEU P 197 51.44 -71.77 46.82
N GLN P 198 52.32 -71.99 47.80
CA GLN P 198 52.31 -73.25 48.53
C GLN P 198 51.02 -73.37 49.34
N SER P 199 50.73 -74.62 49.73
CA SER P 199 49.59 -74.88 50.59
C SER P 199 49.69 -74.13 51.92
N SER P 200 50.89 -73.76 52.34
CA SER P 200 51.07 -73.03 53.59
C SER P 200 50.49 -71.63 53.53
N GLY P 201 50.31 -71.07 52.33
CA GLY P 201 49.90 -69.69 52.16
C GLY P 201 51.03 -68.78 51.75
N LEU P 202 52.25 -69.29 51.64
CA LEU P 202 53.42 -68.51 51.26
C LEU P 202 53.84 -68.83 49.83
N TYR P 203 54.43 -67.83 49.18
CA TYR P 203 54.91 -67.99 47.81
C TYR P 203 56.35 -68.52 47.84
N SER P 204 56.64 -69.44 46.93
CA SER P 204 57.97 -70.02 46.81
C SER P 204 58.43 -69.91 45.37
N LEU P 205 59.63 -69.38 45.18
CA LEU P 205 60.14 -69.06 43.86
C LEU P 205 61.60 -69.51 43.78
N SER P 206 62.05 -69.81 42.57
CA SER P 206 63.42 -70.19 42.34
C SER P 206 64.02 -69.35 41.22
N SER P 207 65.27 -68.95 41.41
CA SER P 207 66.04 -68.23 40.40
C SER P 207 67.35 -68.95 40.17
N VAL P 208 67.66 -69.26 38.92
CA VAL P 208 68.85 -70.01 38.56
C VAL P 208 69.56 -69.31 37.42
N VAL P 209 70.82 -69.69 37.24
CA VAL P 209 71.65 -69.17 36.15
C VAL P 209 72.65 -70.24 35.75
N THR P 210 72.93 -70.34 34.46
CA THR P 210 73.94 -71.25 33.95
C THR P 210 75.25 -70.49 33.75
N VAL P 211 76.34 -71.10 34.17
CA VAL P 211 77.66 -70.49 34.01
C VAL P 211 78.59 -71.47 33.30
N PRO P 212 79.51 -71.01 32.46
CA PRO P 212 80.57 -71.90 31.98
C PRO P 212 81.37 -72.42 33.17
N SER P 213 81.62 -73.74 33.16
CA SER P 213 82.22 -74.38 34.32
C SER P 213 83.61 -73.84 34.63
N SER P 214 84.32 -73.31 33.62
CA SER P 214 85.67 -72.80 33.86
C SER P 214 85.68 -71.52 34.67
N SER P 215 84.53 -70.89 34.90
CA SER P 215 84.45 -69.68 35.71
C SER P 215 84.14 -69.95 37.16
N LEU P 216 83.98 -71.22 37.54
CA LEU P 216 83.31 -71.55 38.80
C LEU P 216 84.10 -71.05 40.01
N GLY P 217 85.43 -71.09 39.95
CA GLY P 217 86.22 -70.73 41.09
C GLY P 217 86.64 -69.27 41.14
N THR P 218 86.68 -68.62 39.98
CA THR P 218 87.23 -67.27 39.87
C THR P 218 86.15 -66.18 39.90
N GLN P 219 85.13 -66.29 39.06
CA GLN P 219 84.03 -65.35 39.11
C GLN P 219 83.18 -65.61 40.35
N THR P 220 82.88 -64.55 41.09
CA THR P 220 82.05 -64.65 42.29
C THR P 220 80.59 -64.55 41.89
N TYR P 221 79.75 -65.45 42.43
CA TYR P 221 78.35 -65.52 42.06
C TYR P 221 77.50 -65.17 43.27
N ILE P 222 76.82 -64.03 43.18
CA ILE P 222 76.09 -63.44 44.30
C ILE P 222 74.65 -63.22 43.89
N CYS P 223 73.73 -63.56 44.79
CA CYS P 223 72.30 -63.54 44.52
C CYS P 223 71.66 -62.37 45.26
N ASN P 224 70.98 -61.49 44.52
CA ASN P 224 70.35 -60.30 45.07
C ASN P 224 68.84 -60.49 45.10
N VAL P 225 68.26 -60.47 46.29
CA VAL P 225 66.84 -60.69 46.50
C VAL P 225 66.26 -59.49 47.23
N ASN P 226 65.16 -58.95 46.70
CA ASN P 226 64.46 -57.82 47.29
C ASN P 226 62.97 -58.13 47.37
N HIS P 227 62.39 -58.01 48.57
CA HIS P 227 60.96 -58.19 48.79
C HIS P 227 60.40 -56.87 49.34
N LYS P 228 59.87 -56.04 48.45
CA LYS P 228 59.36 -54.73 48.86
C LYS P 228 58.27 -54.80 49.93
N PRO P 229 57.26 -55.69 49.84
CA PRO P 229 56.20 -55.69 50.86
C PRO P 229 56.64 -56.12 52.25
N SER P 230 57.93 -56.43 52.42
CA SER P 230 58.50 -56.63 53.75
C SER P 230 59.72 -55.76 54.03
N ASN P 231 60.20 -55.00 53.04
CA ASN P 231 61.39 -54.14 53.20
C ASN P 231 62.60 -54.94 53.69
N THR P 232 62.78 -56.14 53.12
CA THR P 232 63.93 -56.99 53.42
C THR P 232 64.72 -57.19 52.15
N LYS P 233 66.00 -56.82 52.19
CA LYS P 233 66.92 -57.05 51.08
C LYS P 233 68.08 -57.90 51.59
N VAL P 234 68.36 -59.00 50.89
CA VAL P 234 69.38 -59.94 51.30
C VAL P 234 70.24 -60.28 50.10
N ASP P 235 71.55 -60.39 50.33
CA ASP P 235 72.50 -60.87 49.33
C ASP P 235 72.94 -62.27 49.72
N LYS P 236 73.26 -63.08 48.70
CA LYS P 236 73.64 -64.46 48.96
C LYS P 236 74.76 -64.88 48.01
N ARG P 237 75.89 -65.28 48.59
CA ARG P 237 76.97 -65.87 47.84
C ARG P 237 76.70 -67.35 47.62
N VAL P 238 77.01 -67.84 46.42
CA VAL P 238 76.75 -69.23 46.05
C VAL P 238 78.06 -69.87 45.63
N GLU P 239 78.39 -71.01 46.24
CA GLU P 239 79.61 -71.74 45.92
C GLU P 239 79.37 -73.25 45.95
#